data_5SCG
#
_entry.id   5SCG
#
_cell.length_a   207.968
_cell.length_b   113.098
_cell.length_c   188.628
_cell.angle_alpha   90.000
_cell.angle_beta   91.730
_cell.angle_gamma   90.000
#
_symmetry.space_group_name_H-M   'C 1 2 1'
#
loop_
_entity.id
_entity.type
_entity.pdbx_description
1 polymer 'Pyruvate kinase'
2 non-polymer 1,6-di-O-phosphono-beta-D-fructofuranose
3 non-polymer 'OXALATE ION'
4 non-polymer '(3R)-1-(3-hydroxy-9,10-dioxo-9,10-dihydroanthracene-2-sulfonyl)piperidine-3-carboxylic acid'
5 non-polymer 'MAGNESIUM ION'
6 non-polymer 'POTASSIUM ION'
7 water water
#
_entity_poly.entity_id   1
_entity_poly.type   'polypeptide(L)'
_entity_poly.pdbx_seq_one_letter_code
;GSMEGPAGYLRRADVAQLTQELGTAFFQQQQLPAAMADTFLEHLCLLDIDSEPVAARSTSIIATIGPASRSVERLKEMIK
AGMNIARLNFSHGSHEYHAESIANVREAVESFAGSPLSYRPVAIALDTKGPGSGPGLSEQDVRDLRFGVEHGVDIVFASF
VRKASDVAAVRAALGPEGHGIKIISKIENHEGVKRFDEILEVSDGIMVARGDLGIEIPAEKVFLAQKMMIGRCNLAGKPV
VCATQMLESMITKPRPTRAETSDVANAVLDGADCIMLSGETAKGNFPVEAVKMQHAIAREAEAAVYHRQLFEELRRAAPL
SRDPTEVTAIGAVEAAFKCCAAAIIVLTTTGRSAQLLSRYRPRAAVIAVTRSAQAARQVHLCRGVFPLLYREPPEAIWAD
DVDRRVQFGIESGKLRGFLRVGDLVIVVTGWRPGSGYTNIMRVLSIS
;
_entity_poly.pdbx_strand_id   A,B,C,D,E,F,G,H
#
# COMPACT_ATOMS: atom_id res chain seq x y z
N GLN A 28 28.91 -12.06 4.67
CA GLN A 28 30.23 -12.64 4.92
C GLN A 28 31.37 -11.61 4.71
N GLN A 29 32.55 -11.94 5.26
CA GLN A 29 33.84 -11.27 5.25
C GLN A 29 34.43 -11.14 3.84
N GLN A 30 35.57 -10.41 3.73
CA GLN A 30 36.39 -10.16 2.53
C GLN A 30 35.58 -9.84 1.26
N GLN A 31 34.50 -9.05 1.41
CA GLN A 31 33.60 -8.63 0.34
C GLN A 31 33.09 -9.80 -0.51
N LEU A 32 32.87 -10.98 0.12
CA LEU A 32 32.39 -12.16 -0.61
C LEU A 32 30.98 -11.96 -1.21
N PRO A 33 30.00 -11.29 -0.55
CA PRO A 33 28.72 -11.02 -1.26
C PRO A 33 28.94 -10.20 -2.54
N ALA A 34 29.83 -9.18 -2.50
CA ALA A 34 30.13 -8.37 -3.69
C ALA A 34 30.89 -9.19 -4.76
N ALA A 35 31.67 -10.20 -4.32
CA ALA A 35 32.44 -11.06 -5.22
C ALA A 35 31.52 -12.01 -6.01
N MET A 36 30.37 -12.39 -5.43
CA MET A 36 29.43 -13.30 -6.11
C MET A 36 28.52 -12.59 -7.14
N ALA A 37 28.53 -11.24 -7.18
CA ALA A 37 27.68 -10.48 -8.08
C ALA A 37 27.84 -10.84 -9.56
N ASP A 38 26.73 -10.76 -10.30
CA ASP A 38 26.70 -11.12 -11.72
C ASP A 38 27.10 -9.97 -12.66
N THR A 39 27.14 -8.73 -12.16
CA THR A 39 27.60 -7.58 -12.94
C THR A 39 28.54 -6.73 -12.06
N PHE A 40 29.38 -5.92 -12.71
CA PHE A 40 30.27 -5.00 -12.01
C PHE A 40 29.46 -3.98 -11.21
N LEU A 41 28.35 -3.50 -11.77
CA LEU A 41 27.48 -2.55 -11.10
C LEU A 41 26.91 -3.15 -9.82
N GLU A 42 26.40 -4.41 -9.88
CA GLU A 42 25.88 -5.11 -8.70
CA GLU A 42 25.87 -5.09 -8.69
C GLU A 42 27.00 -5.35 -7.67
N HIS A 43 28.22 -5.61 -8.14
CA HIS A 43 29.39 -5.81 -7.30
C HIS A 43 29.65 -4.53 -6.49
N LEU A 44 29.62 -3.35 -7.15
CA LEU A 44 29.81 -2.07 -6.45
C LEU A 44 28.70 -1.87 -5.41
N CYS A 45 27.44 -2.13 -5.79
CA CYS A 45 26.28 -1.97 -4.91
C CYS A 45 26.36 -2.87 -3.67
N LEU A 46 27.08 -3.99 -3.76
CA LEU A 46 27.19 -4.93 -2.63
C LEU A 46 28.42 -4.70 -1.76
N LEU A 47 29.28 -3.71 -2.07
CA LEU A 47 30.46 -3.43 -1.24
C LEU A 47 29.99 -2.99 0.15
N ASP A 48 30.59 -3.57 1.19
CA ASP A 48 30.15 -3.36 2.56
C ASP A 48 31.30 -2.94 3.47
N ILE A 49 31.18 -1.76 4.11
CA ILE A 49 32.19 -1.27 5.04
C ILE A 49 32.32 -2.17 6.29
N ASP A 50 31.31 -2.98 6.60
CA ASP A 50 31.36 -3.92 7.73
C ASP A 50 31.93 -5.29 7.35
N SER A 51 32.19 -5.54 6.06
CA SER A 51 32.77 -6.80 5.62
C SER A 51 34.29 -6.67 5.80
N GLU A 52 34.84 -7.33 6.84
CA GLU A 52 36.25 -7.18 7.15
C GLU A 52 37.20 -7.99 6.29
N PRO A 53 38.36 -7.39 5.91
CA PRO A 53 39.33 -8.15 5.12
C PRO A 53 39.97 -9.26 5.97
N VAL A 54 40.10 -10.46 5.39
CA VAL A 54 40.70 -11.59 6.11
C VAL A 54 42.04 -11.97 5.51
N ALA A 55 42.13 -11.94 4.17
CA ALA A 55 43.35 -12.28 3.47
C ALA A 55 44.52 -11.36 3.81
N ALA A 56 45.74 -11.87 3.66
CA ALA A 56 46.93 -11.07 3.89
C ALA A 56 47.04 -10.03 2.77
N ARG A 57 47.63 -8.87 3.09
CA ARG A 57 47.81 -7.80 2.13
C ARG A 57 48.74 -8.24 1.00
N SER A 58 48.20 -8.24 -0.22
CA SER A 58 48.81 -8.65 -1.49
C SER A 58 49.71 -7.63 -2.19
N THR A 59 49.37 -6.34 -2.15
CA THR A 59 50.09 -5.31 -2.89
C THR A 59 51.29 -4.88 -2.09
N SER A 60 52.50 -5.03 -2.62
CA SER A 60 53.71 -4.65 -1.88
C SER A 60 53.87 -3.17 -1.71
N ILE A 61 54.49 -2.78 -0.61
CA ILE A 61 54.73 -1.39 -0.31
C ILE A 61 56.21 -1.11 -0.48
N ILE A 62 56.52 -0.12 -1.31
CA ILE A 62 57.88 0.34 -1.51
C ILE A 62 58.01 1.63 -0.70
N ALA A 63 58.99 1.69 0.23
CA ALA A 63 59.21 2.89 1.02
C ALA A 63 60.55 3.49 0.68
N THR A 64 60.58 4.79 0.41
CA THR A 64 61.83 5.48 0.12
C THR A 64 62.59 5.69 1.44
N ILE A 65 63.87 5.31 1.47
CA ILE A 65 64.66 5.43 2.68
C ILE A 65 65.49 6.71 2.66
N GLY A 66 65.31 7.55 3.68
CA GLY A 66 66.03 8.81 3.80
C GLY A 66 66.24 9.21 5.24
N PRO A 67 66.46 10.51 5.50
CA PRO A 67 66.69 10.97 6.89
C PRO A 67 65.65 10.53 7.91
N ALA A 68 64.36 10.52 7.54
CA ALA A 68 63.29 10.16 8.46
C ALA A 68 63.12 8.67 8.71
N SER A 69 63.69 7.84 7.85
CA SER A 69 63.50 6.40 7.95
C SER A 69 64.82 5.64 7.85
N ARG A 70 65.92 6.24 8.33
CA ARG A 70 67.24 5.62 8.22
C ARG A 70 67.67 4.73 9.37
N SER A 71 67.29 5.08 10.60
CA SER A 71 67.76 4.33 11.76
C SER A 71 67.27 2.90 11.78
N VAL A 72 68.07 2.01 12.37
CA VAL A 72 67.75 0.60 12.49
C VAL A 72 66.44 0.40 13.28
N GLU A 73 66.25 1.18 14.34
CA GLU A 73 65.04 1.08 15.16
C GLU A 73 63.79 1.49 14.38
N ARG A 74 63.90 2.56 13.57
CA ARG A 74 62.82 3.07 12.74
C ARG A 74 62.52 2.04 11.63
N LEU A 75 63.57 1.49 11.00
CA LEU A 75 63.44 0.48 9.96
C LEU A 75 62.76 -0.80 10.45
N LYS A 76 62.98 -1.18 11.71
CA LYS A 76 62.32 -2.35 12.30
C LYS A 76 60.82 -2.10 12.40
N GLU A 77 60.43 -0.86 12.78
CA GLU A 77 59.02 -0.46 12.86
CA GLU A 77 59.02 -0.52 12.86
C GLU A 77 58.39 -0.46 11.48
N MET A 78 59.14 -0.01 10.45
CA MET A 78 58.65 0.03 9.08
CA MET A 78 58.64 0.04 9.07
C MET A 78 58.45 -1.36 8.49
N ILE A 79 59.32 -2.33 8.86
CA ILE A 79 59.18 -3.70 8.42
C ILE A 79 57.92 -4.30 9.04
N LYS A 80 57.70 -4.07 10.34
CA LYS A 80 56.52 -4.55 11.05
C LYS A 80 55.23 -3.90 10.52
N ALA A 81 55.31 -2.63 10.09
CA ALA A 81 54.17 -1.91 9.52
C ALA A 81 53.81 -2.41 8.12
N GLY A 82 54.75 -3.03 7.41
CA GLY A 82 54.47 -3.60 6.10
C GLY A 82 55.40 -3.29 4.94
N MET A 83 56.50 -2.58 5.16
CA MET A 83 57.45 -2.28 4.08
C MET A 83 58.03 -3.57 3.49
N ASN A 84 57.95 -3.73 2.16
CA ASN A 84 58.47 -4.93 1.48
C ASN A 84 59.70 -4.64 0.66
N ILE A 85 59.81 -3.40 0.14
CA ILE A 85 60.90 -2.96 -0.70
C ILE A 85 61.41 -1.61 -0.19
N ALA A 86 62.73 -1.49 0.01
CA ALA A 86 63.35 -0.26 0.46
C ALA A 86 63.92 0.41 -0.79
N ARG A 87 63.51 1.64 -1.08
CA ARG A 87 63.96 2.36 -2.26
C ARG A 87 65.03 3.39 -1.87
N LEU A 88 66.12 3.45 -2.62
CA LEU A 88 67.16 4.43 -2.35
C LEU A 88 67.23 5.29 -3.57
N ASN A 89 66.90 6.57 -3.39
CA ASN A 89 66.84 7.52 -4.49
C ASN A 89 68.21 8.14 -4.73
N PHE A 90 68.87 7.71 -5.79
CA PHE A 90 70.20 8.22 -6.13
C PHE A 90 70.18 9.63 -6.76
N SER A 91 69.00 10.28 -6.79
CA SER A 91 68.92 11.69 -7.17
C SER A 91 69.43 12.56 -6.00
N HIS A 92 69.42 12.03 -4.76
CA HIS A 92 69.86 12.71 -3.54
C HIS A 92 70.88 11.85 -2.79
N GLY A 93 71.46 12.41 -1.74
CA GLY A 93 72.45 11.69 -0.93
C GLY A 93 73.76 11.45 -1.66
N SER A 94 74.47 10.42 -1.23
CA SER A 94 75.75 10.04 -1.80
C SER A 94 75.94 8.51 -1.71
N HIS A 95 77.02 7.96 -2.30
CA HIS A 95 77.29 6.54 -2.21
C HIS A 95 77.49 6.11 -0.75
N GLU A 96 78.19 6.93 0.03
CA GLU A 96 78.43 6.63 1.44
C GLU A 96 77.14 6.66 2.24
N TYR A 97 76.30 7.66 1.98
CA TYR A 97 75.01 7.81 2.65
C TYR A 97 74.09 6.62 2.34
N HIS A 98 73.94 6.28 1.05
CA HIS A 98 73.08 5.18 0.64
C HIS A 98 73.59 3.82 1.11
N ALA A 99 74.94 3.63 1.16
CA ALA A 99 75.50 2.37 1.66
C ALA A 99 75.16 2.19 3.14
N GLU A 100 75.16 3.28 3.92
CA GLU A 100 74.82 3.19 5.33
C GLU A 100 73.32 2.88 5.51
N SER A 101 72.45 3.46 4.66
CA SER A 101 71.02 3.18 4.68
C SER A 101 70.78 1.69 4.38
N ILE A 102 71.48 1.15 3.35
CA ILE A 102 71.41 -0.26 2.97
C ILE A 102 71.84 -1.18 4.11
N ALA A 103 72.95 -0.83 4.79
CA ALA A 103 73.44 -1.62 5.93
C ALA A 103 72.42 -1.62 7.07
N ASN A 104 71.76 -0.45 7.31
CA ASN A 104 70.74 -0.34 8.36
C ASN A 104 69.50 -1.17 8.01
N VAL A 105 69.11 -1.19 6.72
CA VAL A 105 67.97 -2.00 6.26
C VAL A 105 68.27 -3.46 6.52
N ARG A 106 69.45 -3.93 6.06
CA ARG A 106 69.87 -5.33 6.26
C ARG A 106 69.97 -5.71 7.73
N GLU A 107 70.45 -4.80 8.59
CA GLU A 107 70.52 -5.06 10.01
C GLU A 107 69.11 -5.22 10.61
N ALA A 108 68.18 -4.33 10.23
CA ALA A 108 66.80 -4.41 10.71
C ALA A 108 66.11 -5.68 10.22
N VAL A 109 66.30 -6.04 8.95
CA VAL A 109 65.69 -7.25 8.37
C VAL A 109 66.21 -8.51 9.08
N GLU A 110 67.54 -8.59 9.25
CA GLU A 110 68.16 -9.77 9.87
C GLU A 110 67.89 -9.89 11.36
N SER A 111 67.41 -8.84 12.03
CA SER A 111 67.06 -8.93 13.44
C SER A 111 65.85 -9.89 13.68
N PHE A 112 65.08 -10.21 12.64
CA PHE A 112 63.94 -11.13 12.73
C PHE A 112 64.24 -12.55 12.19
N ALA A 113 65.49 -12.80 11.71
CA ALA A 113 65.91 -14.08 11.14
C ALA A 113 65.97 -15.26 12.11
N GLY A 114 65.96 -14.97 13.41
CA GLY A 114 65.96 -16.01 14.44
C GLY A 114 64.69 -16.84 14.48
N SER A 115 63.61 -16.37 13.82
CA SER A 115 62.35 -17.10 13.72
C SER A 115 62.10 -17.30 12.22
N PRO A 116 62.63 -18.41 11.66
CA PRO A 116 62.49 -18.63 10.21
C PRO A 116 61.07 -18.78 9.67
N LEU A 117 60.13 -19.25 10.49
CA LEU A 117 58.74 -19.40 10.05
C LEU A 117 58.02 -18.06 9.90
N SER A 118 58.55 -16.96 10.48
CA SER A 118 57.92 -15.64 10.37
C SER A 118 58.82 -14.56 9.72
N TYR A 119 60.07 -14.90 9.40
CA TYR A 119 61.02 -13.98 8.77
C TYR A 119 60.48 -13.39 7.45
N ARG A 120 60.53 -12.06 7.34
CA ARG A 120 60.08 -11.36 6.14
C ARG A 120 61.24 -10.79 5.34
N PRO A 121 61.49 -11.35 4.14
CA PRO A 121 62.52 -10.74 3.26
C PRO A 121 62.13 -9.31 2.85
N VAL A 122 63.11 -8.43 2.64
CA VAL A 122 62.86 -7.05 2.20
C VAL A 122 63.81 -6.74 1.05
N ALA A 123 63.29 -6.39 -0.12
CA ALA A 123 64.14 -6.09 -1.28
C ALA A 123 64.79 -4.72 -1.17
N ILE A 124 65.92 -4.54 -1.87
CA ILE A 124 66.61 -3.26 -1.91
C ILE A 124 66.62 -2.79 -3.35
N ALA A 125 66.03 -1.63 -3.59
CA ALA A 125 65.90 -1.09 -4.94
C ALA A 125 66.66 0.20 -5.08
N LEU A 126 67.37 0.35 -6.19
CA LEU A 126 68.13 1.55 -6.46
C LEU A 126 67.38 2.35 -7.52
N ASP A 127 67.03 3.60 -7.22
CA ASP A 127 66.34 4.45 -8.18
C ASP A 127 67.37 5.43 -8.75
N THR A 128 67.64 5.36 -10.06
CA THR A 128 68.67 6.19 -10.69
C THR A 128 68.30 7.67 -10.83
N LYS A 129 69.32 8.54 -10.93
CA LYS A 129 69.15 9.97 -11.10
C LYS A 129 68.52 10.27 -12.47
N GLY A 130 68.96 9.55 -13.50
CA GLY A 130 68.39 9.72 -14.82
C GLY A 130 69.32 10.37 -15.84
N PRO A 131 68.87 10.44 -17.10
CA PRO A 131 69.72 11.00 -18.15
C PRO A 131 69.86 12.51 -18.15
N GLY A 132 68.95 13.23 -17.52
CA GLY A 132 68.98 14.69 -17.50
C GLY A 132 68.83 15.27 -18.90
N SER A 133 69.78 16.15 -19.30
CA SER A 133 69.74 16.74 -20.64
C SER A 133 70.46 15.88 -21.67
N GLY A 136 70.97 9.67 -23.45
CA GLY A 136 71.44 8.31 -23.16
C GLY A 136 71.87 8.12 -21.71
N LEU A 137 72.50 6.98 -21.40
CA LEU A 137 72.94 6.69 -20.03
C LEU A 137 74.04 7.64 -19.55
N SER A 138 73.73 8.41 -18.49
CA SER A 138 74.67 9.37 -17.94
C SER A 138 75.84 8.70 -17.23
N GLU A 139 76.95 9.43 -17.03
CA GLU A 139 78.12 8.89 -16.34
C GLU A 139 77.83 8.64 -14.87
N GLN A 140 76.97 9.46 -14.24
CA GLN A 140 76.62 9.25 -12.85
C GLN A 140 75.81 7.97 -12.72
N ASP A 141 74.89 7.70 -13.66
CA ASP A 141 74.10 6.49 -13.65
C ASP A 141 74.99 5.26 -13.79
N VAL A 142 76.04 5.33 -14.63
CA VAL A 142 76.96 4.20 -14.78
C VAL A 142 77.65 3.89 -13.43
N ARG A 143 78.07 4.93 -12.71
CA ARG A 143 78.71 4.77 -11.41
C ARG A 143 77.74 4.25 -10.33
N ASP A 144 76.51 4.77 -10.34
CA ASP A 144 75.48 4.38 -9.38
C ASP A 144 75.02 2.94 -9.62
N LEU A 145 74.90 2.55 -10.89
CA LEU A 145 74.52 1.18 -11.24
C LEU A 145 75.61 0.21 -10.82
N ARG A 146 76.90 0.60 -10.98
CA ARG A 146 78.04 -0.21 -10.53
C ARG A 146 78.00 -0.35 -9.01
N PHE A 147 77.65 0.74 -8.29
CA PHE A 147 77.49 0.73 -6.84
C PHE A 147 76.42 -0.31 -6.44
N GLY A 148 75.29 -0.31 -7.15
CA GLY A 148 74.20 -1.23 -6.90
C GLY A 148 74.60 -2.69 -7.00
N VAL A 149 75.35 -3.03 -8.06
CA VAL A 149 75.85 -4.39 -8.25
C VAL A 149 76.80 -4.75 -7.11
N GLU A 150 77.73 -3.85 -6.76
CA GLU A 150 78.70 -4.10 -5.69
C GLU A 150 78.04 -4.24 -4.32
N HIS A 151 76.92 -3.55 -4.11
CA HIS A 151 76.19 -3.65 -2.86
C HIS A 151 75.05 -4.67 -2.87
N GLY A 152 74.93 -5.44 -3.93
CA GLY A 152 73.94 -6.51 -4.05
C GLY A 152 72.48 -6.08 -4.07
N VAL A 153 72.16 -4.97 -4.76
CA VAL A 153 70.77 -4.54 -4.86
C VAL A 153 69.95 -5.53 -5.68
N ASP A 154 68.67 -5.64 -5.37
CA ASP A 154 67.79 -6.59 -6.03
C ASP A 154 67.12 -6.01 -7.28
N ILE A 155 66.82 -4.72 -7.24
CA ILE A 155 66.06 -4.06 -8.30
C ILE A 155 66.65 -2.70 -8.65
N VAL A 156 66.49 -2.30 -9.89
CA VAL A 156 66.84 -0.98 -10.36
C VAL A 156 65.54 -0.33 -10.89
N PHE A 157 65.19 0.86 -10.38
CA PHE A 157 64.09 1.65 -10.90
C PHE A 157 64.82 2.64 -11.82
N ALA A 158 64.80 2.37 -13.13
CA ALA A 158 65.52 3.21 -14.10
C ALA A 158 64.75 4.45 -14.50
N SER A 159 65.27 5.63 -14.13
CA SER A 159 64.60 6.90 -14.42
C SER A 159 64.55 7.28 -15.88
N PHE A 160 63.48 7.95 -16.27
CA PHE A 160 63.23 8.47 -17.61
C PHE A 160 63.54 7.49 -18.75
N VAL A 161 62.97 6.28 -18.70
CA VAL A 161 63.14 5.33 -19.80
C VAL A 161 62.23 5.80 -20.95
N ARG A 162 62.79 6.05 -22.14
CA ARG A 162 61.96 6.52 -23.26
C ARG A 162 61.99 5.62 -24.49
N LYS A 163 62.79 4.54 -24.46
CA LYS A 163 62.87 3.59 -25.57
C LYS A 163 63.57 2.31 -25.10
N ALA A 164 63.46 1.23 -25.89
CA ALA A 164 64.08 -0.05 -25.57
C ALA A 164 65.60 0.02 -25.39
N SER A 165 66.30 0.87 -26.16
CA SER A 165 67.75 0.99 -26.03
C SER A 165 68.20 1.58 -24.69
N ASP A 166 67.32 2.34 -24.01
CA ASP A 166 67.64 2.86 -22.67
C ASP A 166 67.74 1.70 -21.68
N VAL A 167 66.86 0.69 -21.82
CA VAL A 167 66.85 -0.49 -20.96
C VAL A 167 68.12 -1.31 -21.21
N ALA A 168 68.48 -1.49 -22.50
CA ALA A 168 69.68 -2.24 -22.87
C ALA A 168 70.94 -1.58 -22.29
N ALA A 169 70.98 -0.24 -22.29
CA ALA A 169 72.11 0.50 -21.70
C ALA A 169 72.19 0.26 -20.19
N VAL A 170 71.06 0.27 -19.48
CA VAL A 170 71.04 0.00 -18.03
C VAL A 170 71.53 -1.43 -17.76
N ARG A 171 71.07 -2.38 -18.58
CA ARG A 171 71.44 -3.78 -18.46
C ARG A 171 72.96 -3.96 -18.65
N ALA A 172 73.53 -3.26 -19.65
CA ALA A 172 74.96 -3.32 -19.92
C ALA A 172 75.77 -2.73 -18.77
N ALA A 173 75.32 -1.60 -18.19
CA ALA A 173 76.01 -0.97 -17.05
C ALA A 173 76.00 -1.84 -15.79
N LEU A 174 75.05 -2.76 -15.67
CA LEU A 174 75.02 -3.69 -14.52
C LEU A 174 76.09 -4.81 -14.67
N GLY A 175 76.60 -5.01 -15.88
CA GLY A 175 77.66 -5.96 -16.20
C GLY A 175 77.29 -7.41 -16.05
N PRO A 176 78.29 -8.29 -16.07
CA PRO A 176 78.01 -9.72 -15.92
C PRO A 176 77.60 -10.13 -14.51
N GLU A 177 78.02 -9.38 -13.48
CA GLU A 177 77.68 -9.73 -12.09
C GLU A 177 76.26 -9.29 -11.65
N GLY A 178 75.61 -8.45 -12.46
CA GLY A 178 74.28 -7.95 -12.14
C GLY A 178 73.19 -8.48 -13.05
N HIS A 179 73.42 -9.65 -13.69
CA HIS A 179 72.48 -10.29 -14.61
C HIS A 179 71.11 -10.62 -13.96
N GLY A 180 71.12 -10.90 -12.66
CA GLY A 180 69.93 -11.26 -11.91
C GLY A 180 69.12 -10.11 -11.36
N ILE A 181 69.64 -8.88 -11.45
CA ILE A 181 68.93 -7.69 -10.95
C ILE A 181 67.73 -7.37 -11.84
N LYS A 182 66.58 -7.08 -11.24
CA LYS A 182 65.38 -6.75 -12.00
C LYS A 182 65.41 -5.30 -12.44
N ILE A 183 65.10 -5.03 -13.71
CA ILE A 183 65.01 -3.66 -14.19
C ILE A 183 63.55 -3.24 -14.36
N ILE A 184 63.13 -2.28 -13.54
CA ILE A 184 61.78 -1.70 -13.60
C ILE A 184 61.95 -0.35 -14.26
N SER A 185 61.43 -0.19 -15.48
CA SER A 185 61.55 1.06 -16.21
C SER A 185 60.54 2.09 -15.74
N LYS A 186 61.01 3.28 -15.37
CA LYS A 186 60.13 4.36 -14.97
C LYS A 186 59.64 5.14 -16.20
N ILE A 187 58.31 5.24 -16.37
CA ILE A 187 57.73 5.98 -17.48
C ILE A 187 57.36 7.34 -16.95
N GLU A 188 58.09 8.37 -17.40
CA GLU A 188 57.98 9.73 -16.85
C GLU A 188 57.70 10.82 -17.85
N ASN A 189 57.54 10.48 -19.14
CA ASN A 189 57.31 11.51 -20.16
C ASN A 189 56.48 10.99 -21.33
N HIS A 190 56.16 11.87 -22.29
CA HIS A 190 55.36 11.51 -23.44
C HIS A 190 55.97 10.40 -24.27
N GLU A 191 57.29 10.45 -24.50
CA GLU A 191 57.96 9.43 -25.31
C GLU A 191 57.87 8.05 -24.66
N GLY A 192 58.05 7.97 -23.35
CA GLY A 192 57.94 6.72 -22.62
C GLY A 192 56.56 6.11 -22.75
N VAL A 193 55.50 6.96 -22.69
CA VAL A 193 54.13 6.50 -22.85
C VAL A 193 53.91 6.00 -24.27
N LYS A 194 54.36 6.77 -25.27
CA LYS A 194 54.19 6.39 -26.68
C LYS A 194 54.98 5.15 -27.09
N ARG A 195 56.17 4.97 -26.52
CA ARG A 195 56.99 3.79 -26.80
C ARG A 195 56.87 2.73 -25.72
N PHE A 196 55.77 2.75 -24.93
CA PHE A 196 55.49 1.83 -23.84
C PHE A 196 55.66 0.35 -24.20
N ASP A 197 55.05 -0.09 -25.31
CA ASP A 197 55.10 -1.50 -25.70
C ASP A 197 56.53 -2.02 -25.87
N GLU A 198 57.39 -1.27 -26.55
CA GLU A 198 58.77 -1.71 -26.76
C GLU A 198 59.59 -1.67 -25.46
N ILE A 199 59.25 -0.75 -24.54
CA ILE A 199 59.91 -0.66 -23.26
C ILE A 199 59.53 -1.84 -22.38
N LEU A 200 58.23 -2.16 -22.30
CA LEU A 200 57.73 -3.26 -21.48
C LEU A 200 58.30 -4.60 -21.96
N GLU A 201 58.39 -4.78 -23.28
CA GLU A 201 58.91 -5.99 -23.91
CA GLU A 201 58.91 -6.00 -23.90
C GLU A 201 60.30 -6.36 -23.38
N VAL A 202 61.18 -5.37 -23.21
CA VAL A 202 62.54 -5.63 -22.72
C VAL A 202 62.76 -5.38 -21.23
N SER A 203 61.75 -4.87 -20.50
CA SER A 203 61.90 -4.61 -19.07
C SER A 203 61.34 -5.75 -18.24
N ASP A 204 61.75 -5.83 -16.96
CA ASP A 204 61.15 -6.79 -16.05
C ASP A 204 59.78 -6.29 -15.54
N GLY A 205 59.59 -4.97 -15.54
CA GLY A 205 58.39 -4.32 -15.07
C GLY A 205 58.42 -2.83 -15.31
N ILE A 206 57.38 -2.14 -14.83
CA ILE A 206 57.23 -0.70 -15.07
C ILE A 206 56.87 0.06 -13.80
N MET A 207 57.30 1.32 -13.73
CA MET A 207 56.86 2.19 -12.66
C MET A 207 56.15 3.38 -13.33
N VAL A 208 54.91 3.66 -12.90
CA VAL A 208 54.18 4.83 -13.37
C VAL A 208 54.68 5.96 -12.44
N ALA A 209 55.68 6.70 -12.91
CA ALA A 209 56.35 7.75 -12.14
C ALA A 209 55.57 9.03 -12.37
N ARG A 210 54.51 9.22 -11.58
CA ARG A 210 53.55 10.29 -11.77
C ARG A 210 54.04 11.72 -11.52
N GLY A 211 55.10 11.91 -10.73
CA GLY A 211 55.66 13.23 -10.45
C GLY A 211 56.12 13.92 -11.73
N ASP A 212 57.11 13.32 -12.42
CA ASP A 212 57.58 13.87 -13.69
C ASP A 212 56.55 13.73 -14.78
N LEU A 213 55.79 12.61 -14.81
CA LEU A 213 54.76 12.42 -15.83
C LEU A 213 53.71 13.56 -15.81
N GLY A 214 53.33 13.99 -14.61
CA GLY A 214 52.38 15.09 -14.41
C GLY A 214 52.88 16.48 -14.77
N ILE A 215 54.18 16.60 -15.03
CA ILE A 215 54.83 17.83 -15.48
C ILE A 215 55.07 17.73 -17.00
N GLU A 216 55.45 16.53 -17.49
CA GLU A 216 55.75 16.28 -18.89
C GLU A 216 54.52 16.22 -19.80
N ILE A 217 53.40 15.73 -19.28
CA ILE A 217 52.12 15.68 -20.00
C ILE A 217 51.09 16.47 -19.17
N PRO A 218 49.94 16.90 -19.73
CA PRO A 218 48.94 17.60 -18.90
C PRO A 218 48.57 16.78 -17.65
N ALA A 219 48.51 17.43 -16.49
CA ALA A 219 48.20 16.78 -15.22
C ALA A 219 46.89 15.96 -15.27
N GLU A 220 45.89 16.45 -16.00
CA GLU A 220 44.58 15.82 -16.15
C GLU A 220 44.61 14.56 -17.04
N LYS A 221 45.75 14.21 -17.64
CA LYS A 221 45.88 13.02 -18.49
C LYS A 221 46.66 11.88 -17.79
N VAL A 222 47.32 12.16 -16.66
CA VAL A 222 48.10 11.15 -15.95
C VAL A 222 47.30 9.89 -15.62
N PHE A 223 46.04 10.03 -15.18
CA PHE A 223 45.23 8.86 -14.84
C PHE A 223 45.01 7.94 -16.04
N LEU A 224 44.96 8.50 -17.27
CA LEU A 224 44.81 7.69 -18.48
C LEU A 224 46.09 6.87 -18.72
N ALA A 225 47.26 7.50 -18.56
CA ALA A 225 48.55 6.82 -18.74
C ALA A 225 48.73 5.76 -17.67
N GLN A 226 48.33 6.04 -16.42
CA GLN A 226 48.41 5.08 -15.32
C GLN A 226 47.53 3.85 -15.58
N LYS A 227 46.25 4.06 -15.91
CA LYS A 227 45.33 2.95 -16.12
C LYS A 227 45.72 2.11 -17.32
N MET A 228 46.21 2.75 -18.40
CA MET A 228 46.66 2.05 -19.60
C MET A 228 47.90 1.20 -19.28
N MET A 229 48.90 1.77 -18.59
CA MET A 229 50.14 1.05 -18.31
C MET A 229 49.90 -0.10 -17.34
N ILE A 230 49.04 0.12 -16.34
CA ILE A 230 48.71 -0.95 -15.41
C ILE A 230 47.99 -2.09 -16.15
N GLY A 231 47.02 -1.75 -17.00
CA GLY A 231 46.30 -2.75 -17.79
C GLY A 231 47.22 -3.55 -18.70
N ARG A 232 48.15 -2.86 -19.41
CA ARG A 232 49.08 -3.56 -20.30
C ARG A 232 50.08 -4.44 -19.53
N CYS A 233 50.50 -4.01 -18.33
CA CYS A 233 51.40 -4.81 -17.52
C CYS A 233 50.67 -6.04 -16.99
N ASN A 234 49.39 -5.88 -16.59
CA ASN A 234 48.58 -7.00 -16.11
C ASN A 234 48.42 -8.03 -17.24
N LEU A 235 48.23 -7.55 -18.48
CA LEU A 235 48.08 -8.38 -19.67
CA LEU A 235 48.07 -8.40 -19.65
C LEU A 235 49.37 -9.15 -19.94
N ALA A 236 50.52 -8.46 -19.82
CA ALA A 236 51.83 -9.07 -20.04
C ALA A 236 52.31 -9.96 -18.88
N GLY A 237 51.65 -9.89 -17.73
CA GLY A 237 52.07 -10.64 -16.55
C GLY A 237 53.37 -10.13 -15.97
N LYS A 238 53.60 -8.80 -16.06
CA LYS A 238 54.80 -8.17 -15.54
C LYS A 238 54.45 -7.16 -14.47
N PRO A 239 55.28 -7.04 -13.41
CA PRO A 239 54.96 -6.10 -12.33
C PRO A 239 54.85 -4.62 -12.72
N VAL A 240 53.89 -3.93 -12.10
CA VAL A 240 53.70 -2.51 -12.32
C VAL A 240 53.59 -1.81 -10.96
N VAL A 241 54.31 -0.71 -10.80
CA VAL A 241 54.33 0.07 -9.57
C VAL A 241 53.58 1.38 -9.79
N CYS A 242 52.70 1.76 -8.85
CA CYS A 242 52.09 3.09 -8.92
C CYS A 242 52.87 3.95 -7.94
N ALA A 243 53.36 5.10 -8.39
CA ALA A 243 54.21 5.92 -7.54
C ALA A 243 53.86 7.40 -7.54
N THR A 244 54.29 8.10 -6.45
CA THR A 244 54.38 9.54 -6.23
C THR A 244 53.11 10.25 -5.81
N GLN A 245 53.21 10.94 -4.66
CA GLN A 245 52.18 11.76 -4.02
C GLN A 245 50.95 11.00 -3.62
N MET A 246 51.04 9.67 -3.41
CA MET A 246 49.91 8.85 -3.01
C MET A 246 49.35 9.26 -1.66
N LEU A 247 50.23 9.60 -0.70
CA LEU A 247 49.83 10.06 0.65
C LEU A 247 50.61 11.34 1.00
N GLU A 248 50.84 12.22 0.01
CA GLU A 248 51.64 13.42 0.11
C GLU A 248 51.44 14.27 1.39
N SER A 249 50.20 14.57 1.75
CA SER A 249 49.91 15.38 2.94
C SER A 249 50.48 14.77 4.24
N MET A 250 50.71 13.43 4.26
CA MET A 250 51.28 12.76 5.42
C MET A 250 52.76 13.09 5.65
N ILE A 251 53.38 13.91 4.78
CA ILE A 251 54.73 14.39 5.03
C ILE A 251 54.72 15.28 6.31
N THR A 252 53.64 16.07 6.51
CA THR A 252 53.49 16.90 7.70
C THR A 252 52.29 16.54 8.59
N LYS A 253 51.26 15.84 8.05
CA LYS A 253 50.07 15.52 8.84
C LYS A 253 49.95 14.04 9.20
N PRO A 254 49.42 13.72 10.40
CA PRO A 254 49.31 12.31 10.81
C PRO A 254 48.26 11.47 10.07
N ARG A 255 47.32 12.13 9.38
CA ARG A 255 46.26 11.47 8.64
C ARG A 255 46.24 12.02 7.22
N PRO A 256 45.96 11.16 6.23
CA PRO A 256 45.92 11.66 4.83
C PRO A 256 44.59 12.31 4.46
N THR A 257 44.52 12.93 3.27
CA THR A 257 43.29 13.52 2.78
C THR A 257 42.38 12.40 2.19
N ARG A 258 41.11 12.74 1.92
CA ARG A 258 40.17 11.81 1.31
C ARG A 258 40.61 11.43 -0.12
N ALA A 259 41.26 12.35 -0.83
CA ALA A 259 41.76 12.07 -2.19
C ALA A 259 42.92 11.08 -2.16
N GLU A 260 43.77 11.15 -1.11
CA GLU A 260 44.93 10.28 -0.97
C GLU A 260 44.55 8.83 -0.66
N THR A 261 43.59 8.61 0.25
CA THR A 261 43.16 7.22 0.53
C THR A 261 42.49 6.63 -0.72
N SER A 262 41.71 7.46 -1.43
CA SER A 262 41.04 7.09 -2.66
C SER A 262 42.09 6.71 -3.73
N ASP A 263 43.15 7.50 -3.87
CA ASP A 263 44.21 7.25 -4.84
C ASP A 263 44.90 5.91 -4.59
N VAL A 264 45.18 5.59 -3.32
CA VAL A 264 45.82 4.33 -2.99
C VAL A 264 44.88 3.17 -3.32
N ALA A 265 43.61 3.28 -2.92
CA ALA A 265 42.63 2.23 -3.18
C ALA A 265 42.43 2.03 -4.68
N ASN A 266 42.37 3.13 -5.46
CA ASN A 266 42.19 3.05 -6.90
C ASN A 266 43.41 2.50 -7.63
N ALA A 267 44.63 2.73 -7.12
CA ALA A 267 45.83 2.13 -7.76
C ALA A 267 45.76 0.61 -7.61
N VAL A 268 45.32 0.12 -6.44
CA VAL A 268 45.15 -1.33 -6.20
C VAL A 268 44.03 -1.89 -7.10
N LEU A 269 42.88 -1.19 -7.15
CA LEU A 269 41.76 -1.61 -7.99
C LEU A 269 42.13 -1.56 -9.48
N ASP A 270 43.01 -0.64 -9.90
CA ASP A 270 43.51 -0.55 -11.29
C ASP A 270 44.29 -1.81 -11.66
N GLY A 271 44.97 -2.44 -10.68
CA GLY A 271 45.75 -3.64 -10.88
C GLY A 271 47.24 -3.50 -10.58
N ALA A 272 47.63 -2.47 -9.82
CA ALA A 272 49.05 -2.26 -9.50
C ALA A 272 49.58 -3.37 -8.61
N ASP A 273 50.75 -3.89 -8.93
CA ASP A 273 51.40 -4.92 -8.10
C ASP A 273 51.98 -4.28 -6.85
N CYS A 274 52.54 -3.05 -6.98
CA CYS A 274 53.17 -2.32 -5.88
C CYS A 274 52.66 -0.90 -5.79
N ILE A 275 52.69 -0.35 -4.59
CA ILE A 275 52.39 1.05 -4.34
C ILE A 275 53.62 1.64 -3.64
N MET A 276 53.88 2.92 -3.85
CA MET A 276 55.09 3.54 -3.33
C MET A 276 54.87 4.77 -2.47
N LEU A 277 55.83 5.01 -1.57
CA LEU A 277 55.91 6.17 -0.70
C LEU A 277 57.26 6.81 -0.97
N SER A 278 57.29 8.12 -1.23
CA SER A 278 58.53 8.84 -1.50
C SER A 278 58.86 9.78 -0.32
N GLY A 279 58.51 11.07 -0.39
CA GLY A 279 58.75 12.03 0.69
C GLY A 279 58.09 11.62 1.98
N GLU A 280 56.97 10.88 1.89
CA GLU A 280 56.21 10.40 3.04
C GLU A 280 57.09 9.55 3.97
N THR A 281 58.06 8.81 3.42
CA THR A 281 58.96 8.00 4.25
C THR A 281 60.40 8.53 4.27
N ALA A 282 60.83 9.17 3.17
CA ALA A 282 62.18 9.68 3.09
C ALA A 282 62.46 10.85 4.02
N LYS A 283 61.53 11.82 4.10
CA LYS A 283 61.77 13.01 4.91
C LYS A 283 60.64 13.46 5.81
N GLY A 284 59.47 12.84 5.70
CA GLY A 284 58.31 13.26 6.47
C GLY A 284 58.34 12.96 7.94
N ASN A 285 57.36 13.50 8.66
CA ASN A 285 57.23 13.32 10.09
C ASN A 285 56.52 12.05 10.51
N PHE A 286 55.84 11.36 9.58
CA PHE A 286 55.10 10.15 9.93
C PHE A 286 55.41 8.97 8.98
N PRO A 287 56.70 8.56 8.84
CA PRO A 287 57.02 7.47 7.90
C PRO A 287 56.34 6.14 8.20
N VAL A 288 56.31 5.74 9.48
CA VAL A 288 55.70 4.48 9.89
C VAL A 288 54.19 4.51 9.68
N GLU A 289 53.57 5.65 10.00
CA GLU A 289 52.12 5.83 9.85
C GLU A 289 51.71 5.80 8.37
N ALA A 290 52.57 6.31 7.48
CA ALA A 290 52.31 6.31 6.04
C ALA A 290 52.32 4.87 5.51
N VAL A 291 53.26 4.02 6.00
CA VAL A 291 53.33 2.62 5.61
C VAL A 291 52.08 1.88 6.12
N LYS A 292 51.69 2.15 7.38
CA LYS A 292 50.51 1.55 8.01
C LYS A 292 49.24 1.91 7.24
N MET A 293 49.15 3.16 6.78
CA MET A 293 48.00 3.64 6.03
C MET A 293 47.91 2.94 4.66
N GLN A 294 49.03 2.82 3.93
CA GLN A 294 49.02 2.09 2.65
C GLN A 294 48.65 0.64 2.86
N HIS A 295 49.14 0.02 3.95
CA HIS A 295 48.80 -1.35 4.28
C HIS A 295 47.29 -1.50 4.51
N ALA A 296 46.71 -0.63 5.36
CA ALA A 296 45.29 -0.68 5.71
C ALA A 296 44.38 -0.49 4.47
N ILE A 297 44.73 0.49 3.59
CA ILE A 297 43.94 0.73 2.39
C ILE A 297 44.05 -0.43 1.41
N ALA A 298 45.28 -0.88 1.11
CA ALA A 298 45.50 -1.98 0.16
C ALA A 298 44.73 -3.23 0.52
N ARG A 299 44.68 -3.59 1.80
CA ARG A 299 43.95 -4.77 2.25
C ARG A 299 42.45 -4.63 1.94
N GLU A 300 41.89 -3.44 2.18
CA GLU A 300 40.48 -3.18 1.92
C GLU A 300 40.21 -3.22 0.41
N ALA A 301 41.09 -2.61 -0.39
CA ALA A 301 40.93 -2.55 -1.85
C ALA A 301 41.08 -3.89 -2.51
N GLU A 302 41.98 -4.75 -2.01
CA GLU A 302 42.17 -6.09 -2.58
C GLU A 302 40.93 -6.95 -2.40
N ALA A 303 40.25 -6.83 -1.27
CA ALA A 303 39.01 -7.58 -1.04
C ALA A 303 37.88 -7.08 -1.95
N ALA A 304 37.91 -5.81 -2.35
CA ALA A 304 36.93 -5.17 -3.24
C ALA A 304 37.18 -5.43 -4.73
N VAL A 305 38.27 -6.14 -5.10
CA VAL A 305 38.55 -6.48 -6.48
C VAL A 305 37.44 -7.45 -6.97
N TYR A 306 36.88 -7.19 -8.17
CA TYR A 306 35.82 -8.02 -8.72
C TYR A 306 36.47 -9.19 -9.46
N HIS A 307 36.91 -10.22 -8.72
CA HIS A 307 37.64 -11.38 -9.26
C HIS A 307 36.92 -12.11 -10.37
N ARG A 308 35.59 -12.19 -10.31
CA ARG A 308 34.80 -12.89 -11.32
C ARG A 308 35.07 -12.35 -12.74
N GLN A 309 35.05 -11.02 -12.90
CA GLN A 309 35.34 -10.42 -14.20
C GLN A 309 36.85 -10.43 -14.47
N LEU A 310 37.65 -10.06 -13.46
CA LEU A 310 39.10 -9.98 -13.60
C LEU A 310 39.74 -11.30 -14.05
N PHE A 311 39.45 -12.42 -13.36
CA PHE A 311 39.99 -13.72 -13.72
C PHE A 311 39.52 -14.13 -15.10
N GLU A 312 38.23 -13.94 -15.42
CA GLU A 312 37.68 -14.28 -16.73
CA GLU A 312 37.73 -14.32 -16.73
C GLU A 312 38.42 -13.54 -17.84
N GLU A 313 38.65 -12.23 -17.64
CA GLU A 313 39.33 -11.42 -18.64
C GLU A 313 40.81 -11.77 -18.76
N LEU A 314 41.48 -12.02 -17.63
CA LEU A 314 42.91 -12.40 -17.64
C LEU A 314 43.08 -13.75 -18.31
N ARG A 315 42.20 -14.70 -17.99
CA ARG A 315 42.22 -16.02 -18.60
C ARG A 315 41.98 -15.93 -20.12
N ARG A 316 40.91 -15.23 -20.57
CA ARG A 316 40.54 -15.09 -21.98
C ARG A 316 41.65 -14.44 -22.79
N ALA A 317 42.31 -13.44 -22.21
CA ALA A 317 43.36 -12.70 -22.91
C ALA A 317 44.74 -13.35 -22.87
N ALA A 318 45.04 -14.17 -21.86
CA ALA A 318 46.33 -14.85 -21.77
C ALA A 318 46.43 -15.84 -22.89
N PRO A 319 47.50 -15.78 -23.69
CA PRO A 319 47.57 -16.65 -24.86
C PRO A 319 47.68 -18.11 -24.54
N LEU A 320 47.31 -18.97 -25.51
CA LEU A 320 47.49 -20.41 -25.38
C LEU A 320 48.99 -20.69 -25.28
N SER A 321 49.35 -21.71 -24.50
CA SER A 321 50.76 -21.97 -24.27
C SER A 321 51.06 -23.40 -24.19
N ARG A 322 52.25 -23.77 -24.65
CA ARG A 322 52.76 -25.14 -24.55
CA ARG A 322 52.71 -25.16 -24.51
C ARG A 322 53.84 -25.26 -23.45
N ASP A 323 54.06 -24.19 -22.65
CA ASP A 323 55.03 -24.17 -21.56
C ASP A 323 54.34 -24.80 -20.35
N PRO A 324 54.88 -25.90 -19.81
CA PRO A 324 54.21 -26.57 -18.67
C PRO A 324 54.06 -25.71 -17.42
N THR A 325 54.95 -24.74 -17.17
CA THR A 325 54.81 -23.85 -16.01
C THR A 325 53.57 -22.96 -16.21
N GLU A 326 53.39 -22.44 -17.45
CA GLU A 326 52.25 -21.62 -17.88
C GLU A 326 50.95 -22.40 -17.74
N VAL A 327 50.93 -23.64 -18.20
CA VAL A 327 49.77 -24.51 -18.15
C VAL A 327 49.42 -24.91 -16.71
N THR A 328 50.44 -25.19 -15.89
CA THR A 328 50.19 -25.59 -14.50
C THR A 328 49.65 -24.41 -13.71
N ALA A 329 50.17 -23.20 -13.96
CA ALA A 329 49.73 -22.00 -13.25
C ALA A 329 48.23 -21.72 -13.43
N ILE A 330 47.72 -21.85 -14.67
CA ILE A 330 46.29 -21.59 -14.93
C ILE A 330 45.45 -22.67 -14.29
N GLY A 331 45.90 -23.92 -14.35
CA GLY A 331 45.20 -25.02 -13.70
C GLY A 331 45.12 -24.84 -12.20
N ALA A 332 46.22 -24.38 -11.58
CA ALA A 332 46.31 -24.17 -10.14
C ALA A 332 45.42 -23.02 -9.67
N VAL A 333 45.38 -21.91 -10.42
CA VAL A 333 44.54 -20.76 -10.05
C VAL A 333 43.04 -21.13 -10.21
N GLU A 334 42.71 -21.89 -11.26
CA GLU A 334 41.35 -22.36 -11.48
C GLU A 334 40.91 -23.25 -10.32
N ALA A 335 41.80 -24.19 -9.94
CA ALA A 335 41.56 -25.11 -8.82
C ALA A 335 41.40 -24.36 -7.50
N ALA A 336 42.24 -23.34 -7.25
CA ALA A 336 42.16 -22.55 -6.02
C ALA A 336 40.80 -21.82 -5.90
N PHE A 337 40.29 -21.26 -7.01
CA PHE A 337 39.00 -20.58 -6.99
C PHE A 337 37.84 -21.57 -6.75
N LYS A 338 37.95 -22.78 -7.32
CA LYS A 338 36.93 -23.83 -7.17
C LYS A 338 36.69 -24.25 -5.73
N CYS A 339 37.77 -24.30 -4.91
CA CYS A 339 37.64 -24.74 -3.53
C CYS A 339 37.82 -23.63 -2.50
N CYS A 340 37.99 -22.36 -2.93
CA CYS A 340 38.27 -21.26 -2.00
C CYS A 340 39.53 -21.56 -1.20
N ALA A 341 40.57 -22.06 -1.90
CA ALA A 341 41.83 -22.43 -1.28
C ALA A 341 42.42 -21.28 -0.50
N ALA A 342 42.93 -21.58 0.70
CA ALA A 342 43.55 -20.56 1.53
C ALA A 342 44.86 -20.07 0.93
N ALA A 343 45.57 -20.96 0.20
CA ALA A 343 46.85 -20.61 -0.41
C ALA A 343 47.20 -21.55 -1.56
N ILE A 344 48.13 -21.10 -2.41
CA ILE A 344 48.77 -21.87 -3.44
C ILE A 344 50.25 -21.86 -2.98
N ILE A 345 50.79 -23.02 -2.61
CA ILE A 345 52.18 -23.12 -2.17
C ILE A 345 52.98 -23.54 -3.38
N VAL A 346 53.97 -22.74 -3.76
CA VAL A 346 54.76 -23.06 -4.95
C VAL A 346 56.26 -23.07 -4.60
N LEU A 347 57.00 -24.02 -5.19
CA LEU A 347 58.47 -24.08 -5.01
C LEU A 347 59.04 -23.36 -6.19
N THR A 348 59.89 -22.37 -5.96
CA THR A 348 60.51 -21.65 -7.07
C THR A 348 61.98 -21.35 -6.83
N THR A 349 62.80 -21.46 -7.88
CA THR A 349 64.20 -21.15 -7.75
C THR A 349 64.39 -19.65 -8.05
N THR A 350 63.84 -19.19 -9.20
CA THR A 350 63.99 -17.81 -9.68
C THR A 350 62.82 -16.86 -9.35
N GLY A 351 61.70 -17.42 -8.92
CA GLY A 351 60.48 -16.66 -8.70
C GLY A 351 59.49 -16.80 -9.85
N ARG A 352 59.92 -17.32 -11.02
CA ARG A 352 59.07 -17.40 -12.21
C ARG A 352 57.76 -18.18 -12.00
N SER A 353 57.78 -19.37 -11.36
CA SER A 353 56.56 -20.13 -11.15
C SER A 353 55.56 -19.34 -10.28
N ALA A 354 56.03 -18.55 -9.32
CA ALA A 354 55.15 -17.72 -8.49
C ALA A 354 54.59 -16.53 -9.30
N GLN A 355 55.41 -15.93 -10.16
CA GLN A 355 55.00 -14.84 -11.03
C GLN A 355 53.89 -15.30 -12.00
N LEU A 356 54.01 -16.51 -12.55
CA LEU A 356 52.99 -17.02 -13.47
C LEU A 356 51.68 -17.34 -12.76
N LEU A 357 51.70 -17.61 -11.45
CA LEU A 357 50.48 -17.81 -10.69
C LEU A 357 49.84 -16.41 -10.42
N SER A 358 50.68 -15.45 -10.03
CA SER A 358 50.32 -14.06 -9.70
CA SER A 358 50.27 -14.08 -9.70
C SER A 358 49.63 -13.33 -10.85
N ARG A 359 50.04 -13.61 -12.08
CA ARG A 359 49.47 -12.95 -13.25
C ARG A 359 47.96 -13.22 -13.42
N TYR A 360 47.45 -14.32 -12.84
CA TYR A 360 46.02 -14.62 -12.90
C TYR A 360 45.22 -14.04 -11.71
N ARG A 361 45.89 -13.29 -10.85
CA ARG A 361 45.29 -12.64 -9.69
C ARG A 361 44.42 -13.57 -8.85
N PRO A 362 44.96 -14.70 -8.34
CA PRO A 362 44.16 -15.55 -7.45
C PRO A 362 43.81 -14.79 -6.16
N ARG A 363 42.68 -15.14 -5.55
CA ARG A 363 42.33 -14.61 -4.23
C ARG A 363 43.24 -15.33 -3.18
N ALA A 364 43.57 -16.62 -3.42
CA ALA A 364 44.45 -17.43 -2.58
C ALA A 364 45.85 -16.82 -2.57
N ALA A 365 46.47 -16.73 -1.40
CA ALA A 365 47.84 -16.21 -1.27
C ALA A 365 48.80 -17.16 -2.01
N VAL A 366 49.79 -16.62 -2.73
CA VAL A 366 50.77 -17.47 -3.39
C VAL A 366 51.99 -17.52 -2.47
N ILE A 367 52.15 -18.61 -1.72
CA ILE A 367 53.26 -18.77 -0.79
C ILE A 367 54.43 -19.38 -1.55
N ALA A 368 55.45 -18.57 -1.85
CA ALA A 368 56.58 -19.02 -2.63
C ALA A 368 57.75 -19.47 -1.72
N VAL A 369 58.01 -20.78 -1.64
CA VAL A 369 59.10 -21.36 -0.84
C VAL A 369 60.35 -21.42 -1.74
N THR A 370 61.40 -20.66 -1.39
CA THR A 370 62.62 -20.62 -2.19
C THR A 370 63.88 -20.66 -1.30
N ARG A 371 64.96 -21.23 -1.83
CA ARG A 371 66.26 -21.21 -1.16
C ARG A 371 67.04 -19.93 -1.55
N SER A 372 66.71 -19.29 -2.69
CA SER A 372 67.38 -18.08 -3.14
C SER A 372 66.94 -16.85 -2.35
N ALA A 373 67.83 -16.26 -1.55
CA ALA A 373 67.50 -15.06 -0.79
C ALA A 373 67.14 -13.90 -1.73
N GLN A 374 67.84 -13.80 -2.88
CA GLN A 374 67.53 -12.76 -3.85
C GLN A 374 66.14 -12.94 -4.48
N ALA A 375 65.77 -14.17 -4.90
CA ALA A 375 64.45 -14.42 -5.47
C ALA A 375 63.36 -14.11 -4.45
N ALA A 376 63.58 -14.44 -3.17
CA ALA A 376 62.64 -14.16 -2.10
C ALA A 376 62.40 -12.65 -1.98
N ARG A 377 63.43 -11.84 -2.16
CA ARG A 377 63.31 -10.39 -2.08
C ARG A 377 62.61 -9.86 -3.33
N GLN A 378 63.02 -10.34 -4.52
CA GLN A 378 62.49 -9.84 -5.78
C GLN A 378 61.02 -10.18 -6.03
N VAL A 379 60.55 -11.31 -5.51
CA VAL A 379 59.19 -11.78 -5.72
C VAL A 379 58.11 -10.84 -5.05
N HIS A 380 58.56 -9.86 -4.24
CA HIS A 380 57.69 -8.82 -3.69
C HIS A 380 57.15 -7.92 -4.81
N LEU A 381 57.78 -7.89 -6.00
CA LEU A 381 57.30 -7.11 -7.12
C LEU A 381 55.95 -7.66 -7.67
N CYS A 382 55.63 -8.93 -7.40
CA CYS A 382 54.44 -9.58 -7.93
C CYS A 382 53.35 -9.63 -6.90
N ARG A 383 52.16 -9.06 -7.23
CA ARG A 383 51.05 -9.04 -6.29
C ARG A 383 50.66 -10.41 -5.79
N GLY A 384 50.45 -10.52 -4.50
CA GLY A 384 49.97 -11.75 -3.89
C GLY A 384 50.98 -12.85 -3.70
N VAL A 385 52.28 -12.55 -3.89
CA VAL A 385 53.33 -13.54 -3.66
C VAL A 385 53.96 -13.24 -2.32
N PHE A 386 53.91 -14.23 -1.40
CA PHE A 386 54.46 -14.15 -0.05
C PHE A 386 55.70 -15.05 0.01
N PRO A 387 56.89 -14.45 -0.08
CA PRO A 387 58.13 -15.25 -0.08
C PRO A 387 58.55 -15.82 1.26
N LEU A 388 58.94 -17.10 1.25
CA LEU A 388 59.45 -17.77 2.42
C LEU A 388 60.84 -18.26 2.08
N LEU A 389 61.84 -17.79 2.82
CA LEU A 389 63.23 -18.20 2.57
C LEU A 389 63.54 -19.48 3.34
N TYR A 390 63.79 -20.57 2.60
CA TYR A 390 64.04 -21.91 3.13
C TYR A 390 65.50 -22.08 3.61
N ARG A 391 65.66 -22.30 4.91
CA ARG A 391 66.97 -22.44 5.54
C ARG A 391 67.07 -23.72 6.41
N GLU A 392 66.37 -24.77 5.99
CA GLU A 392 66.40 -26.03 6.72
CA GLU A 392 66.40 -26.04 6.71
C GLU A 392 67.40 -26.99 6.03
N PRO A 393 67.91 -28.02 6.74
CA PRO A 393 68.92 -28.90 6.10
C PRO A 393 68.34 -29.68 4.94
N PRO A 394 69.15 -29.86 3.88
CA PRO A 394 68.65 -30.60 2.71
C PRO A 394 68.36 -32.08 2.94
N GLU A 395 67.34 -32.62 2.26
CA GLU A 395 67.05 -34.03 2.35
C GLU A 395 67.88 -34.78 1.30
N ALA A 396 68.23 -36.03 1.61
CA ALA A 396 69.02 -36.85 0.71
C ALA A 396 68.16 -37.27 -0.49
N ILE A 397 66.89 -37.63 -0.25
CA ILE A 397 65.98 -38.02 -1.33
C ILE A 397 65.26 -36.75 -1.83
N TRP A 398 65.43 -36.37 -3.14
CA TRP A 398 64.81 -35.16 -3.73
C TRP A 398 63.30 -35.07 -3.47
N ALA A 399 62.57 -36.19 -3.59
CA ALA A 399 61.14 -36.22 -3.28
C ALA A 399 60.88 -35.79 -1.82
N ASP A 400 61.67 -36.32 -0.86
CA ASP A 400 61.56 -35.95 0.56
C ASP A 400 61.92 -34.47 0.78
N ASP A 401 62.87 -33.95 0.00
CA ASP A 401 63.29 -32.55 0.13
C ASP A 401 62.15 -31.60 -0.32
N VAL A 402 61.42 -32.01 -1.38
CA VAL A 402 60.30 -31.27 -1.92
C VAL A 402 59.20 -31.28 -0.85
N ASP A 403 58.86 -32.48 -0.31
CA ASP A 403 57.84 -32.63 0.72
CA ASP A 403 57.83 -32.60 0.70
C ASP A 403 58.12 -31.76 1.94
N ARG A 404 59.41 -31.67 2.36
CA ARG A 404 59.72 -30.85 3.54
C ARG A 404 59.62 -29.34 3.23
N ARG A 405 59.92 -28.91 2.00
CA ARG A 405 59.75 -27.50 1.63
C ARG A 405 58.24 -27.13 1.60
N VAL A 406 57.39 -28.07 1.20
CA VAL A 406 55.94 -27.92 1.18
C VAL A 406 55.40 -27.89 2.62
N GLN A 407 55.88 -28.79 3.50
CA GLN A 407 55.48 -28.74 4.92
C GLN A 407 55.98 -27.45 5.60
N PHE A 408 57.09 -26.87 5.12
CA PHE A 408 57.60 -25.63 5.66
C PHE A 408 56.64 -24.46 5.28
N GLY A 409 56.10 -24.50 4.06
CA GLY A 409 55.14 -23.51 3.56
C GLY A 409 53.89 -23.54 4.42
N ILE A 410 53.43 -24.77 4.75
CA ILE A 410 52.28 -25.03 5.60
C ILE A 410 52.49 -24.55 7.05
N GLU A 411 53.63 -24.85 7.67
CA GLU A 411 53.90 -24.42 9.05
C GLU A 411 54.06 -22.90 9.15
N SER A 412 54.75 -22.27 8.18
CA SER A 412 54.88 -20.80 8.14
C SER A 412 53.49 -20.16 7.91
N GLY A 413 52.67 -20.78 7.08
CA GLY A 413 51.32 -20.32 6.77
C GLY A 413 50.43 -20.39 7.99
N LYS A 414 50.53 -21.46 8.77
CA LYS A 414 49.73 -21.63 9.98
C LYS A 414 50.13 -20.58 11.02
N LEU A 415 51.44 -20.38 11.20
CA LEU A 415 51.97 -19.42 12.16
C LEU A 415 51.58 -17.99 11.80
N ARG A 416 51.60 -17.66 10.50
CA ARG A 416 51.27 -16.31 10.05
C ARG A 416 49.79 -16.02 9.88
N GLY A 417 48.93 -17.03 10.07
CA GLY A 417 47.48 -16.82 9.94
C GLY A 417 46.90 -17.10 8.57
N PHE A 418 47.74 -17.45 7.59
CA PHE A 418 47.27 -17.77 6.23
C PHE A 418 46.46 -19.06 6.22
N LEU A 419 46.86 -20.05 7.03
CA LEU A 419 46.26 -21.38 7.00
C LEU A 419 45.77 -21.85 8.35
N ARG A 420 44.76 -22.71 8.33
CA ARG A 420 44.19 -23.37 9.49
C ARG A 420 43.95 -24.84 9.12
N VAL A 421 43.84 -25.71 10.12
CA VAL A 421 43.54 -27.13 9.90
C VAL A 421 42.17 -27.25 9.25
N GLY A 422 42.08 -28.06 8.21
CA GLY A 422 40.84 -28.19 7.47
C GLY A 422 40.80 -27.39 6.19
N ASP A 423 41.70 -26.40 6.03
CA ASP A 423 41.78 -25.61 4.81
C ASP A 423 42.26 -26.49 3.64
N LEU A 424 41.97 -26.07 2.42
CA LEU A 424 42.50 -26.74 1.23
C LEU A 424 43.58 -25.82 0.66
N VAL A 425 44.67 -26.40 0.20
CA VAL A 425 45.74 -25.66 -0.44
C VAL A 425 46.05 -26.33 -1.77
N ILE A 426 46.57 -25.55 -2.69
CA ILE A 426 47.01 -26.06 -3.97
C ILE A 426 48.53 -26.03 -3.88
N VAL A 427 49.21 -27.13 -4.24
CA VAL A 427 50.68 -27.19 -4.16
C VAL A 427 51.22 -27.33 -5.56
N VAL A 428 52.10 -26.44 -5.97
CA VAL A 428 52.69 -26.42 -7.30
C VAL A 428 54.18 -26.74 -7.21
N THR A 429 54.58 -27.88 -7.78
CA THR A 429 55.98 -28.35 -7.77
C THR A 429 56.35 -28.86 -9.20
N GLY A 430 57.63 -29.23 -9.39
CA GLY A 430 58.12 -29.75 -10.66
C GLY A 430 58.46 -31.22 -10.61
N TRP A 431 58.80 -31.80 -11.78
CA TRP A 431 59.10 -33.22 -11.88
C TRP A 431 60.60 -33.57 -11.67
N ARG A 432 61.47 -32.56 -11.78
CA ARG A 432 62.91 -32.72 -11.65
C ARG A 432 63.52 -31.45 -11.02
N PRO A 433 64.69 -31.56 -10.31
CA PRO A 433 65.30 -30.34 -9.73
C PRO A 433 65.71 -29.32 -10.80
N GLY A 434 65.95 -28.10 -10.39
CA GLY A 434 66.33 -27.02 -11.32
C GLY A 434 65.15 -26.21 -11.80
N SER A 435 65.43 -24.94 -12.18
CA SER A 435 64.44 -24.00 -12.68
CA SER A 435 64.41 -24.01 -12.69
C SER A 435 63.89 -24.42 -14.06
N GLY A 436 62.63 -24.08 -14.34
CA GLY A 436 61.98 -24.36 -15.63
C GLY A 436 61.21 -25.65 -15.77
N TYR A 437 61.06 -26.43 -14.68
CA TYR A 437 60.37 -27.72 -14.79
C TYR A 437 59.08 -27.84 -14.00
N THR A 438 58.47 -26.71 -13.57
CA THR A 438 57.16 -26.82 -12.88
C THR A 438 56.12 -27.48 -13.82
N ASN A 439 55.42 -28.50 -13.35
CA ASN A 439 54.44 -29.22 -14.17
C ASN A 439 53.41 -29.97 -13.32
N ILE A 440 53.37 -29.74 -12.00
CA ILE A 440 52.50 -30.51 -11.13
C ILE A 440 51.67 -29.61 -10.22
N MET A 441 50.40 -29.97 -10.08
CA MET A 441 49.50 -29.27 -9.17
CA MET A 441 49.45 -29.27 -9.23
C MET A 441 48.80 -30.34 -8.34
N ARG A 442 48.75 -30.14 -7.03
CA ARG A 442 48.20 -31.11 -6.09
C ARG A 442 47.20 -30.41 -5.16
N VAL A 443 46.11 -31.07 -4.82
CA VAL A 443 45.12 -30.53 -3.90
C VAL A 443 45.36 -31.18 -2.54
N LEU A 444 45.71 -30.40 -1.53
CA LEU A 444 46.05 -30.91 -0.21
C LEU A 444 45.17 -30.34 0.91
N SER A 445 44.75 -31.20 1.84
CA SER A 445 43.96 -30.75 2.98
CA SER A 445 43.96 -30.76 2.99
C SER A 445 44.93 -30.51 4.14
N ILE A 446 44.86 -29.35 4.79
CA ILE A 446 45.75 -28.99 5.88
C ILE A 446 45.49 -29.75 7.16
N SER A 447 46.61 -30.31 7.67
CA SER A 447 46.80 -31.10 8.90
C SER A 447 46.05 -32.43 8.85
N ARG B 12 43.53 -12.58 -32.22
CA ARG B 12 44.77 -13.14 -32.76
C ARG B 12 45.90 -13.27 -31.73
N ALA B 13 46.17 -12.23 -30.91
CA ALA B 13 47.24 -12.22 -29.90
C ALA B 13 47.19 -13.41 -28.92
N ASP B 14 45.98 -13.87 -28.55
CA ASP B 14 45.83 -15.01 -27.63
C ASP B 14 46.12 -16.37 -28.30
N VAL B 15 46.31 -16.40 -29.63
CA VAL B 15 46.63 -17.64 -30.34
C VAL B 15 47.84 -17.51 -31.28
N ALA B 16 48.48 -16.34 -31.36
CA ALA B 16 49.58 -16.07 -32.28
C ALA B 16 50.81 -16.99 -32.09
N GLN B 17 51.33 -17.12 -30.85
CA GLN B 17 52.48 -18.00 -30.62
C GLN B 17 52.14 -19.45 -30.87
N LEU B 18 50.95 -19.91 -30.41
CA LEU B 18 50.56 -21.29 -30.65
C LEU B 18 50.28 -21.60 -32.11
N THR B 19 49.88 -20.59 -32.90
CA THR B 19 49.64 -20.74 -34.34
C THR B 19 50.98 -20.87 -35.06
N GLN B 20 51.98 -20.10 -34.64
CA GLN B 20 53.33 -20.21 -35.21
C GLN B 20 53.91 -21.59 -34.92
N GLU B 21 53.68 -22.13 -33.71
CA GLU B 21 54.20 -23.43 -33.31
C GLU B 21 53.46 -24.63 -33.90
N LEU B 22 52.11 -24.65 -33.80
CA LEU B 22 51.32 -25.76 -34.29
C LEU B 22 50.97 -25.66 -35.80
N GLY B 23 51.03 -24.47 -36.34
CA GLY B 23 50.73 -24.23 -37.74
C GLY B 23 49.32 -23.74 -38.00
N THR B 24 49.12 -23.01 -39.10
CA THR B 24 47.80 -22.53 -39.48
C THR B 24 46.89 -23.68 -39.86
N ALA B 25 47.43 -24.78 -40.43
CA ALA B 25 46.59 -25.92 -40.82
C ALA B 25 45.93 -26.55 -39.61
N PHE B 26 46.65 -26.64 -38.48
CA PHE B 26 46.10 -27.19 -37.24
C PHE B 26 44.88 -26.35 -36.78
N PHE B 27 45.02 -25.02 -36.84
CA PHE B 27 43.97 -24.11 -36.39
C PHE B 27 42.81 -23.93 -37.40
N GLN B 28 42.86 -24.60 -38.57
CA GLN B 28 41.76 -24.58 -39.54
C GLN B 28 40.85 -25.80 -39.32
N GLN B 29 41.39 -26.92 -38.78
CA GLN B 29 40.65 -28.13 -38.54
C GLN B 29 39.78 -28.03 -37.27
N GLN B 30 38.95 -29.07 -37.03
CA GLN B 30 38.05 -29.29 -35.90
C GLN B 30 37.27 -28.03 -35.45
N GLN B 31 36.83 -27.21 -36.41
CA GLN B 31 36.07 -25.97 -36.18
C GLN B 31 36.76 -25.03 -35.20
N LEU B 32 38.10 -25.01 -35.21
CA LEU B 32 38.85 -24.14 -34.30
C LEU B 32 38.61 -22.65 -34.58
N PRO B 33 38.47 -22.14 -35.84
CA PRO B 33 38.14 -20.72 -35.99
C PRO B 33 36.80 -20.39 -35.33
N ALA B 34 35.79 -21.28 -35.46
CA ALA B 34 34.49 -21.08 -34.81
C ALA B 34 34.58 -21.18 -33.29
N ALA B 35 35.52 -21.98 -32.78
CA ALA B 35 35.75 -22.15 -31.35
C ALA B 35 36.35 -20.89 -30.71
N MET B 36 37.15 -20.12 -31.46
CA MET B 36 37.77 -18.90 -30.93
C MET B 36 36.84 -17.68 -30.94
N ALA B 37 35.64 -17.78 -31.55
CA ALA B 37 34.70 -16.67 -31.63
C ALA B 37 34.31 -16.09 -30.29
N ASP B 38 34.06 -14.78 -30.26
CA ASP B 38 33.71 -14.06 -29.03
C ASP B 38 32.21 -14.10 -28.69
N THR B 39 31.36 -14.46 -29.67
CA THR B 39 29.92 -14.58 -29.44
C THR B 39 29.42 -15.88 -30.09
N PHE B 40 28.28 -16.38 -29.63
CA PHE B 40 27.65 -17.57 -30.21
C PHE B 40 27.27 -17.32 -31.67
N LEU B 41 26.78 -16.11 -31.98
CA LEU B 41 26.42 -15.74 -33.34
C LEU B 41 27.65 -15.79 -34.27
N GLU B 42 28.80 -15.23 -33.82
CA GLU B 42 30.05 -15.27 -34.59
CA GLU B 42 30.02 -15.27 -34.61
C GLU B 42 30.53 -16.72 -34.75
N HIS B 43 30.33 -17.55 -33.71
CA HIS B 43 30.70 -18.96 -33.70
C HIS B 43 29.94 -19.68 -34.82
N LEU B 44 28.61 -19.43 -34.93
CA LEU B 44 27.81 -20.04 -35.99
C LEU B 44 28.30 -19.58 -37.34
N CYS B 45 28.54 -18.26 -37.51
CA CYS B 45 29.00 -17.67 -38.76
C CYS B 45 30.32 -18.25 -39.23
N LEU B 46 31.18 -18.73 -38.30
CA LEU B 46 32.48 -19.29 -38.63
C LEU B 46 32.49 -20.78 -38.83
N LEU B 47 31.35 -21.49 -38.68
CA LEU B 47 31.32 -22.94 -38.90
C LEU B 47 31.65 -23.21 -40.38
N ASP B 48 32.54 -24.17 -40.64
CA ASP B 48 33.08 -24.40 -41.96
C ASP B 48 32.97 -25.86 -42.34
N ILE B 49 32.27 -26.16 -43.45
CA ILE B 49 32.15 -27.54 -43.95
C ILE B 49 33.52 -28.14 -44.39
N ASP B 50 34.50 -27.30 -44.68
CA ASP B 50 35.85 -27.75 -45.04
C ASP B 50 36.77 -27.96 -43.83
N SER B 51 36.31 -27.62 -42.62
CA SER B 51 37.09 -27.81 -41.41
C SER B 51 36.84 -29.23 -40.95
N GLU B 52 37.81 -30.12 -41.16
CA GLU B 52 37.65 -31.54 -40.86
C GLU B 52 37.81 -31.92 -39.39
N PRO B 53 36.96 -32.82 -38.90
CA PRO B 53 37.11 -33.26 -37.50
C PRO B 53 38.39 -34.11 -37.33
N VAL B 54 39.15 -33.86 -36.27
CA VAL B 54 40.41 -34.57 -36.01
C VAL B 54 40.25 -35.47 -34.78
N ALA B 55 39.58 -34.97 -33.74
CA ALA B 55 39.38 -35.70 -32.49
C ALA B 55 38.58 -36.98 -32.68
N ALA B 56 38.81 -37.95 -31.79
CA ALA B 56 38.06 -39.19 -31.79
C ALA B 56 36.62 -38.87 -31.36
N ARG B 57 35.66 -39.66 -31.86
CA ARG B 57 34.26 -39.46 -31.56
C ARG B 57 33.99 -39.71 -30.07
N SER B 58 33.47 -38.70 -29.39
CA SER B 58 33.27 -38.73 -27.96
C SER B 58 31.86 -39.09 -27.47
N THR B 59 30.81 -38.93 -28.30
CA THR B 59 29.44 -39.28 -27.89
C THR B 59 29.25 -40.76 -28.17
N SER B 60 28.92 -41.55 -27.15
CA SER B 60 28.75 -42.99 -27.33
C SER B 60 27.51 -43.35 -28.11
N ILE B 61 27.61 -44.45 -28.83
CA ILE B 61 26.48 -44.96 -29.60
C ILE B 61 25.95 -46.18 -28.92
N ILE B 62 24.65 -46.17 -28.62
CA ILE B 62 23.94 -47.32 -28.06
C ILE B 62 23.17 -47.95 -29.22
N ALA B 63 23.39 -49.25 -29.48
CA ALA B 63 22.67 -49.93 -30.55
C ALA B 63 21.78 -51.01 -29.93
N THR B 64 20.47 -51.01 -30.27
CA THR B 64 19.53 -52.02 -29.78
C THR B 64 19.80 -53.34 -30.56
N ILE B 65 20.04 -54.44 -29.83
CA ILE B 65 20.34 -55.74 -30.45
C ILE B 65 19.06 -56.57 -30.64
N GLY B 66 18.84 -56.98 -31.88
CA GLY B 66 17.68 -57.78 -32.24
C GLY B 66 17.96 -58.67 -33.44
N PRO B 67 16.90 -59.13 -34.12
CA PRO B 67 17.10 -60.02 -35.29
C PRO B 67 18.09 -59.55 -36.34
N ALA B 68 18.13 -58.24 -36.62
CA ALA B 68 19.02 -57.70 -37.65
C ALA B 68 20.48 -57.54 -37.21
N SER B 69 20.74 -57.58 -35.90
CA SER B 69 22.08 -57.32 -35.37
C SER B 69 22.53 -58.36 -34.32
N ARG B 70 22.03 -59.57 -34.43
CA ARG B 70 22.29 -60.64 -33.46
C ARG B 70 23.52 -61.50 -33.68
N SER B 71 23.87 -61.77 -34.94
CA SER B 71 24.99 -62.66 -35.24
C SER B 71 26.32 -62.11 -34.82
N VAL B 72 27.26 -63.00 -34.48
CA VAL B 72 28.61 -62.63 -34.05
C VAL B 72 29.32 -61.85 -35.14
N GLU B 73 29.17 -62.26 -36.40
CA GLU B 73 29.81 -61.59 -37.53
C GLU B 73 29.27 -60.16 -37.72
N ARG B 74 27.95 -59.98 -37.56
CA ARG B 74 27.28 -58.69 -37.67
C ARG B 74 27.72 -57.79 -36.51
N LEU B 75 27.74 -58.34 -35.28
CA LEU B 75 28.19 -57.63 -34.08
C LEU B 75 29.64 -57.16 -34.18
N LYS B 76 30.52 -57.93 -34.83
CA LYS B 76 31.91 -57.51 -35.04
C LYS B 76 31.95 -56.28 -35.93
N GLU B 77 31.11 -56.24 -36.97
CA GLU B 77 31.02 -55.10 -37.89
CA GLU B 77 31.06 -55.08 -37.86
C GLU B 77 30.49 -53.87 -37.15
N MET B 78 29.52 -54.07 -36.24
CA MET B 78 28.93 -52.98 -35.46
CA MET B 78 28.93 -52.98 -35.47
C MET B 78 29.92 -52.39 -34.47
N ILE B 79 30.80 -53.23 -33.89
CA ILE B 79 31.82 -52.77 -32.96
C ILE B 79 32.82 -51.91 -33.74
N LYS B 80 33.24 -52.37 -34.93
CA LYS B 80 34.17 -51.64 -35.79
C LYS B 80 33.55 -50.32 -36.31
N ALA B 81 32.23 -50.30 -36.54
CA ALA B 81 31.52 -49.11 -36.99
C ALA B 81 31.39 -48.05 -35.86
N GLY B 82 31.45 -48.47 -34.59
CA GLY B 82 31.41 -47.56 -33.46
C GLY B 82 30.47 -47.83 -32.32
N MET B 83 29.78 -48.98 -32.31
CA MET B 83 28.88 -49.32 -31.20
C MET B 83 29.67 -49.41 -29.86
N ASN B 84 29.20 -48.70 -28.83
CA ASN B 84 29.85 -48.71 -27.51
C ASN B 84 29.02 -49.42 -26.47
N ILE B 85 27.69 -49.39 -26.61
CA ILE B 85 26.75 -50.01 -25.70
C ILE B 85 25.72 -50.82 -26.49
N ALA B 86 25.50 -52.07 -26.08
CA ALA B 86 24.53 -52.96 -26.71
C ALA B 86 23.29 -52.93 -25.83
N ARG B 87 22.14 -52.56 -26.39
CA ARG B 87 20.90 -52.48 -25.63
C ARG B 87 20.01 -53.71 -25.89
N LEU B 88 19.37 -54.26 -24.84
CA LEU B 88 18.50 -55.41 -25.00
C LEU B 88 17.14 -55.06 -24.50
N ASN B 89 16.20 -54.94 -25.42
CA ASN B 89 14.88 -54.48 -25.10
C ASN B 89 14.01 -55.62 -24.59
N PHE B 90 13.79 -55.65 -23.27
CA PHE B 90 12.99 -56.70 -22.64
C PHE B 90 11.48 -56.51 -22.85
N SER B 91 11.07 -55.53 -23.68
CA SER B 91 9.67 -55.40 -24.10
C SER B 91 9.36 -56.50 -25.15
N HIS B 92 10.38 -57.04 -25.82
CA HIS B 92 10.27 -58.05 -26.84
C HIS B 92 11.23 -59.24 -26.52
N GLY B 93 11.14 -60.32 -27.29
CA GLY B 93 11.98 -61.48 -27.10
C GLY B 93 11.68 -62.24 -25.82
N SER B 94 12.68 -62.96 -25.33
CA SER B 94 12.56 -63.76 -24.11
C SER B 94 13.92 -63.81 -23.39
N HIS B 95 13.97 -64.41 -22.18
CA HIS B 95 15.23 -64.54 -21.45
C HIS B 95 16.23 -65.36 -22.26
N GLU B 96 15.76 -66.43 -22.90
CA GLU B 96 16.63 -67.30 -23.70
C GLU B 96 17.16 -66.56 -24.92
N TYR B 97 16.28 -65.80 -25.59
CA TYR B 97 16.65 -65.01 -26.77
C TYR B 97 17.70 -63.94 -26.41
N HIS B 98 17.43 -63.16 -25.35
CA HIS B 98 18.34 -62.09 -24.94
C HIS B 98 19.66 -62.63 -24.39
N ALA B 99 19.64 -63.79 -23.69
CA ALA B 99 20.90 -64.40 -23.21
C ALA B 99 21.79 -64.79 -24.39
N GLU B 100 21.19 -65.30 -25.48
CA GLU B 100 21.97 -65.66 -26.65
C GLU B 100 22.57 -64.43 -27.33
N SER B 101 21.79 -63.32 -27.39
CA SER B 101 22.28 -62.07 -27.96
C SER B 101 23.46 -61.55 -27.12
N ILE B 102 23.34 -61.61 -25.77
CA ILE B 102 24.41 -61.20 -24.86
C ILE B 102 25.69 -62.03 -25.07
N ALA B 103 25.53 -63.36 -25.22
CA ALA B 103 26.67 -64.25 -25.45
C ALA B 103 27.35 -63.92 -26.78
N ASN B 104 26.55 -63.58 -27.82
CA ASN B 104 27.09 -63.20 -29.12
C ASN B 104 27.84 -61.88 -29.06
N VAL B 105 27.32 -60.91 -28.28
CA VAL B 105 27.98 -59.61 -28.08
C VAL B 105 29.34 -59.85 -27.41
N ARG B 106 29.36 -60.62 -26.31
CA ARG B 106 30.61 -60.93 -25.61
C ARG B 106 31.61 -61.67 -26.47
N GLU B 107 31.13 -62.60 -27.32
CA GLU B 107 32.02 -63.32 -28.23
C GLU B 107 32.64 -62.36 -29.25
N ALA B 108 31.82 -61.46 -29.82
CA ALA B 108 32.31 -60.47 -30.79
C ALA B 108 33.30 -59.50 -30.15
N VAL B 109 33.00 -59.02 -28.92
CA VAL B 109 33.88 -58.10 -28.19
C VAL B 109 35.23 -58.76 -27.90
N GLU B 110 35.18 -60.00 -27.38
CA GLU B 110 36.41 -60.70 -27.01
C GLU B 110 37.25 -61.15 -28.19
N SER B 111 36.70 -61.15 -29.40
CA SER B 111 37.48 -61.50 -30.59
C SER B 111 38.60 -60.47 -30.88
N PHE B 112 38.52 -59.27 -30.28
CA PHE B 112 39.52 -58.21 -30.46
C PHE B 112 40.46 -58.08 -29.24
N ALA B 113 40.31 -58.92 -28.20
CA ALA B 113 41.12 -58.87 -26.98
C ALA B 113 42.57 -59.37 -27.15
N GLY B 114 43.15 -59.16 -28.33
CA GLY B 114 44.52 -59.58 -28.62
C GLY B 114 45.55 -58.66 -28.02
N SER B 115 45.25 -57.35 -27.97
CA SER B 115 46.12 -56.33 -27.39
C SER B 115 45.30 -55.07 -27.19
N PRO B 116 45.52 -54.33 -26.08
CA PRO B 116 44.77 -53.10 -25.85
C PRO B 116 45.03 -51.98 -26.89
N LEU B 117 46.00 -52.17 -27.78
CA LEU B 117 46.24 -51.23 -28.89
C LEU B 117 45.14 -51.38 -30.01
N SER B 118 44.32 -52.44 -29.93
CA SER B 118 43.22 -52.74 -30.83
C SER B 118 41.93 -53.16 -30.06
N TYR B 119 41.98 -53.26 -28.70
CA TYR B 119 40.81 -53.66 -27.89
C TYR B 119 39.79 -52.52 -27.80
N ARG B 120 38.49 -52.87 -27.67
CA ARG B 120 37.38 -51.93 -27.54
C ARG B 120 36.30 -52.51 -26.61
N PRO B 121 36.21 -52.07 -25.34
CA PRO B 121 35.15 -52.58 -24.45
C PRO B 121 33.74 -52.15 -24.90
N VAL B 122 32.71 -52.98 -24.61
CA VAL B 122 31.33 -52.70 -25.01
C VAL B 122 30.41 -53.00 -23.83
N ALA B 123 29.64 -52.01 -23.37
CA ALA B 123 28.72 -52.21 -22.27
C ALA B 123 27.47 -52.98 -22.69
N ILE B 124 26.82 -53.64 -21.74
CA ILE B 124 25.59 -54.36 -21.99
C ILE B 124 24.51 -53.75 -21.14
N ALA B 125 23.47 -53.25 -21.79
CA ALA B 125 22.39 -52.57 -21.10
C ALA B 125 21.07 -53.31 -21.26
N LEU B 126 20.30 -53.39 -20.19
CA LEU B 126 19.02 -54.05 -20.20
C LEU B 126 17.95 -52.99 -20.12
N ASP B 127 17.04 -52.95 -21.11
CA ASP B 127 15.95 -51.99 -21.11
C ASP B 127 14.68 -52.71 -20.67
N THR B 128 14.10 -52.32 -19.53
CA THR B 128 12.93 -52.99 -18.98
C THR B 128 11.63 -52.75 -19.74
N LYS B 129 10.67 -53.69 -19.61
CA LYS B 129 9.36 -53.58 -20.24
C LYS B 129 8.56 -52.42 -19.64
N GLY B 130 8.65 -52.24 -18.34
CA GLY B 130 7.98 -51.14 -17.67
C GLY B 130 6.80 -51.53 -16.81
N PRO B 131 6.15 -50.56 -16.11
CA PRO B 131 5.08 -50.89 -15.17
C PRO B 131 3.68 -51.14 -15.76
N GLY B 132 3.50 -50.95 -17.06
CA GLY B 132 2.16 -51.10 -17.67
C GLY B 132 1.11 -50.27 -16.97
N SER B 133 -0.14 -50.77 -16.93
CA SER B 133 -1.25 -50.04 -16.29
C SER B 133 -1.02 -49.97 -14.77
N GLY B 134 -0.13 -50.80 -14.26
CA GLY B 134 0.13 -50.82 -12.81
C GLY B 134 0.95 -49.63 -12.40
N PRO B 135 1.06 -49.32 -11.10
CA PRO B 135 1.76 -48.12 -10.68
C PRO B 135 3.17 -48.38 -10.16
N GLY B 136 3.65 -49.62 -10.26
CA GLY B 136 4.97 -49.91 -9.64
C GLY B 136 5.71 -51.04 -10.30
N LEU B 137 6.79 -51.51 -9.68
CA LEU B 137 7.62 -52.54 -10.35
C LEU B 137 6.73 -53.71 -10.76
N SER B 138 6.78 -54.05 -12.04
CA SER B 138 5.99 -55.17 -12.56
C SER B 138 6.66 -56.48 -12.16
N GLU B 139 5.88 -57.54 -11.96
CA GLU B 139 6.49 -58.84 -11.68
C GLU B 139 7.45 -59.26 -12.78
N GLN B 140 7.15 -58.91 -14.04
CA GLN B 140 8.03 -59.23 -15.15
C GLN B 140 9.34 -58.44 -15.02
N ASP B 141 9.26 -57.16 -14.60
CA ASP B 141 10.45 -56.34 -14.39
C ASP B 141 11.32 -56.93 -13.30
N VAL B 142 10.72 -57.44 -12.21
CA VAL B 142 11.50 -58.08 -11.14
C VAL B 142 12.28 -59.29 -11.67
N ARG B 143 11.65 -60.11 -12.52
CA ARG B 143 12.32 -61.27 -13.11
C ARG B 143 13.41 -60.88 -14.11
N ASP B 144 13.13 -59.85 -14.93
CA ASP B 144 14.09 -59.37 -15.94
C ASP B 144 15.28 -58.70 -15.28
N LEU B 145 15.06 -57.97 -14.20
CA LEU B 145 16.15 -57.33 -13.46
C LEU B 145 17.02 -58.39 -12.78
N ARG B 146 16.40 -59.48 -12.25
CA ARG B 146 17.14 -60.61 -11.68
C ARG B 146 18.00 -61.26 -12.77
N PHE B 147 17.45 -61.40 -13.99
CA PHE B 147 18.16 -61.95 -15.15
C PHE B 147 19.40 -61.10 -15.44
N GLY B 148 19.24 -59.77 -15.42
CA GLY B 148 20.33 -58.83 -15.69
C GLY B 148 21.49 -58.99 -14.74
N VAL B 149 21.18 -59.10 -13.45
CA VAL B 149 22.20 -59.32 -12.42
C VAL B 149 22.92 -60.65 -12.65
N GLU B 150 22.15 -61.73 -12.90
CA GLU B 150 22.71 -63.05 -13.15
C GLU B 150 23.58 -63.10 -14.39
N HIS B 151 23.23 -62.32 -15.41
CA HIS B 151 24.01 -62.28 -16.63
C HIS B 151 25.08 -61.16 -16.67
N GLY B 152 25.27 -60.45 -15.56
CA GLY B 152 26.30 -59.41 -15.44
C GLY B 152 26.15 -58.19 -16.31
N VAL B 153 24.90 -57.69 -16.47
CA VAL B 153 24.69 -56.48 -17.26
C VAL B 153 25.31 -55.27 -16.56
N ASP B 154 25.77 -54.29 -17.32
CA ASP B 154 26.42 -53.10 -16.78
C ASP B 154 25.44 -51.99 -16.45
N ILE B 155 24.36 -51.88 -17.24
CA ILE B 155 23.40 -50.78 -17.13
C ILE B 155 21.97 -51.26 -17.24
N VAL B 156 21.06 -50.57 -16.57
CA VAL B 156 19.64 -50.81 -16.69
C VAL B 156 19.01 -49.49 -17.20
N PHE B 157 18.25 -49.56 -18.30
CA PHE B 157 17.49 -48.42 -18.80
C PHE B 157 16.10 -48.72 -18.24
N ALA B 158 15.72 -48.06 -17.15
CA ALA B 158 14.43 -48.31 -16.50
C ALA B 158 13.29 -47.58 -17.16
N SER B 159 12.35 -48.31 -17.75
CA SER B 159 11.21 -47.73 -18.45
C SER B 159 10.21 -47.05 -17.56
N PHE B 160 9.59 -46.00 -18.09
CA PHE B 160 8.55 -45.20 -17.45
C PHE B 160 8.84 -44.83 -15.98
N VAL B 161 9.99 -44.22 -15.69
CA VAL B 161 10.28 -43.76 -14.34
C VAL B 161 9.47 -42.48 -14.13
N ARG B 162 8.60 -42.48 -13.11
CA ARG B 162 7.71 -41.36 -12.83
C ARG B 162 7.97 -40.61 -11.53
N LYS B 163 8.82 -41.15 -10.65
CA LYS B 163 9.14 -40.58 -9.34
C LYS B 163 10.36 -41.30 -8.74
N ALA B 164 10.95 -40.72 -7.69
CA ALA B 164 12.13 -41.28 -7.02
C ALA B 164 11.92 -42.71 -6.50
N SER B 165 10.71 -43.04 -6.01
CA SER B 165 10.46 -44.39 -5.49
C SER B 165 10.51 -45.47 -6.57
N ASP B 166 10.30 -45.10 -7.84
CA ASP B 166 10.39 -46.07 -8.93
C ASP B 166 11.83 -46.54 -9.08
N VAL B 167 12.81 -45.62 -8.96
CA VAL B 167 14.21 -46.03 -9.13
C VAL B 167 14.66 -46.81 -7.87
N ALA B 168 14.18 -46.45 -6.66
CA ALA B 168 14.48 -47.21 -5.43
C ALA B 168 13.99 -48.66 -5.59
N ALA B 169 12.80 -48.85 -6.20
CA ALA B 169 12.26 -50.18 -6.45
C ALA B 169 13.15 -50.96 -7.43
N VAL B 170 13.65 -50.31 -8.49
CA VAL B 170 14.56 -50.95 -9.46
C VAL B 170 15.86 -51.36 -8.75
N ARG B 171 16.38 -50.48 -7.90
CA ARG B 171 17.61 -50.72 -7.15
CA ARG B 171 17.61 -50.73 -7.15
C ARG B 171 17.44 -51.92 -6.21
N ALA B 172 16.29 -52.01 -5.54
CA ALA B 172 15.97 -53.11 -4.63
C ALA B 172 15.88 -54.44 -5.40
N ALA B 173 15.23 -54.44 -6.58
CA ALA B 173 15.11 -55.65 -7.41
C ALA B 173 16.45 -56.16 -7.94
N LEU B 174 17.46 -55.29 -8.04
CA LEU B 174 18.80 -55.71 -8.46
C LEU B 174 19.57 -56.46 -7.32
N GLY B 175 19.08 -56.33 -6.08
CA GLY B 175 19.62 -57.00 -4.91
C GLY B 175 21.02 -56.56 -4.50
N PRO B 176 21.63 -57.31 -3.58
CA PRO B 176 22.98 -56.94 -3.13
C PRO B 176 24.06 -57.20 -4.16
N GLU B 177 23.85 -58.17 -5.09
CA GLU B 177 24.85 -58.49 -6.12
C GLU B 177 24.86 -57.55 -7.32
N GLY B 178 23.84 -56.70 -7.45
CA GLY B 178 23.76 -55.75 -8.56
C GLY B 178 23.98 -54.30 -8.14
N HIS B 179 24.70 -54.09 -7.04
CA HIS B 179 25.00 -52.78 -6.48
C HIS B 179 25.78 -51.88 -7.45
N GLY B 180 26.61 -52.48 -8.27
CA GLY B 180 27.44 -51.72 -9.21
C GLY B 180 26.80 -51.38 -10.54
N ILE B 181 25.60 -51.92 -10.81
CA ILE B 181 24.90 -51.67 -12.07
C ILE B 181 24.39 -50.23 -12.12
N LYS B 182 24.61 -49.54 -13.25
CA LYS B 182 24.13 -48.16 -13.40
C LYS B 182 22.65 -48.13 -13.74
N ILE B 183 21.86 -47.31 -13.06
CA ILE B 183 20.45 -47.15 -13.37
C ILE B 183 20.21 -45.82 -14.13
N ILE B 184 19.83 -45.94 -15.40
CA ILE B 184 19.51 -44.79 -16.26
C ILE B 184 17.99 -44.74 -16.34
N SER B 185 17.38 -43.73 -15.71
CA SER B 185 15.92 -43.62 -15.71
C SER B 185 15.40 -43.07 -17.04
N LYS B 186 14.44 -43.78 -17.65
CA LYS B 186 13.84 -43.32 -18.89
C LYS B 186 12.67 -42.40 -18.56
N ILE B 187 12.71 -41.16 -19.10
CA ILE B 187 11.62 -40.20 -18.88
C ILE B 187 10.74 -40.30 -20.12
N GLU B 188 9.52 -40.81 -19.95
CA GLU B 188 8.61 -41.10 -21.06
C GLU B 188 7.24 -40.49 -20.95
N ASN B 189 6.96 -39.70 -19.91
CA ASN B 189 5.63 -39.11 -19.76
C ASN B 189 5.66 -37.76 -19.01
N HIS B 190 4.50 -37.11 -18.86
CA HIS B 190 4.40 -35.83 -18.20
C HIS B 190 4.88 -35.87 -16.74
N GLU B 191 4.51 -36.92 -15.99
CA GLU B 191 4.92 -37.02 -14.59
C GLU B 191 6.45 -37.13 -14.45
N GLY B 192 7.09 -37.90 -15.31
CA GLY B 192 8.54 -38.04 -15.29
C GLY B 192 9.23 -36.70 -15.54
N VAL B 193 8.67 -35.88 -16.46
CA VAL B 193 9.22 -34.56 -16.75
C VAL B 193 9.03 -33.64 -15.56
N LYS B 194 7.84 -33.63 -14.99
CA LYS B 194 7.53 -32.77 -13.84
C LYS B 194 8.29 -33.14 -12.56
N ARG B 195 8.54 -34.42 -12.35
CA ARG B 195 9.30 -34.87 -11.18
C ARG B 195 10.76 -35.18 -11.55
N PHE B 196 11.26 -34.59 -12.65
CA PHE B 196 12.62 -34.79 -13.14
C PHE B 196 13.71 -34.63 -12.08
N ASP B 197 13.69 -33.53 -11.32
CA ASP B 197 14.75 -33.28 -10.34
C ASP B 197 14.90 -34.37 -9.30
N GLU B 198 13.78 -34.87 -8.76
CA GLU B 198 13.85 -35.94 -7.77
C GLU B 198 14.29 -37.26 -8.39
N ILE B 199 13.97 -37.48 -9.67
CA ILE B 199 14.38 -38.69 -10.37
C ILE B 199 15.89 -38.65 -10.63
N LEU B 200 16.39 -37.53 -11.14
CA LEU B 200 17.81 -37.37 -11.47
C LEU B 200 18.68 -37.52 -10.21
N GLU B 201 18.22 -36.97 -9.09
CA GLU B 201 18.92 -37.03 -7.82
C GLU B 201 19.26 -38.46 -7.39
N VAL B 202 18.33 -39.40 -7.60
CA VAL B 202 18.56 -40.79 -7.21
C VAL B 202 19.01 -41.71 -8.36
N SER B 203 19.07 -41.21 -9.60
CA SER B 203 19.48 -42.03 -10.73
C SER B 203 20.95 -41.82 -11.06
N ASP B 204 21.56 -42.76 -11.78
CA ASP B 204 22.92 -42.57 -12.28
C ASP B 204 22.92 -41.68 -13.55
N GLY B 205 21.80 -41.63 -14.26
CA GLY B 205 21.64 -40.87 -15.48
C GLY B 205 20.22 -40.93 -15.99
N ILE B 206 20.00 -40.35 -17.17
CA ILE B 206 18.65 -40.22 -17.73
C ILE B 206 18.63 -40.58 -19.19
N MET B 207 17.51 -41.12 -19.66
CA MET B 207 17.30 -41.33 -21.07
C MET B 207 16.09 -40.52 -21.48
N VAL B 208 16.23 -39.67 -22.50
CA VAL B 208 15.08 -38.94 -23.05
C VAL B 208 14.45 -39.92 -24.05
N ALA B 209 13.43 -40.64 -23.59
CA ALA B 209 12.78 -41.70 -24.37
C ALA B 209 11.68 -41.05 -25.19
N ARG B 210 12.04 -40.51 -26.36
CA ARG B 210 11.15 -39.69 -27.18
C ARG B 210 9.95 -40.39 -27.83
N GLY B 211 10.01 -41.70 -28.02
CA GLY B 211 8.88 -42.46 -28.59
C GLY B 211 7.63 -42.32 -27.76
N ASP B 212 7.66 -42.80 -26.50
CA ASP B 212 6.53 -42.66 -25.60
C ASP B 212 6.30 -41.22 -25.20
N LEU B 213 7.38 -40.45 -24.97
CA LEU B 213 7.23 -39.03 -24.60
C LEU B 213 6.41 -38.25 -25.64
N GLY B 214 6.65 -38.51 -26.93
CA GLY B 214 5.93 -37.89 -28.04
C GLY B 214 4.48 -38.30 -28.22
N ILE B 215 4.05 -39.34 -27.47
CA ILE B 215 2.66 -39.82 -27.42
C ILE B 215 2.01 -39.31 -26.11
N GLU B 216 2.77 -39.28 -25.00
CA GLU B 216 2.28 -38.86 -23.69
C GLU B 216 2.10 -37.35 -23.55
N ILE B 217 2.96 -36.57 -24.22
CA ILE B 217 2.85 -35.11 -24.23
C ILE B 217 2.74 -34.66 -25.72
N PRO B 218 2.25 -33.44 -26.01
CA PRO B 218 2.18 -33.02 -27.43
C PRO B 218 3.51 -33.18 -28.15
N ALA B 219 3.51 -33.73 -29.35
CA ALA B 219 4.71 -33.98 -30.12
C ALA B 219 5.60 -32.73 -30.28
N GLU B 220 4.96 -31.56 -30.41
CA GLU B 220 5.65 -30.29 -30.60
C GLU B 220 6.33 -29.77 -29.33
N LYS B 221 6.17 -30.45 -28.18
CA LYS B 221 6.80 -30.07 -26.91
C LYS B 221 7.98 -30.98 -26.55
N VAL B 222 8.19 -32.11 -27.26
CA VAL B 222 9.27 -33.04 -26.95
C VAL B 222 10.64 -32.37 -26.96
N PHE B 223 10.91 -31.50 -27.93
CA PHE B 223 12.21 -30.82 -28.00
C PHE B 223 12.49 -29.98 -26.75
N LEU B 224 11.44 -29.42 -26.12
CA LEU B 224 11.61 -28.64 -24.88
C LEU B 224 12.02 -29.55 -23.74
N ALA B 225 11.38 -30.72 -23.62
CA ALA B 225 11.69 -31.69 -22.58
C ALA B 225 13.08 -32.22 -22.78
N GLN B 226 13.47 -32.53 -24.04
CA GLN B 226 14.81 -33.02 -24.36
C GLN B 226 15.90 -31.99 -23.97
N LYS B 227 15.76 -30.74 -24.42
CA LYS B 227 16.77 -29.72 -24.14
C LYS B 227 16.87 -29.41 -22.65
N MET B 228 15.74 -29.36 -21.96
CA MET B 228 15.72 -29.11 -20.51
C MET B 228 16.44 -30.26 -19.75
N MET B 229 16.11 -31.53 -20.07
CA MET B 229 16.69 -32.68 -19.39
C MET B 229 18.16 -32.81 -19.67
N ILE B 230 18.59 -32.56 -20.91
CA ILE B 230 20.00 -32.60 -21.24
C ILE B 230 20.76 -31.50 -20.47
N GLY B 231 20.20 -30.29 -20.44
CA GLY B 231 20.82 -29.18 -19.71
C GLY B 231 20.95 -29.48 -18.22
N ARG B 232 19.89 -30.04 -17.61
CA ARG B 232 19.95 -30.37 -16.18
C ARG B 232 20.92 -31.50 -15.88
N CYS B 233 21.05 -32.47 -16.80
CA CYS B 233 21.99 -33.56 -16.61
C CYS B 233 23.42 -33.03 -16.74
N ASN B 234 23.66 -32.14 -17.71
CA ASN B 234 24.98 -31.51 -17.89
C ASN B 234 25.35 -30.72 -16.62
N LEU B 235 24.39 -30.03 -16.02
CA LEU B 235 24.58 -29.24 -14.82
C LEU B 235 24.90 -30.17 -13.63
N ALA B 236 24.22 -31.32 -13.54
CA ALA B 236 24.45 -32.31 -12.48
C ALA B 236 25.70 -33.16 -12.71
N GLY B 237 26.27 -33.14 -13.90
CA GLY B 237 27.42 -33.97 -14.22
C GLY B 237 27.04 -35.45 -14.31
N LYS B 238 25.81 -35.74 -14.76
CA LYS B 238 25.33 -37.12 -14.91
C LYS B 238 25.00 -37.43 -16.36
N PRO B 239 25.30 -38.67 -16.83
CA PRO B 239 25.02 -38.99 -18.24
C PRO B 239 23.57 -38.88 -18.70
N VAL B 240 23.39 -38.40 -19.94
CA VAL B 240 22.07 -38.28 -20.54
C VAL B 240 22.10 -38.88 -21.94
N VAL B 241 21.12 -39.71 -22.24
CA VAL B 241 20.99 -40.38 -23.54
C VAL B 241 19.86 -39.73 -24.34
N CYS B 242 20.09 -39.45 -25.62
CA CYS B 242 18.99 -39.02 -26.49
C CYS B 242 18.57 -40.26 -27.28
N ALA B 243 17.28 -40.59 -27.26
CA ALA B 243 16.83 -41.82 -27.91
C ALA B 243 15.60 -41.66 -28.80
N THR B 244 15.45 -42.61 -29.77
CA THR B 244 14.28 -42.95 -30.59
C THR B 244 14.02 -42.08 -31.82
N GLN B 245 13.94 -42.78 -32.96
CA GLN B 245 13.68 -42.24 -34.30
C GLN B 245 14.71 -41.27 -34.80
N MET B 246 15.95 -41.34 -34.26
CA MET B 246 17.02 -40.45 -34.69
C MET B 246 17.35 -40.63 -36.17
N LEU B 247 17.40 -41.89 -36.64
CA LEU B 247 17.69 -42.20 -38.04
C LEU B 247 16.60 -43.16 -38.56
N GLU B 248 15.35 -42.98 -38.14
CA GLU B 248 14.21 -43.84 -38.43
C GLU B 248 14.11 -44.36 -39.87
N SER B 249 14.22 -43.49 -40.86
CA SER B 249 14.11 -43.89 -42.27
C SER B 249 15.16 -44.93 -42.68
N MET B 250 16.30 -45.01 -41.95
CA MET B 250 17.33 -46.00 -42.22
C MET B 250 16.91 -47.45 -41.84
N ILE B 251 15.71 -47.64 -41.28
CA ILE B 251 15.15 -48.97 -41.06
C ILE B 251 14.93 -49.63 -42.43
N THR B 252 14.55 -48.84 -43.49
CA THR B 252 14.38 -49.38 -44.84
C THR B 252 15.32 -48.75 -45.88
N LYS B 253 15.86 -47.55 -45.64
CA LYS B 253 16.71 -46.88 -46.63
C LYS B 253 18.18 -46.82 -46.25
N PRO B 254 19.09 -46.86 -47.24
CA PRO B 254 20.53 -46.81 -46.92
C PRO B 254 21.06 -45.45 -46.48
N ARG B 255 20.28 -44.38 -46.70
CA ARG B 255 20.69 -43.01 -46.34
C ARG B 255 19.56 -42.36 -45.55
N PRO B 256 19.90 -41.53 -44.54
CA PRO B 256 18.84 -40.88 -43.74
C PRO B 256 18.31 -39.59 -44.40
N THR B 257 17.23 -39.05 -43.82
CA THR B 257 16.67 -37.79 -44.30
C THR B 257 17.47 -36.59 -43.75
N ARG B 258 17.22 -35.37 -44.27
CA ARG B 258 17.88 -34.17 -43.80
C ARG B 258 17.50 -33.86 -42.35
N ALA B 259 16.28 -34.21 -41.94
CA ALA B 259 15.81 -34.00 -40.58
C ALA B 259 16.51 -34.93 -39.60
N GLU B 260 16.82 -36.16 -40.03
CA GLU B 260 17.48 -37.17 -39.20
C GLU B 260 18.93 -36.84 -38.91
N THR B 261 19.71 -36.40 -39.92
CA THR B 261 21.10 -36.01 -39.65
C THR B 261 21.14 -34.78 -38.75
N SER B 262 20.21 -33.83 -38.97
CA SER B 262 20.05 -32.65 -38.17
C SER B 262 19.73 -33.03 -36.71
N ASP B 263 18.82 -33.97 -36.49
CA ASP B 263 18.43 -34.43 -35.16
C ASP B 263 19.62 -35.00 -34.38
N VAL B 264 20.44 -35.82 -35.05
CA VAL B 264 21.61 -36.41 -34.41
C VAL B 264 22.60 -35.30 -34.05
N ALA B 265 22.86 -34.38 -34.98
CA ALA B 265 23.80 -33.30 -34.72
C ALA B 265 23.33 -32.40 -33.56
N ASN B 266 22.03 -32.08 -33.53
CA ASN B 266 21.44 -31.24 -32.51
C ASN B 266 21.40 -31.93 -31.16
N ALA B 267 21.26 -33.26 -31.10
CA ALA B 267 21.29 -33.96 -29.79
C ALA B 267 22.70 -33.81 -29.19
N VAL B 268 23.75 -33.92 -30.02
CA VAL B 268 25.12 -33.76 -29.57
C VAL B 268 25.36 -32.29 -29.17
N LEU B 269 24.89 -31.33 -29.97
CA LEU B 269 25.04 -29.91 -29.64
C LEU B 269 24.25 -29.55 -28.37
N ASP B 270 23.12 -30.20 -28.11
CA ASP B 270 22.32 -29.99 -26.89
C ASP B 270 23.14 -30.38 -25.64
N GLY B 271 24.03 -31.38 -25.78
CA GLY B 271 24.86 -31.87 -24.68
C GLY B 271 24.67 -33.32 -24.32
N ALA B 272 24.06 -34.12 -25.21
CA ALA B 272 23.83 -35.55 -24.89
C ALA B 272 25.15 -36.31 -24.77
N ASP B 273 25.29 -37.15 -23.75
CA ASP B 273 26.48 -37.99 -23.61
C ASP B 273 26.41 -39.15 -24.59
N CYS B 274 25.20 -39.73 -24.79
CA CYS B 274 24.98 -40.86 -25.69
C CYS B 274 23.85 -40.58 -26.67
N ILE B 275 23.93 -41.21 -27.84
CA ILE B 275 22.86 -41.22 -28.82
C ILE B 275 22.48 -42.71 -29.05
N MET B 276 21.22 -42.96 -29.39
CA MET B 276 20.75 -44.32 -29.50
C MET B 276 20.10 -44.65 -30.84
N LEU B 277 20.16 -45.94 -31.21
CA LEU B 277 19.52 -46.54 -32.37
C LEU B 277 18.64 -47.64 -31.84
N SER B 278 17.34 -47.63 -32.21
CA SER B 278 16.40 -48.64 -31.75
CA SER B 278 16.41 -48.66 -31.76
C SER B 278 16.05 -49.60 -32.92
N GLY B 279 14.92 -49.39 -33.62
CA GLY B 279 14.55 -50.21 -34.77
C GLY B 279 15.60 -50.21 -35.87
N GLU B 280 16.38 -49.12 -35.97
CA GLU B 280 17.44 -48.98 -36.97
C GLU B 280 18.46 -50.11 -36.84
N THR B 281 18.67 -50.65 -35.60
CA THR B 281 19.62 -51.74 -35.43
C THR B 281 18.98 -53.05 -35.08
N ALA B 282 17.88 -53.02 -34.32
CA ALA B 282 17.20 -54.23 -33.92
C ALA B 282 16.55 -54.98 -35.08
N LYS B 283 15.82 -54.27 -35.96
CA LYS B 283 15.11 -54.95 -37.03
C LYS B 283 15.29 -54.40 -38.43
N GLY B 284 16.00 -53.30 -38.58
CA GLY B 284 16.17 -52.67 -39.89
C GLY B 284 17.10 -53.37 -40.84
N ASN B 285 17.13 -52.90 -42.09
CA ASN B 285 17.95 -53.46 -43.16
C ASN B 285 19.36 -52.93 -43.21
N PHE B 286 19.66 -51.85 -42.49
CA PHE B 286 21.00 -51.26 -42.53
C PHE B 286 21.55 -50.96 -41.10
N PRO B 287 21.64 -51.97 -40.20
CA PRO B 287 22.12 -51.70 -38.84
C PRO B 287 23.54 -51.12 -38.76
N VAL B 288 24.47 -51.67 -39.54
CA VAL B 288 25.86 -51.21 -39.54
C VAL B 288 25.97 -49.79 -40.10
N GLU B 289 25.23 -49.51 -41.18
CA GLU B 289 25.24 -48.19 -41.82
C GLU B 289 24.64 -47.12 -40.89
N ALA B 290 23.65 -47.49 -40.07
CA ALA B 290 23.04 -46.60 -39.11
C ALA B 290 24.06 -46.20 -38.04
N VAL B 291 24.88 -47.16 -37.56
CA VAL B 291 25.93 -46.90 -36.57
C VAL B 291 26.99 -45.99 -37.19
N LYS B 292 27.38 -46.28 -38.45
CA LYS B 292 28.39 -45.48 -39.16
C LYS B 292 27.92 -44.03 -39.35
N MET B 293 26.63 -43.85 -39.63
CA MET B 293 26.06 -42.53 -39.85
C MET B 293 26.04 -41.73 -38.53
N GLN B 294 25.62 -42.34 -37.41
CA GLN B 294 25.67 -41.67 -36.11
C GLN B 294 27.09 -41.30 -35.73
N HIS B 295 28.05 -42.18 -36.04
CA HIS B 295 29.46 -41.91 -35.78
C HIS B 295 29.92 -40.69 -36.57
N ALA B 296 29.65 -40.66 -37.89
CA ALA B 296 30.07 -39.55 -38.75
C ALA B 296 29.46 -38.20 -38.33
N ILE B 297 28.17 -38.20 -37.97
CA ILE B 297 27.50 -36.96 -37.56
C ILE B 297 28.02 -36.48 -36.20
N ALA B 298 28.12 -37.39 -35.21
CA ALA B 298 28.61 -37.03 -33.88
C ALA B 298 30.00 -36.38 -33.91
N ARG B 299 30.94 -36.89 -34.76
CA ARG B 299 32.28 -36.25 -34.85
C ARG B 299 32.20 -34.83 -35.38
N GLU B 300 31.30 -34.61 -36.36
CA GLU B 300 31.16 -33.28 -36.92
C GLU B 300 30.56 -32.34 -35.87
N ALA B 301 29.51 -32.80 -35.16
CA ALA B 301 28.81 -31.98 -34.17
C ALA B 301 29.64 -31.68 -32.94
N GLU B 302 30.48 -32.63 -32.51
CA GLU B 302 31.36 -32.42 -31.34
C GLU B 302 32.34 -31.31 -31.60
N ALA B 303 32.88 -31.23 -32.82
CA ALA B 303 33.80 -30.17 -33.18
C ALA B 303 33.10 -28.79 -33.22
N ALA B 304 31.80 -28.77 -33.54
CA ALA B 304 30.99 -27.56 -33.65
C ALA B 304 30.47 -27.05 -32.28
N VAL B 305 30.72 -27.78 -31.17
CA VAL B 305 30.30 -27.34 -29.85
C VAL B 305 31.06 -26.02 -29.51
N TYR B 306 30.36 -25.02 -28.98
CA TYR B 306 30.96 -23.74 -28.64
C TYR B 306 31.53 -23.85 -27.22
N HIS B 307 32.70 -24.47 -27.09
CA HIS B 307 33.37 -24.73 -25.81
C HIS B 307 33.61 -23.51 -24.95
N ARG B 308 33.94 -22.37 -25.57
CA ARG B 308 34.20 -21.13 -24.83
C ARG B 308 33.03 -20.74 -23.93
N GLN B 309 31.79 -20.75 -24.46
CA GLN B 309 30.63 -20.42 -23.64
C GLN B 309 30.27 -21.60 -22.74
N LEU B 310 30.31 -22.82 -23.28
CA LEU B 310 29.97 -24.01 -22.50
C LEU B 310 30.82 -24.16 -21.22
N PHE B 311 32.15 -24.08 -21.34
CA PHE B 311 33.05 -24.22 -20.19
C PHE B 311 32.83 -23.09 -19.18
N GLU B 312 32.68 -21.86 -19.67
CA GLU B 312 32.40 -20.69 -18.83
C GLU B 312 31.10 -20.88 -18.04
N GLU B 313 30.04 -21.37 -18.71
CA GLU B 313 28.76 -21.58 -18.06
C GLU B 313 28.77 -22.75 -17.10
N LEU B 314 29.51 -23.83 -17.42
CA LEU B 314 29.64 -24.98 -16.53
C LEU B 314 30.39 -24.54 -15.27
N ARG B 315 31.41 -23.66 -15.36
CA ARG B 315 32.15 -23.11 -14.21
C ARG B 315 31.25 -22.20 -13.36
N ARG B 316 30.56 -21.25 -13.99
CA ARG B 316 29.71 -20.29 -13.30
C ARG B 316 28.58 -21.01 -12.56
N ALA B 317 28.02 -22.08 -13.14
CA ALA B 317 26.91 -22.79 -12.52
C ALA B 317 27.31 -23.85 -11.53
N ALA B 318 28.49 -24.47 -11.70
CA ALA B 318 28.92 -25.52 -10.78
C ALA B 318 29.27 -24.88 -9.44
N PRO B 319 28.70 -25.41 -8.35
CA PRO B 319 29.00 -24.83 -7.04
C PRO B 319 30.45 -25.05 -6.62
N LEU B 320 30.93 -24.29 -5.63
CA LEU B 320 32.26 -24.49 -5.08
C LEU B 320 32.35 -25.91 -4.50
N SER B 321 33.54 -26.49 -4.56
CA SER B 321 33.69 -27.85 -4.07
C SER B 321 34.92 -28.01 -3.24
N ARG B 322 34.78 -28.78 -2.17
CA ARG B 322 35.93 -29.12 -1.34
C ARG B 322 36.38 -30.58 -1.60
N ASP B 323 35.85 -31.24 -2.65
CA ASP B 323 36.23 -32.60 -3.00
C ASP B 323 37.45 -32.50 -3.89
N PRO B 324 38.58 -33.09 -3.48
CA PRO B 324 39.80 -32.96 -4.28
C PRO B 324 39.71 -33.56 -5.70
N THR B 325 38.88 -34.57 -5.93
CA THR B 325 38.71 -35.15 -7.26
C THR B 325 38.07 -34.10 -8.18
N GLU B 326 37.04 -33.41 -7.68
CA GLU B 326 36.33 -32.36 -8.39
C GLU B 326 37.24 -31.15 -8.64
N VAL B 327 38.02 -30.74 -7.63
CA VAL B 327 38.97 -29.63 -7.77
C VAL B 327 40.06 -29.95 -8.80
N THR B 328 40.59 -31.19 -8.78
CA THR B 328 41.63 -31.60 -9.72
C THR B 328 41.06 -31.65 -11.14
N ALA B 329 39.84 -32.16 -11.29
CA ALA B 329 39.20 -32.27 -12.60
C ALA B 329 39.05 -30.92 -13.30
N ILE B 330 38.61 -29.88 -12.59
CA ILE B 330 38.45 -28.57 -13.23
C ILE B 330 39.81 -27.97 -13.57
N GLY B 331 40.81 -28.18 -12.71
CA GLY B 331 42.17 -27.70 -12.97
C GLY B 331 42.76 -28.39 -14.18
N ALA B 332 42.53 -29.70 -14.33
CA ALA B 332 43.02 -30.49 -15.47
C ALA B 332 42.35 -30.07 -16.80
N VAL B 333 41.04 -29.80 -16.78
CA VAL B 333 40.31 -29.37 -17.97
C VAL B 333 40.78 -27.97 -18.37
N GLU B 334 40.98 -27.08 -17.40
CA GLU B 334 41.48 -25.73 -17.67
CA GLU B 334 41.48 -25.73 -17.67
C GLU B 334 42.88 -25.81 -18.29
N ALA B 335 43.75 -26.67 -17.74
CA ALA B 335 45.11 -26.86 -18.25
C ALA B 335 45.08 -27.45 -19.67
N ALA B 336 44.21 -28.42 -19.92
CA ALA B 336 44.09 -29.01 -21.25
C ALA B 336 43.68 -27.97 -22.32
N PHE B 337 42.74 -27.06 -21.99
CA PHE B 337 42.32 -26.03 -22.92
C PHE B 337 43.45 -25.04 -23.19
N LYS B 338 44.25 -24.70 -22.15
CA LYS B 338 45.35 -23.74 -22.25
C LYS B 338 46.41 -24.16 -23.26
N CYS B 339 46.72 -25.46 -23.34
CA CYS B 339 47.76 -25.96 -24.24
C CYS B 339 47.26 -26.76 -25.42
N CYS B 340 45.93 -26.87 -25.60
CA CYS B 340 45.33 -27.68 -26.68
C CYS B 340 45.81 -29.13 -26.53
N ALA B 341 45.80 -29.65 -25.29
CA ALA B 341 46.26 -30.99 -24.98
C ALA B 341 45.54 -32.02 -25.82
N ALA B 342 46.30 -32.99 -26.32
CA ALA B 342 45.73 -34.04 -27.15
C ALA B 342 44.84 -34.96 -26.30
N ALA B 343 45.19 -35.16 -25.01
CA ALA B 343 44.43 -36.03 -24.13
C ALA B 343 44.64 -35.68 -22.64
N ILE B 344 43.72 -36.16 -21.80
CA ILE B 344 43.80 -36.14 -20.36
C ILE B 344 43.80 -37.62 -19.99
N ILE B 345 44.91 -38.14 -19.46
CA ILE B 345 44.98 -39.55 -19.07
C ILE B 345 44.65 -39.61 -17.59
N VAL B 346 43.65 -40.39 -17.21
CA VAL B 346 43.23 -40.48 -15.82
C VAL B 346 43.19 -41.93 -15.37
N LEU B 347 43.64 -42.18 -14.14
CA LEU B 347 43.60 -43.50 -13.53
C LEU B 347 42.32 -43.50 -12.73
N THR B 348 41.53 -44.57 -12.87
CA THR B 348 40.26 -44.64 -12.18
C THR B 348 39.90 -46.08 -11.82
N THR B 349 39.16 -46.24 -10.74
CA THR B 349 38.75 -47.55 -10.28
C THR B 349 37.28 -47.78 -10.56
N THR B 350 36.43 -46.81 -10.18
CA THR B 350 34.99 -46.87 -10.42
C THR B 350 34.54 -46.09 -11.68
N GLY B 351 35.43 -45.29 -12.25
CA GLY B 351 35.10 -44.42 -13.37
C GLY B 351 34.82 -42.99 -12.93
N ARG B 352 34.65 -42.73 -11.62
CA ARG B 352 34.30 -41.42 -11.09
C ARG B 352 35.25 -40.28 -11.46
N SER B 353 36.58 -40.49 -11.40
CA SER B 353 37.52 -39.42 -11.76
C SER B 353 37.39 -39.04 -13.25
N ALA B 354 37.07 -40.01 -14.11
CA ALA B 354 36.88 -39.74 -15.54
C ALA B 354 35.55 -38.98 -15.75
N GLN B 355 34.51 -39.35 -15.01
CA GLN B 355 33.20 -38.70 -15.08
C GLN B 355 33.30 -37.22 -14.66
N LEU B 356 34.09 -36.92 -13.61
CA LEU B 356 34.26 -35.54 -13.18
C LEU B 356 35.05 -34.69 -14.19
N LEU B 357 35.91 -35.31 -14.99
CA LEU B 357 36.61 -34.60 -16.05
C LEU B 357 35.60 -34.34 -17.21
N SER B 358 34.84 -35.37 -17.57
CA SER B 358 33.83 -35.36 -18.62
C SER B 358 32.74 -34.27 -18.40
N ARG B 359 32.34 -34.00 -17.16
CA ARG B 359 31.31 -33.01 -16.86
C ARG B 359 31.71 -31.58 -17.29
N TYR B 360 33.02 -31.29 -17.40
CA TYR B 360 33.49 -29.98 -17.85
C TYR B 360 33.66 -29.89 -19.36
N ARG B 361 33.29 -30.97 -20.10
CA ARG B 361 33.32 -31.06 -21.53
C ARG B 361 34.64 -30.61 -22.15
N PRO B 362 35.78 -31.24 -21.78
CA PRO B 362 37.04 -30.87 -22.43
C PRO B 362 37.01 -31.28 -23.90
N ARG B 363 37.75 -30.55 -24.72
CA ARG B 363 37.93 -30.93 -26.11
C ARG B 363 38.93 -32.13 -26.15
N ALA B 364 39.92 -32.17 -25.22
CA ALA B 364 40.91 -33.25 -25.10
C ALA B 364 40.21 -34.54 -24.74
N ALA B 365 40.61 -35.65 -25.38
CA ALA B 365 40.04 -36.97 -25.07
C ALA B 365 40.39 -37.37 -23.64
N VAL B 366 39.45 -37.95 -22.90
CA VAL B 366 39.73 -38.41 -21.55
C VAL B 366 40.02 -39.90 -21.65
N ILE B 367 41.30 -40.27 -21.61
CA ILE B 367 41.71 -41.67 -21.68
C ILE B 367 41.70 -42.24 -20.27
N ALA B 368 40.73 -43.10 -19.96
CA ALA B 368 40.58 -43.64 -18.62
C ALA B 368 41.19 -45.04 -18.50
N VAL B 369 42.30 -45.16 -17.74
CA VAL B 369 43.00 -46.42 -17.51
C VAL B 369 42.47 -47.05 -16.24
N THR B 370 41.84 -48.23 -16.36
CA THR B 370 41.24 -48.92 -15.22
C THR B 370 41.51 -50.44 -15.26
N ARG B 371 41.54 -51.08 -14.08
CA ARG B 371 41.65 -52.54 -13.98
C ARG B 371 40.24 -53.17 -13.94
N SER B 372 39.19 -52.38 -13.63
CA SER B 372 37.84 -52.88 -13.56
C SER B 372 37.23 -53.00 -14.97
N ALA B 373 36.94 -54.23 -15.41
CA ALA B 373 36.31 -54.46 -16.71
C ALA B 373 34.93 -53.80 -16.76
N GLN B 374 34.19 -53.86 -15.65
CA GLN B 374 32.88 -53.25 -15.57
C GLN B 374 32.95 -51.72 -15.68
N ALA B 375 33.89 -51.06 -14.95
CA ALA B 375 34.04 -49.61 -15.03
C ALA B 375 34.43 -49.20 -16.45
N ALA B 376 35.29 -49.98 -17.12
CA ALA B 376 35.69 -49.70 -18.49
C ALA B 376 34.46 -49.71 -19.45
N ARG B 377 33.50 -50.61 -19.21
CA ARG B 377 32.30 -50.68 -20.02
C ARG B 377 31.34 -49.53 -19.64
N GLN B 378 31.13 -49.28 -18.34
CA GLN B 378 30.22 -48.25 -17.89
C GLN B 378 30.64 -46.80 -18.20
N VAL B 379 31.96 -46.50 -18.31
CA VAL B 379 32.38 -45.13 -18.59
C VAL B 379 31.98 -44.66 -19.99
N HIS B 380 31.51 -45.56 -20.86
CA HIS B 380 30.99 -45.18 -22.17
C HIS B 380 29.76 -44.27 -22.01
N LEU B 381 29.08 -44.28 -20.84
CA LEU B 381 27.96 -43.39 -20.59
C LEU B 381 28.39 -41.91 -20.53
N CYS B 382 29.68 -41.62 -20.30
CA CYS B 382 30.20 -40.25 -20.13
C CYS B 382 30.88 -39.79 -21.36
N ARG B 383 30.39 -38.64 -21.92
CA ARG B 383 30.98 -38.12 -23.14
C ARG B 383 32.48 -37.88 -23.07
N GLY B 384 33.18 -38.34 -24.08
CA GLY B 384 34.61 -38.09 -24.22
C GLY B 384 35.51 -38.95 -23.37
N VAL B 385 34.97 -40.01 -22.76
CA VAL B 385 35.78 -40.96 -21.99
C VAL B 385 36.08 -42.19 -22.84
N PHE B 386 37.35 -42.47 -23.08
CA PHE B 386 37.87 -43.59 -23.85
C PHE B 386 38.50 -44.60 -22.88
N PRO B 387 37.78 -45.69 -22.58
CA PRO B 387 38.28 -46.66 -21.59
C PRO B 387 39.38 -47.59 -22.08
N LEU B 388 40.40 -47.78 -21.24
CA LEU B 388 41.48 -48.72 -21.52
C LEU B 388 41.51 -49.71 -20.36
N LEU B 389 41.32 -51.00 -20.65
CA LEU B 389 41.35 -52.01 -19.63
C LEU B 389 42.78 -52.50 -19.42
N TYR B 390 43.33 -52.25 -18.23
CA TYR B 390 44.68 -52.64 -17.85
C TYR B 390 44.62 -54.02 -17.22
N ARG B 391 45.40 -54.97 -17.77
CA ARG B 391 45.33 -56.35 -17.31
C ARG B 391 46.56 -56.83 -16.51
N GLU B 392 47.62 -56.03 -16.43
CA GLU B 392 48.83 -56.45 -15.72
C GLU B 392 48.66 -56.56 -14.22
N PRO B 393 49.33 -57.57 -13.60
CA PRO B 393 49.27 -57.67 -12.13
C PRO B 393 50.04 -56.50 -11.47
N PRO B 394 49.61 -56.09 -10.27
CA PRO B 394 50.26 -54.95 -9.62
C PRO B 394 51.75 -55.08 -9.35
N GLU B 395 52.49 -53.99 -9.54
CA GLU B 395 53.91 -53.88 -9.23
C GLU B 395 54.06 -53.88 -7.70
N ALA B 396 55.25 -54.26 -7.19
CA ALA B 396 55.52 -54.27 -5.76
C ALA B 396 55.48 -52.85 -5.18
N ILE B 397 56.06 -51.90 -5.92
CA ILE B 397 56.04 -50.50 -5.51
C ILE B 397 54.82 -49.82 -6.16
N TRP B 398 53.88 -49.32 -5.36
CA TRP B 398 52.65 -48.67 -5.85
C TRP B 398 52.92 -47.54 -6.85
N ALA B 399 53.91 -46.66 -6.57
CA ALA B 399 54.27 -45.58 -7.49
C ALA B 399 54.69 -46.10 -8.87
N ASP B 400 55.32 -47.28 -8.93
CA ASP B 400 55.71 -47.88 -10.21
C ASP B 400 54.49 -48.43 -10.94
N ASP B 401 53.54 -49.00 -10.18
CA ASP B 401 52.30 -49.54 -10.73
C ASP B 401 51.43 -48.41 -11.35
N VAL B 402 51.49 -47.19 -10.76
CA VAL B 402 50.81 -46.00 -11.23
C VAL B 402 51.46 -45.58 -12.54
N ASP B 403 52.81 -45.46 -12.54
CA ASP B 403 53.59 -45.07 -13.72
C ASP B 403 53.40 -46.01 -14.88
N ARG B 404 53.31 -47.31 -14.63
CA ARG B 404 53.10 -48.28 -15.70
C ARG B 404 51.74 -48.08 -16.34
N ARG B 405 50.72 -47.78 -15.54
CA ARG B 405 49.37 -47.53 -16.03
C ARG B 405 49.32 -46.24 -16.86
N VAL B 406 50.06 -45.19 -16.47
CA VAL B 406 50.12 -43.93 -17.22
C VAL B 406 50.82 -44.20 -18.56
N GLN B 407 51.94 -44.95 -18.54
CA GLN B 407 52.69 -45.31 -19.74
C GLN B 407 51.86 -46.17 -20.68
N PHE B 408 51.00 -47.03 -20.13
CA PHE B 408 50.08 -47.86 -20.90
C PHE B 408 49.11 -46.99 -21.72
N GLY B 409 48.67 -45.88 -21.14
CA GLY B 409 47.78 -44.93 -21.81
C GLY B 409 48.52 -44.06 -22.81
N ILE B 410 49.79 -43.75 -22.53
CA ILE B 410 50.60 -42.93 -23.43
C ILE B 410 51.01 -43.71 -24.67
N GLU B 411 51.32 -45.01 -24.51
CA GLU B 411 51.72 -45.85 -25.63
C GLU B 411 50.54 -46.21 -26.49
N SER B 412 49.38 -46.49 -25.86
CA SER B 412 48.17 -46.78 -26.61
C SER B 412 47.76 -45.54 -27.42
N GLY B 413 47.82 -44.37 -26.79
CA GLY B 413 47.50 -43.11 -27.45
C GLY B 413 48.46 -42.76 -28.57
N LYS B 414 49.77 -42.97 -28.36
CA LYS B 414 50.81 -42.69 -29.36
C LYS B 414 50.62 -43.55 -30.60
N LEU B 415 50.36 -44.84 -30.39
CA LEU B 415 50.20 -45.78 -31.49
C LEU B 415 48.75 -45.94 -31.97
N ARG B 416 47.79 -45.18 -31.42
CA ARG B 416 46.40 -45.26 -31.85
C ARG B 416 45.87 -43.87 -32.33
N GLY B 417 46.77 -43.03 -32.84
CA GLY B 417 46.42 -41.72 -33.38
C GLY B 417 46.32 -40.57 -32.38
N PHE B 418 45.63 -40.80 -31.23
CA PHE B 418 45.39 -39.82 -30.17
C PHE B 418 46.57 -38.89 -29.88
N LEU B 419 47.76 -39.46 -29.72
CA LEU B 419 48.95 -38.71 -29.36
C LEU B 419 50.09 -38.87 -30.36
N ARG B 420 50.90 -37.84 -30.44
CA ARG B 420 52.08 -37.81 -31.28
C ARG B 420 53.23 -37.14 -30.50
N VAL B 421 54.46 -37.35 -30.95
CA VAL B 421 55.63 -36.75 -30.31
C VAL B 421 55.53 -35.24 -30.35
N GLY B 422 55.75 -34.59 -29.22
CA GLY B 422 55.61 -33.14 -29.13
C GLY B 422 54.28 -32.71 -28.53
N ASP B 423 53.27 -33.61 -28.50
CA ASP B 423 51.98 -33.29 -27.90
C ASP B 423 52.11 -33.10 -26.39
N LEU B 424 51.18 -32.36 -25.81
CA LEU B 424 51.10 -32.22 -24.37
C LEU B 424 49.90 -33.03 -23.92
N VAL B 425 50.05 -33.73 -22.80
CA VAL B 425 48.97 -34.49 -22.20
C VAL B 425 48.88 -34.08 -20.72
N ILE B 426 47.68 -34.17 -20.18
CA ILE B 426 47.44 -33.87 -18.77
C ILE B 426 47.24 -35.22 -18.13
N VAL B 427 47.91 -35.50 -17.00
CA VAL B 427 47.79 -36.79 -16.34
C VAL B 427 47.17 -36.58 -14.97
N VAL B 428 46.10 -37.30 -14.68
CA VAL B 428 45.37 -37.17 -13.44
C VAL B 428 45.46 -38.47 -12.65
N THR B 429 46.06 -38.38 -11.44
CA THR B 429 46.30 -39.52 -10.53
C THR B 429 45.96 -39.10 -9.07
N GLY B 430 46.08 -40.05 -8.14
CA GLY B 430 45.87 -39.80 -6.73
C GLY B 430 47.14 -39.99 -5.92
N TRP B 431 47.06 -39.70 -4.62
CA TRP B 431 48.23 -39.79 -3.74
C TRP B 431 48.37 -41.15 -3.00
N ARG B 432 47.31 -41.97 -3.00
CA ARG B 432 47.32 -43.28 -2.36
C ARG B 432 46.39 -44.26 -3.11
N PRO B 433 46.55 -45.59 -2.93
CA PRO B 433 45.67 -46.53 -3.64
C PRO B 433 44.22 -46.45 -3.19
N GLY B 434 43.33 -46.99 -3.99
CA GLY B 434 41.91 -47.00 -3.67
C GLY B 434 41.13 -45.85 -4.27
N SER B 435 39.81 -46.04 -4.37
CA SER B 435 38.85 -45.09 -4.92
C SER B 435 38.65 -43.85 -4.00
N GLY B 436 38.53 -42.67 -4.62
CA GLY B 436 38.27 -41.43 -3.89
C GLY B 436 39.46 -40.54 -3.55
N TYR B 437 40.68 -40.87 -4.03
CA TYR B 437 41.86 -40.07 -3.64
C TYR B 437 42.53 -39.32 -4.77
N THR B 438 41.85 -39.10 -5.90
CA THR B 438 42.45 -38.33 -7.00
C THR B 438 42.67 -36.90 -6.53
N ASN B 439 43.87 -36.39 -6.71
CA ASN B 439 44.23 -35.04 -6.26
C ASN B 439 45.43 -34.46 -7.00
N ILE B 440 45.93 -35.13 -8.06
CA ILE B 440 47.12 -34.66 -8.75
C ILE B 440 46.89 -34.48 -10.25
N MET B 441 47.43 -33.41 -10.79
CA MET B 441 47.38 -33.14 -12.21
CA MET B 441 47.37 -33.07 -12.19
C MET B 441 48.81 -32.80 -12.65
N ARG B 442 49.27 -33.45 -13.72
CA ARG B 442 50.63 -33.26 -14.24
C ARG B 442 50.61 -32.92 -15.72
N VAL B 443 51.50 -32.04 -16.17
CA VAL B 443 51.60 -31.67 -17.57
C VAL B 443 52.81 -32.43 -18.14
N LEU B 444 52.56 -33.34 -19.10
CA LEU B 444 53.62 -34.15 -19.70
CA LEU B 444 53.61 -34.17 -19.69
C LEU B 444 53.79 -33.95 -21.20
N SER B 445 55.04 -33.88 -21.66
CA SER B 445 55.34 -33.72 -23.07
C SER B 445 55.59 -35.11 -23.64
N ILE B 446 54.92 -35.46 -24.74
CA ILE B 446 55.08 -36.78 -25.36
C ILE B 446 56.41 -36.92 -26.11
N SER B 447 57.21 -37.91 -25.74
CA SER B 447 58.52 -38.13 -26.38
C SER B 447 58.53 -39.38 -27.26
N GLU C 21 30.99 10.17 -44.84
CA GLU C 21 31.62 9.47 -43.72
C GLU C 21 32.08 10.45 -42.62
N LEU C 22 32.34 9.92 -41.41
CA LEU C 22 32.83 10.76 -40.32
C LEU C 22 34.37 10.93 -40.33
N GLY C 23 35.08 9.96 -40.91
CA GLY C 23 36.53 10.00 -41.02
C GLY C 23 37.25 9.24 -39.93
N THR C 24 38.51 8.84 -40.21
CA THR C 24 39.33 8.12 -39.24
C THR C 24 39.72 9.02 -38.06
N ALA C 25 39.88 10.35 -38.30
CA ALA C 25 40.24 11.30 -37.26
C ALA C 25 39.15 11.37 -36.20
N PHE C 26 37.87 11.28 -36.61
CA PHE C 26 36.74 11.30 -35.68
C PHE C 26 36.82 10.10 -34.72
N PHE C 27 37.14 8.92 -35.26
CA PHE C 27 37.21 7.70 -34.49
C PHE C 27 38.51 7.54 -33.65
N GLN C 28 39.43 8.51 -33.73
CA GLN C 28 40.64 8.49 -32.91
C GLN C 28 40.44 9.36 -31.63
N GLN C 29 39.56 10.38 -31.70
CA GLN C 29 39.24 11.28 -30.59
C GLN C 29 38.31 10.61 -29.57
N GLN C 30 38.08 11.32 -28.43
CA GLN C 30 37.20 10.98 -27.31
C GLN C 30 37.26 9.50 -26.87
N GLN C 31 38.48 8.94 -26.86
CA GLN C 31 38.75 7.54 -26.49
C GLN C 31 37.87 6.53 -27.21
N LEU C 32 37.51 6.81 -28.48
CA LEU C 32 36.67 5.91 -29.25
C LEU C 32 37.33 4.53 -29.50
N PRO C 33 38.65 4.40 -29.75
CA PRO C 33 39.25 3.04 -29.85
C PRO C 33 39.05 2.26 -28.54
N ALA C 34 39.22 2.90 -27.36
CA ALA C 34 38.99 2.25 -26.05
C ALA C 34 37.50 1.93 -25.82
N ALA C 35 36.60 2.74 -26.42
CA ALA C 35 35.15 2.53 -26.31
C ALA C 35 34.69 1.30 -27.09
N MET C 36 35.37 0.96 -28.20
CA MET C 36 35.00 -0.20 -29.01
C MET C 36 35.51 -1.54 -28.42
N ALA C 37 36.35 -1.50 -27.39
CA ALA C 37 36.93 -2.72 -26.82
C ALA C 37 35.91 -3.74 -26.35
N ASP C 38 36.24 -5.03 -26.48
CA ASP C 38 35.34 -6.12 -26.12
C ASP C 38 35.41 -6.51 -24.64
N THR C 39 36.46 -6.08 -23.91
CA THR C 39 36.59 -6.31 -22.48
C THR C 39 37.03 -5.02 -21.78
N PHE C 40 36.78 -4.94 -20.47
CA PHE C 40 37.21 -3.79 -19.68
C PHE C 40 38.74 -3.68 -19.67
N LEU C 41 39.42 -4.82 -19.58
CA LEU C 41 40.88 -4.87 -19.60
C LEU C 41 41.43 -4.30 -20.92
N GLU C 42 40.85 -4.71 -22.07
CA GLU C 42 41.24 -4.19 -23.38
CA GLU C 42 41.28 -4.18 -23.37
C GLU C 42 40.94 -2.69 -23.48
N HIS C 43 39.82 -2.25 -22.87
CA HIS C 43 39.40 -0.86 -22.83
C HIS C 43 40.48 -0.03 -22.14
N LEU C 44 40.97 -0.51 -20.97
CA LEU C 44 42.03 0.20 -20.23
C LEU C 44 43.30 0.28 -21.08
N CYS C 45 43.69 -0.87 -21.70
CA CYS C 45 44.89 -0.96 -22.55
C CYS C 45 44.84 -0.01 -23.74
N LEU C 46 43.64 0.34 -24.22
CA LEU C 46 43.47 1.23 -25.36
C LEU C 46 43.33 2.70 -25.03
N LEU C 47 43.33 3.08 -23.73
CA LEU C 47 43.23 4.48 -23.33
C LEU C 47 44.46 5.23 -23.87
N ASP C 48 44.24 6.36 -24.50
CA ASP C 48 45.28 7.10 -25.18
C ASP C 48 45.34 8.55 -24.72
N ILE C 49 46.49 8.99 -24.18
CA ILE C 49 46.68 10.37 -23.76
C ILE C 49 46.60 11.37 -24.93
N ASP C 50 46.80 10.90 -26.17
CA ASP C 50 46.70 11.76 -27.36
C ASP C 50 45.29 11.81 -27.93
N SER C 51 44.35 11.01 -27.41
CA SER C 51 42.98 11.01 -27.88
C SER C 51 42.26 12.15 -27.14
N GLU C 52 42.00 13.25 -27.84
CA GLU C 52 41.44 14.43 -27.22
C GLU C 52 39.93 14.40 -27.01
N PRO C 53 39.47 14.90 -25.84
CA PRO C 53 38.03 14.93 -25.60
C PRO C 53 37.33 15.96 -26.51
N VAL C 54 36.18 15.58 -27.08
CA VAL C 54 35.45 16.48 -27.97
C VAL C 54 34.15 16.92 -27.34
N ALA C 55 33.45 16.00 -26.66
CA ALA C 55 32.17 16.30 -26.03
C ALA C 55 32.29 17.36 -24.93
N ALA C 56 31.19 18.08 -24.70
CA ALA C 56 31.12 19.06 -23.63
C ALA C 56 31.18 18.29 -22.27
N ARG C 57 31.76 18.95 -21.26
CA ARG C 57 31.91 18.36 -19.93
C ARG C 57 30.53 18.12 -19.30
N SER C 58 30.26 16.88 -18.96
CA SER C 58 28.96 16.46 -18.52
C SER C 58 28.78 16.40 -17.00
N THR C 59 29.86 16.29 -16.23
CA THR C 59 29.79 16.22 -14.76
C THR C 59 29.78 17.62 -14.19
N SER C 60 28.69 18.02 -13.53
CA SER C 60 28.61 19.35 -12.96
C SER C 60 29.58 19.58 -11.82
N ILE C 61 30.04 20.81 -11.72
CA ILE C 61 30.95 21.23 -10.69
C ILE C 61 30.19 22.08 -9.70
N ILE C 62 30.27 21.69 -8.41
CA ILE C 62 29.68 22.45 -7.32
C ILE C 62 30.82 23.20 -6.65
N ALA C 63 30.71 24.53 -6.55
CA ALA C 63 31.75 25.30 -5.89
C ALA C 63 31.16 25.95 -4.63
N THR C 64 31.87 25.85 -3.51
CA THR C 64 31.44 26.47 -2.26
C THR C 64 31.77 27.98 -2.28
N ILE C 65 30.77 28.81 -2.10
CA ILE C 65 30.95 30.26 -2.12
C ILE C 65 31.26 30.76 -0.71
N GLY C 66 32.44 31.39 -0.58
CA GLY C 66 32.92 31.97 0.67
C GLY C 66 33.71 33.24 0.42
N PRO C 67 34.55 33.63 1.38
CA PRO C 67 35.35 34.86 1.21
C PRO C 67 36.17 34.93 -0.08
N ALA C 68 36.77 33.80 -0.52
CA ALA C 68 37.62 33.80 -1.71
C ALA C 68 36.88 33.79 -3.03
N SER C 69 35.55 33.63 -3.02
CA SER C 69 34.80 33.50 -4.27
C SER C 69 33.48 34.23 -4.29
N ARG C 70 33.32 35.20 -3.40
CA ARG C 70 32.09 35.94 -3.18
C ARG C 70 31.79 37.11 -4.09
N SER C 71 32.82 37.81 -4.56
CA SER C 71 32.63 38.99 -5.39
C SER C 71 32.06 38.64 -6.74
N VAL C 72 31.27 39.57 -7.31
CA VAL C 72 30.63 39.42 -8.60
C VAL C 72 31.67 39.15 -9.68
N GLU C 73 32.81 39.87 -9.63
CA GLU C 73 33.87 39.66 -10.63
C GLU C 73 34.49 38.27 -10.55
N ARG C 74 34.73 37.78 -9.34
CA ARG C 74 35.29 36.46 -9.11
C ARG C 74 34.28 35.39 -9.55
N LEU C 75 32.98 35.57 -9.20
CA LEU C 75 31.91 34.67 -9.59
C LEU C 75 31.75 34.57 -11.11
N LYS C 76 31.96 35.68 -11.85
CA LYS C 76 31.91 35.67 -13.31
C LYS C 76 33.02 34.79 -13.87
N GLU C 77 34.21 34.86 -13.28
CA GLU C 77 35.33 34.02 -13.71
C GLU C 77 35.06 32.54 -13.38
N MET C 78 34.41 32.27 -12.24
CA MET C 78 34.07 30.90 -11.83
CA MET C 78 34.08 30.90 -11.84
C MET C 78 33.03 30.30 -12.74
N ILE C 79 32.06 31.12 -13.22
CA ILE C 79 31.03 30.65 -14.13
C ILE C 79 31.71 30.30 -15.46
N LYS C 80 32.63 31.16 -15.95
CA LYS C 80 33.37 30.93 -17.19
C LYS C 80 34.29 29.69 -17.09
N ALA C 81 34.83 29.45 -15.91
CA ALA C 81 35.67 28.28 -15.67
C ALA C 81 34.86 26.95 -15.63
N GLY C 82 33.56 27.03 -15.35
CA GLY C 82 32.73 25.84 -15.34
C GLY C 82 31.83 25.57 -14.15
N MET C 83 31.77 26.47 -13.16
CA MET C 83 30.89 26.27 -12.00
C MET C 83 29.41 26.18 -12.45
N ASN C 84 28.71 25.10 -12.02
CA ASN C 84 27.29 24.92 -12.38
C ASN C 84 26.35 25.10 -11.19
N ILE C 85 26.85 24.81 -9.98
CA ILE C 85 26.11 24.90 -8.75
C ILE C 85 26.92 25.65 -7.73
N ALA C 86 26.29 26.64 -7.09
CA ALA C 86 26.95 27.43 -6.04
C ALA C 86 26.46 26.87 -4.71
N ARG C 87 27.37 26.40 -3.88
CA ARG C 87 27.03 25.85 -2.57
C ARG C 87 27.25 26.90 -1.46
N LEU C 88 26.22 27.11 -0.63
CA LEU C 88 26.32 28.02 0.51
C LEU C 88 26.26 27.18 1.79
N ASN C 89 27.43 27.10 2.51
CA ASN C 89 27.60 26.29 3.69
C ASN C 89 27.09 27.00 4.93
N PHE C 90 25.91 26.61 5.40
CA PHE C 90 25.30 27.25 6.57
C PHE C 90 25.94 26.80 7.90
N SER C 91 27.06 26.06 7.86
CA SER C 91 27.85 25.78 9.03
C SER C 91 28.67 27.06 9.41
N HIS C 92 28.88 27.97 8.45
CA HIS C 92 29.64 29.20 8.60
C HIS C 92 28.82 30.40 8.10
N GLY C 93 29.35 31.61 8.28
CA GLY C 93 28.68 32.83 7.86
C GLY C 93 27.40 33.10 8.62
N SER C 94 26.49 33.83 8.01
CA SER C 94 25.20 34.20 8.60
C SER C 94 24.14 34.31 7.49
N HIS C 95 22.85 34.53 7.84
CA HIS C 95 21.81 34.71 6.84
C HIS C 95 22.11 35.93 5.96
N GLU C 96 22.57 37.03 6.56
CA GLU C 96 22.92 38.25 5.83
C GLU C 96 24.08 38.01 4.87
N TYR C 97 25.13 37.32 5.35
CA TYR C 97 26.31 37.03 4.57
C TYR C 97 25.96 36.12 3.37
N HIS C 98 25.22 35.02 3.63
CA HIS C 98 24.82 34.10 2.57
C HIS C 98 23.83 34.74 1.59
N ALA C 99 22.93 35.60 2.04
CA ALA C 99 22.00 36.29 1.13
C ALA C 99 22.79 37.18 0.17
N GLU C 100 23.89 37.83 0.65
CA GLU C 100 24.73 38.68 -0.18
CA GLU C 100 24.71 38.68 -0.21
C GLU C 100 25.46 37.83 -1.23
N SER C 101 25.97 36.66 -0.82
CA SER C 101 26.64 35.75 -1.72
C SER C 101 25.66 35.27 -2.82
N ILE C 102 24.41 34.94 -2.44
CA ILE C 102 23.37 34.52 -3.37
C ILE C 102 23.05 35.64 -4.38
N ALA C 103 22.92 36.90 -3.89
CA ALA C 103 22.65 38.05 -4.75
C ALA C 103 23.82 38.24 -5.75
N ASN C 104 25.07 38.06 -5.30
CA ASN C 104 26.24 38.20 -6.15
C ASN C 104 26.27 37.10 -7.21
N VAL C 105 25.89 35.85 -6.85
CA VAL C 105 25.81 34.74 -7.80
C VAL C 105 24.79 35.09 -8.88
N ARG C 106 23.58 35.52 -8.48
CA ARG C 106 22.54 35.88 -9.44
C ARG C 106 22.93 37.07 -10.33
N GLU C 107 23.65 38.04 -9.77
CA GLU C 107 24.14 39.18 -10.56
C GLU C 107 25.19 38.70 -11.59
N ALA C 108 26.12 37.82 -11.19
CA ALA C 108 27.13 37.31 -12.09
C ALA C 108 26.51 36.45 -13.19
N VAL C 109 25.50 35.61 -12.85
CA VAL C 109 24.81 34.77 -13.83
C VAL C 109 24.08 35.65 -14.85
N GLU C 110 23.33 36.66 -14.35
CA GLU C 110 22.55 37.52 -15.23
C GLU C 110 23.37 38.47 -16.08
N SER C 111 24.65 38.66 -15.77
CA SER C 111 25.51 39.49 -16.59
C SER C 111 25.78 38.89 -18.00
N PHE C 112 25.48 37.58 -18.18
CA PHE C 112 25.66 36.90 -19.46
C PHE C 112 24.34 36.70 -20.20
N ALA C 113 23.22 37.31 -19.76
CA ALA C 113 21.94 37.10 -20.44
C ALA C 113 21.88 37.70 -21.87
N GLY C 114 22.79 38.62 -22.20
CA GLY C 114 22.83 39.23 -23.53
C GLY C 114 23.52 38.42 -24.62
N SER C 115 23.99 37.21 -24.27
CA SER C 115 24.66 36.34 -25.24
C SER C 115 24.27 34.87 -25.02
N PRO C 116 23.52 34.30 -25.97
CA PRO C 116 23.10 32.88 -25.82
C PRO C 116 24.25 31.89 -25.71
N LEU C 117 25.40 32.21 -26.32
CA LEU C 117 26.61 31.38 -26.31
C LEU C 117 27.32 31.39 -24.94
N SER C 118 27.13 32.48 -24.15
CA SER C 118 27.77 32.57 -22.84
CA SER C 118 27.77 32.61 -22.85
C SER C 118 26.81 32.36 -21.66
N TYR C 119 25.50 32.66 -21.82
CA TYR C 119 24.53 32.49 -20.74
C TYR C 119 24.42 31.04 -20.23
N ARG C 120 24.53 30.86 -18.92
CA ARG C 120 24.43 29.54 -18.33
C ARG C 120 23.70 29.62 -16.99
N PRO C 121 22.63 28.81 -16.82
CA PRO C 121 21.97 28.76 -15.51
C PRO C 121 22.93 28.22 -14.45
N VAL C 122 22.78 28.70 -13.22
CA VAL C 122 23.61 28.26 -12.12
C VAL C 122 22.67 27.97 -10.95
N ALA C 123 22.67 26.71 -10.45
CA ALA C 123 21.81 26.37 -9.33
C ALA C 123 22.38 26.92 -8.00
N ILE C 124 21.50 27.16 -7.04
CA ILE C 124 21.91 27.62 -5.71
C ILE C 124 21.54 26.56 -4.70
N ALA C 125 22.53 26.04 -4.02
CA ALA C 125 22.35 24.97 -3.06
C ALA C 125 22.69 25.42 -1.63
N LEU C 126 21.83 25.05 -0.67
CA LEU C 126 22.03 25.39 0.72
C LEU C 126 22.50 24.12 1.44
N ASP C 127 23.67 24.16 2.07
CA ASP C 127 24.19 23.01 2.82
C ASP C 127 23.93 23.30 4.32
N THR C 128 23.12 22.48 4.98
CA THR C 128 22.75 22.71 6.38
C THR C 128 23.88 22.44 7.38
N LYS C 129 23.77 23.08 8.57
CA LYS C 129 24.73 22.89 9.65
C LYS C 129 24.65 21.46 10.18
N GLY C 130 23.44 20.93 10.32
CA GLY C 130 23.26 19.57 10.78
C GLY C 130 22.68 19.43 12.17
N PRO C 131 22.38 18.19 12.56
CA PRO C 131 21.74 17.96 13.87
C PRO C 131 22.67 18.07 15.07
N PRO C 135 18.31 14.24 17.98
CA PRO C 135 16.93 13.97 18.44
C PRO C 135 15.90 14.15 17.31
N GLY C 136 16.18 15.13 16.44
CA GLY C 136 15.42 15.49 15.25
C GLY C 136 16.18 16.55 14.46
N LEU C 137 15.46 17.39 13.76
CA LEU C 137 16.04 18.49 13.00
C LEU C 137 16.37 19.65 13.97
N SER C 138 17.59 20.22 13.89
CA SER C 138 17.95 21.32 14.79
C SER C 138 17.12 22.58 14.57
N GLU C 139 17.06 23.44 15.60
CA GLU C 139 16.34 24.70 15.51
C GLU C 139 16.97 25.57 14.41
N GLN C 140 18.29 25.58 14.33
CA GLN C 140 19.00 26.39 13.36
C GLN C 140 18.71 25.88 11.95
N ASP C 141 18.63 24.56 11.75
CA ASP C 141 18.32 23.99 10.45
C ASP C 141 16.93 24.38 10.02
N VAL C 142 15.94 24.43 10.95
CA VAL C 142 14.58 24.87 10.59
C VAL C 142 14.60 26.32 10.08
N ARG C 143 15.37 27.18 10.74
CA ARG C 143 15.47 28.58 10.32
C ARG C 143 16.24 28.76 9.01
N ASP C 144 17.32 27.98 8.81
CA ASP C 144 18.13 28.03 7.61
C ASP C 144 17.37 27.48 6.41
N LEU C 145 16.61 26.41 6.60
CA LEU C 145 15.75 25.84 5.56
C LEU C 145 14.65 26.82 5.16
N ARG C 146 14.10 27.56 6.13
CA ARG C 146 13.10 28.59 5.86
C ARG C 146 13.75 29.73 5.06
N PHE C 147 15.00 30.10 5.38
CA PHE C 147 15.75 31.10 4.65
C PHE C 147 15.90 30.63 3.16
N GLY C 148 16.21 29.35 2.94
CA GLY C 148 16.35 28.78 1.60
C GLY C 148 15.09 28.92 0.77
N VAL C 149 13.94 28.61 1.35
CA VAL C 149 12.65 28.75 0.70
C VAL C 149 12.39 30.22 0.34
N GLU C 150 12.63 31.11 1.30
CA GLU C 150 12.40 32.54 1.10
C GLU C 150 13.31 33.13 0.03
N HIS C 151 14.53 32.61 -0.07
CA HIS C 151 15.48 33.09 -1.06
C HIS C 151 15.45 32.30 -2.40
N GLY C 152 14.54 31.35 -2.53
CA GLY C 152 14.37 30.58 -3.76
C GLY C 152 15.50 29.66 -4.12
N VAL C 153 16.13 28.99 -3.12
CA VAL C 153 17.21 28.06 -3.41
C VAL C 153 16.63 26.85 -4.19
N ASP C 154 17.49 26.22 -4.98
CA ASP C 154 17.09 25.10 -5.82
C ASP C 154 17.29 23.76 -5.13
N ILE C 155 18.34 23.66 -4.31
CA ILE C 155 18.76 22.41 -3.70
C ILE C 155 19.11 22.59 -2.24
N VAL C 156 18.91 21.54 -1.44
CA VAL C 156 19.35 21.46 -0.08
C VAL C 156 20.29 20.27 0.03
N PHE C 157 21.51 20.47 0.53
CA PHE C 157 22.43 19.39 0.85
C PHE C 157 22.20 19.20 2.36
N ALA C 158 21.44 18.19 2.75
CA ALA C 158 21.09 17.97 4.17
C ALA C 158 22.19 17.22 4.91
N SER C 159 22.82 17.87 5.87
CA SER C 159 23.90 17.28 6.64
C SER C 159 23.48 16.17 7.57
N PHE C 160 24.38 15.20 7.75
CA PHE C 160 24.23 14.05 8.65
C PHE C 160 22.87 13.34 8.56
N VAL C 161 22.45 12.93 7.35
CA VAL C 161 21.21 12.19 7.22
C VAL C 161 21.50 10.75 7.65
N ARG C 162 20.75 10.23 8.61
CA ARG C 162 21.03 8.93 9.19
C ARG C 162 19.98 7.91 8.93
N LYS C 163 18.75 8.36 8.62
CA LYS C 163 17.57 7.51 8.42
C LYS C 163 16.52 8.26 7.59
N ALA C 164 15.50 7.54 7.08
CA ALA C 164 14.43 8.13 6.28
C ALA C 164 13.69 9.24 6.98
N SER C 165 13.50 9.16 8.32
CA SER C 165 12.74 10.21 9.02
C SER C 165 13.50 11.54 9.08
N ASP C 166 14.83 11.52 8.93
CA ASP C 166 15.60 12.76 8.87
C ASP C 166 15.25 13.51 7.57
N VAL C 167 15.05 12.77 6.46
CA VAL C 167 14.68 13.37 5.18
C VAL C 167 13.26 13.92 5.25
N ALA C 168 12.34 13.18 5.90
CA ALA C 168 10.96 13.64 6.07
C ALA C 168 10.93 14.93 6.88
N ALA C 169 11.80 15.06 7.89
CA ALA C 169 11.87 16.28 8.68
C ALA C 169 12.36 17.46 7.83
N VAL C 170 13.37 17.24 6.98
CA VAL C 170 13.87 18.31 6.09
C VAL C 170 12.77 18.71 5.09
N ARG C 171 12.06 17.72 4.55
CA ARG C 171 10.97 17.90 3.60
C ARG C 171 9.84 18.74 4.23
N ALA C 172 9.47 18.42 5.48
CA ALA C 172 8.45 19.14 6.24
C ALA C 172 8.88 20.58 6.46
N ALA C 173 10.16 20.81 6.80
CA ALA C 173 10.73 22.14 7.04
C ALA C 173 10.76 23.03 5.80
N LEU C 174 10.67 22.42 4.60
CA LEU C 174 10.65 23.19 3.36
CA LEU C 174 10.69 23.22 3.37
C LEU C 174 9.31 23.92 3.13
N GLY C 175 8.46 23.96 4.18
CA GLY C 175 7.19 24.67 4.32
C GLY C 175 6.26 24.43 3.19
N PRO C 176 5.27 25.32 3.03
CA PRO C 176 4.32 25.13 1.93
C PRO C 176 4.83 25.60 0.54
N GLU C 177 5.75 26.56 0.51
CA GLU C 177 6.25 27.09 -0.75
C GLU C 177 7.47 26.36 -1.37
N GLY C 178 8.08 25.40 -0.67
CA GLY C 178 9.32 24.82 -1.16
C GLY C 178 9.35 23.34 -1.48
N HIS C 179 8.21 22.73 -1.81
CA HIS C 179 8.19 21.31 -2.14
C HIS C 179 8.95 20.94 -3.43
N GLY C 180 9.23 21.92 -4.30
CA GLY C 180 9.99 21.68 -5.51
C GLY C 180 11.51 21.71 -5.32
N ILE C 181 12.00 22.08 -4.12
CA ILE C 181 13.43 22.11 -3.83
C ILE C 181 13.95 20.65 -3.76
N LYS C 182 15.11 20.37 -4.38
CA LYS C 182 15.67 19.03 -4.36
C LYS C 182 16.42 18.78 -3.05
N ILE C 183 16.20 17.63 -2.44
CA ILE C 183 16.90 17.28 -1.21
C ILE C 183 17.94 16.23 -1.53
N ILE C 184 19.20 16.59 -1.36
CA ILE C 184 20.32 15.71 -1.55
C ILE C 184 20.81 15.36 -0.13
N SER C 185 20.62 14.11 0.30
CA SER C 185 21.03 13.67 1.63
C SER C 185 22.50 13.43 1.71
N LYS C 186 23.18 14.06 2.67
CA LYS C 186 24.61 13.85 2.87
C LYS C 186 24.83 12.64 3.77
N ILE C 187 25.61 11.66 3.30
CA ILE C 187 25.90 10.46 4.08
C ILE C 187 27.26 10.69 4.69
N GLU C 188 27.29 10.88 6.02
CA GLU C 188 28.49 11.28 6.72
C GLU C 188 28.89 10.37 7.88
N ASN C 189 28.17 9.27 8.12
CA ASN C 189 28.51 8.40 9.25
C ASN C 189 28.09 6.95 8.99
N HIS C 190 28.40 6.04 9.94
CA HIS C 190 28.09 4.64 9.81
C HIS C 190 26.62 4.37 9.65
N GLU C 191 25.78 5.05 10.45
CA GLU C 191 24.33 4.85 10.37
C GLU C 191 23.76 5.22 8.97
N GLY C 192 24.20 6.33 8.40
CA GLY C 192 23.74 6.71 7.05
C GLY C 192 24.13 5.66 6.02
N VAL C 193 25.36 5.11 6.12
CA VAL C 193 25.80 4.06 5.20
C VAL C 193 24.95 2.80 5.36
N LYS C 194 24.72 2.39 6.61
CA LYS C 194 23.92 1.20 6.89
C LYS C 194 22.44 1.34 6.53
N ARG C 195 21.90 2.55 6.69
CA ARG C 195 20.50 2.80 6.32
C ARG C 195 20.38 3.48 4.95
N PHE C 196 21.42 3.34 4.09
CA PHE C 196 21.48 3.96 2.77
C PHE C 196 20.24 3.75 1.91
N ASP C 197 19.78 2.51 1.77
CA ASP C 197 18.64 2.22 0.90
C ASP C 197 17.38 2.98 1.27
N GLU C 198 17.06 3.05 2.57
CA GLU C 198 15.85 3.76 3.00
C GLU C 198 16.02 5.28 2.83
N ILE C 199 17.25 5.79 2.95
CA ILE C 199 17.52 7.19 2.76
C ILE C 199 17.38 7.57 1.28
N LEU C 200 17.98 6.78 0.38
CA LEU C 200 17.93 7.04 -1.06
C LEU C 200 16.49 6.99 -1.57
N GLU C 201 15.70 6.05 -1.07
CA GLU C 201 14.30 5.90 -1.47
C GLU C 201 13.49 7.18 -1.31
N VAL C 202 13.72 7.94 -0.23
CA VAL C 202 12.96 9.18 0.01
C VAL C 202 13.71 10.45 -0.38
N SER C 203 14.99 10.35 -0.78
CA SER C 203 15.76 11.53 -1.16
C SER C 203 15.74 11.74 -2.67
N ASP C 204 16.02 12.97 -3.12
CA ASP C 204 16.17 13.23 -4.55
C ASP C 204 17.56 12.78 -5.04
N GLY C 205 18.53 12.71 -4.14
CA GLY C 205 19.89 12.30 -4.45
C GLY C 205 20.74 12.20 -3.21
N ILE C 206 22.04 11.97 -3.40
CA ILE C 206 22.94 11.71 -2.29
C ILE C 206 24.25 12.46 -2.47
N MET C 207 24.85 12.86 -1.35
CA MET C 207 26.19 13.40 -1.37
C MET C 207 27.07 12.47 -0.54
N VAL C 208 28.19 11.99 -1.10
CA VAL C 208 29.18 11.21 -0.35
C VAL C 208 30.05 12.27 0.31
N ALA C 209 29.71 12.62 1.57
CA ALA C 209 30.36 13.69 2.32
C ALA C 209 31.58 13.08 3.02
N ARG C 210 32.68 12.97 2.30
CA ARG C 210 33.88 12.25 2.74
C ARG C 210 34.63 12.83 3.95
N GLY C 211 34.50 14.11 4.22
CA GLY C 211 35.16 14.73 5.38
C GLY C 211 34.74 14.09 6.69
N ASP C 212 33.46 14.19 7.04
CA ASP C 212 32.92 13.57 8.24
C ASP C 212 32.92 12.06 8.14
N LEU C 213 32.63 11.50 6.95
CA LEU C 213 32.62 10.04 6.77
C LEU C 213 34.00 9.43 7.13
N GLY C 214 35.08 10.09 6.73
CA GLY C 214 36.44 9.66 7.00
C GLY C 214 36.88 9.78 8.46
N ILE C 215 36.07 10.44 9.30
CA ILE C 215 36.27 10.59 10.74
C ILE C 215 35.34 9.60 11.47
N GLU C 216 34.11 9.41 10.96
CA GLU C 216 33.11 8.54 11.54
C GLU C 216 33.35 7.06 11.33
N ILE C 217 33.94 6.70 10.19
CA ILE C 217 34.31 5.31 9.86
C ILE C 217 35.81 5.30 9.57
N PRO C 218 36.49 4.13 9.62
CA PRO C 218 37.94 4.12 9.30
C PRO C 218 38.22 4.77 7.94
N ALA C 219 39.24 5.62 7.87
CA ALA C 219 39.59 6.36 6.67
C ALA C 219 39.80 5.44 5.46
N GLU C 220 40.35 4.26 5.69
CA GLU C 220 40.62 3.28 4.64
C GLU C 220 39.38 2.59 4.09
N LYS C 221 38.19 2.84 4.66
CA LYS C 221 36.93 2.25 4.19
C LYS C 221 36.08 3.25 3.39
N VAL C 222 36.42 4.54 3.37
CA VAL C 222 35.63 5.56 2.68
C VAL C 222 35.43 5.25 1.20
N PHE C 223 36.48 4.79 0.51
CA PHE C 223 36.36 4.44 -0.91
C PHE C 223 35.30 3.34 -1.16
N LEU C 224 35.09 2.41 -0.21
CA LEU C 224 34.07 1.37 -0.36
C LEU C 224 32.70 1.99 -0.27
N ALA C 225 32.49 2.90 0.71
CA ALA C 225 31.21 3.58 0.90
C ALA C 225 30.92 4.46 -0.33
N GLN C 226 31.93 5.16 -0.85
CA GLN C 226 31.78 6.01 -2.02
C GLN C 226 31.35 5.19 -3.29
N LYS C 227 32.08 4.12 -3.58
CA LYS C 227 31.79 3.30 -4.75
C LYS C 227 30.44 2.63 -4.65
N MET C 228 30.08 2.17 -3.45
CA MET C 228 28.79 1.53 -3.23
C MET C 228 27.64 2.52 -3.43
N MET C 229 27.73 3.70 -2.81
CA MET C 229 26.68 4.71 -2.90
C MET C 229 26.52 5.23 -4.31
N ILE C 230 27.64 5.44 -5.03
CA ILE C 230 27.56 5.88 -6.42
C ILE C 230 26.90 4.81 -7.29
N GLY C 231 27.30 3.56 -7.10
CA GLY C 231 26.70 2.46 -7.84
C GLY C 231 25.20 2.33 -7.59
N ARG C 232 24.76 2.45 -6.31
CA ARG C 232 23.33 2.34 -5.99
C ARG C 232 22.54 3.53 -6.52
N CYS C 233 23.14 4.73 -6.52
CA CYS C 233 22.46 5.91 -7.08
C CYS C 233 22.33 5.76 -8.58
N ASN C 234 23.36 5.26 -9.25
CA ASN C 234 23.32 5.03 -10.70
C ASN C 234 22.22 4.03 -11.03
N LEU C 235 22.06 2.99 -10.19
CA LEU C 235 21.04 1.96 -10.37
C LEU C 235 19.64 2.57 -10.17
N ALA C 236 19.48 3.44 -9.16
CA ALA C 236 18.20 4.08 -8.89
C ALA C 236 17.90 5.25 -9.85
N GLY C 237 18.86 5.70 -10.64
CA GLY C 237 18.66 6.84 -11.54
C GLY C 237 18.55 8.15 -10.80
N LYS C 238 19.24 8.27 -9.65
CA LYS C 238 19.22 9.48 -8.84
C LYS C 238 20.58 10.11 -8.76
N PRO C 239 20.67 11.46 -8.74
CA PRO C 239 21.98 12.10 -8.69
C PRO C 239 22.84 11.81 -7.46
N VAL C 240 24.15 11.69 -7.68
CA VAL C 240 25.09 11.45 -6.61
C VAL C 240 26.26 12.41 -6.76
N VAL C 241 26.63 13.06 -5.65
CA VAL C 241 27.72 14.02 -5.60
C VAL C 241 28.92 13.41 -4.88
N CYS C 242 30.14 13.55 -5.43
CA CYS C 242 31.33 13.15 -4.69
C CYS C 242 31.90 14.44 -4.11
N ALA C 243 32.15 14.45 -2.81
CA ALA C 243 32.60 15.68 -2.16
C ALA C 243 33.78 15.52 -1.23
N THR C 244 34.50 16.63 -1.00
CA THR C 244 35.48 16.93 0.04
C THR C 244 36.90 16.44 -0.21
N GLN C 245 37.84 17.41 -0.18
CA GLN C 245 39.29 17.22 -0.33
C GLN C 245 39.72 16.70 -1.67
N MET C 246 38.88 16.88 -2.72
CA MET C 246 39.20 16.40 -4.06
C MET C 246 40.46 17.06 -4.62
N LEU C 247 40.61 18.38 -4.40
CA LEU C 247 41.80 19.13 -4.84
C LEU C 247 42.34 19.95 -3.65
N GLU C 248 42.30 19.39 -2.43
CA GLU C 248 42.65 20.03 -1.17
C GLU C 248 43.92 20.88 -1.19
N SER C 249 45.04 20.35 -1.72
CA SER C 249 46.29 21.10 -1.79
C SER C 249 46.16 22.42 -2.57
N MET C 250 45.16 22.54 -3.45
CA MET C 250 44.95 23.77 -4.21
C MET C 250 44.41 24.93 -3.35
N ILE C 251 44.14 24.70 -2.05
CA ILE C 251 43.79 25.78 -1.13
C ILE C 251 45.00 26.75 -1.04
N THR C 252 46.24 26.22 -1.06
CA THR C 252 47.46 27.04 -1.01
C THR C 252 48.35 26.92 -2.25
N LYS C 253 48.24 25.83 -3.04
CA LYS C 253 49.12 25.63 -4.20
C LYS C 253 48.40 25.79 -5.54
N PRO C 254 49.07 26.35 -6.57
CA PRO C 254 48.40 26.56 -7.86
C PRO C 254 48.12 25.30 -8.69
N ARG C 255 48.74 24.18 -8.33
CA ARG C 255 48.58 22.91 -9.02
C ARG C 255 48.30 21.82 -7.99
N PRO C 256 47.43 20.84 -8.35
CA PRO C 256 47.12 19.78 -7.39
C PRO C 256 48.14 18.64 -7.37
N THR C 257 48.01 17.73 -6.40
CA THR C 257 48.89 16.56 -6.34
C THR C 257 48.40 15.48 -7.35
N ARG C 258 49.22 14.46 -7.58
CA ARG C 258 48.89 13.34 -8.45
C ARG C 258 47.71 12.55 -7.88
N ALA C 259 47.56 12.49 -6.55
CA ALA C 259 46.46 11.79 -5.91
C ALA C 259 45.15 12.53 -6.10
N GLU C 260 45.20 13.86 -6.11
CA GLU C 260 44.02 14.71 -6.28
C GLU C 260 43.43 14.66 -7.69
N THR C 261 44.26 14.71 -8.75
CA THR C 261 43.74 14.59 -10.11
C THR C 261 43.16 13.19 -10.31
N SER C 262 43.83 12.18 -9.75
CA SER C 262 43.38 10.79 -9.78
C SER C 262 42.01 10.67 -9.09
N ASP C 263 41.84 11.30 -7.92
CA ASP C 263 40.60 11.25 -7.16
C ASP C 263 39.43 11.83 -7.96
N VAL C 264 39.65 12.98 -8.62
CA VAL C 264 38.61 13.60 -9.43
C VAL C 264 38.23 12.69 -10.60
N ALA C 265 39.24 12.13 -11.31
CA ALA C 265 38.99 11.26 -12.44
C ALA C 265 38.26 9.99 -12.02
N ASN C 266 38.65 9.41 -10.86
CA ASN C 266 38.03 8.20 -10.36
C ASN C 266 36.62 8.43 -9.86
N ALA C 267 36.28 9.62 -9.34
CA ALA C 267 34.90 9.90 -8.93
C ALA C 267 34.00 9.90 -10.19
N VAL C 268 34.48 10.49 -11.29
CA VAL C 268 33.75 10.50 -12.57
C VAL C 268 33.63 9.05 -13.11
N LEU C 269 34.73 8.30 -13.10
CA LEU C 269 34.70 6.90 -13.56
C LEU C 269 33.80 6.01 -12.68
N ASP C 270 33.72 6.33 -11.37
CA ASP C 270 32.83 5.60 -10.44
C ASP C 270 31.36 5.79 -10.85
N GLY C 271 31.02 6.95 -11.44
CA GLY C 271 29.66 7.26 -11.86
C GLY C 271 29.04 8.48 -11.20
N ALA C 272 29.84 9.34 -10.59
CA ALA C 272 29.30 10.54 -9.92
C ALA C 272 28.67 11.51 -10.93
N ASP C 273 27.48 12.03 -10.61
CA ASP C 273 26.85 13.03 -11.43
C ASP C 273 27.51 14.38 -11.23
N CYS C 274 27.94 14.69 -9.99
CA CYS C 274 28.57 15.97 -9.63
C CYS C 274 29.84 15.73 -8.85
N ILE C 275 30.74 16.69 -8.94
CA ILE C 275 31.96 16.73 -8.16
C ILE C 275 31.96 18.09 -7.43
N MET C 276 32.59 18.15 -6.25
CA MET C 276 32.52 19.34 -5.44
C MET C 276 33.87 19.90 -5.01
N LEU C 277 33.89 21.21 -4.76
CA LEU C 277 35.02 21.95 -4.21
C LEU C 277 34.50 22.64 -2.95
N SER C 278 35.24 22.53 -1.84
CA SER C 278 34.84 23.15 -0.58
C SER C 278 35.82 24.29 -0.21
N GLY C 279 36.83 24.03 0.62
CA GLY C 279 37.84 25.04 0.99
C GLY C 279 38.58 25.57 -0.22
N GLU C 280 38.70 24.75 -1.29
CA GLU C 280 39.35 25.12 -2.55
C GLU C 280 38.74 26.36 -3.16
N THR C 281 37.42 26.54 -3.02
CA THR C 281 36.74 27.71 -3.58
C THR C 281 36.27 28.68 -2.49
N ALA C 282 35.88 28.16 -1.32
CA ALA C 282 35.40 28.98 -0.21
C ALA C 282 36.46 29.93 0.36
N LYS C 283 37.69 29.44 0.62
CA LYS C 283 38.70 30.24 1.31
C LYS C 283 40.10 30.19 0.70
N GLY C 284 40.32 29.33 -0.30
CA GLY C 284 41.64 29.16 -0.87
C GLY C 284 42.15 30.29 -1.75
N ASN C 285 43.42 30.21 -2.13
CA ASN C 285 44.09 31.21 -2.95
C ASN C 285 43.88 31.02 -4.45
N PHE C 286 43.36 29.86 -4.89
CA PHE C 286 43.18 29.60 -6.31
C PHE C 286 41.78 29.03 -6.61
N PRO C 287 40.69 29.74 -6.26
CA PRO C 287 39.34 29.19 -6.51
C PRO C 287 39.01 28.94 -7.98
N VAL C 288 39.37 29.87 -8.88
CA VAL C 288 39.10 29.75 -10.31
C VAL C 288 39.92 28.62 -10.91
N GLU C 289 41.17 28.48 -10.51
CA GLU C 289 42.06 27.44 -11.00
C GLU C 289 41.58 26.05 -10.57
N ALA C 290 41.00 25.95 -9.36
CA ALA C 290 40.47 24.69 -8.85
C ALA C 290 39.26 24.26 -9.70
N VAL C 291 38.40 25.21 -10.09
CA VAL C 291 37.24 24.91 -10.97
C VAL C 291 37.74 24.46 -12.35
N LYS C 292 38.74 25.16 -12.89
CA LYS C 292 39.33 24.83 -14.20
C LYS C 292 39.94 23.45 -14.19
N MET C 293 40.58 23.06 -13.07
CA MET C 293 41.20 21.76 -12.94
C MET C 293 40.15 20.66 -12.91
N GLN C 294 39.07 20.84 -12.13
CA GLN C 294 37.98 19.85 -12.11
C GLN C 294 37.34 19.72 -13.48
N HIS C 295 37.18 20.84 -14.20
CA HIS C 295 36.61 20.82 -15.54
C HIS C 295 37.50 20.00 -16.48
N ALA C 296 38.82 20.28 -16.48
CA ALA C 296 39.76 19.58 -17.34
C ALA C 296 39.80 18.08 -17.08
N ILE C 297 39.83 17.68 -15.80
CA ILE C 297 39.88 16.26 -15.46
C ILE C 297 38.58 15.53 -15.82
N ALA C 298 37.40 16.13 -15.45
CA ALA C 298 36.11 15.51 -15.74
C ALA C 298 35.93 15.24 -17.23
N ARG C 299 36.34 16.18 -18.11
CA ARG C 299 36.21 15.98 -19.55
C ARG C 299 37.03 14.77 -20.01
N GLU C 300 38.25 14.62 -19.49
CA GLU C 300 39.10 13.50 -19.83
C GLU C 300 38.52 12.19 -19.33
N ALA C 301 38.03 12.18 -18.08
CA ALA C 301 37.47 10.98 -17.47
C ALA C 301 36.16 10.53 -18.10
N GLU C 302 35.32 11.48 -18.55
CA GLU C 302 34.06 11.13 -19.17
C GLU C 302 34.29 10.38 -20.50
N ALA C 303 35.29 10.80 -21.27
CA ALA C 303 35.63 10.12 -22.52
C ALA C 303 36.15 8.70 -22.26
N ALA C 304 36.79 8.47 -21.10
CA ALA C 304 37.35 7.18 -20.70
C ALA C 304 36.31 6.23 -20.09
N VAL C 305 35.05 6.63 -19.93
CA VAL C 305 34.02 5.76 -19.39
C VAL C 305 33.78 4.61 -20.41
N TYR C 306 33.70 3.36 -19.91
CA TYR C 306 33.49 2.21 -20.77
C TYR C 306 31.98 2.01 -20.98
N HIS C 307 31.40 2.83 -21.87
CA HIS C 307 29.96 2.83 -22.14
C HIS C 307 29.38 1.48 -22.54
N ARG C 308 30.12 0.67 -23.29
CA ARG C 308 29.65 -0.64 -23.72
C ARG C 308 29.20 -1.52 -22.56
N GLN C 309 30.00 -1.60 -21.49
CA GLN C 309 29.64 -2.41 -20.33
C GLN C 309 28.63 -1.66 -19.46
N LEU C 310 28.85 -0.35 -19.26
CA LEU C 310 27.97 0.47 -18.44
C LEU C 310 26.51 0.44 -18.92
N PHE C 311 26.27 0.68 -20.22
CA PHE C 311 24.92 0.68 -20.78
C PHE C 311 24.28 -0.70 -20.69
N GLU C 312 25.05 -1.73 -21.01
CA GLU C 312 24.60 -3.14 -20.93
C GLU C 312 24.17 -3.49 -19.50
N GLU C 313 24.98 -3.08 -18.50
CA GLU C 313 24.67 -3.38 -17.11
C GLU C 313 23.52 -2.53 -16.57
N LEU C 314 23.41 -1.26 -16.99
CA LEU C 314 22.30 -0.39 -16.57
C LEU C 314 20.99 -0.97 -17.11
N ARG C 315 21.00 -1.48 -18.37
CA ARG C 315 19.85 -2.10 -19.01
C ARG C 315 19.47 -3.37 -18.28
N ARG C 316 20.42 -4.28 -18.08
CA ARG C 316 20.18 -5.57 -17.42
C ARG C 316 19.64 -5.41 -16.00
N ALA C 317 20.16 -4.43 -15.25
CA ALA C 317 19.75 -4.24 -13.87
C ALA C 317 18.46 -3.43 -13.70
N ALA C 318 18.18 -2.49 -14.63
CA ALA C 318 16.98 -1.66 -14.48
C ALA C 318 15.77 -2.56 -14.75
N PRO C 319 14.79 -2.55 -13.84
CA PRO C 319 13.60 -3.40 -14.05
C PRO C 319 12.79 -2.95 -15.25
N LEU C 320 11.94 -3.86 -15.78
CA LEU C 320 11.03 -3.54 -16.87
C LEU C 320 10.09 -2.41 -16.41
N SER C 321 9.66 -1.59 -17.34
CA SER C 321 8.84 -0.46 -17.00
C SER C 321 7.72 -0.27 -17.96
N ARG C 322 6.56 0.11 -17.44
CA ARG C 322 5.43 0.47 -18.27
C ARG C 322 5.24 2.00 -18.31
N ASP C 323 6.21 2.78 -17.81
CA ASP C 323 6.14 4.23 -17.84
C ASP C 323 6.70 4.67 -19.21
N PRO C 324 5.88 5.35 -20.02
CA PRO C 324 6.36 5.74 -21.35
C PRO C 324 7.59 6.64 -21.37
N THR C 325 7.83 7.47 -20.34
CA THR C 325 9.03 8.34 -20.31
C THR C 325 10.28 7.47 -20.15
N GLU C 326 10.21 6.45 -19.30
CA GLU C 326 11.33 5.54 -19.07
CA GLU C 326 11.32 5.54 -19.07
C GLU C 326 11.55 4.68 -20.33
N VAL C 327 10.48 4.19 -20.95
CA VAL C 327 10.59 3.38 -22.18
C VAL C 327 11.19 4.24 -23.34
N THR C 328 10.70 5.48 -23.49
CA THR C 328 11.21 6.39 -24.54
C THR C 328 12.68 6.69 -24.29
N ALA C 329 13.07 6.93 -23.02
CA ALA C 329 14.43 7.28 -22.69
C ALA C 329 15.43 6.20 -23.07
N ILE C 330 15.12 4.92 -22.80
CA ILE C 330 16.07 3.86 -23.15
C ILE C 330 16.15 3.67 -24.66
N GLY C 331 15.04 3.81 -25.36
CA GLY C 331 15.00 3.74 -26.82
C GLY C 331 15.80 4.87 -27.43
N ALA C 332 15.72 6.11 -26.85
CA ALA C 332 16.45 7.29 -27.36
C ALA C 332 17.96 7.16 -27.13
N VAL C 333 18.36 6.63 -25.98
CA VAL C 333 19.78 6.43 -25.67
C VAL C 333 20.36 5.34 -26.59
N GLU C 334 19.60 4.26 -26.83
CA GLU C 334 20.02 3.20 -27.75
CA GLU C 334 20.03 3.20 -27.75
C GLU C 334 20.20 3.79 -29.17
N ALA C 335 19.24 4.60 -29.62
CA ALA C 335 19.28 5.25 -30.92
C ALA C 335 20.46 6.20 -31.03
N ALA C 336 20.75 6.98 -29.97
CA ALA C 336 21.87 7.91 -29.99
C ALA C 336 23.23 7.17 -30.14
N PHE C 337 23.39 6.01 -29.46
CA PHE C 337 24.60 5.22 -29.55
C PHE C 337 24.74 4.63 -30.97
N LYS C 338 23.64 4.20 -31.59
CA LYS C 338 23.64 3.59 -32.91
C LYS C 338 24.18 4.52 -34.00
N CYS C 339 23.87 5.82 -33.92
CA CYS C 339 24.29 6.77 -34.94
C CYS C 339 25.35 7.75 -34.50
N CYS C 340 25.88 7.62 -33.27
CA CYS C 340 26.84 8.57 -32.70
C CYS C 340 26.24 9.98 -32.71
N ALA C 341 24.94 10.09 -32.32
CA ALA C 341 24.20 11.35 -32.30
C ALA C 341 24.94 12.39 -31.51
N ALA C 342 25.04 13.57 -32.07
CA ALA C 342 25.71 14.68 -31.45
C ALA C 342 24.99 15.10 -30.15
N ALA C 343 23.67 14.89 -30.07
CA ALA C 343 22.89 15.29 -28.91
C ALA C 343 21.52 14.60 -28.93
N ILE C 344 20.87 14.58 -27.75
CA ILE C 344 19.51 14.17 -27.53
C ILE C 344 18.84 15.42 -27.02
N ILE C 345 17.89 15.98 -27.79
CA ILE C 345 17.21 17.19 -27.41
C ILE C 345 15.91 16.76 -26.78
N VAL C 346 15.66 17.17 -25.54
CA VAL C 346 14.46 16.77 -24.84
C VAL C 346 13.70 17.97 -24.32
N LEU C 347 12.38 17.93 -24.46
CA LEU C 347 11.53 18.98 -23.92
C LEU C 347 11.12 18.49 -22.53
N THR C 348 11.35 19.32 -21.52
CA THR C 348 11.00 18.97 -20.14
C THR C 348 10.55 20.18 -19.31
N THR C 349 9.51 19.97 -18.51
CA THR C 349 9.01 21.03 -17.66
C THR C 349 9.57 20.91 -16.24
N THR C 350 9.65 19.68 -15.73
CA THR C 350 10.18 19.44 -14.39
C THR C 350 11.64 18.96 -14.41
N GLY C 351 12.16 18.57 -15.58
CA GLY C 351 13.50 18.00 -15.65
C GLY C 351 13.49 16.48 -15.68
N ARG C 352 12.36 15.86 -15.37
CA ARG C 352 12.25 14.38 -15.27
C ARG C 352 12.61 13.62 -16.56
N SER C 353 12.13 14.06 -17.70
CA SER C 353 12.47 13.39 -18.99
C SER C 353 13.99 13.45 -19.26
N ALA C 354 14.66 14.55 -18.87
CA ALA C 354 16.11 14.66 -19.04
C ALA C 354 16.85 13.73 -18.05
N GLN C 355 16.35 13.63 -16.82
CA GLN C 355 16.93 12.78 -15.78
C GLN C 355 16.85 11.30 -16.19
N LEU C 356 15.72 10.89 -16.78
CA LEU C 356 15.57 9.50 -17.24
C LEU C 356 16.48 9.17 -18.44
N LEU C 357 16.87 10.18 -19.23
CA LEU C 357 17.82 9.95 -20.32
C LEU C 357 19.23 9.81 -19.69
N SER C 358 19.56 10.70 -18.77
CA SER C 358 20.82 10.77 -18.04
C SER C 358 21.15 9.47 -17.28
N ARG C 359 20.15 8.79 -16.73
CA ARG C 359 20.38 7.54 -15.97
C ARG C 359 20.98 6.41 -16.85
N TYR C 360 20.78 6.48 -18.19
CA TYR C 360 21.39 5.49 -19.09
C TYR C 360 22.76 5.87 -19.60
N ARG C 361 23.30 6.99 -19.12
CA ARG C 361 24.61 7.49 -19.41
C ARG C 361 24.93 7.54 -20.90
N PRO C 362 24.15 8.29 -21.70
CA PRO C 362 24.49 8.42 -23.12
C PRO C 362 25.78 9.21 -23.28
N ARG C 363 26.50 8.93 -24.35
CA ARG C 363 27.68 9.72 -24.71
C ARG C 363 27.15 11.06 -25.32
N ALA C 364 26.00 11.04 -26.04
CA ALA C 364 25.39 12.24 -26.59
C ALA C 364 25.00 13.20 -25.44
N ALA C 365 25.23 14.50 -25.60
CA ALA C 365 24.83 15.51 -24.64
C ALA C 365 23.30 15.55 -24.61
N VAL C 366 22.70 15.67 -23.43
CA VAL C 366 21.24 15.76 -23.32
C VAL C 366 20.91 17.24 -23.21
N ILE C 367 20.43 17.84 -24.29
CA ILE C 367 20.08 19.26 -24.32
C ILE C 367 18.64 19.37 -23.86
N ALA C 368 18.42 19.92 -22.65
CA ALA C 368 17.08 19.98 -22.08
C ALA C 368 16.47 21.35 -22.27
N VAL C 369 15.38 21.41 -23.06
CA VAL C 369 14.70 22.66 -23.34
C VAL C 369 13.51 22.77 -22.40
N THR C 370 13.52 23.84 -21.60
CA THR C 370 12.49 24.05 -20.60
C THR C 370 12.04 25.50 -20.45
N ARG C 371 10.79 25.72 -20.05
CA ARG C 371 10.31 27.07 -19.70
C ARG C 371 10.52 27.35 -18.18
N SER C 372 10.80 26.33 -17.37
CA SER C 372 11.01 26.48 -15.95
C SER C 372 12.44 26.86 -15.63
N ALA C 373 12.66 28.08 -15.12
CA ALA C 373 14.02 28.50 -14.71
C ALA C 373 14.57 27.62 -13.58
N GLN C 374 13.69 27.18 -12.68
CA GLN C 374 14.11 26.31 -11.56
C GLN C 374 14.55 24.93 -12.08
N ALA C 375 13.77 24.33 -13.01
CA ALA C 375 14.16 23.02 -13.57
C ALA C 375 15.47 23.14 -14.33
N ALA C 376 15.68 24.25 -15.05
CA ALA C 376 16.94 24.49 -15.77
C ALA C 376 18.14 24.50 -14.82
N ARG C 377 17.99 25.11 -13.62
CA ARG C 377 19.06 25.13 -12.64
C ARG C 377 19.22 23.73 -11.99
N GLN C 378 18.11 23.08 -11.62
CA GLN C 378 18.16 21.78 -10.94
C GLN C 378 18.67 20.61 -11.78
N VAL C 379 18.52 20.66 -13.13
CA VAL C 379 19.00 19.54 -13.95
C VAL C 379 20.51 19.44 -14.00
N HIS C 380 21.26 20.46 -13.50
CA HIS C 380 22.70 20.40 -13.34
C HIS C 380 23.09 19.22 -12.42
N LEU C 381 22.17 18.72 -11.55
CA LEU C 381 22.43 17.55 -10.69
C LEU C 381 22.59 16.24 -11.51
N CYS C 382 22.09 16.19 -12.74
CA CYS C 382 22.13 14.98 -13.57
C CYS C 382 23.21 15.06 -14.60
N ARG C 383 24.11 14.07 -14.58
CA ARG C 383 25.23 14.05 -15.52
C ARG C 383 24.79 14.14 -16.98
N GLY C 384 25.43 15.05 -17.70
CA GLY C 384 25.24 15.17 -19.14
C GLY C 384 24.01 15.93 -19.57
N VAL C 385 23.35 16.62 -18.63
CA VAL C 385 22.18 17.43 -18.99
C VAL C 385 22.60 18.90 -19.14
N PHE C 386 22.38 19.49 -20.32
CA PHE C 386 22.74 20.87 -20.65
C PHE C 386 21.43 21.65 -20.77
N PRO C 387 21.07 22.41 -19.73
CA PRO C 387 19.76 23.09 -19.75
C PRO C 387 19.71 24.37 -20.61
N LEU C 388 18.59 24.60 -21.28
CA LEU C 388 18.37 25.79 -22.09
C LEU C 388 17.03 26.32 -21.65
N LEU C 389 17.03 27.49 -21.02
CA LEU C 389 15.78 28.09 -20.58
C LEU C 389 15.16 28.82 -21.79
N TYR C 390 13.90 28.50 -22.10
CA TYR C 390 13.14 29.04 -23.22
C TYR C 390 12.08 30.03 -22.70
N ARG C 391 12.08 31.24 -23.22
CA ARG C 391 11.19 32.29 -22.72
C ARG C 391 10.28 32.90 -23.77
N GLU C 392 10.17 32.29 -24.95
CA GLU C 392 9.30 32.81 -25.99
C GLU C 392 7.88 32.59 -25.57
N PRO C 393 6.97 33.47 -25.99
CA PRO C 393 5.57 33.25 -25.66
C PRO C 393 5.01 32.01 -26.36
N PRO C 394 4.13 31.26 -25.67
CA PRO C 394 3.54 30.05 -26.27
C PRO C 394 2.76 30.28 -27.54
N GLU C 395 2.97 29.39 -28.52
CA GLU C 395 2.24 29.41 -29.77
C GLU C 395 0.82 28.89 -29.49
N ALA C 396 -0.15 29.35 -30.27
CA ALA C 396 -1.55 28.93 -30.16
C ALA C 396 -1.70 27.48 -30.60
N ILE C 397 -0.94 27.05 -31.64
CA ILE C 397 -0.95 25.66 -32.05
C ILE C 397 0.19 24.94 -31.29
N TRP C 398 -0.17 23.96 -30.44
CA TRP C 398 0.80 23.26 -29.62
C TRP C 398 1.93 22.61 -30.41
N ALA C 399 1.62 21.96 -31.53
CA ALA C 399 2.65 21.34 -32.37
C ALA C 399 3.66 22.37 -32.86
N ASP C 400 3.23 23.61 -33.13
CA ASP C 400 4.14 24.68 -33.55
C ASP C 400 5.02 25.11 -32.39
N ASP C 401 4.47 25.18 -31.17
CA ASP C 401 5.25 25.59 -29.99
C ASP C 401 6.34 24.51 -29.71
N VAL C 402 5.99 23.23 -29.92
CA VAL C 402 6.94 22.14 -29.75
C VAL C 402 8.08 22.26 -30.77
N ASP C 403 7.75 22.49 -32.06
CA ASP C 403 8.73 22.63 -33.15
C ASP C 403 9.64 23.82 -32.91
N ARG C 404 9.07 24.92 -32.43
CA ARG C 404 9.88 26.10 -32.10
C ARG C 404 10.91 25.77 -31.00
N ARG C 405 10.55 24.94 -29.99
CA ARG C 405 11.48 24.58 -28.93
C ARG C 405 12.51 23.59 -29.37
N VAL C 406 12.13 22.68 -30.27
CA VAL C 406 13.09 21.75 -30.84
C VAL C 406 14.13 22.53 -31.66
N GLN C 407 13.67 23.47 -32.50
CA GLN C 407 14.59 24.31 -33.29
C GLN C 407 15.42 25.23 -32.45
N PHE C 408 14.89 25.69 -31.31
CA PHE C 408 15.67 26.47 -30.36
C PHE C 408 16.86 25.63 -29.80
N GLY C 409 16.61 24.37 -29.53
CA GLY C 409 17.64 23.47 -29.04
C GLY C 409 18.67 23.19 -30.12
N ILE C 410 18.22 23.05 -31.39
CA ILE C 410 19.15 22.82 -32.48
C ILE C 410 20.01 24.09 -32.73
N GLU C 411 19.39 25.27 -32.77
CA GLU C 411 20.15 26.51 -33.04
C GLU C 411 21.09 26.84 -31.92
N SER C 412 20.69 26.57 -30.65
CA SER C 412 21.59 26.79 -29.52
C SER C 412 22.77 25.81 -29.61
N GLY C 413 22.48 24.56 -29.96
CA GLY C 413 23.49 23.53 -30.15
C GLY C 413 24.48 23.90 -31.23
N LYS C 414 24.02 24.45 -32.36
CA LYS C 414 24.92 24.90 -33.43
C LYS C 414 25.79 26.04 -32.94
N LEU C 415 25.20 27.01 -32.24
CA LEU C 415 25.91 28.17 -31.72
C LEU C 415 26.97 27.78 -30.70
N ARG C 416 26.65 26.81 -29.84
CA ARG C 416 27.57 26.38 -28.79
C ARG C 416 28.61 25.35 -29.23
N GLY C 417 28.52 24.85 -30.46
CA GLY C 417 29.49 23.88 -30.94
C GLY C 417 29.10 22.41 -30.77
N PHE C 418 27.93 22.14 -30.18
CA PHE C 418 27.44 20.76 -30.04
C PHE C 418 27.07 20.18 -31.44
N LEU C 419 26.51 21.00 -32.35
CA LEU C 419 25.94 20.53 -33.61
C LEU C 419 26.41 21.23 -34.89
N ARG C 420 26.33 20.52 -36.00
CA ARG C 420 26.64 21.05 -37.33
C ARG C 420 25.61 20.48 -38.30
N VAL C 421 25.43 21.14 -39.44
CA VAL C 421 24.54 20.67 -40.49
C VAL C 421 25.03 19.31 -41.00
N GLY C 422 24.12 18.36 -41.13
CA GLY C 422 24.48 17.01 -41.50
C GLY C 422 24.56 16.05 -40.30
N ASP C 423 24.64 16.58 -39.08
CA ASP C 423 24.65 15.74 -37.88
C ASP C 423 23.28 15.06 -37.68
N LEU C 424 23.25 13.98 -36.90
CA LEU C 424 22.00 13.36 -36.51
C LEU C 424 21.76 13.70 -35.03
N VAL C 425 20.51 14.04 -34.67
CA VAL C 425 20.14 14.28 -33.28
C VAL C 425 18.93 13.42 -32.98
N ILE C 426 18.74 13.08 -31.70
CA ILE C 426 17.56 12.36 -31.26
C ILE C 426 16.71 13.38 -30.56
N VAL C 427 15.42 13.39 -30.82
CA VAL C 427 14.53 14.35 -30.20
C VAL C 427 13.49 13.61 -29.40
N VAL C 428 13.33 14.01 -28.15
CA VAL C 428 12.39 13.41 -27.24
C VAL C 428 11.34 14.41 -26.81
N THR C 429 10.09 14.08 -27.11
CA THR C 429 8.94 14.90 -26.77
C THR C 429 7.81 13.96 -26.28
N GLY C 430 6.64 14.52 -25.98
CA GLY C 430 5.46 13.76 -25.61
C GLY C 430 4.35 14.05 -26.59
N TRP C 431 3.23 13.37 -26.42
CA TRP C 431 2.09 13.45 -27.33
C TRP C 431 1.08 14.55 -27.04
N ARG C 432 1.20 15.18 -25.87
CA ARG C 432 0.29 16.23 -25.43
C ARG C 432 1.02 17.13 -24.41
N PRO C 433 0.52 18.35 -24.21
CA PRO C 433 1.17 19.28 -23.28
C PRO C 433 1.05 18.82 -21.84
N GLY C 434 1.93 19.35 -21.02
CA GLY C 434 1.95 19.04 -19.61
C GLY C 434 2.99 17.98 -19.33
N SER C 435 3.54 18.09 -18.18
CA SER C 435 4.50 17.19 -17.67
C SER C 435 3.90 15.75 -17.51
N GLY C 436 4.76 14.73 -17.68
CA GLY C 436 4.41 13.32 -17.52
C GLY C 436 3.94 12.54 -18.73
N TYR C 437 3.99 13.11 -19.93
CA TYR C 437 3.52 12.43 -21.14
C TYR C 437 4.57 12.12 -22.18
N THR C 438 5.88 12.19 -21.85
CA THR C 438 6.93 11.87 -22.83
C THR C 438 6.75 10.43 -23.35
N ASN C 439 6.69 10.28 -24.66
CA ASN C 439 6.47 8.97 -25.26
C ASN C 439 6.95 8.92 -26.73
N ILE C 440 7.69 9.94 -27.19
CA ILE C 440 8.10 10.00 -28.57
C ILE C 440 9.59 10.21 -28.68
N MET C 441 10.20 9.47 -29.60
CA MET C 441 11.60 9.64 -29.92
C MET C 441 11.65 9.76 -31.47
N ARG C 442 12.32 10.81 -31.97
CA ARG C 442 12.45 11.06 -33.41
C ARG C 442 13.92 11.16 -33.76
N VAL C 443 14.31 10.73 -34.96
CA VAL C 443 15.68 10.83 -35.46
C VAL C 443 15.67 11.98 -36.46
N LEU C 444 16.42 13.04 -36.19
CA LEU C 444 16.42 14.21 -37.06
C LEU C 444 17.81 14.50 -37.65
N SER C 445 17.85 14.85 -38.93
CA SER C 445 19.06 15.29 -39.59
C SER C 445 19.12 16.83 -39.42
N ILE C 446 20.25 17.37 -38.97
CA ILE C 446 20.39 18.79 -38.75
C ILE C 446 20.50 19.54 -40.09
N SER C 447 19.60 20.49 -40.36
CA SER C 447 19.66 21.31 -41.56
C SER C 447 19.93 22.78 -41.22
N GLY D 23 0.69 -9.59 -13.78
CA GLY D 23 0.30 -10.80 -13.08
C GLY D 23 1.33 -11.90 -13.13
N THR D 24 1.29 -12.82 -12.15
CA THR D 24 2.22 -13.94 -12.08
C THR D 24 1.99 -14.93 -13.23
N ALA D 25 0.72 -15.11 -13.62
CA ALA D 25 0.35 -16.01 -14.71
C ALA D 25 1.00 -15.58 -16.02
N PHE D 26 1.08 -14.26 -16.28
CA PHE D 26 1.71 -13.73 -17.49
C PHE D 26 3.18 -14.16 -17.54
N PHE D 27 3.88 -14.05 -16.41
CA PHE D 27 5.30 -14.37 -16.35
C PHE D 27 5.63 -15.89 -16.28
N GLN D 28 4.59 -16.76 -16.29
CA GLN D 28 4.79 -18.21 -16.32
C GLN D 28 4.70 -18.73 -17.78
N GLN D 29 3.91 -18.03 -18.65
CA GLN D 29 3.71 -18.38 -20.04
C GLN D 29 4.92 -17.97 -20.91
N GLN D 30 4.89 -18.39 -22.20
CA GLN D 30 5.85 -18.10 -23.27
C GLN D 30 7.33 -18.21 -22.84
N GLN D 31 7.64 -19.23 -22.01
CA GLN D 31 8.98 -19.51 -21.49
C GLN D 31 9.66 -18.29 -20.86
N LEU D 32 8.88 -17.41 -20.22
CA LEU D 32 9.43 -16.21 -19.59
C LEU D 32 10.40 -16.54 -18.44
N PRO D 33 10.19 -17.57 -17.59
CA PRO D 33 11.24 -17.90 -16.60
C PRO D 33 12.58 -18.26 -17.29
N ALA D 34 12.53 -19.04 -18.39
CA ALA D 34 13.73 -19.39 -19.14
C ALA D 34 14.36 -18.16 -19.84
N ALA D 35 13.53 -17.18 -20.20
CA ALA D 35 13.98 -15.95 -20.86
C ALA D 35 14.76 -15.04 -19.91
N MET D 36 14.43 -15.07 -18.61
CA MET D 36 15.13 -14.24 -17.61
C MET D 36 16.48 -14.81 -17.16
N ALA D 37 16.81 -16.06 -17.54
CA ALA D 37 18.04 -16.71 -17.13
C ALA D 37 19.31 -15.94 -17.47
N ASP D 38 20.31 -16.04 -16.60
CA ASP D 38 21.57 -15.32 -16.75
C ASP D 38 22.59 -16.06 -17.64
N THR D 39 22.38 -17.36 -17.90
CA THR D 39 23.22 -18.12 -18.82
C THR D 39 22.34 -18.95 -19.77
N PHE D 40 22.89 -19.34 -20.91
CA PHE D 40 22.21 -20.20 -21.87
C PHE D 40 21.91 -21.57 -21.24
N LEU D 41 22.84 -22.10 -20.44
CA LEU D 41 22.64 -23.38 -19.76
C LEU D 41 21.46 -23.30 -18.79
N GLU D 42 21.37 -22.22 -17.99
CA GLU D 42 20.25 -22.07 -17.07
C GLU D 42 18.93 -21.83 -17.83
N HIS D 43 19.01 -21.18 -19.01
CA HIS D 43 17.86 -20.95 -19.88
C HIS D 43 17.30 -22.32 -20.32
N LEU D 44 18.18 -23.25 -20.75
CA LEU D 44 17.76 -24.59 -21.15
C LEU D 44 17.12 -25.33 -19.98
N CYS D 45 17.75 -25.27 -18.79
CA CYS D 45 17.27 -25.91 -17.58
C CYS D 45 15.89 -25.40 -17.16
N LEU D 46 15.53 -24.17 -17.53
CA LEU D 46 14.25 -23.58 -17.15
C LEU D 46 13.14 -23.77 -18.18
N LEU D 47 13.41 -24.42 -19.32
CA LEU D 47 12.39 -24.64 -20.35
C LEU D 47 11.29 -25.54 -19.76
N ASP D 48 10.04 -25.14 -19.94
CA ASP D 48 8.91 -25.79 -19.30
C ASP D 48 7.86 -26.22 -20.33
N ILE D 49 7.56 -27.52 -20.41
CA ILE D 49 6.53 -28.02 -21.32
C ILE D 49 5.13 -27.51 -20.97
N ASP D 50 4.92 -27.05 -19.73
CA ASP D 50 3.63 -26.48 -19.31
C ASP D 50 3.54 -24.97 -19.54
N SER D 51 4.63 -24.32 -19.98
CA SER D 51 4.62 -22.90 -20.26
C SER D 51 4.09 -22.75 -21.69
N GLU D 52 2.83 -22.30 -21.82
CA GLU D 52 2.18 -22.21 -23.11
C GLU D 52 2.56 -20.99 -23.92
N PRO D 53 2.74 -21.18 -25.25
CA PRO D 53 3.06 -20.03 -26.09
C PRO D 53 1.86 -19.07 -26.20
N VAL D 54 2.11 -17.77 -26.11
CA VAL D 54 1.04 -16.76 -26.17
C VAL D 54 1.16 -15.96 -27.46
N ALA D 55 2.39 -15.58 -27.82
CA ALA D 55 2.66 -14.80 -29.02
C ALA D 55 2.21 -15.52 -30.29
N ALA D 56 1.88 -14.74 -31.32
CA ALA D 56 1.54 -15.28 -32.61
C ALA D 56 2.81 -15.91 -33.22
N ARG D 57 2.63 -16.95 -34.03
CA ARG D 57 3.72 -17.65 -34.69
C ARG D 57 4.42 -16.71 -35.66
N SER D 58 5.69 -16.51 -35.49
CA SER D 58 6.48 -15.52 -36.23
C SER D 58 7.31 -16.09 -37.41
N THR D 59 7.63 -17.40 -37.42
CA THR D 59 8.37 -18.00 -38.53
C THR D 59 7.37 -18.35 -39.64
N SER D 60 7.55 -17.80 -40.86
CA SER D 60 6.64 -18.06 -41.97
CA SER D 60 6.65 -18.05 -41.97
C SER D 60 6.73 -19.48 -42.47
N ILE D 61 5.62 -19.99 -42.96
CA ILE D 61 5.57 -21.32 -43.54
C ILE D 61 5.42 -21.18 -45.04
N ILE D 62 6.34 -21.81 -45.79
CA ILE D 62 6.24 -21.87 -47.23
C ILE D 62 5.70 -23.29 -47.58
N ALA D 63 4.60 -23.37 -48.34
CA ALA D 63 4.04 -24.67 -48.73
C ALA D 63 4.15 -24.78 -50.25
N THR D 64 4.76 -25.83 -50.73
CA THR D 64 4.88 -26.07 -52.17
C THR D 64 3.54 -26.61 -52.70
N ILE D 65 3.04 -25.97 -53.78
CA ILE D 65 1.79 -26.29 -54.46
C ILE D 65 1.98 -27.44 -55.43
N GLY D 66 1.02 -28.35 -55.41
CA GLY D 66 1.01 -29.47 -56.34
C GLY D 66 -0.36 -30.09 -56.38
N PRO D 67 -0.45 -31.33 -56.91
CA PRO D 67 -1.74 -32.05 -56.91
C PRO D 67 -2.47 -32.14 -55.56
N ALA D 68 -1.75 -32.27 -54.46
CA ALA D 68 -2.39 -32.40 -53.13
C ALA D 68 -2.89 -31.06 -52.57
N SER D 69 -2.47 -29.92 -53.18
CA SER D 69 -2.83 -28.62 -52.61
C SER D 69 -3.34 -27.62 -53.62
N ARG D 70 -3.82 -28.05 -54.80
CA ARG D 70 -4.26 -27.09 -55.82
C ARG D 70 -5.67 -26.71 -55.78
N SER D 71 -6.53 -27.53 -55.19
CA SER D 71 -7.94 -27.20 -55.11
C SER D 71 -8.16 -25.90 -54.34
N VAL D 72 -9.08 -25.04 -54.83
CA VAL D 72 -9.37 -23.75 -54.20
C VAL D 72 -9.81 -23.94 -52.75
N GLU D 73 -10.61 -24.97 -52.50
CA GLU D 73 -11.09 -25.28 -51.14
CA GLU D 73 -11.11 -25.27 -51.15
C GLU D 73 -10.00 -25.81 -50.23
N ARG D 74 -9.07 -26.58 -50.79
CA ARG D 74 -7.96 -27.12 -50.01
C ARG D 74 -7.00 -25.91 -49.65
N LEU D 75 -6.73 -25.03 -50.62
CA LEU D 75 -5.92 -23.83 -50.39
C LEU D 75 -6.49 -22.95 -49.27
N LYS D 76 -7.82 -22.82 -49.16
CA LYS D 76 -8.46 -22.06 -48.11
C LYS D 76 -8.15 -22.66 -46.75
N GLU D 77 -8.16 -23.99 -46.66
CA GLU D 77 -7.81 -24.67 -45.41
C GLU D 77 -6.31 -24.47 -45.08
N MET D 78 -5.44 -24.48 -46.11
CA MET D 78 -4.01 -24.28 -45.84
CA MET D 78 -3.99 -24.27 -45.93
C MET D 78 -3.72 -22.85 -45.38
N ILE D 79 -4.46 -21.86 -45.87
CA ILE D 79 -4.29 -20.48 -45.45
C ILE D 79 -4.70 -20.36 -43.97
N LYS D 80 -5.82 -20.98 -43.60
CA LYS D 80 -6.30 -21.01 -42.21
C LYS D 80 -5.35 -21.74 -41.28
N ALA D 81 -4.70 -22.81 -41.79
CA ALA D 81 -3.72 -23.58 -41.01
C ALA D 81 -2.40 -22.82 -40.77
N GLY D 82 -2.11 -21.83 -41.62
CA GLY D 82 -0.91 -21.01 -41.44
C GLY D 82 0.03 -20.81 -42.61
N MET D 83 -0.31 -21.29 -43.82
CA MET D 83 0.55 -21.09 -44.99
C MET D 83 0.68 -19.58 -45.30
N ASN D 84 1.92 -19.11 -45.44
CA ASN D 84 2.17 -17.68 -45.73
C ASN D 84 2.67 -17.46 -47.12
N ILE D 85 3.40 -18.44 -47.66
CA ILE D 85 3.99 -18.37 -48.99
C ILE D 85 3.66 -19.66 -49.72
N ALA D 86 3.21 -19.53 -50.93
CA ALA D 86 2.90 -20.62 -51.83
C ALA D 86 4.07 -20.68 -52.82
N ARG D 87 4.79 -21.81 -52.82
CA ARG D 87 5.91 -22.04 -53.70
C ARG D 87 5.47 -22.83 -54.96
N LEU D 88 5.82 -22.30 -56.15
CA LEU D 88 5.55 -22.94 -57.44
C LEU D 88 6.85 -23.55 -57.90
N ASN D 89 6.93 -24.89 -58.00
CA ASN D 89 8.18 -25.52 -58.35
C ASN D 89 8.22 -25.75 -59.84
N PHE D 90 8.95 -24.88 -60.54
CA PHE D 90 9.07 -24.91 -61.98
C PHE D 90 9.93 -26.08 -62.50
N SER D 91 10.43 -26.96 -61.61
CA SER D 91 11.09 -28.18 -62.05
C SER D 91 10.02 -29.19 -62.59
N HIS D 92 8.69 -28.98 -62.29
CA HIS D 92 7.58 -29.84 -62.73
C HIS D 92 6.47 -28.99 -63.33
N GLY D 93 5.80 -29.46 -64.36
CA GLY D 93 4.64 -28.80 -64.93
C GLY D 93 4.95 -27.70 -65.91
N SER D 94 3.98 -27.41 -66.75
CA SER D 94 4.06 -26.40 -67.80
C SER D 94 3.70 -24.99 -67.27
N HIS D 95 3.81 -23.97 -68.15
CA HIS D 95 3.37 -22.63 -67.78
C HIS D 95 1.86 -22.61 -67.50
N GLU D 96 1.07 -23.41 -68.24
CA GLU D 96 -0.38 -23.47 -68.07
C GLU D 96 -0.74 -24.03 -66.70
N TYR D 97 0.02 -25.01 -66.23
CA TYR D 97 -0.18 -25.60 -64.92
C TYR D 97 0.11 -24.53 -63.86
N HIS D 98 1.29 -23.87 -63.92
CA HIS D 98 1.62 -22.85 -62.91
C HIS D 98 0.69 -21.65 -62.92
N ALA D 99 0.16 -21.25 -64.11
CA ALA D 99 -0.81 -20.14 -64.16
C ALA D 99 -2.12 -20.53 -63.48
N GLU D 100 -2.55 -21.81 -63.60
CA GLU D 100 -3.73 -22.29 -62.87
C GLU D 100 -3.47 -22.34 -61.40
N SER D 101 -2.27 -22.71 -60.97
CA SER D 101 -1.89 -22.71 -59.54
C SER D 101 -2.00 -21.29 -58.99
N ILE D 102 -1.47 -20.30 -59.72
CA ILE D 102 -1.50 -18.89 -59.33
C ILE D 102 -2.94 -18.43 -59.18
N ALA D 103 -3.78 -18.77 -60.18
CA ALA D 103 -5.20 -18.40 -60.14
C ALA D 103 -5.90 -19.00 -58.96
N ASN D 104 -5.65 -20.30 -58.64
CA ASN D 104 -6.31 -20.97 -57.52
C ASN D 104 -5.86 -20.38 -56.19
N VAL D 105 -4.57 -20.09 -56.07
CA VAL D 105 -4.03 -19.48 -54.87
C VAL D 105 -4.69 -18.12 -54.65
N ARG D 106 -4.70 -17.27 -55.69
CA ARG D 106 -5.30 -15.94 -55.59
C ARG D 106 -6.79 -15.99 -55.30
N GLU D 107 -7.52 -16.95 -55.90
CA GLU D 107 -8.94 -17.11 -55.60
C GLU D 107 -9.16 -17.46 -54.12
N ALA D 108 -8.36 -18.38 -53.57
CA ALA D 108 -8.51 -18.77 -52.16
C ALA D 108 -8.13 -17.61 -51.23
N VAL D 109 -7.05 -16.91 -51.54
CA VAL D 109 -6.62 -15.76 -50.72
C VAL D 109 -7.69 -14.66 -50.74
N GLU D 110 -8.18 -14.30 -51.93
CA GLU D 110 -9.18 -13.25 -52.06
C GLU D 110 -10.54 -13.60 -51.54
N SER D 111 -10.82 -14.89 -51.24
CA SER D 111 -12.10 -15.25 -50.64
C SER D 111 -12.26 -14.71 -49.22
N PHE D 112 -11.16 -14.30 -48.58
CA PHE D 112 -11.19 -13.72 -47.23
C PHE D 112 -11.06 -12.19 -47.24
N ALA D 113 -10.98 -11.55 -48.42
CA ALA D 113 -10.82 -10.10 -48.54
C ALA D 113 -12.01 -9.27 -48.07
N GLY D 114 -13.18 -9.88 -47.96
CA GLY D 114 -14.39 -9.20 -47.48
C GLY D 114 -14.33 -8.82 -46.02
N SER D 115 -13.36 -9.35 -45.27
CA SER D 115 -13.14 -9.02 -43.87
C SER D 115 -11.69 -8.48 -43.78
N PRO D 116 -11.52 -7.17 -44.02
CA PRO D 116 -10.15 -6.60 -44.06
C PRO D 116 -9.34 -6.70 -42.77
N LEU D 117 -10.00 -6.73 -41.61
CA LEU D 117 -9.28 -6.82 -40.33
C LEU D 117 -8.68 -8.21 -40.08
N SER D 118 -9.10 -9.23 -40.85
CA SER D 118 -8.59 -10.59 -40.67
CA SER D 118 -8.57 -10.58 -40.66
C SER D 118 -7.89 -11.15 -41.92
N TYR D 119 -8.00 -10.44 -43.06
CA TYR D 119 -7.41 -10.86 -44.34
C TYR D 119 -5.91 -11.13 -44.20
N ARG D 120 -5.51 -12.34 -44.70
CA ARG D 120 -4.12 -12.72 -44.67
C ARG D 120 -3.51 -12.74 -46.04
N PRO D 121 -2.56 -11.84 -46.32
CA PRO D 121 -1.85 -11.90 -47.60
C PRO D 121 -1.04 -13.20 -47.71
N VAL D 122 -0.89 -13.74 -48.93
CA VAL D 122 -0.11 -14.93 -49.17
C VAL D 122 0.80 -14.65 -50.36
N ALA D 123 2.11 -14.81 -50.19
CA ALA D 123 3.04 -14.56 -51.28
C ALA D 123 3.07 -15.74 -52.25
N ILE D 124 3.42 -15.44 -53.48
CA ILE D 124 3.64 -16.43 -54.50
C ILE D 124 5.11 -16.40 -54.88
N ALA D 125 5.79 -17.50 -54.69
CA ALA D 125 7.19 -17.66 -55.00
C ALA D 125 7.39 -18.63 -56.16
N LEU D 126 8.28 -18.27 -57.10
CA LEU D 126 8.58 -19.13 -58.24
C LEU D 126 9.93 -19.76 -57.96
N ASP D 127 10.00 -21.09 -57.91
CA ASP D 127 11.25 -21.78 -57.66
C ASP D 127 11.72 -22.30 -59.03
N THR D 128 12.87 -21.81 -59.50
CA THR D 128 13.36 -22.16 -60.82
C THR D 128 13.87 -23.59 -60.95
N LYS D 129 13.85 -24.11 -62.19
CA LYS D 129 14.37 -25.44 -62.53
C LYS D 129 15.88 -25.50 -62.28
N GLY D 130 16.60 -24.45 -62.64
CA GLY D 130 18.03 -24.40 -62.40
C GLY D 130 18.88 -24.50 -63.64
N PRO D 131 20.20 -24.43 -63.43
CA PRO D 131 21.11 -24.42 -64.57
C PRO D 131 21.40 -25.75 -65.24
N GLY D 132 21.20 -26.85 -64.51
CA GLY D 132 21.53 -28.19 -65.03
C GLY D 132 23.01 -28.40 -65.19
N SER D 133 23.44 -28.90 -66.36
CA SER D 133 24.88 -29.12 -66.64
C SER D 133 25.43 -27.85 -67.27
N GLY D 134 24.64 -26.78 -67.24
CA GLY D 134 25.06 -25.51 -67.85
C GLY D 134 25.82 -24.63 -66.89
N PRO D 135 26.54 -23.60 -67.38
CA PRO D 135 27.37 -22.74 -66.55
C PRO D 135 26.59 -21.63 -65.85
N GLY D 136 25.36 -21.36 -66.29
CA GLY D 136 24.60 -20.25 -65.71
C GLY D 136 23.12 -20.29 -66.04
N LEU D 137 22.54 -19.15 -66.36
CA LEU D 137 21.06 -19.09 -66.55
C LEU D 137 20.63 -19.89 -67.77
N SER D 138 19.81 -20.89 -67.53
CA SER D 138 19.25 -21.73 -68.60
C SER D 138 18.27 -20.93 -69.45
N GLU D 139 18.10 -21.33 -70.70
CA GLU D 139 17.07 -20.69 -71.52
C GLU D 139 15.67 -20.96 -70.98
N GLN D 140 15.45 -22.12 -70.34
CA GLN D 140 14.16 -22.40 -69.72
C GLN D 140 13.93 -21.45 -68.55
N ASP D 141 14.97 -21.17 -67.75
CA ASP D 141 14.84 -20.25 -66.62
C ASP D 141 14.53 -18.85 -67.12
N VAL D 142 15.12 -18.42 -68.26
CA VAL D 142 14.80 -17.10 -68.83
C VAL D 142 13.30 -17.02 -69.16
N ARG D 143 12.74 -18.06 -69.75
CA ARG D 143 11.31 -18.11 -70.09
C ARG D 143 10.43 -18.16 -68.84
N ASP D 144 10.82 -18.96 -67.86
CA ASP D 144 10.08 -19.11 -66.61
C ASP D 144 10.10 -17.81 -65.83
N LEU D 145 11.25 -17.15 -65.76
CA LEU D 145 11.39 -15.86 -65.07
C LEU D 145 10.52 -14.80 -65.72
N ARG D 146 10.45 -14.79 -67.07
CA ARG D 146 9.57 -13.83 -67.74
CA ARG D 146 9.57 -13.85 -67.79
C ARG D 146 8.11 -14.15 -67.44
N PHE D 147 7.76 -15.47 -67.33
CA PHE D 147 6.41 -15.88 -66.97
C PHE D 147 6.08 -15.31 -65.55
N GLY D 148 7.02 -15.42 -64.62
CA GLY D 148 6.84 -14.93 -63.26
C GLY D 148 6.52 -13.46 -63.20
N VAL D 149 7.27 -12.64 -63.96
CA VAL D 149 7.03 -11.21 -64.04
C VAL D 149 5.65 -10.93 -64.62
N GLU D 150 5.30 -11.63 -65.74
CA GLU D 150 4.00 -11.45 -66.38
C GLU D 150 2.84 -11.83 -65.51
N HIS D 151 3.04 -12.83 -64.64
CA HIS D 151 1.99 -13.26 -63.72
C HIS D 151 2.06 -12.64 -62.32
N GLY D 152 2.97 -11.68 -62.13
CA GLY D 152 3.08 -10.92 -60.88
C GLY D 152 3.56 -11.71 -59.67
N VAL D 153 4.53 -12.63 -59.84
CA VAL D 153 5.05 -13.36 -58.68
C VAL D 153 5.82 -12.39 -57.76
N ASP D 154 5.87 -12.70 -56.47
CA ASP D 154 6.49 -11.84 -55.48
C ASP D 154 7.96 -12.15 -55.23
N ILE D 155 8.29 -13.42 -55.33
CA ILE D 155 9.62 -13.91 -54.97
C ILE D 155 10.10 -14.93 -55.99
N VAL D 156 11.41 -15.00 -56.16
CA VAL D 156 12.03 -16.01 -56.96
C VAL D 156 12.99 -16.77 -56.03
N PHE D 157 12.87 -18.10 -55.97
CA PHE D 157 13.80 -18.94 -55.26
C PHE D 157 14.69 -19.45 -56.40
N ALA D 158 15.88 -18.85 -56.56
CA ALA D 158 16.78 -19.19 -57.67
C ALA D 158 17.61 -20.44 -57.38
N SER D 159 17.38 -21.52 -58.14
CA SER D 159 18.08 -22.77 -57.93
C SER D 159 19.55 -22.73 -58.30
N PHE D 160 20.34 -23.52 -57.55
CA PHE D 160 21.78 -23.69 -57.71
C PHE D 160 22.57 -22.40 -57.93
N VAL D 161 22.41 -21.42 -57.03
CA VAL D 161 23.18 -20.17 -57.16
C VAL D 161 24.59 -20.50 -56.67
N ARG D 162 25.60 -20.28 -57.55
CA ARG D 162 27.00 -20.60 -57.23
C ARG D 162 27.92 -19.40 -57.08
N LYS D 163 27.48 -18.21 -57.52
CA LYS D 163 28.29 -17.00 -57.48
C LYS D 163 27.41 -15.78 -57.69
N ALA D 164 27.93 -14.57 -57.41
CA ALA D 164 27.21 -13.32 -57.55
C ALA D 164 26.66 -13.09 -58.96
N SER D 165 27.40 -13.52 -60.02
CA SER D 165 26.92 -13.29 -61.39
C SER D 165 25.68 -14.10 -61.73
N ASP D 166 25.42 -15.21 -61.02
CA ASP D 166 24.19 -15.98 -61.20
C ASP D 166 23.00 -15.15 -60.76
N VAL D 167 23.13 -14.39 -59.67
CA VAL D 167 22.06 -13.53 -59.16
C VAL D 167 21.83 -12.37 -60.12
N ALA D 168 22.91 -11.77 -60.64
CA ALA D 168 22.78 -10.66 -61.59
C ALA D 168 22.06 -11.13 -62.86
N ALA D 169 22.35 -12.34 -63.31
CA ALA D 169 21.67 -12.93 -64.48
C ALA D 169 20.17 -13.11 -64.20
N VAL D 170 19.78 -13.58 -62.99
CA VAL D 170 18.37 -13.73 -62.64
C VAL D 170 17.69 -12.39 -62.63
N ARG D 171 18.35 -11.37 -62.07
CA ARG D 171 17.85 -10.01 -61.99
C ARG D 171 17.64 -9.43 -63.41
N ALA D 172 18.59 -9.67 -64.31
CA ALA D 172 18.49 -9.21 -65.71
C ALA D 172 17.32 -9.87 -66.43
N ALA D 173 17.12 -11.20 -66.23
CA ALA D 173 16.01 -11.92 -66.85
C ALA D 173 14.64 -11.44 -66.37
N LEU D 174 14.55 -10.86 -65.16
CA LEU D 174 13.29 -10.31 -64.66
C LEU D 174 12.94 -8.97 -65.35
N GLY D 175 13.93 -8.32 -65.97
CA GLY D 175 13.74 -7.09 -66.73
C GLY D 175 13.41 -5.87 -65.89
N PRO D 176 13.04 -4.77 -66.55
CA PRO D 176 12.69 -3.56 -65.80
C PRO D 176 11.35 -3.66 -65.07
N GLU D 177 10.43 -4.51 -65.53
CA GLU D 177 9.13 -4.68 -64.88
C GLU D 177 9.15 -5.55 -63.60
N GLY D 178 10.21 -6.32 -63.40
CA GLY D 178 10.34 -7.18 -62.23
C GLY D 178 11.34 -6.71 -61.20
N HIS D 179 11.60 -5.37 -61.15
CA HIS D 179 12.57 -4.79 -60.21
CA HIS D 179 12.58 -4.78 -60.21
C HIS D 179 12.21 -5.01 -58.74
N GLY D 180 10.91 -5.06 -58.45
CA GLY D 180 10.42 -5.24 -57.10
C GLY D 180 10.35 -6.69 -56.61
N ILE D 181 10.61 -7.67 -57.48
CA ILE D 181 10.57 -9.09 -57.09
C ILE D 181 11.79 -9.43 -56.23
N LYS D 182 11.58 -10.13 -55.11
CA LYS D 182 12.69 -10.52 -54.23
C LYS D 182 13.40 -11.74 -54.78
N ILE D 183 14.74 -11.71 -54.79
CA ILE D 183 15.49 -12.87 -55.22
C ILE D 183 16.13 -13.57 -54.00
N ILE D 184 15.70 -14.79 -53.73
CA ILE D 184 16.21 -15.61 -52.66
C ILE D 184 17.10 -16.66 -53.33
N SER D 185 18.41 -16.60 -53.10
CA SER D 185 19.33 -17.53 -53.71
C SER D 185 19.33 -18.86 -52.98
N LYS D 186 19.13 -19.96 -53.72
CA LYS D 186 19.19 -21.29 -53.12
C LYS D 186 20.65 -21.76 -53.11
N ILE D 187 21.16 -22.15 -51.93
CA ILE D 187 22.52 -22.66 -51.82
C ILE D 187 22.38 -24.16 -51.77
N GLU D 188 22.85 -24.83 -52.84
CA GLU D 188 22.66 -26.27 -52.99
C GLU D 188 23.92 -27.07 -53.25
N ASN D 189 25.09 -26.44 -53.25
CA ASN D 189 26.34 -27.17 -53.51
C ASN D 189 27.53 -26.55 -52.80
N HIS D 190 28.71 -27.19 -52.91
CA HIS D 190 29.93 -26.70 -52.27
C HIS D 190 30.32 -25.30 -52.71
N GLU D 191 30.26 -24.99 -54.00
CA GLU D 191 30.61 -23.67 -54.50
C GLU D 191 29.70 -22.57 -53.92
N GLY D 192 28.40 -22.82 -53.83
CA GLY D 192 27.47 -21.87 -53.23
C GLY D 192 27.82 -21.58 -51.77
N VAL D 193 28.19 -22.62 -51.01
CA VAL D 193 28.60 -22.46 -49.61
C VAL D 193 29.91 -21.66 -49.52
N LYS D 194 30.89 -21.99 -50.36
CA LYS D 194 32.18 -21.28 -50.36
C LYS D 194 32.10 -19.83 -50.84
N ARG D 195 31.21 -19.56 -51.80
CA ARG D 195 31.01 -18.20 -52.28
C ARG D 195 29.80 -17.53 -51.64
N PHE D 196 29.33 -18.04 -50.47
CA PHE D 196 28.18 -17.53 -49.73
C PHE D 196 28.19 -16.03 -49.53
N ASP D 197 29.29 -15.46 -49.04
CA ASP D 197 29.33 -14.01 -48.77
C ASP D 197 29.02 -13.14 -49.96
N GLU D 198 29.60 -13.45 -51.13
CA GLU D 198 29.34 -12.65 -52.32
C GLU D 198 27.92 -12.87 -52.85
N ILE D 199 27.34 -14.06 -52.63
CA ILE D 199 25.99 -14.34 -53.06
C ILE D 199 25.01 -13.57 -52.16
N LEU D 200 25.18 -13.61 -50.82
CA LEU D 200 24.30 -12.92 -49.88
C LEU D 200 24.31 -11.42 -50.12
N GLU D 201 25.49 -10.86 -50.41
CA GLU D 201 25.64 -9.43 -50.67
C GLU D 201 24.72 -8.92 -51.76
N VAL D 202 24.55 -9.68 -52.86
CA VAL D 202 23.69 -9.26 -53.96
C VAL D 202 22.27 -9.86 -53.94
N SER D 203 21.99 -10.79 -53.02
CA SER D 203 20.67 -11.40 -52.95
C SER D 203 19.78 -10.69 -51.92
N ASP D 204 18.47 -10.85 -52.04
CA ASP D 204 17.55 -10.35 -51.02
C ASP D 204 17.51 -11.31 -49.80
N GLY D 205 17.88 -12.58 -50.01
CA GLY D 205 17.89 -13.59 -48.98
C GLY D 205 18.40 -14.91 -49.49
N ILE D 206 18.36 -15.94 -48.63
CA ILE D 206 18.93 -17.22 -48.96
C ILE D 206 18.00 -18.38 -48.59
N MET D 207 18.07 -19.47 -49.36
CA MET D 207 17.39 -20.68 -48.98
C MET D 207 18.46 -21.76 -48.76
N VAL D 208 18.44 -22.45 -47.61
CA VAL D 208 19.32 -23.58 -47.36
C VAL D 208 18.56 -24.77 -47.98
N ALA D 209 18.89 -25.10 -49.24
CA ALA D 209 18.21 -26.13 -50.02
C ALA D 209 18.88 -27.45 -49.70
N ARG D 210 18.46 -28.09 -48.61
CA ARG D 210 19.12 -29.27 -48.05
C ARG D 210 19.07 -30.55 -48.87
N GLY D 211 18.09 -30.68 -49.76
CA GLY D 211 17.97 -31.87 -50.63
C GLY D 211 19.22 -32.06 -51.49
N ASP D 212 19.48 -31.09 -52.38
CA ASP D 212 20.67 -31.12 -53.21
C ASP D 212 21.93 -30.92 -52.40
N LEU D 213 21.92 -30.05 -51.39
CA LEU D 213 23.11 -29.84 -50.55
C LEU D 213 23.59 -31.13 -49.89
N GLY D 214 22.67 -31.95 -49.41
CA GLY D 214 22.97 -33.24 -48.79
C GLY D 214 23.45 -34.34 -49.71
N ILE D 215 23.41 -34.09 -51.03
CA ILE D 215 23.92 -34.96 -52.10
C ILE D 215 25.26 -34.39 -52.60
N GLU D 216 25.37 -33.04 -52.67
CA GLU D 216 26.56 -32.34 -53.16
C GLU D 216 27.72 -32.33 -52.19
N ILE D 217 27.41 -32.31 -50.88
CA ILE D 217 28.40 -32.35 -49.81
C ILE D 217 28.04 -33.54 -48.90
N PRO D 218 28.97 -34.04 -48.06
CA PRO D 218 28.60 -35.16 -47.17
C PRO D 218 27.38 -34.83 -46.32
N ALA D 219 26.44 -35.77 -46.21
CA ALA D 219 25.20 -35.59 -45.47
C ALA D 219 25.41 -35.11 -44.03
N GLU D 220 26.47 -35.60 -43.37
CA GLU D 220 26.81 -35.25 -41.99
C GLU D 220 27.37 -33.83 -41.84
N LYS D 221 27.57 -33.09 -42.93
CA LYS D 221 28.06 -31.70 -42.88
C LYS D 221 26.95 -30.66 -43.15
N VAL D 222 25.77 -31.09 -43.63
CA VAL D 222 24.68 -30.16 -43.94
C VAL D 222 24.30 -29.27 -42.77
N PHE D 223 24.21 -29.82 -41.55
CA PHE D 223 23.86 -29.02 -40.37
C PHE D 223 24.86 -27.86 -40.14
N LEU D 224 26.16 -28.04 -40.50
CA LEU D 224 27.14 -26.97 -40.34
C LEU D 224 26.85 -25.86 -41.35
N ALA D 225 26.55 -26.24 -42.62
CA ALA D 225 26.24 -25.26 -43.67
C ALA D 225 24.95 -24.51 -43.31
N GLN D 226 23.95 -25.23 -42.80
CA GLN D 226 22.68 -24.62 -42.40
C GLN D 226 22.88 -23.60 -41.28
N LYS D 227 23.55 -24.00 -40.18
CA LYS D 227 23.76 -23.11 -39.05
C LYS D 227 24.61 -21.91 -39.39
N MET D 228 25.62 -22.09 -40.26
CA MET D 228 26.48 -21.01 -40.71
C MET D 228 25.68 -20.00 -41.55
N MET D 229 24.92 -20.48 -42.54
CA MET D 229 24.16 -19.61 -43.42
C MET D 229 23.07 -18.88 -42.69
N ILE D 230 22.39 -19.54 -41.74
CA ILE D 230 21.37 -18.87 -40.94
C ILE D 230 22.02 -17.77 -40.08
N GLY D 231 23.14 -18.08 -39.42
CA GLY D 231 23.87 -17.10 -38.61
C GLY D 231 24.31 -15.89 -39.41
N ARG D 232 24.85 -16.12 -40.62
CA ARG D 232 25.29 -15.00 -41.48
C ARG D 232 24.13 -14.17 -42.00
N CYS D 233 23.00 -14.81 -42.30
CA CYS D 233 21.82 -14.08 -42.76
C CYS D 233 21.25 -13.25 -41.62
N ASN D 234 21.24 -13.79 -40.40
CA ASN D 234 20.76 -13.06 -39.23
C ASN D 234 21.64 -11.84 -38.99
N LEU D 235 22.96 -11.99 -39.16
CA LEU D 235 23.94 -10.92 -38.99
C LEU D 235 23.71 -9.83 -40.06
N ALA D 236 23.45 -10.24 -41.31
CA ALA D 236 23.20 -9.30 -42.41
C ALA D 236 21.79 -8.71 -42.39
N GLY D 237 20.89 -9.23 -41.57
CA GLY D 237 19.51 -8.75 -41.55
C GLY D 237 18.72 -9.11 -42.81
N LYS D 238 19.07 -10.25 -43.42
CA LYS D 238 18.41 -10.72 -44.63
C LYS D 238 17.69 -12.05 -44.40
N PRO D 239 16.50 -12.25 -44.99
CA PRO D 239 15.77 -13.50 -44.75
C PRO D 239 16.49 -14.79 -45.13
N VAL D 240 16.30 -15.83 -44.31
CA VAL D 240 16.85 -17.15 -44.58
C VAL D 240 15.76 -18.21 -44.42
N VAL D 241 15.66 -19.09 -45.40
CA VAL D 241 14.67 -20.18 -45.40
C VAL D 241 15.36 -21.52 -45.11
N CYS D 242 14.80 -22.32 -44.21
CA CYS D 242 15.32 -23.68 -44.04
C CYS D 242 14.37 -24.59 -44.84
N ALA D 243 14.91 -25.41 -45.74
CA ALA D 243 14.07 -26.23 -46.60
C ALA D 243 14.47 -27.69 -46.67
N THR D 244 13.49 -28.55 -47.03
CA THR D 244 13.56 -29.93 -47.49
C THR D 244 13.66 -31.00 -46.41
N GLN D 245 12.67 -31.93 -46.49
CA GLN D 245 12.51 -33.13 -45.65
C GLN D 245 12.28 -32.82 -44.19
N MET D 246 11.80 -31.61 -43.87
CA MET D 246 11.55 -31.22 -42.48
C MET D 246 10.52 -32.11 -41.81
N LEU D 247 9.45 -32.49 -42.53
CA LEU D 247 8.39 -33.37 -42.02
C LEU D 247 8.13 -34.47 -43.08
N GLU D 248 9.18 -34.98 -43.71
CA GLU D 248 9.12 -35.92 -44.82
C GLU D 248 8.14 -37.10 -44.64
N SER D 249 8.18 -37.77 -43.49
CA SER D 249 7.31 -38.91 -43.22
C SER D 249 5.83 -38.54 -43.31
N MET D 250 5.48 -37.24 -43.13
CA MET D 250 4.09 -36.82 -43.24
C MET D 250 3.55 -36.80 -44.68
N ILE D 251 4.38 -37.15 -45.68
CA ILE D 251 3.89 -37.33 -47.05
C ILE D 251 2.88 -38.54 -47.03
N THR D 252 3.17 -39.57 -46.21
CA THR D 252 2.28 -40.74 -46.09
C THR D 252 1.74 -41.04 -44.69
N LYS D 253 2.30 -40.43 -43.64
CA LYS D 253 1.84 -40.67 -42.28
C LYS D 253 1.22 -39.43 -41.62
N PRO D 254 0.19 -39.64 -40.77
CA PRO D 254 -0.51 -38.48 -40.17
C PRO D 254 0.30 -37.73 -39.09
N ARG D 255 1.35 -38.36 -38.57
CA ARG D 255 2.18 -37.77 -37.51
C ARG D 255 3.62 -37.88 -37.92
N PRO D 256 4.46 -36.86 -37.60
CA PRO D 256 5.87 -36.93 -37.98
C PRO D 256 6.73 -37.74 -36.99
N THR D 257 7.98 -38.01 -37.36
CA THR D 257 8.90 -38.69 -36.47
C THR D 257 9.47 -37.69 -35.41
N ARG D 258 10.14 -38.21 -34.39
CA ARG D 258 10.79 -37.39 -33.36
C ARG D 258 11.91 -36.56 -33.94
N ALA D 259 12.60 -37.08 -34.96
CA ALA D 259 13.67 -36.34 -35.61
C ALA D 259 13.13 -35.15 -36.41
N GLU D 260 11.94 -35.30 -37.02
CA GLU D 260 11.29 -34.27 -37.83
C GLU D 260 10.80 -33.09 -36.99
N THR D 261 10.13 -33.33 -35.86
CA THR D 261 9.69 -32.23 -35.00
C THR D 261 10.90 -31.48 -34.44
N SER D 262 11.95 -32.24 -34.06
CA SER D 262 13.21 -31.71 -33.59
C SER D 262 13.86 -30.81 -34.69
N ASP D 263 13.87 -31.27 -35.94
CA ASP D 263 14.45 -30.51 -37.04
C ASP D 263 13.75 -29.17 -37.25
N VAL D 264 12.41 -29.17 -37.19
CA VAL D 264 11.65 -27.94 -37.34
C VAL D 264 11.96 -26.98 -36.17
N ALA D 265 11.97 -27.52 -34.93
CA ALA D 265 12.23 -26.67 -33.76
C ALA D 265 13.64 -26.10 -33.80
N ASN D 266 14.63 -26.92 -34.19
CA ASN D 266 16.00 -26.47 -34.28
C ASN D 266 16.24 -25.48 -35.42
N ALA D 267 15.52 -25.57 -36.55
CA ALA D 267 15.65 -24.55 -37.62
C ALA D 267 15.20 -23.18 -37.08
N VAL D 268 14.09 -23.15 -36.30
CA VAL D 268 13.62 -21.92 -35.68
C VAL D 268 14.62 -21.40 -34.62
N LEU D 269 15.12 -22.30 -33.77
CA LEU D 269 16.14 -21.93 -32.77
C LEU D 269 17.42 -21.46 -33.43
N ASP D 270 17.78 -22.01 -34.59
CA ASP D 270 18.99 -21.58 -35.34
C ASP D 270 18.85 -20.11 -35.77
N GLY D 271 17.62 -19.65 -36.06
CA GLY D 271 17.35 -18.29 -36.50
C GLY D 271 16.70 -18.18 -37.87
N ALA D 272 16.12 -19.30 -38.41
CA ALA D 272 15.49 -19.24 -39.73
C ALA D 272 14.28 -18.30 -39.73
N ASP D 273 14.15 -17.47 -40.76
CA ASP D 273 12.97 -16.61 -40.90
C ASP D 273 11.80 -17.44 -41.39
N CYS D 274 12.05 -18.42 -42.30
CA CYS D 274 11.00 -19.25 -42.89
C CYS D 274 11.37 -20.70 -42.80
N ILE D 275 10.35 -21.53 -42.76
CA ILE D 275 10.49 -23.00 -42.84
C ILE D 275 9.63 -23.45 -44.03
N MET D 276 10.03 -24.56 -44.67
CA MET D 276 9.37 -24.98 -45.89
C MET D 276 8.90 -26.43 -45.87
N LEU D 277 7.83 -26.68 -46.63
CA LEU D 277 7.24 -27.99 -46.93
C LEU D 277 7.29 -28.15 -48.45
N SER D 278 7.69 -29.33 -48.90
CA SER D 278 7.82 -29.62 -50.34
C SER D 278 6.84 -30.71 -50.72
N GLY D 279 7.27 -31.97 -50.71
CA GLY D 279 6.39 -33.09 -50.97
C GLY D 279 5.27 -33.19 -49.95
N GLU D 280 5.53 -32.76 -48.68
CA GLU D 280 4.51 -32.76 -47.62
C GLU D 280 3.27 -32.00 -48.02
N THR D 281 3.41 -30.91 -48.85
CA THR D 281 2.19 -30.21 -49.30
C THR D 281 1.92 -30.39 -50.78
N ALA D 282 2.94 -30.63 -51.60
CA ALA D 282 2.77 -30.75 -53.05
C ALA D 282 2.09 -32.05 -53.46
N LYS D 283 2.45 -33.19 -52.85
CA LYS D 283 1.93 -34.47 -53.32
C LYS D 283 1.47 -35.43 -52.24
N GLY D 284 1.70 -35.10 -50.98
CA GLY D 284 1.34 -36.00 -49.89
C GLY D 284 -0.12 -36.08 -49.54
N ASN D 285 -0.44 -36.91 -48.56
CA ASN D 285 -1.79 -37.14 -48.11
C ASN D 285 -2.22 -36.27 -46.93
N PHE D 286 -1.27 -35.49 -46.33
CA PHE D 286 -1.57 -34.64 -45.19
C PHE D 286 -1.06 -33.17 -45.36
N PRO D 287 -1.37 -32.49 -46.49
CA PRO D 287 -0.85 -31.13 -46.67
C PRO D 287 -1.27 -30.15 -45.59
N VAL D 288 -2.54 -30.16 -45.21
CA VAL D 288 -3.05 -29.26 -44.20
C VAL D 288 -2.46 -29.59 -42.82
N GLU D 289 -2.38 -30.90 -42.46
CA GLU D 289 -1.82 -31.29 -41.18
C GLU D 289 -0.32 -30.99 -41.10
N ALA D 290 0.41 -31.08 -42.22
CA ALA D 290 1.83 -30.77 -42.23
C ALA D 290 2.04 -29.25 -41.96
N VAL D 291 1.15 -28.39 -42.48
CA VAL D 291 1.22 -26.93 -42.22
C VAL D 291 0.88 -26.69 -40.72
N LYS D 292 -0.14 -27.38 -40.21
CA LYS D 292 -0.55 -27.25 -38.81
C LYS D 292 0.57 -27.69 -37.87
N MET D 293 1.30 -28.75 -38.24
CA MET D 293 2.42 -29.27 -37.44
C MET D 293 3.58 -28.26 -37.41
N GLN D 294 3.97 -27.68 -38.57
CA GLN D 294 5.01 -26.66 -38.60
C GLN D 294 4.61 -25.45 -37.79
N HIS D 295 3.31 -25.06 -37.86
CA HIS D 295 2.79 -23.95 -37.08
C HIS D 295 2.93 -24.23 -35.57
N ALA D 296 2.49 -25.40 -35.12
CA ALA D 296 2.55 -25.77 -33.71
C ALA D 296 3.99 -25.83 -33.18
N ILE D 297 4.90 -26.40 -33.97
CA ILE D 297 6.29 -26.50 -33.53
C ILE D 297 6.98 -25.12 -33.47
N ALA D 298 6.82 -24.31 -34.52
CA ALA D 298 7.42 -22.99 -34.60
C ALA D 298 7.02 -22.11 -33.44
N ARG D 299 5.74 -22.13 -33.04
CA ARG D 299 5.28 -21.32 -31.91
C ARG D 299 5.97 -21.74 -30.62
N GLU D 300 6.15 -23.04 -30.39
CA GLU D 300 6.83 -23.53 -29.21
C GLU D 300 8.30 -23.11 -29.23
N ALA D 301 8.97 -23.27 -30.41
CA ALA D 301 10.39 -22.97 -30.51
C ALA D 301 10.70 -21.48 -30.41
N GLU D 302 9.79 -20.62 -30.90
CA GLU D 302 10.00 -19.16 -30.82
C GLU D 302 9.97 -18.69 -29.36
N ALA D 303 9.11 -19.29 -28.53
CA ALA D 303 9.06 -18.94 -27.12
C ALA D 303 10.35 -19.39 -26.39
N ALA D 304 10.99 -20.46 -26.87
CA ALA D 304 12.22 -21.01 -26.31
C ALA D 304 13.50 -20.28 -26.79
N VAL D 305 13.39 -19.28 -27.68
CA VAL D 305 14.55 -18.52 -28.12
C VAL D 305 15.10 -17.70 -26.92
N TYR D 306 16.43 -17.75 -26.70
CA TYR D 306 17.06 -17.03 -25.60
C TYR D 306 17.34 -15.58 -26.06
N HIS D 307 16.30 -14.74 -26.05
CA HIS D 307 16.38 -13.34 -26.53
C HIS D 307 17.44 -12.50 -25.86
N ARG D 308 17.70 -12.72 -24.56
CA ARG D 308 18.70 -11.96 -23.83
C ARG D 308 20.08 -12.01 -24.51
N GLN D 309 20.53 -13.21 -24.89
CA GLN D 309 21.82 -13.33 -25.58
C GLN D 309 21.68 -12.90 -27.04
N LEU D 310 20.60 -13.34 -27.71
CA LEU D 310 20.38 -13.04 -29.13
C LEU D 310 20.35 -11.52 -29.43
N PHE D 311 19.53 -10.75 -28.70
CA PHE D 311 19.46 -9.30 -28.88
C PHE D 311 20.79 -8.64 -28.62
N GLU D 312 21.47 -9.04 -27.53
CA GLU D 312 22.77 -8.50 -27.14
C GLU D 312 23.79 -8.71 -28.26
N GLU D 313 23.83 -9.93 -28.82
CA GLU D 313 24.76 -10.25 -29.89
C GLU D 313 24.42 -9.57 -31.21
N LEU D 314 23.11 -9.43 -31.53
CA LEU D 314 22.70 -8.77 -32.77
C LEU D 314 23.05 -7.29 -32.70
N ARG D 315 22.80 -6.66 -31.55
CA ARG D 315 23.13 -5.26 -31.29
C ARG D 315 24.63 -5.02 -31.43
N ARG D 316 25.46 -5.83 -30.73
CA ARG D 316 26.91 -5.71 -30.70
C ARG D 316 27.52 -5.88 -32.10
N ALA D 317 26.99 -6.81 -32.88
CA ALA D 317 27.51 -7.07 -34.22
C ALA D 317 27.01 -6.12 -35.29
N ALA D 318 25.82 -5.52 -35.12
CA ALA D 318 25.29 -4.61 -36.13
C ALA D 318 26.12 -3.34 -36.14
N PRO D 319 26.61 -2.93 -37.31
CA PRO D 319 27.46 -1.72 -37.36
C PRO D 319 26.69 -0.44 -37.04
N LEU D 320 27.42 0.64 -36.73
CA LEU D 320 26.83 1.94 -36.52
C LEU D 320 26.15 2.38 -37.82
N SER D 321 25.10 3.18 -37.70
CA SER D 321 24.37 3.61 -38.89
C SER D 321 23.94 5.03 -38.79
N ARG D 322 23.99 5.73 -39.91
CA ARG D 322 23.45 7.08 -40.00
C ARG D 322 22.08 7.12 -40.75
N ASP D 323 21.48 5.97 -41.01
CA ASP D 323 20.21 5.86 -41.69
C ASP D 323 19.13 5.96 -40.63
N PRO D 324 18.23 6.95 -40.74
CA PRO D 324 17.19 7.11 -39.69
C PRO D 324 16.26 5.93 -39.51
N THR D 325 15.99 5.16 -40.56
CA THR D 325 15.12 3.97 -40.43
C THR D 325 15.77 2.94 -39.54
N GLU D 326 17.05 2.68 -39.77
CA GLU D 326 17.85 1.74 -39.00
C GLU D 326 18.01 2.21 -37.53
N VAL D 327 18.28 3.52 -37.33
CA VAL D 327 18.40 4.08 -35.98
C VAL D 327 17.05 3.98 -35.22
N THR D 328 15.93 4.31 -35.89
CA THR D 328 14.61 4.23 -35.27
C THR D 328 14.27 2.78 -34.94
N ALA D 329 14.60 1.83 -35.83
CA ALA D 329 14.31 0.41 -35.62
C ALA D 329 14.96 -0.14 -34.36
N ILE D 330 16.27 0.15 -34.14
CA ILE D 330 16.93 -0.37 -32.95
C ILE D 330 16.38 0.29 -31.66
N GLY D 331 16.06 1.58 -31.75
CA GLY D 331 15.45 2.29 -30.62
C GLY D 331 14.09 1.69 -30.27
N ALA D 332 13.28 1.37 -31.29
CA ALA D 332 11.94 0.80 -31.12
C ALA D 332 12.02 -0.63 -30.54
N VAL D 333 13.00 -1.45 -30.96
CA VAL D 333 13.15 -2.81 -30.46
C VAL D 333 13.61 -2.76 -28.99
N GLU D 334 14.54 -1.85 -28.67
CA GLU D 334 14.99 -1.68 -27.29
CA GLU D 334 14.99 -1.68 -27.29
C GLU D 334 13.83 -1.26 -26.40
N ALA D 335 13.01 -0.28 -26.87
CA ALA D 335 11.83 0.19 -26.17
C ALA D 335 10.82 -0.95 -25.97
N ALA D 336 10.57 -1.77 -27.00
CA ALA D 336 9.62 -2.87 -26.92
C ALA D 336 10.03 -3.89 -25.83
N PHE D 337 11.33 -4.20 -25.73
CA PHE D 337 11.82 -5.12 -24.71
C PHE D 337 11.67 -4.53 -23.30
N LYS D 338 11.88 -3.22 -23.16
CA LYS D 338 11.79 -2.53 -21.87
C LYS D 338 10.43 -2.62 -21.24
N CYS D 339 9.37 -2.54 -22.06
CA CYS D 339 8.01 -2.56 -21.53
C CYS D 339 7.25 -3.83 -21.81
N CYS D 340 7.87 -4.87 -22.42
CA CYS D 340 7.16 -6.09 -22.81
C CYS D 340 6.01 -5.75 -23.73
N ALA D 341 6.29 -4.86 -24.72
CA ALA D 341 5.26 -4.43 -25.66
C ALA D 341 4.63 -5.65 -26.37
N ALA D 342 3.31 -5.65 -26.53
CA ALA D 342 2.59 -6.71 -27.23
C ALA D 342 2.92 -6.65 -28.73
N ALA D 343 3.20 -5.44 -29.28
CA ALA D 343 3.47 -5.29 -30.69
C ALA D 343 4.23 -3.99 -31.01
N ILE D 344 4.89 -3.98 -32.17
CA ILE D 344 5.50 -2.82 -32.78
C ILE D 344 4.66 -2.64 -34.06
N ILE D 345 3.88 -1.57 -34.16
CA ILE D 345 3.07 -1.30 -35.34
C ILE D 345 3.88 -0.37 -36.23
N VAL D 346 4.17 -0.78 -37.45
CA VAL D 346 4.98 0.01 -38.36
C VAL D 346 4.25 0.27 -39.66
N LEU D 347 4.31 1.52 -40.15
CA LEU D 347 3.73 1.83 -41.45
C LEU D 347 4.88 1.61 -42.44
N THR D 348 4.63 0.94 -43.56
CA THR D 348 5.69 0.65 -44.53
C THR D 348 5.17 0.62 -45.96
N THR D 349 5.95 1.10 -46.93
CA THR D 349 5.54 1.11 -48.33
C THR D 349 6.17 -0.06 -49.04
N THR D 350 7.47 -0.30 -48.83
CA THR D 350 8.19 -1.37 -49.50
C THR D 350 8.43 -2.60 -48.60
N GLY D 351 8.15 -2.48 -47.30
CA GLY D 351 8.43 -3.50 -46.30
C GLY D 351 9.76 -3.28 -45.58
N ARG D 352 10.59 -2.32 -46.05
CA ARG D 352 11.93 -2.11 -45.47
C ARG D 352 11.93 -1.72 -43.99
N SER D 353 11.01 -0.84 -43.54
CA SER D 353 10.97 -0.43 -42.13
C SER D 353 10.63 -1.68 -41.24
N ALA D 354 9.78 -2.57 -41.73
CA ALA D 354 9.43 -3.79 -40.98
C ALA D 354 10.62 -4.75 -40.92
N GLN D 355 11.35 -4.89 -42.03
CA GLN D 355 12.52 -5.74 -42.10
C GLN D 355 13.60 -5.29 -41.12
N LEU D 356 13.82 -3.96 -41.03
CA LEU D 356 14.85 -3.45 -40.13
C LEU D 356 14.46 -3.65 -38.66
N LEU D 357 13.17 -3.73 -38.33
CA LEU D 357 12.73 -4.06 -36.97
C LEU D 357 12.97 -5.56 -36.70
N SER D 358 12.60 -6.40 -37.68
CA SER D 358 12.70 -7.87 -37.66
C SER D 358 14.15 -8.35 -37.46
N ARG D 359 15.13 -7.64 -38.04
CA ARG D 359 16.52 -8.05 -37.92
C ARG D 359 17.05 -8.05 -36.46
N TYR D 360 16.39 -7.28 -35.56
CA TYR D 360 16.78 -7.26 -34.14
C TYR D 360 16.02 -8.28 -33.32
N ARG D 361 15.21 -9.14 -33.97
CA ARG D 361 14.46 -10.21 -33.35
C ARG D 361 13.70 -9.81 -32.10
N PRO D 362 12.80 -8.81 -32.19
CA PRO D 362 11.98 -8.47 -31.03
C PRO D 362 11.06 -9.64 -30.67
N ARG D 363 10.70 -9.76 -29.40
CA ARG D 363 9.69 -10.72 -28.97
C ARG D 363 8.32 -10.16 -29.39
N ALA D 364 8.13 -8.80 -29.34
CA ALA D 364 6.90 -8.13 -29.78
C ALA D 364 6.65 -8.42 -31.26
N ALA D 365 5.39 -8.70 -31.62
CA ALA D 365 5.02 -8.94 -33.03
C ALA D 365 5.21 -7.62 -33.82
N VAL D 366 5.71 -7.68 -35.03
CA VAL D 366 5.87 -6.49 -35.87
C VAL D 366 4.65 -6.46 -36.81
N ILE D 367 3.67 -5.63 -36.49
CA ILE D 367 2.47 -5.51 -37.30
C ILE D 367 2.74 -4.46 -38.37
N ALA D 368 2.89 -4.89 -39.64
CA ALA D 368 3.22 -3.97 -40.72
C ALA D 368 2.00 -3.57 -41.51
N VAL D 369 1.64 -2.28 -41.46
CA VAL D 369 0.48 -1.79 -42.19
C VAL D 369 0.95 -1.17 -43.46
N THR D 370 0.46 -1.68 -44.57
CA THR D 370 0.87 -1.21 -45.88
C THR D 370 -0.28 -1.14 -46.85
N ARG D 371 -0.21 -0.24 -47.84
CA ARG D 371 -1.16 -0.22 -48.93
C ARG D 371 -0.68 -1.07 -50.11
N SER D 372 0.62 -1.40 -50.18
CA SER D 372 1.16 -2.20 -51.26
C SER D 372 0.82 -3.69 -51.06
N ALA D 373 -0.01 -4.27 -51.92
CA ALA D 373 -0.36 -5.68 -51.84
C ALA D 373 0.89 -6.55 -52.00
N GLN D 374 1.81 -6.15 -52.88
CA GLN D 374 3.05 -6.89 -53.05
C GLN D 374 3.96 -6.85 -51.80
N ALA D 375 4.13 -5.67 -51.19
CA ALA D 375 4.94 -5.58 -49.98
C ALA D 375 4.34 -6.43 -48.85
N ALA D 376 3.03 -6.41 -48.73
CA ALA D 376 2.32 -7.20 -47.70
C ALA D 376 2.61 -8.71 -47.89
N ARG D 377 2.71 -9.17 -49.14
CA ARG D 377 3.03 -10.54 -49.43
C ARG D 377 4.51 -10.83 -49.15
N GLN D 378 5.41 -9.95 -49.63
CA GLN D 378 6.85 -10.15 -49.47
C GLN D 378 7.36 -10.09 -48.03
N VAL D 379 6.73 -9.30 -47.14
CA VAL D 379 7.25 -9.19 -45.77
C VAL D 379 7.15 -10.49 -44.98
N HIS D 380 6.39 -11.49 -45.49
CA HIS D 380 6.34 -12.81 -44.86
C HIS D 380 7.73 -13.45 -44.84
N LEU D 381 8.68 -12.99 -45.69
CA LEU D 381 10.06 -13.51 -45.63
C LEU D 381 10.79 -13.14 -44.33
N CYS D 382 10.31 -12.11 -43.60
CA CYS D 382 10.99 -11.64 -42.39
C CYS D 382 10.32 -12.12 -41.16
N ARG D 383 11.08 -12.79 -40.27
CA ARG D 383 10.49 -13.35 -39.06
C ARG D 383 9.80 -12.32 -38.19
N GLY D 384 8.58 -12.66 -37.77
CA GLY D 384 7.85 -11.82 -36.85
C GLY D 384 7.16 -10.64 -37.45
N VAL D 385 7.08 -10.57 -38.80
CA VAL D 385 6.34 -9.52 -39.46
C VAL D 385 4.96 -10.05 -39.87
N PHE D 386 3.90 -9.40 -39.37
CA PHE D 386 2.51 -9.74 -39.65
C PHE D 386 1.95 -8.62 -40.54
N PRO D 387 1.84 -8.89 -41.85
CA PRO D 387 1.35 -7.84 -42.77
C PRO D 387 -0.16 -7.62 -42.76
N LEU D 388 -0.54 -6.34 -42.76
CA LEU D 388 -1.93 -5.95 -42.84
C LEU D 388 -2.06 -5.09 -44.08
N LEU D 389 -2.93 -5.49 -45.02
CA LEU D 389 -3.15 -4.74 -46.23
C LEU D 389 -4.26 -3.72 -46.01
N TYR D 390 -3.90 -2.44 -46.06
CA TYR D 390 -4.83 -1.35 -45.86
C TYR D 390 -5.42 -0.97 -47.22
N ARG D 391 -6.76 -0.92 -47.32
CA ARG D 391 -7.41 -0.67 -48.59
C ARG D 391 -8.07 0.66 -48.74
N GLU D 392 -8.22 1.44 -47.67
CA GLU D 392 -8.90 2.74 -47.76
C GLU D 392 -8.14 3.77 -48.57
N PRO D 393 -8.85 4.61 -49.35
CA PRO D 393 -8.15 5.67 -50.08
C PRO D 393 -7.59 6.71 -49.09
N PRO D 394 -6.48 7.37 -49.47
CA PRO D 394 -5.88 8.34 -48.55
C PRO D 394 -6.76 9.48 -48.08
N GLU D 395 -6.65 9.84 -46.81
CA GLU D 395 -7.27 11.02 -46.22
C GLU D 395 -6.57 12.24 -46.83
N ALA D 396 -7.26 13.38 -46.92
CA ALA D 396 -6.67 14.62 -47.43
C ALA D 396 -5.56 15.12 -46.50
N ILE D 397 -5.75 14.98 -45.17
CA ILE D 397 -4.73 15.38 -44.21
C ILE D 397 -3.83 14.17 -43.93
N TRP D 398 -2.55 14.28 -44.31
CA TRP D 398 -1.61 13.20 -44.21
C TRP D 398 -1.48 12.63 -42.79
N ALA D 399 -1.41 13.48 -41.75
CA ALA D 399 -1.37 13.02 -40.37
C ALA D 399 -2.59 12.19 -40.01
N ASP D 400 -3.77 12.48 -40.57
CA ASP D 400 -4.97 11.70 -40.30
C ASP D 400 -4.89 10.34 -40.98
N ASP D 401 -4.28 10.29 -42.17
CA ASP D 401 -4.14 9.02 -42.93
C ASP D 401 -3.20 8.07 -42.19
N VAL D 402 -2.17 8.62 -41.59
CA VAL D 402 -1.20 7.82 -40.78
C VAL D 402 -1.93 7.28 -39.55
N ASP D 403 -2.69 8.12 -38.85
CA ASP D 403 -3.44 7.71 -37.64
C ASP D 403 -4.45 6.61 -37.97
N ARG D 404 -5.20 6.77 -39.06
CA ARG D 404 -6.19 5.75 -39.48
C ARG D 404 -5.51 4.40 -39.72
N ARG D 405 -4.32 4.43 -40.31
CA ARG D 405 -3.57 3.17 -40.56
C ARG D 405 -3.10 2.58 -39.23
N VAL D 406 -2.64 3.40 -38.29
CA VAL D 406 -2.21 2.92 -36.99
C VAL D 406 -3.42 2.28 -36.28
N GLN D 407 -4.59 2.96 -36.35
CA GLN D 407 -5.83 2.44 -35.78
C GLN D 407 -6.25 1.12 -36.44
N PHE D 408 -6.11 1.00 -37.76
CA PHE D 408 -6.38 -0.25 -38.46
C PHE D 408 -5.49 -1.38 -37.91
N GLY D 409 -4.21 -1.07 -37.66
CA GLY D 409 -3.24 -1.98 -37.08
C GLY D 409 -3.71 -2.47 -35.72
N ILE D 410 -4.14 -1.53 -34.83
CA ILE D 410 -4.67 -1.81 -33.49
C ILE D 410 -5.94 -2.66 -33.54
N GLU D 411 -6.92 -2.28 -34.38
CA GLU D 411 -8.17 -3.02 -34.52
C GLU D 411 -7.96 -4.42 -35.07
N SER D 412 -7.03 -4.58 -36.07
CA SER D 412 -6.71 -5.93 -36.57
C SER D 412 -6.05 -6.73 -35.48
N GLY D 413 -5.13 -6.12 -34.74
CA GLY D 413 -4.42 -6.76 -33.65
C GLY D 413 -5.34 -7.22 -32.54
N LYS D 414 -6.34 -6.41 -32.20
CA LYS D 414 -7.32 -6.78 -31.18
C LYS D 414 -8.17 -7.97 -31.66
N LEU D 415 -8.62 -7.93 -32.90
CA LEU D 415 -9.44 -8.97 -33.49
C LEU D 415 -8.68 -10.27 -33.61
N ARG D 416 -7.40 -10.21 -33.97
CA ARG D 416 -6.59 -11.40 -34.13
C ARG D 416 -5.98 -11.95 -32.83
N GLY D 417 -6.17 -11.27 -31.70
CA GLY D 417 -5.63 -11.73 -30.43
C GLY D 417 -4.25 -11.22 -30.06
N PHE D 418 -3.62 -10.41 -30.93
CA PHE D 418 -2.29 -9.84 -30.65
C PHE D 418 -2.33 -8.82 -29.53
N LEU D 419 -3.43 -8.06 -29.45
CA LEU D 419 -3.53 -6.94 -28.53
C LEU D 419 -4.76 -6.98 -27.71
N ARG D 420 -4.68 -6.38 -26.51
CA ARG D 420 -5.78 -6.20 -25.59
C ARG D 420 -5.67 -4.79 -25.03
N VAL D 421 -6.78 -4.29 -24.48
CA VAL D 421 -6.81 -2.99 -23.80
C VAL D 421 -5.87 -3.03 -22.61
N GLY D 422 -5.03 -2.01 -22.46
CA GLY D 422 -4.04 -1.99 -21.40
C GLY D 422 -2.65 -2.37 -21.85
N ASP D 423 -2.53 -3.03 -23.02
CA ASP D 423 -1.21 -3.38 -23.56
C ASP D 423 -0.45 -2.10 -23.98
N LEU D 424 0.88 -2.19 -24.02
CA LEU D 424 1.70 -1.12 -24.55
C LEU D 424 2.14 -1.57 -25.93
N VAL D 425 2.21 -0.63 -26.85
CA VAL D 425 2.62 -0.88 -28.20
C VAL D 425 3.65 0.23 -28.62
N ILE D 426 4.59 -0.12 -29.51
CA ILE D 426 5.55 0.85 -30.06
C ILE D 426 5.06 1.14 -31.48
N VAL D 427 4.91 2.40 -31.86
CA VAL D 427 4.39 2.80 -33.18
C VAL D 427 5.51 3.49 -33.95
N VAL D 428 5.88 2.94 -35.12
CA VAL D 428 6.97 3.40 -35.94
C VAL D 428 6.40 3.97 -37.22
N THR D 429 6.62 5.28 -37.42
CA THR D 429 6.12 6.02 -38.58
C THR D 429 7.25 6.97 -39.10
N GLY D 430 6.98 7.76 -40.13
CA GLY D 430 7.94 8.69 -40.70
C GLY D 430 7.46 10.14 -40.74
N TRP D 431 8.29 11.04 -41.20
CA TRP D 431 7.99 12.50 -41.15
C TRP D 431 7.35 13.09 -42.42
N ARG D 432 7.31 12.30 -43.48
CA ARG D 432 6.68 12.72 -44.73
C ARG D 432 6.24 11.47 -45.54
N PRO D 433 5.34 11.63 -46.54
CA PRO D 433 4.92 10.46 -47.34
C PRO D 433 6.03 9.90 -48.22
N GLY D 434 5.80 8.69 -48.68
CA GLY D 434 6.75 7.99 -49.50
C GLY D 434 7.70 7.19 -48.66
N SER D 435 8.31 6.20 -49.31
CA SER D 435 9.27 5.29 -48.72
CA SER D 435 9.28 5.29 -48.69
C SER D 435 10.58 5.97 -48.35
N GLY D 436 11.22 5.50 -47.29
CA GLY D 436 12.55 5.94 -46.88
C GLY D 436 12.63 6.96 -45.80
N TYR D 437 11.50 7.41 -45.25
CA TYR D 437 11.49 8.49 -44.27
C TYR D 437 11.03 8.12 -42.89
N THR D 438 11.08 6.82 -42.54
CA THR D 438 10.79 6.40 -41.17
C THR D 438 11.81 7.04 -40.22
N ASN D 439 11.33 7.64 -39.16
CA ASN D 439 12.20 8.29 -38.21
C ASN D 439 11.58 8.52 -36.83
N ILE D 440 10.37 8.02 -36.58
CA ILE D 440 9.67 8.25 -35.32
C ILE D 440 9.26 6.93 -34.68
N MET D 441 9.41 6.87 -33.37
CA MET D 441 9.03 5.78 -32.51
C MET D 441 8.15 6.39 -31.36
N ARG D 442 6.97 5.82 -31.12
CA ARG D 442 6.07 6.32 -30.09
C ARG D 442 5.50 5.19 -29.17
N VAL D 443 5.47 5.45 -27.87
CA VAL D 443 4.96 4.47 -26.89
C VAL D 443 3.48 4.73 -26.67
N LEU D 444 2.64 3.76 -27.02
CA LEU D 444 1.19 3.93 -27.00
C LEU D 444 0.49 2.92 -26.11
N SER D 445 -0.48 3.37 -25.33
CA SER D 445 -1.28 2.48 -24.50
C SER D 445 -2.54 2.11 -25.27
N ILE D 446 -2.86 0.81 -25.35
CA ILE D 446 -4.04 0.38 -26.08
C ILE D 446 -5.33 0.67 -25.31
N SER D 447 -6.24 1.42 -25.93
CA SER D 447 -7.54 1.74 -25.33
C SER D 447 -8.68 1.04 -26.13
N ALA E 25 -34.37 -2.44 -4.82
CA ALA E 25 -34.72 -1.27 -5.65
C ALA E 25 -35.61 -0.31 -4.89
N PHE E 26 -36.56 -0.84 -4.10
CA PHE E 26 -37.46 -0.02 -3.28
C PHE E 26 -36.65 0.81 -2.27
N PHE E 27 -35.66 0.19 -1.63
CA PHE E 27 -34.85 0.85 -0.62
C PHE E 27 -33.75 1.77 -1.19
N GLN E 28 -33.64 1.89 -2.52
CA GLN E 28 -32.69 2.83 -3.15
C GLN E 28 -33.39 4.14 -3.52
N GLN E 29 -34.71 4.10 -3.78
CA GLN E 29 -35.54 5.25 -4.13
C GLN E 29 -35.88 6.11 -2.89
N GLN E 30 -36.51 7.29 -3.15
CA GLN E 30 -37.00 8.28 -2.19
C GLN E 30 -36.04 8.57 -1.02
N GLN E 31 -34.72 8.62 -1.33
CA GLN E 31 -33.64 8.88 -0.36
C GLN E 31 -33.71 7.98 0.87
N LEU E 32 -34.14 6.72 0.70
CA LEU E 32 -34.24 5.79 1.81
C LEU E 32 -32.87 5.46 2.45
N PRO E 33 -31.74 5.31 1.71
CA PRO E 33 -30.45 5.14 2.40
C PRO E 33 -30.13 6.34 3.31
N ALA E 34 -30.40 7.57 2.85
CA ALA E 34 -30.17 8.78 3.67
C ALA E 34 -31.15 8.84 4.86
N ALA E 35 -32.36 8.28 4.71
CA ALA E 35 -33.37 8.24 5.77
C ALA E 35 -32.97 7.30 6.92
N MET E 36 -32.22 6.23 6.61
CA MET E 36 -31.78 5.26 7.63
C MET E 36 -30.55 5.72 8.44
N ALA E 37 -29.90 6.83 8.04
CA ALA E 37 -28.70 7.32 8.70
C ALA E 37 -28.88 7.59 10.20
N ASP E 38 -27.83 7.38 10.97
CA ASP E 38 -27.86 7.54 12.41
C ASP E 38 -27.59 8.99 12.88
N THR E 39 -27.04 9.83 12.00
CA THR E 39 -26.81 11.25 12.31
C THR E 39 -27.26 12.10 11.12
N PHE E 40 -27.52 13.39 11.36
CA PHE E 40 -27.90 14.33 10.32
C PHE E 40 -26.76 14.48 9.31
N LEU E 41 -25.52 14.54 9.79
CA LEU E 41 -24.34 14.62 8.93
C LEU E 41 -24.26 13.41 7.98
N GLU E 42 -24.44 12.19 8.51
CA GLU E 42 -24.44 10.97 7.68
CA GLU E 42 -24.43 10.99 7.67
C GLU E 42 -25.60 10.99 6.69
N HIS E 43 -26.76 11.55 7.11
CA HIS E 43 -27.96 11.68 6.28
C HIS E 43 -27.62 12.55 5.06
N LEU E 44 -26.95 13.71 5.29
CA LEU E 44 -26.56 14.60 4.19
C LEU E 44 -25.59 13.88 3.25
N CYS E 45 -24.59 13.17 3.82
CA CYS E 45 -23.58 12.45 3.05
C CYS E 45 -24.20 11.36 2.17
N LEU E 46 -25.36 10.82 2.56
CA LEU E 46 -26.02 9.76 1.80
C LEU E 46 -27.04 10.24 0.79
N LEU E 47 -27.27 11.56 0.67
CA LEU E 47 -28.25 12.08 -0.30
C LEU E 47 -27.76 11.75 -1.71
N ASP E 48 -28.64 11.21 -2.53
CA ASP E 48 -28.27 10.71 -3.86
C ASP E 48 -29.13 11.34 -4.95
N ILE E 49 -28.49 12.02 -5.92
CA ILE E 49 -29.22 12.63 -7.04
C ILE E 49 -29.88 11.57 -7.96
N ASP E 50 -29.44 10.33 -7.90
CA ASP E 50 -30.03 9.22 -8.67
C ASP E 50 -31.17 8.52 -7.91
N SER E 51 -31.42 8.87 -6.66
CA SER E 51 -32.49 8.26 -5.87
C SER E 51 -33.76 9.03 -6.21
N GLU E 52 -34.64 8.43 -7.01
CA GLU E 52 -35.84 9.11 -7.49
C GLU E 52 -37.00 9.18 -6.50
N PRO E 53 -37.67 10.34 -6.45
CA PRO E 53 -38.82 10.46 -5.55
C PRO E 53 -40.00 9.61 -6.04
N VAL E 54 -40.65 8.89 -5.10
CA VAL E 54 -41.77 8.03 -5.47
C VAL E 54 -43.07 8.56 -4.90
N ALA E 55 -43.04 9.08 -3.67
CA ALA E 55 -44.21 9.62 -3.01
C ALA E 55 -44.81 10.82 -3.75
N ALA E 56 -46.11 11.02 -3.57
CA ALA E 56 -46.80 12.17 -4.15
C ALA E 56 -46.29 13.44 -3.46
N ARG E 57 -46.26 14.55 -4.19
CA ARG E 57 -45.80 15.83 -3.66
C ARG E 57 -46.74 16.30 -2.55
N SER E 58 -46.19 16.50 -1.35
CA SER E 58 -46.96 16.82 -0.18
C SER E 58 -47.04 18.31 0.20
N THR E 59 -46.09 19.15 -0.24
CA THR E 59 -46.12 20.59 0.06
C THR E 59 -47.02 21.27 -0.98
N SER E 60 -48.12 21.92 -0.53
CA SER E 60 -49.04 22.56 -1.47
C SER E 60 -48.47 23.78 -2.12
N ILE E 61 -48.92 24.01 -3.36
CA ILE E 61 -48.50 25.17 -4.12
C ILE E 61 -49.64 26.18 -4.19
N ILE E 62 -49.36 27.41 -3.78
CA ILE E 62 -50.31 28.49 -3.86
C ILE E 62 -49.89 29.35 -5.06
N ALA E 63 -50.79 29.55 -6.03
CA ALA E 63 -50.46 30.37 -7.21
C ALA E 63 -51.33 31.61 -7.22
N THR E 64 -50.71 32.78 -7.43
CA THR E 64 -51.45 34.04 -7.43
C THR E 64 -52.08 34.22 -8.81
N ILE E 65 -53.41 34.42 -8.85
CA ILE E 65 -54.13 34.54 -10.11
C ILE E 65 -54.23 36.00 -10.58
N GLY E 66 -53.76 36.24 -11.79
CA GLY E 66 -53.78 37.57 -12.40
C GLY E 66 -53.86 37.50 -13.90
N PRO E 67 -53.45 38.58 -14.60
CA PRO E 67 -53.54 38.62 -16.07
C PRO E 67 -52.92 37.43 -16.80
N ALA E 68 -51.77 36.92 -16.32
CA ALA E 68 -51.08 35.80 -16.97
C ALA E 68 -51.69 34.43 -16.70
N SER E 69 -52.53 34.33 -15.67
CA SER E 69 -53.10 33.05 -15.25
C SER E 69 -54.61 33.08 -15.08
N ARG E 70 -55.30 33.95 -15.79
CA ARG E 70 -56.73 34.16 -15.65
C ARG E 70 -57.65 33.28 -16.46
N SER E 71 -57.25 32.92 -17.69
CA SER E 71 -58.11 32.14 -18.56
C SER E 71 -58.37 30.74 -18.07
N VAL E 72 -59.55 30.20 -18.39
CA VAL E 72 -59.96 28.85 -18.01
C VAL E 72 -58.99 27.80 -18.56
N GLU E 73 -58.53 27.97 -19.81
CA GLU E 73 -57.60 27.04 -20.44
C GLU E 73 -56.24 27.04 -19.71
N ARG E 74 -55.76 28.24 -19.32
CA ARG E 74 -54.50 28.40 -18.61
C ARG E 74 -54.64 27.79 -17.21
N LEU E 75 -55.74 28.07 -16.53
CA LEU E 75 -56.03 27.54 -15.20
C LEU E 75 -56.11 26.01 -15.17
N LYS E 76 -56.59 25.38 -16.24
CA LYS E 76 -56.64 23.91 -16.35
C LYS E 76 -55.22 23.36 -16.39
N GLU E 77 -54.31 24.04 -17.11
CA GLU E 77 -52.91 23.62 -17.18
C GLU E 77 -52.23 23.82 -15.83
N MET E 78 -52.57 24.89 -15.09
CA MET E 78 -52.00 25.14 -13.78
CA MET E 78 -52.00 25.14 -13.78
C MET E 78 -52.45 24.12 -12.75
N ILE E 79 -53.71 23.63 -12.86
CA ILE E 79 -54.23 22.60 -11.96
C ILE E 79 -53.49 21.30 -12.23
N LYS E 80 -53.29 20.96 -13.51
CA LYS E 80 -52.55 19.75 -13.90
C LYS E 80 -51.06 19.82 -13.50
N ALA E 81 -50.47 21.02 -13.55
CA ALA E 81 -49.09 21.24 -13.16
C ALA E 81 -48.89 21.11 -11.62
N GLY E 82 -49.95 21.34 -10.84
CA GLY E 82 -49.86 21.16 -9.41
C GLY E 82 -50.43 22.21 -8.49
N MET E 83 -51.07 23.27 -9.03
CA MET E 83 -51.65 24.31 -8.20
C MET E 83 -52.75 23.74 -7.27
N ASN E 84 -52.64 24.01 -5.96
CA ASN E 84 -53.62 23.50 -4.99
C ASN E 84 -54.48 24.61 -4.42
N ILE E 85 -53.93 25.84 -4.35
CA ILE E 85 -54.60 27.01 -3.80
C ILE E 85 -54.43 28.16 -4.79
N ALA E 86 -55.54 28.83 -5.12
CA ALA E 86 -55.52 29.99 -6.00
C ALA E 86 -55.60 31.21 -5.09
N ARG E 87 -54.62 32.11 -5.20
CA ARG E 87 -54.58 33.31 -4.37
C ARG E 87 -55.05 34.53 -5.17
N LEU E 88 -55.91 35.36 -4.56
CA LEU E 88 -56.38 36.58 -5.22
C LEU E 88 -55.93 37.75 -4.41
N ASN E 89 -55.03 38.54 -4.99
CA ASN E 89 -54.42 39.65 -4.27
C ASN E 89 -55.27 40.90 -4.37
N PHE E 90 -55.99 41.23 -3.28
CA PHE E 90 -56.86 42.39 -3.25
C PHE E 90 -56.11 43.72 -3.12
N SER E 91 -54.78 43.70 -3.20
CA SER E 91 -53.99 44.94 -3.29
C SER E 91 -54.12 45.51 -4.73
N HIS E 92 -54.46 44.67 -5.72
CA HIS E 92 -54.63 45.02 -7.12
C HIS E 92 -56.01 44.57 -7.63
N GLY E 93 -56.33 44.95 -8.86
CA GLY E 93 -57.61 44.59 -9.47
C GLY E 93 -58.79 45.25 -8.82
N SER E 94 -59.94 44.62 -8.94
CA SER E 94 -61.20 45.12 -8.38
C SER E 94 -62.09 43.93 -7.99
N HIS E 95 -63.25 44.20 -7.35
CA HIS E 95 -64.18 43.14 -6.99
C HIS E 95 -64.68 42.42 -8.24
N GLU E 96 -64.96 43.18 -9.32
CA GLU E 96 -65.44 42.59 -10.56
C GLU E 96 -64.36 41.73 -11.20
N TYR E 97 -63.13 42.22 -11.22
CA TYR E 97 -61.98 41.51 -11.79
C TYR E 97 -61.73 40.20 -11.03
N HIS E 98 -61.66 40.27 -9.68
CA HIS E 98 -61.41 39.09 -8.86
C HIS E 98 -62.55 38.08 -8.91
N ALA E 99 -63.82 38.56 -8.98
CA ALA E 99 -64.95 37.64 -9.10
C ALA E 99 -64.87 36.84 -10.40
N GLU E 100 -64.42 37.48 -11.50
CA GLU E 100 -64.28 36.78 -12.78
C GLU E 100 -63.16 35.74 -12.72
N SER E 101 -62.04 36.09 -12.05
CA SER E 101 -60.93 35.15 -11.86
C SER E 101 -61.40 33.94 -11.05
N ILE E 102 -62.17 34.18 -9.97
CA ILE E 102 -62.75 33.12 -9.13
C ILE E 102 -63.66 32.20 -9.94
N ALA E 103 -64.53 32.78 -10.80
CA ALA E 103 -65.43 32.01 -11.63
C ALA E 103 -64.63 31.15 -12.62
N ASN E 104 -63.54 31.70 -13.19
CA ASN E 104 -62.69 30.95 -14.10
C ASN E 104 -61.96 29.80 -13.39
N VAL E 105 -61.51 30.03 -12.14
CA VAL E 105 -60.86 28.98 -11.33
C VAL E 105 -61.86 27.85 -11.10
N ARG E 106 -63.07 28.20 -10.63
CA ARG E 106 -64.11 27.21 -10.39
C ARG E 106 -64.52 26.44 -11.64
N GLU E 107 -64.57 27.13 -12.80
CA GLU E 107 -64.89 26.46 -14.05
C GLU E 107 -63.78 25.46 -14.42
N ALA E 108 -62.51 25.87 -14.27
CA ALA E 108 -61.39 24.97 -14.57
C ALA E 108 -61.34 23.78 -13.61
N VAL E 109 -61.59 24.01 -12.30
CA VAL E 109 -61.61 22.93 -11.30
C VAL E 109 -62.73 21.95 -11.58
N GLU E 110 -63.94 22.47 -11.84
CA GLU E 110 -65.10 21.62 -12.08
C GLU E 110 -65.06 20.89 -13.41
N SER E 111 -64.18 21.27 -14.34
CA SER E 111 -64.06 20.54 -15.61
C SER E 111 -63.50 19.11 -15.40
N PHE E 112 -62.91 18.83 -14.23
CA PHE E 112 -62.37 17.51 -13.90
C PHE E 112 -63.30 16.72 -12.94
N ALA E 113 -64.46 17.29 -12.52
CA ALA E 113 -65.42 16.68 -11.59
C ALA E 113 -66.16 15.47 -12.11
N GLY E 114 -66.15 15.27 -13.44
CA GLY E 114 -66.77 14.11 -14.07
C GLY E 114 -66.11 12.79 -13.72
N SER E 115 -64.87 12.84 -13.19
CA SER E 115 -64.13 11.67 -12.76
C SER E 115 -63.84 11.86 -11.26
N PRO E 116 -64.79 11.45 -10.40
CA PRO E 116 -64.61 11.67 -8.95
C PRO E 116 -63.39 11.00 -8.30
N LEU E 117 -62.91 9.88 -8.86
CA LEU E 117 -61.75 9.16 -8.36
C LEU E 117 -60.40 9.88 -8.60
N SER E 118 -60.40 10.92 -9.47
CA SER E 118 -59.19 11.70 -9.76
C SER E 118 -59.38 13.23 -9.60
N TYR E 119 -60.61 13.69 -9.26
CA TYR E 119 -60.91 15.11 -9.06
C TYR E 119 -60.03 15.73 -7.97
N ARG E 120 -59.41 16.87 -8.29
CA ARG E 120 -58.57 17.57 -7.34
C ARG E 120 -59.22 18.86 -6.87
N PRO E 121 -59.60 18.93 -5.58
CA PRO E 121 -60.11 20.19 -5.03
C PRO E 121 -59.05 21.30 -5.09
N VAL E 122 -59.45 22.57 -5.31
CA VAL E 122 -58.54 23.71 -5.34
C VAL E 122 -59.12 24.79 -4.43
N ALA E 123 -58.38 25.21 -3.40
CA ALA E 123 -58.87 26.23 -2.48
C ALA E 123 -58.79 27.62 -3.10
N ILE E 124 -59.62 28.55 -2.62
CA ILE E 124 -59.61 29.93 -3.06
C ILE E 124 -59.27 30.80 -1.86
N ALA E 125 -58.17 31.53 -1.98
CA ALA E 125 -57.70 32.35 -0.88
C ALA E 125 -57.72 33.81 -1.25
N LEU E 126 -58.16 34.64 -0.31
CA LEU E 126 -58.24 36.08 -0.52
C LEU E 126 -57.12 36.72 0.27
N ASP E 127 -56.24 37.45 -0.40
CA ASP E 127 -55.15 38.14 0.28
C ASP E 127 -55.53 39.62 0.39
N THR E 128 -55.70 40.12 1.62
CA THR E 128 -56.14 41.49 1.84
C THR E 128 -55.10 42.56 1.51
N LYS E 129 -55.56 43.79 1.22
CA LYS E 129 -54.71 44.92 0.93
C LYS E 129 -53.90 45.32 2.17
N GLY E 130 -54.54 45.27 3.34
CA GLY E 130 -53.87 45.57 4.60
C GLY E 130 -54.24 46.89 5.22
N PRO E 131 -53.71 47.17 6.41
CA PRO E 131 -54.03 48.44 7.09
C PRO E 131 -53.40 49.69 6.42
N GLY E 136 -55.24 49.57 12.46
CA GLY E 136 -56.34 48.63 12.56
C GLY E 136 -56.95 48.24 11.23
N LEU E 137 -58.08 47.50 11.26
CA LEU E 137 -58.74 47.04 10.04
C LEU E 137 -59.29 48.19 9.18
N SER E 138 -58.75 48.33 7.97
CA SER E 138 -59.15 49.39 7.05
C SER E 138 -60.57 49.16 6.49
N GLU E 139 -61.19 50.24 5.97
CA GLU E 139 -62.53 50.17 5.40
C GLU E 139 -62.56 49.31 4.14
N GLN E 140 -61.48 49.35 3.33
CA GLN E 140 -61.38 48.54 2.12
C GLN E 140 -61.32 47.06 2.50
N ASP E 141 -60.56 46.73 3.57
CA ASP E 141 -60.47 45.35 4.03
C ASP E 141 -61.82 44.84 4.48
N VAL E 142 -62.61 45.67 5.16
CA VAL E 142 -63.96 45.26 5.59
C VAL E 142 -64.83 44.88 4.38
N ARG E 143 -64.76 45.70 3.31
CA ARG E 143 -65.51 45.43 2.08
C ARG E 143 -65.00 44.20 1.34
N ASP E 144 -63.67 44.02 1.27
CA ASP E 144 -63.05 42.89 0.59
C ASP E 144 -63.32 41.59 1.33
N LEU E 145 -63.29 41.63 2.67
CA LEU E 145 -63.59 40.45 3.48
C LEU E 145 -65.05 40.05 3.31
N ARG E 146 -65.96 41.05 3.22
CA ARG E 146 -67.38 40.78 2.97
C ARG E 146 -67.56 40.14 1.59
N PHE E 147 -66.80 40.61 0.58
CA PHE E 147 -66.79 40.05 -0.76
C PHE E 147 -66.38 38.57 -0.70
N GLY E 148 -65.34 38.26 0.08
CA GLY E 148 -64.84 36.90 0.24
C GLY E 148 -65.89 35.95 0.79
N VAL E 149 -66.62 36.39 1.82
CA VAL E 149 -67.70 35.60 2.40
C VAL E 149 -68.80 35.36 1.36
N GLU E 150 -69.21 36.43 0.65
CA GLU E 150 -70.25 36.34 -0.37
C GLU E 150 -69.86 35.45 -1.54
N HIS E 151 -68.57 35.42 -1.87
CA HIS E 151 -68.09 34.57 -2.96
C HIS E 151 -67.58 33.19 -2.50
N GLY E 152 -67.75 32.85 -1.22
CA GLY E 152 -67.39 31.55 -0.66
C GLY E 152 -65.91 31.20 -0.65
N VAL E 153 -65.04 32.19 -0.34
CA VAL E 153 -63.60 31.90 -0.26
C VAL E 153 -63.31 30.97 0.91
N ASP E 154 -62.27 30.16 0.77
CA ASP E 154 -61.90 29.18 1.80
C ASP E 154 -60.93 29.73 2.84
N ILE E 155 -60.04 30.62 2.41
CA ILE E 155 -58.98 31.14 3.25
C ILE E 155 -58.81 32.63 3.07
N VAL E 156 -58.38 33.30 4.14
CA VAL E 156 -58.01 34.69 4.09
C VAL E 156 -56.52 34.76 4.49
N PHE E 157 -55.69 35.40 3.65
CA PHE E 157 -54.31 35.67 3.98
C PHE E 157 -54.39 37.13 4.45
N ALA E 158 -54.41 37.35 5.78
CA ALA E 158 -54.54 38.67 6.34
C ALA E 158 -53.24 39.46 6.36
N SER E 159 -53.14 40.53 5.57
CA SER E 159 -51.93 41.33 5.48
C SER E 159 -51.59 42.11 6.73
N PHE E 160 -50.28 42.27 6.97
CA PHE E 160 -49.70 43.02 8.06
C PHE E 160 -50.34 42.76 9.43
N VAL E 161 -50.44 41.50 9.85
CA VAL E 161 -50.95 41.17 11.18
C VAL E 161 -49.84 41.51 12.19
N ARG E 162 -50.15 42.38 13.16
CA ARG E 162 -49.17 42.85 14.13
C ARG E 162 -49.45 42.43 15.58
N LYS E 163 -50.66 41.94 15.85
CA LYS E 163 -51.07 41.55 17.20
C LYS E 163 -52.35 40.69 17.12
N ALA E 164 -52.70 40.02 18.22
CA ALA E 164 -53.89 39.17 18.29
C ALA E 164 -55.20 39.92 17.95
N SER E 165 -55.33 41.21 18.33
CA SER E 165 -56.55 41.96 18.04
C SER E 165 -56.76 42.21 16.54
N ASP E 166 -55.69 42.16 15.73
CA ASP E 166 -55.82 42.29 14.28
C ASP E 166 -56.56 41.06 13.72
N VAL E 167 -56.27 39.87 14.26
CA VAL E 167 -56.91 38.62 13.84
C VAL E 167 -58.39 38.64 14.25
N ALA E 168 -58.68 39.11 15.48
CA ALA E 168 -60.05 39.20 15.97
C ALA E 168 -60.88 40.14 15.09
N ALA E 169 -60.27 41.25 14.64
CA ALA E 169 -60.94 42.20 13.75
C ALA E 169 -61.26 41.55 12.40
N VAL E 170 -60.33 40.76 11.83
CA VAL E 170 -60.57 40.05 10.56
C VAL E 170 -61.71 39.05 10.74
N ARG E 171 -61.70 38.32 11.86
CA ARG E 171 -62.72 37.33 12.19
C ARG E 171 -64.11 38.00 12.29
N ALA E 172 -64.18 39.17 12.93
CA ALA E 172 -65.43 39.92 13.08
C ALA E 172 -65.95 40.40 11.72
N ALA E 173 -65.06 40.90 10.84
CA ALA E 173 -65.44 41.36 9.51
C ALA E 173 -65.98 40.24 8.60
N LEU E 174 -65.60 39.00 8.89
CA LEU E 174 -66.13 37.85 8.12
C LEU E 174 -67.59 37.50 8.53
N GLY E 175 -68.04 38.03 9.67
CA GLY E 175 -69.41 37.85 10.14
C GLY E 175 -69.76 36.44 10.56
N PRO E 176 -71.06 36.21 10.82
CA PRO E 176 -71.49 34.86 11.22
C PRO E 176 -71.45 33.84 10.08
N GLU E 177 -71.57 34.29 8.81
CA GLU E 177 -71.55 33.38 7.66
C GLU E 177 -70.15 32.93 7.23
N GLY E 178 -69.10 33.58 7.72
CA GLY E 178 -67.72 33.23 7.38
C GLY E 178 -66.94 32.59 8.51
N HIS E 179 -67.65 31.94 9.46
CA HIS E 179 -67.03 31.29 10.61
CA HIS E 179 -67.04 31.28 10.61
C HIS E 179 -66.07 30.15 10.23
N GLY E 180 -66.34 29.50 9.11
CA GLY E 180 -65.53 28.38 8.65
C GLY E 180 -64.31 28.74 7.84
N ILE E 181 -64.16 30.02 7.46
CA ILE E 181 -63.02 30.48 6.67
C ILE E 181 -61.74 30.45 7.51
N LYS E 182 -60.63 29.91 6.96
CA LYS E 182 -59.37 29.85 7.68
C LYS E 182 -58.65 31.19 7.60
N ILE E 183 -58.13 31.66 8.73
CA ILE E 183 -57.39 32.91 8.74
C ILE E 183 -55.90 32.60 8.89
N ILE E 184 -55.13 32.90 7.86
CA ILE E 184 -53.69 32.73 7.83
C ILE E 184 -53.12 34.13 8.00
N SER E 185 -52.49 34.41 9.14
CA SER E 185 -51.93 35.72 9.40
C SER E 185 -50.59 35.92 8.69
N LYS E 186 -50.46 36.99 7.92
CA LYS E 186 -49.22 37.31 7.25
C LYS E 186 -48.33 38.10 8.18
N ILE E 187 -47.10 37.61 8.43
CA ILE E 187 -46.15 38.30 9.28
C ILE E 187 -45.22 39.06 8.34
N GLU E 188 -45.31 40.40 8.36
CA GLU E 188 -44.60 41.24 7.41
C GLU E 188 -43.74 42.32 8.01
N ASN E 189 -43.65 42.40 9.35
CA ASN E 189 -42.85 43.46 9.98
C ASN E 189 -42.30 43.04 11.33
N HIS E 190 -41.49 43.91 11.97
CA HIS E 190 -40.87 43.61 13.27
C HIS E 190 -41.89 43.31 14.36
N GLU E 191 -42.98 44.07 14.43
CA GLU E 191 -44.00 43.84 15.45
C GLU E 191 -44.67 42.48 15.31
N GLY E 192 -44.96 42.06 14.09
CA GLY E 192 -45.54 40.75 13.84
C GLY E 192 -44.62 39.63 14.30
N VAL E 193 -43.30 39.78 14.06
CA VAL E 193 -42.32 38.79 14.49
C VAL E 193 -42.23 38.75 16.02
N LYS E 194 -42.16 39.93 16.65
CA LYS E 194 -42.09 40.00 18.11
C LYS E 194 -43.35 39.51 18.83
N ARG E 195 -44.52 39.76 18.24
CA ARG E 195 -45.78 39.29 18.82
C ARG E 195 -46.27 38.01 18.16
N PHE E 196 -45.36 37.24 17.52
CA PHE E 196 -45.66 35.98 16.83
C PHE E 196 -46.48 34.99 17.65
N ASP E 197 -46.07 34.70 18.89
CA ASP E 197 -46.77 33.73 19.71
C ASP E 197 -48.23 34.04 19.92
N GLU E 198 -48.56 35.29 20.23
CA GLU E 198 -49.96 35.67 20.44
C GLU E 198 -50.77 35.65 19.14
N ILE E 199 -50.11 35.92 18.00
CA ILE E 199 -50.75 35.90 16.70
C ILE E 199 -51.06 34.46 16.30
N LEU E 200 -50.08 33.55 16.46
CA LEU E 200 -50.25 32.14 16.10
C LEU E 200 -51.35 31.48 16.94
N GLU E 201 -51.40 31.84 18.23
CA GLU E 201 -52.39 31.30 19.16
CA GLU E 201 -52.40 31.30 19.16
C GLU E 201 -53.83 31.49 18.67
N VAL E 202 -54.14 32.67 18.09
CA VAL E 202 -55.49 32.96 17.60
C VAL E 202 -55.68 32.76 16.09
N SER E 203 -54.61 32.44 15.34
CA SER E 203 -54.71 32.24 13.90
C SER E 203 -54.84 30.77 13.55
N ASP E 204 -55.36 30.47 12.35
CA ASP E 204 -55.39 29.10 11.86
C ASP E 204 -54.00 28.68 11.32
N GLY E 205 -53.20 29.66 10.92
CA GLY E 205 -51.87 29.45 10.36
C GLY E 205 -51.16 30.76 10.11
N ILE E 206 -49.97 30.67 9.49
CA ILE E 206 -49.13 31.83 9.27
C ILE E 206 -48.55 31.85 7.87
N MET E 207 -48.32 33.05 7.34
CA MET E 207 -47.60 33.20 6.09
C MET E 207 -46.36 34.03 6.39
N VAL E 208 -45.18 33.53 6.01
CA VAL E 208 -43.93 34.28 6.13
C VAL E 208 -43.90 35.11 4.86
N ALA E 209 -44.38 36.37 4.94
CA ALA E 209 -44.52 37.28 3.81
C ALA E 209 -43.21 38.01 3.66
N ARG E 210 -42.24 37.38 2.97
CA ARG E 210 -40.87 37.87 2.88
C ARG E 210 -40.64 39.18 2.12
N GLY E 211 -41.55 39.57 1.21
CA GLY E 211 -41.43 40.82 0.47
C GLY E 211 -41.36 42.03 1.39
N ASP E 212 -42.46 42.26 2.14
CA ASP E 212 -42.50 43.35 3.11
C ASP E 212 -41.57 43.09 4.27
N LEU E 213 -41.46 41.83 4.75
CA LEU E 213 -40.56 41.51 5.87
C LEU E 213 -39.11 41.92 5.58
N GLY E 214 -38.66 41.68 4.35
CA GLY E 214 -37.32 42.04 3.89
C GLY E 214 -37.06 43.53 3.72
N ILE E 215 -38.11 44.35 3.80
CA ILE E 215 -38.05 45.82 3.74
C ILE E 215 -38.19 46.37 5.18
N GLU E 216 -39.04 45.73 6.00
CA GLU E 216 -39.33 46.14 7.37
C GLU E 216 -38.22 45.83 8.36
N ILE E 217 -37.51 44.70 8.15
CA ILE E 217 -36.37 44.29 8.95
C ILE E 217 -35.16 44.14 8.00
N PRO E 218 -33.90 44.12 8.50
CA PRO E 218 -32.76 43.92 7.58
C PRO E 218 -32.92 42.67 6.72
N ALA E 219 -32.64 42.78 5.42
CA ALA E 219 -32.82 41.66 4.49
C ALA E 219 -32.07 40.39 4.92
N GLU E 220 -30.90 40.56 5.54
CA GLU E 220 -30.07 39.47 6.01
C GLU E 220 -30.62 38.75 7.25
N LYS E 221 -31.74 39.23 7.83
CA LYS E 221 -32.36 38.62 9.00
C LYS E 221 -33.61 37.83 8.67
N VAL E 222 -34.16 37.99 7.45
CA VAL E 222 -35.39 37.30 7.06
C VAL E 222 -35.32 35.79 7.22
N PHE E 223 -34.19 35.15 6.85
CA PHE E 223 -34.06 33.70 7.00
C PHE E 223 -34.22 33.25 8.48
N LEU E 224 -33.82 34.10 9.45
CA LEU E 224 -33.97 33.76 10.86
C LEU E 224 -35.45 33.81 11.24
N ALA E 225 -36.18 34.83 10.78
CA ALA E 225 -37.62 34.98 11.03
C ALA E 225 -38.38 33.83 10.38
N GLN E 226 -38.00 33.46 9.14
CA GLN E 226 -38.62 32.33 8.42
C GLN E 226 -38.44 31.01 9.14
N LYS E 227 -37.20 30.67 9.51
CA LYS E 227 -36.92 29.40 10.16
C LYS E 227 -37.55 29.31 11.54
N MET E 228 -37.57 30.42 12.29
CA MET E 228 -38.21 30.48 13.60
C MET E 228 -39.72 30.27 13.48
N MET E 229 -40.38 31.00 12.57
CA MET E 229 -41.83 30.90 12.40
C MET E 229 -42.25 29.55 11.90
N ILE E 230 -41.48 28.96 10.96
CA ILE E 230 -41.79 27.63 10.48
C ILE E 230 -41.65 26.60 11.61
N GLY E 231 -40.58 26.70 12.39
CA GLY E 231 -40.36 25.80 13.52
C GLY E 231 -41.45 25.91 14.55
N ARG E 232 -41.88 27.13 14.91
CA ARG E 232 -42.97 27.31 15.89
C ARG E 232 -44.32 26.83 15.38
N CYS E 233 -44.57 26.98 14.06
CA CYS E 233 -45.82 26.48 13.48
C CYS E 233 -45.81 24.97 13.47
N ASN E 234 -44.66 24.35 13.14
CA ASN E 234 -44.53 22.89 13.15
C ASN E 234 -44.78 22.36 14.57
N LEU E 235 -44.26 23.06 15.58
CA LEU E 235 -44.43 22.71 16.99
C LEU E 235 -45.92 22.81 17.40
N ALA E 236 -46.60 23.87 16.94
CA ALA E 236 -48.02 24.08 17.22
C ALA E 236 -48.96 23.19 16.39
N GLY E 237 -48.45 22.55 15.33
CA GLY E 237 -49.28 21.74 14.47
C GLY E 237 -50.20 22.59 13.61
N LYS E 238 -49.77 23.83 13.26
CA LYS E 238 -50.56 24.74 12.43
C LYS E 238 -49.87 25.05 11.11
N PRO E 239 -50.62 25.18 10.01
CA PRO E 239 -49.98 25.43 8.72
C PRO E 239 -49.14 26.71 8.59
N VAL E 240 -48.05 26.60 7.86
CA VAL E 240 -47.17 27.73 7.61
C VAL E 240 -46.83 27.79 6.12
N VAL E 241 -46.94 28.99 5.54
CA VAL E 241 -46.68 29.22 4.13
C VAL E 241 -45.37 29.99 3.98
N CYS E 242 -44.50 29.58 3.05
CA CYS E 242 -43.33 30.38 2.74
C CYS E 242 -43.68 31.13 1.46
N ALA E 243 -43.49 32.45 1.46
CA ALA E 243 -43.92 33.25 0.32
C ALA E 243 -42.90 34.27 -0.16
N THR E 244 -43.01 34.66 -1.45
CA THR E 244 -42.42 35.80 -2.15
C THR E 244 -41.00 35.63 -2.66
N GLN E 245 -40.86 35.84 -3.98
CA GLN E 245 -39.63 35.81 -4.75
C GLN E 245 -38.93 34.47 -4.76
N MET E 246 -39.68 33.37 -4.51
CA MET E 246 -39.12 32.02 -4.51
C MET E 246 -38.53 31.64 -5.87
N LEU E 247 -39.21 32.01 -6.97
CA LEU E 247 -38.75 31.74 -8.34
C LEU E 247 -38.85 33.04 -9.16
N GLU E 248 -38.54 34.19 -8.55
CA GLU E 248 -38.66 35.51 -9.13
C GLU E 248 -38.18 35.67 -10.56
N SER E 249 -36.98 35.19 -10.89
CA SER E 249 -36.43 35.32 -12.24
C SER E 249 -37.33 34.66 -13.30
N MET E 250 -38.18 33.69 -12.91
CA MET E 250 -39.10 33.03 -13.84
C MET E 250 -40.25 33.96 -14.32
N ILE E 251 -40.32 35.20 -13.81
CA ILE E 251 -41.28 36.18 -14.32
C ILE E 251 -40.91 36.49 -15.80
N THR E 252 -39.61 36.54 -16.13
CA THR E 252 -39.16 36.76 -17.50
C THR E 252 -38.36 35.60 -18.12
N LYS E 253 -37.78 34.69 -17.30
CA LYS E 253 -36.96 33.60 -17.82
C LYS E 253 -37.61 32.23 -17.68
N PRO E 254 -37.39 31.32 -18.65
CA PRO E 254 -38.04 29.99 -18.58
C PRO E 254 -37.47 29.04 -17.51
N ARG E 255 -36.27 29.33 -17.00
CA ARG E 255 -35.62 28.51 -15.99
C ARG E 255 -35.21 29.40 -14.82
N PRO E 256 -35.27 28.89 -13.59
CA PRO E 256 -34.90 29.73 -12.45
C PRO E 256 -33.39 29.75 -12.18
N THR E 257 -32.94 30.63 -11.26
CA THR E 257 -31.54 30.66 -10.87
C THR E 257 -31.25 29.51 -9.86
N ARG E 258 -29.95 29.25 -9.60
CA ARG E 258 -29.54 28.24 -8.62
C ARG E 258 -29.97 28.63 -7.21
N ALA E 259 -30.06 29.93 -6.91
CA ALA E 259 -30.50 30.39 -5.60
C ALA E 259 -32.00 30.18 -5.40
N GLU E 260 -32.78 30.28 -6.48
CA GLU E 260 -34.22 30.10 -6.43
C GLU E 260 -34.63 28.64 -6.20
N THR E 261 -34.01 27.68 -6.90
CA THR E 261 -34.32 26.26 -6.65
C THR E 261 -33.92 25.87 -5.23
N SER E 262 -32.81 26.40 -4.76
CA SER E 262 -32.28 26.20 -3.42
C SER E 262 -33.29 26.73 -2.40
N ASP E 263 -33.80 27.95 -2.62
CA ASP E 263 -34.79 28.59 -1.73
C ASP E 263 -36.05 27.74 -1.59
N VAL E 264 -36.57 27.22 -2.71
CA VAL E 264 -37.77 26.37 -2.66
C VAL E 264 -37.46 25.09 -1.87
N ALA E 265 -36.33 24.45 -2.16
CA ALA E 265 -35.97 23.20 -1.48
C ALA E 265 -35.78 23.43 0.02
N ASN E 266 -35.14 24.55 0.38
CA ASN E 266 -34.89 24.88 1.78
C ASN E 266 -36.15 25.25 2.53
N ALA E 267 -37.16 25.86 1.85
CA ALA E 267 -38.43 26.14 2.54
C ALA E 267 -39.12 24.82 2.92
N VAL E 268 -39.06 23.83 2.04
CA VAL E 268 -39.64 22.52 2.30
C VAL E 268 -38.86 21.82 3.43
N LEU E 269 -37.51 21.85 3.35
CA LEU E 269 -36.67 21.25 4.39
C LEU E 269 -36.86 21.95 5.74
N ASP E 270 -37.12 23.27 5.75
CA ASP E 270 -37.42 24.04 6.98
C ASP E 270 -38.68 23.51 7.67
N GLY E 271 -39.64 23.04 6.89
CA GLY E 271 -40.90 22.51 7.42
C GLY E 271 -42.14 23.23 6.94
N ALA E 272 -42.04 24.00 5.84
CA ALA E 272 -43.21 24.74 5.34
C ALA E 272 -44.29 23.79 4.83
N ASP E 273 -45.54 24.05 5.20
CA ASP E 273 -46.66 23.26 4.69
C ASP E 273 -46.95 23.66 3.24
N CYS E 274 -46.83 24.96 2.92
CA CYS E 274 -47.12 25.49 1.57
C CYS E 274 -45.99 26.37 1.08
N ILE E 275 -45.85 26.42 -0.24
CA ILE E 275 -44.95 27.34 -0.92
C ILE E 275 -45.81 28.19 -1.88
N MET E 276 -45.39 29.42 -2.15
CA MET E 276 -46.19 30.33 -2.94
C MET E 276 -45.48 30.95 -4.14
N LEU E 277 -46.26 31.29 -5.16
CA LEU E 277 -45.84 31.99 -6.35
C LEU E 277 -46.69 33.28 -6.42
N SER E 278 -46.05 34.44 -6.61
CA SER E 278 -46.76 35.70 -6.68
C SER E 278 -46.71 36.24 -8.14
N GLY E 279 -45.75 37.14 -8.45
CA GLY E 279 -45.59 37.68 -9.80
C GLY E 279 -45.32 36.62 -10.85
N GLU E 280 -44.71 35.47 -10.42
CA GLU E 280 -44.37 34.35 -11.28
C GLU E 280 -45.62 33.79 -11.98
N THR E 281 -46.79 33.85 -11.34
CA THR E 281 -48.01 33.34 -11.96
C THR E 281 -49.01 34.48 -12.29
N ALA E 282 -49.08 35.51 -11.45
CA ALA E 282 -50.00 36.61 -11.66
C ALA E 282 -49.70 37.39 -12.97
N LYS E 283 -48.43 37.74 -13.21
CA LYS E 283 -48.11 38.56 -14.37
C LYS E 283 -46.98 38.04 -15.26
N GLY E 284 -46.33 36.95 -14.86
CA GLY E 284 -45.16 36.46 -15.57
C GLY E 284 -45.39 35.76 -16.89
N ASN E 285 -44.33 35.55 -17.63
CA ASN E 285 -44.39 34.91 -18.93
C ASN E 285 -44.40 33.38 -18.88
N PHE E 286 -44.11 32.79 -17.70
CA PHE E 286 -44.07 31.33 -17.60
C PHE E 286 -44.84 30.84 -16.35
N PRO E 287 -46.14 31.18 -16.19
CA PRO E 287 -46.86 30.76 -14.98
C PRO E 287 -46.95 29.25 -14.76
N VAL E 288 -47.24 28.48 -15.83
CA VAL E 288 -47.35 27.03 -15.73
C VAL E 288 -46.00 26.40 -15.41
N GLU E 289 -44.92 26.90 -16.04
CA GLU E 289 -43.56 26.41 -15.82
C GLU E 289 -43.09 26.69 -14.38
N ALA E 290 -43.53 27.80 -13.78
CA ALA E 290 -43.19 28.15 -12.42
C ALA E 290 -43.85 27.15 -11.45
N VAL E 291 -45.11 26.76 -11.71
CA VAL E 291 -45.82 25.78 -10.88
C VAL E 291 -45.12 24.41 -11.02
N LYS E 292 -44.76 24.03 -12.26
CA LYS E 292 -44.09 22.76 -12.54
C LYS E 292 -42.74 22.68 -11.81
N MET E 293 -42.01 23.81 -11.77
CA MET E 293 -40.72 23.88 -11.11
C MET E 293 -40.89 23.71 -9.60
N GLN E 294 -41.86 24.41 -8.98
CA GLN E 294 -42.11 24.23 -7.54
C GLN E 294 -42.50 22.81 -7.22
N HIS E 295 -43.32 22.19 -8.09
CA HIS E 295 -43.73 20.80 -7.90
C HIS E 295 -42.49 19.87 -7.94
N ALA E 296 -41.64 20.00 -8.96
CA ALA E 296 -40.45 19.17 -9.13
C ALA E 296 -39.48 19.31 -7.96
N ILE E 297 -39.24 20.54 -7.48
CA ILE E 297 -38.33 20.77 -6.36
C ILE E 297 -38.90 20.22 -5.04
N ALA E 298 -40.18 20.50 -4.76
CA ALA E 298 -40.81 20.05 -3.52
C ALA E 298 -40.77 18.55 -3.36
N ARG E 299 -41.01 17.80 -4.46
CA ARG E 299 -40.96 16.34 -4.41
C ARG E 299 -39.56 15.85 -4.02
N GLU E 300 -38.52 16.47 -4.59
CA GLU E 300 -37.14 16.11 -4.30
C GLU E 300 -36.80 16.44 -2.84
N ALA E 301 -37.20 17.62 -2.37
CA ALA E 301 -36.91 18.06 -1.01
C ALA E 301 -37.64 17.26 0.04
N GLU E 302 -38.89 16.84 -0.22
CA GLU E 302 -39.65 16.03 0.73
C GLU E 302 -39.01 14.67 0.95
N ALA E 303 -38.44 14.07 -0.09
CA ALA E 303 -37.73 12.79 0.06
C ALA E 303 -36.42 12.98 0.88
N ALA E 304 -35.80 14.15 0.82
CA ALA E 304 -34.56 14.49 1.53
C ALA E 304 -34.80 14.90 2.99
N VAL E 305 -36.04 14.97 3.46
CA VAL E 305 -36.32 15.31 4.86
C VAL E 305 -35.76 14.16 5.76
N TYR E 306 -35.06 14.51 6.84
CA TYR E 306 -34.50 13.51 7.75
C TYR E 306 -35.56 13.12 8.78
N HIS E 307 -36.50 12.24 8.37
CA HIS E 307 -37.64 11.86 9.22
C HIS E 307 -37.28 11.27 10.56
N ARG E 308 -36.17 10.54 10.65
CA ARG E 308 -35.74 9.93 11.92
C ARG E 308 -35.59 10.97 13.03
N GLN E 309 -34.90 12.08 12.76
CA GLN E 309 -34.75 13.14 13.75
C GLN E 309 -36.04 13.94 13.87
N LEU E 310 -36.67 14.28 12.73
CA LEU E 310 -37.89 15.09 12.72
C LEU E 310 -39.02 14.46 13.53
N PHE E 311 -39.36 13.19 13.29
CA PHE E 311 -40.41 12.50 14.02
C PHE E 311 -40.09 12.42 15.49
N GLU E 312 -38.83 12.07 15.85
CA GLU E 312 -38.41 11.98 17.24
CA GLU E 312 -38.46 11.99 17.25
C GLU E 312 -38.59 13.32 17.95
N GLU E 313 -38.18 14.41 17.29
CA GLU E 313 -38.30 15.74 17.90
C GLU E 313 -39.75 16.24 17.97
N LEU E 314 -40.58 15.92 16.97
CA LEU E 314 -41.99 16.32 16.99
C LEU E 314 -42.73 15.56 18.07
N ARG E 315 -42.53 14.25 18.11
CA ARG E 315 -43.12 13.32 19.06
C ARG E 315 -42.74 13.73 20.51
N ARG E 316 -41.47 14.07 20.75
CA ARG E 316 -41.01 14.49 22.08
C ARG E 316 -41.56 15.85 22.51
N ALA E 317 -41.55 16.83 21.62
CA ALA E 317 -42.03 18.17 21.94
C ALA E 317 -43.55 18.27 22.04
N ALA E 318 -44.28 17.36 21.37
CA ALA E 318 -45.73 17.35 21.41
C ALA E 318 -46.19 16.97 22.79
N PRO E 319 -47.07 17.77 23.38
CA PRO E 319 -47.48 17.49 24.76
C PRO E 319 -48.29 16.21 24.91
N LEU E 320 -48.32 15.66 26.12
CA LEU E 320 -49.15 14.52 26.44
C LEU E 320 -50.61 14.96 26.29
N SER E 321 -51.47 14.05 25.86
CA SER E 321 -52.83 14.41 25.59
C SER E 321 -53.76 13.32 25.93
N ARG E 322 -54.94 13.70 26.41
CA ARG E 322 -56.02 12.78 26.70
CA ARG E 322 -55.98 12.72 26.67
C ARG E 322 -57.12 12.85 25.61
N ASP E 323 -56.86 13.55 24.48
CA ASP E 323 -57.79 13.68 23.37
C ASP E 323 -57.59 12.44 22.49
N PRO E 324 -58.63 11.61 22.30
CA PRO E 324 -58.46 10.38 21.51
C PRO E 324 -58.03 10.60 20.06
N THR E 325 -58.37 11.73 19.43
CA THR E 325 -57.94 12.00 18.06
C THR E 325 -56.43 12.19 18.04
N GLU E 326 -55.90 12.96 18.98
CA GLU E 326 -54.47 13.24 19.13
C GLU E 326 -53.71 11.90 19.43
N VAL E 327 -54.25 11.09 20.36
CA VAL E 327 -53.67 9.80 20.72
C VAL E 327 -53.65 8.83 19.52
N THR E 328 -54.75 8.75 18.79
CA THR E 328 -54.84 7.88 17.61
C THR E 328 -53.90 8.33 16.52
N ALA E 329 -53.79 9.66 16.29
CA ALA E 329 -52.92 10.21 15.25
C ALA E 329 -51.45 9.82 15.45
N ILE E 330 -50.92 9.93 16.67
CA ILE E 330 -49.53 9.56 16.89
C ILE E 330 -49.33 8.03 16.77
N GLY E 331 -50.31 7.26 17.21
CA GLY E 331 -50.26 5.80 17.07
C GLY E 331 -50.28 5.38 15.61
N ALA E 332 -51.08 6.07 14.77
CA ALA E 332 -51.18 5.80 13.34
C ALA E 332 -49.88 6.17 12.60
N VAL E 333 -49.27 7.31 12.95
CA VAL E 333 -48.02 7.73 12.30
C VAL E 333 -46.86 6.77 12.72
N GLU E 334 -46.84 6.35 13.99
CA GLU E 334 -45.85 5.37 14.46
C GLU E 334 -46.01 4.05 13.69
N ALA E 335 -47.25 3.58 13.55
CA ALA E 335 -47.56 2.36 12.82
C ALA E 335 -47.17 2.48 11.35
N ALA E 336 -47.45 3.63 10.71
CA ALA E 336 -47.11 3.84 9.30
C ALA E 336 -45.59 3.75 9.08
N PHE E 337 -44.79 4.33 9.98
CA PHE E 337 -43.32 4.28 9.85
C PHE E 337 -42.80 2.84 10.04
N LYS E 338 -43.41 2.07 10.94
CA LYS E 338 -43.03 0.69 11.22
C LYS E 338 -43.17 -0.24 10.01
N CYS E 339 -44.20 -0.04 9.18
CA CYS E 339 -44.44 -0.90 8.04
C CYS E 339 -44.18 -0.25 6.71
N CYS E 340 -43.68 1.00 6.67
CA CYS E 340 -43.49 1.74 5.41
C CYS E 340 -44.81 1.83 4.66
N ALA E 341 -45.90 2.13 5.40
CA ALA E 341 -47.25 2.23 4.84
C ALA E 341 -47.29 3.20 3.67
N ALA E 342 -47.95 2.81 2.58
CA ALA E 342 -48.08 3.66 1.40
C ALA E 342 -48.95 4.88 1.72
N ALA E 343 -49.94 4.73 2.62
CA ALA E 343 -50.84 5.83 2.97
C ALA E 343 -51.51 5.61 4.34
N ILE E 344 -52.03 6.69 4.91
CA ILE E 344 -52.88 6.71 6.08
C ILE E 344 -54.19 7.25 5.54
N ILE E 345 -55.25 6.45 5.51
CA ILE E 345 -56.56 6.89 5.02
C ILE E 345 -57.36 7.33 6.23
N VAL E 346 -57.80 8.59 6.26
CA VAL E 346 -58.54 9.11 7.40
C VAL E 346 -59.89 9.69 6.95
N LEU E 347 -60.93 9.48 7.76
CA LEU E 347 -62.24 10.05 7.48
C LEU E 347 -62.35 11.29 8.35
N THR E 348 -62.62 12.44 7.73
CA THR E 348 -62.70 13.68 8.48
C THR E 348 -63.86 14.57 8.00
N THR E 349 -64.47 15.31 8.93
CA THR E 349 -65.58 16.21 8.59
C THR E 349 -65.05 17.63 8.40
N THR E 350 -64.23 18.08 9.36
CA THR E 350 -63.65 19.43 9.37
C THR E 350 -62.21 19.50 8.85
N GLY E 351 -61.56 18.34 8.71
CA GLY E 351 -60.16 18.27 8.35
C GLY E 351 -59.25 18.05 9.56
N ARG E 352 -59.77 18.24 10.80
CA ARG E 352 -58.98 18.14 12.03
C ARG E 352 -58.22 16.80 12.22
N SER E 353 -58.86 15.65 11.97
CA SER E 353 -58.17 14.37 12.11
C SER E 353 -56.98 14.26 11.16
N ALA E 354 -57.11 14.82 9.94
CA ALA E 354 -56.03 14.79 8.97
C ALA E 354 -54.89 15.74 9.39
N GLN E 355 -55.24 16.91 9.95
CA GLN E 355 -54.27 17.88 10.43
C GLN E 355 -53.44 17.30 11.58
N LEU E 356 -54.07 16.55 12.49
CA LEU E 356 -53.36 15.94 13.61
C LEU E 356 -52.41 14.82 13.15
N LEU E 357 -52.69 14.18 12.02
CA LEU E 357 -51.78 13.18 11.46
C LEU E 357 -50.60 13.92 10.80
N SER E 358 -50.91 14.97 10.03
CA SER E 358 -49.95 15.81 9.30
CA SER E 358 -49.92 15.77 9.31
C SER E 358 -48.90 16.45 10.20
N ARG E 359 -49.29 16.85 11.43
CA ARG E 359 -48.36 17.51 12.34
C ARG E 359 -47.16 16.60 12.73
N TYR E 360 -47.33 15.25 12.62
CA TYR E 360 -46.24 14.32 12.91
C TYR E 360 -45.37 14.01 11.70
N ARG E 361 -45.63 14.69 10.56
CA ARG E 361 -44.90 14.56 9.32
C ARG E 361 -44.64 13.12 8.89
N PRO E 362 -45.71 12.30 8.71
CA PRO E 362 -45.46 10.94 8.22
C PRO E 362 -44.93 10.98 6.79
N ARG E 363 -44.15 9.97 6.43
CA ARG E 363 -43.71 9.80 5.05
C ARG E 363 -44.92 9.29 4.22
N ALA E 364 -45.82 8.48 4.83
CA ALA E 364 -47.03 7.97 4.21
C ALA E 364 -47.97 9.15 3.87
N ALA E 365 -48.57 9.13 2.69
CA ALA E 365 -49.53 10.16 2.28
C ALA E 365 -50.76 10.08 3.20
N VAL E 366 -51.33 11.22 3.61
CA VAL E 366 -52.54 11.21 4.43
C VAL E 366 -53.71 11.45 3.46
N ILE E 367 -54.44 10.40 3.12
CA ILE E 367 -55.57 10.50 2.20
C ILE E 367 -56.80 10.83 3.02
N ALA E 368 -57.29 12.07 2.93
CA ALA E 368 -58.43 12.50 3.75
C ALA E 368 -59.74 12.45 2.96
N VAL E 369 -60.63 11.56 3.37
CA VAL E 369 -61.92 11.42 2.73
C VAL E 369 -62.94 12.22 3.48
N THR E 370 -63.53 13.19 2.81
CA THR E 370 -64.52 14.06 3.42
C THR E 370 -65.71 14.34 2.50
N ARG E 371 -66.88 14.60 3.09
CA ARG E 371 -68.06 15.04 2.32
C ARG E 371 -68.10 16.58 2.20
N SER E 372 -67.36 17.29 3.06
CA SER E 372 -67.32 18.74 3.04
C SER E 372 -66.41 19.24 1.92
N ALA E 373 -66.99 19.89 0.89
CA ALA E 373 -66.20 20.44 -0.20
C ALA E 373 -65.23 21.51 0.32
N GLN E 374 -65.67 22.30 1.30
CA GLN E 374 -64.82 23.32 1.88
C GLN E 374 -63.64 22.71 2.66
N ALA E 375 -63.88 21.67 3.49
CA ALA E 375 -62.79 21.02 4.23
C ALA E 375 -61.80 20.40 3.25
N ALA E 376 -62.27 19.82 2.14
CA ALA E 376 -61.41 19.22 1.12
C ALA E 376 -60.48 20.29 0.52
N ARG E 377 -60.97 21.51 0.32
CA ARG E 377 -60.16 22.59 -0.23
C ARG E 377 -59.19 23.10 0.84
N GLN E 378 -59.67 23.31 2.08
CA GLN E 378 -58.86 23.86 3.15
C GLN E 378 -57.72 22.93 3.64
N VAL E 379 -57.88 21.60 3.56
CA VAL E 379 -56.81 20.69 4.04
C VAL E 379 -55.54 20.76 3.20
N HIS E 380 -55.57 21.44 2.04
CA HIS E 380 -54.37 21.69 1.25
C HIS E 380 -53.35 22.51 2.06
N LEU E 381 -53.80 23.25 3.11
CA LEU E 381 -52.91 24.01 3.96
C LEU E 381 -51.98 23.08 4.80
N CYS E 382 -52.34 21.80 4.99
CA CYS E 382 -51.58 20.87 5.80
C CYS E 382 -50.72 19.97 4.96
N ARG E 383 -49.40 19.96 5.19
CA ARG E 383 -48.50 19.14 4.39
C ARG E 383 -48.84 17.66 4.42
N GLY E 384 -48.84 17.06 3.25
CA GLY E 384 -49.07 15.63 3.13
C GLY E 384 -50.50 15.18 3.19
N VAL E 385 -51.46 16.13 3.17
CA VAL E 385 -52.88 15.75 3.17
C VAL E 385 -53.42 15.85 1.76
N PHE E 386 -53.93 14.73 1.24
CA PHE E 386 -54.49 14.61 -0.11
C PHE E 386 -56.00 14.46 0.03
N PRO E 387 -56.74 15.55 -0.21
CA PRO E 387 -58.20 15.50 -0.02
C PRO E 387 -58.98 14.80 -1.12
N LEU E 388 -59.93 13.96 -0.72
CA LEU E 388 -60.83 13.29 -1.63
C LEU E 388 -62.24 13.70 -1.25
N LEU E 389 -62.96 14.31 -2.19
CA LEU E 389 -64.33 14.74 -1.93
C LEU E 389 -65.30 13.60 -2.22
N TYR E 390 -66.01 13.12 -1.20
CA TYR E 390 -66.98 12.04 -1.29
C TYR E 390 -68.37 12.66 -1.57
N ARG E 391 -68.96 12.33 -2.73
CA ARG E 391 -70.22 12.92 -3.18
C ARG E 391 -71.44 12.04 -2.97
N GLU E 392 -71.25 10.73 -2.74
CA GLU E 392 -72.37 9.80 -2.59
CA GLU E 392 -72.35 9.78 -2.58
C GLU E 392 -73.19 10.02 -1.33
N PRO E 393 -74.52 9.83 -1.42
CA PRO E 393 -75.38 10.02 -0.25
C PRO E 393 -75.16 8.93 0.81
N PRO E 394 -75.40 9.27 2.08
CA PRO E 394 -75.17 8.29 3.16
C PRO E 394 -75.92 6.99 3.08
N GLU E 395 -75.25 5.89 3.42
CA GLU E 395 -75.83 4.56 3.56
C GLU E 395 -76.72 4.57 4.80
N ALA E 396 -77.73 3.70 4.85
CA ALA E 396 -78.66 3.62 5.99
C ALA E 396 -77.92 3.16 7.25
N ILE E 397 -77.00 2.20 7.10
CA ILE E 397 -76.19 1.71 8.20
C ILE E 397 -74.87 2.51 8.22
N TRP E 398 -74.63 3.26 9.31
CA TRP E 398 -73.43 4.09 9.43
C TRP E 398 -72.12 3.33 9.25
N ALA E 399 -72.00 2.13 9.82
CA ALA E 399 -70.81 1.31 9.65
C ALA E 399 -70.52 1.00 8.16
N ASP E 400 -71.59 0.82 7.35
CA ASP E 400 -71.44 0.58 5.91
C ASP E 400 -70.98 1.85 5.21
N ASP E 401 -71.51 3.02 5.64
CA ASP E 401 -71.13 4.31 5.08
C ASP E 401 -69.64 4.60 5.34
N VAL E 402 -69.14 4.20 6.52
CA VAL E 402 -67.73 4.34 6.89
C VAL E 402 -66.89 3.47 5.95
N ASP E 403 -67.27 2.18 5.81
CA ASP E 403 -66.56 1.24 4.93
CA ASP E 403 -66.54 1.26 4.94
C ASP E 403 -66.52 1.71 3.48
N ARG E 404 -67.63 2.29 3.00
CA ARG E 404 -67.68 2.77 1.62
C ARG E 404 -66.72 3.92 1.41
N ARG E 405 -66.59 4.81 2.41
CA ARG E 405 -65.69 5.95 2.34
C ARG E 405 -64.23 5.51 2.39
N VAL E 406 -63.91 4.43 3.15
CA VAL E 406 -62.56 3.86 3.22
C VAL E 406 -62.22 3.25 1.86
N GLN E 407 -63.20 2.52 1.26
CA GLN E 407 -63.03 1.91 -0.06
C GLN E 407 -62.84 2.96 -1.15
N PHE E 408 -63.55 4.09 -1.05
CA PHE E 408 -63.39 5.20 -1.98
C PHE E 408 -61.96 5.80 -1.90
N GLY E 409 -61.37 5.77 -0.70
CA GLY E 409 -60.00 6.22 -0.46
C GLY E 409 -58.99 5.27 -1.08
N ILE E 410 -59.23 3.96 -0.96
CA ILE E 410 -58.36 2.93 -1.54
C ILE E 410 -58.41 2.97 -3.08
N GLU E 411 -59.64 3.01 -3.66
CA GLU E 411 -59.77 3.03 -5.10
CA GLU E 411 -59.86 3.07 -5.10
C GLU E 411 -59.21 4.33 -5.71
N SER E 412 -59.38 5.48 -5.04
CA SER E 412 -58.79 6.73 -5.55
C SER E 412 -57.25 6.68 -5.47
N GLY E 413 -56.75 6.07 -4.40
CA GLY E 413 -55.32 5.90 -4.20
C GLY E 413 -54.71 5.00 -5.24
N LYS E 414 -55.40 3.92 -5.61
CA LYS E 414 -54.92 3.00 -6.64
C LYS E 414 -54.89 3.68 -7.99
N LEU E 415 -55.96 4.43 -8.32
CA LEU E 415 -56.08 5.13 -9.59
C LEU E 415 -55.02 6.21 -9.72
N ARG E 416 -54.73 6.93 -8.64
CA ARG E 416 -53.74 8.01 -8.67
C ARG E 416 -52.29 7.58 -8.49
N GLY E 417 -52.05 6.30 -8.24
CA GLY E 417 -50.68 5.79 -8.09
C GLY E 417 -50.14 5.76 -6.67
N PHE E 418 -50.93 6.20 -5.69
CA PHE E 418 -50.53 6.17 -4.28
C PHE E 418 -50.42 4.74 -3.76
N LEU E 419 -51.32 3.86 -4.21
CA LEU E 419 -51.42 2.51 -3.70
C LEU E 419 -51.36 1.46 -4.78
N ARG E 420 -50.87 0.28 -4.42
CA ARG E 420 -50.84 -0.89 -5.27
C ARG E 420 -51.26 -2.10 -4.39
N VAL E 421 -51.67 -3.21 -5.01
CA VAL E 421 -52.05 -4.43 -4.32
C VAL E 421 -50.82 -4.96 -3.57
N GLY E 422 -51.00 -5.33 -2.31
CA GLY E 422 -49.89 -5.78 -1.49
C GLY E 422 -49.38 -4.72 -0.53
N ASP E 423 -49.68 -3.44 -0.79
CA ASP E 423 -49.28 -2.36 0.11
C ASP E 423 -50.02 -2.45 1.45
N LEU E 424 -49.44 -1.85 2.48
CA LEU E 424 -50.09 -1.76 3.78
C LEU E 424 -50.56 -0.32 3.94
N VAL E 425 -51.76 -0.14 4.47
CA VAL E 425 -52.28 1.19 4.74
C VAL E 425 -52.76 1.24 6.19
N ILE E 426 -52.75 2.42 6.76
CA ILE E 426 -53.28 2.62 8.11
C ILE E 426 -54.61 3.35 7.91
N VAL E 427 -55.69 2.87 8.51
CA VAL E 427 -57.01 3.49 8.35
C VAL E 427 -57.44 4.08 9.67
N VAL E 428 -57.74 5.38 9.68
CA VAL E 428 -58.12 6.11 10.89
C VAL E 428 -59.59 6.56 10.79
N THR E 429 -60.43 6.05 11.72
CA THR E 429 -61.86 6.34 11.76
C THR E 429 -62.29 6.62 13.25
N GLY E 430 -63.56 6.98 13.45
CA GLY E 430 -64.13 7.21 14.77
C GLY E 430 -65.15 6.15 15.14
N TRP E 431 -65.68 6.25 16.37
CA TRP E 431 -66.65 5.26 16.88
C TRP E 431 -68.12 5.65 16.68
N ARG E 432 -68.39 6.92 16.34
CA ARG E 432 -69.75 7.43 16.12
C ARG E 432 -69.72 8.57 15.08
N PRO E 433 -70.86 8.89 14.45
CA PRO E 433 -70.85 9.99 13.46
C PRO E 433 -70.59 11.35 14.08
N GLY E 434 -70.21 12.30 13.25
CA GLY E 434 -69.92 13.65 13.70
C GLY E 434 -68.43 13.85 13.94
N SER E 435 -68.04 15.12 14.00
CA SER E 435 -66.69 15.54 14.21
CA SER E 435 -66.66 15.52 14.22
C SER E 435 -66.26 15.36 15.68
N GLY E 436 -64.98 15.07 15.90
CA GLY E 436 -64.42 14.95 17.25
C GLY E 436 -64.37 13.60 17.91
N TYR E 437 -64.72 12.54 17.18
CA TYR E 437 -64.77 11.19 17.76
C TYR E 437 -63.77 10.20 17.17
N THR E 438 -62.76 10.65 16.39
CA THR E 438 -61.72 9.73 15.87
C THR E 438 -61.02 9.00 17.03
N ASN E 439 -60.92 7.67 16.95
CA ASN E 439 -60.32 6.89 18.04
C ASN E 439 -59.84 5.50 17.60
N ILE E 440 -59.86 5.20 16.30
CA ILE E 440 -59.56 3.86 15.82
C ILE E 440 -58.50 3.86 14.72
N MET E 441 -57.54 2.96 14.83
CA MET E 441 -56.51 2.81 13.82
CA MET E 441 -56.45 2.81 13.87
C MET E 441 -56.45 1.33 13.43
N ARG E 442 -56.48 1.07 12.13
CA ARG E 442 -56.49 -0.28 11.60
C ARG E 442 -55.36 -0.47 10.61
N VAL E 443 -54.73 -1.66 10.60
CA VAL E 443 -53.68 -1.93 9.62
C VAL E 443 -54.30 -2.85 8.56
N LEU E 444 -54.36 -2.36 7.33
CA LEU E 444 -55.04 -3.04 6.24
C LEU E 444 -54.12 -3.35 5.07
N SER E 445 -54.24 -4.57 4.51
CA SER E 445 -53.44 -4.95 3.35
CA SER E 445 -53.44 -4.96 3.35
C SER E 445 -54.29 -4.66 2.12
N ILE E 446 -53.73 -3.97 1.12
CA ILE E 446 -54.46 -3.63 -0.09
C ILE E 446 -54.67 -4.84 -0.99
N SER E 447 -55.94 -5.17 -1.28
CA SER E 447 -56.27 -6.29 -2.17
C SER E 447 -56.83 -5.82 -3.52
N ALA F 13 -44.06 22.43 29.10
CA ALA F 13 -45.04 22.60 28.02
C ALA F 13 -45.61 21.28 27.54
N ASP F 14 -44.76 20.23 27.42
CA ASP F 14 -45.20 18.90 26.97
C ASP F 14 -46.04 18.16 28.04
N VAL F 15 -46.09 18.65 29.29
CA VAL F 15 -46.89 18.01 30.33
C VAL F 15 -47.82 19.00 31.06
N ALA F 16 -47.85 20.29 30.67
CA ALA F 16 -48.64 21.30 31.39
C ALA F 16 -50.16 21.03 31.40
N GLN F 17 -50.77 20.74 30.25
CA GLN F 17 -52.22 20.47 30.20
C GLN F 17 -52.57 19.20 30.96
N LEU F 18 -51.76 18.13 30.79
CA LEU F 18 -52.01 16.90 31.52
C LEU F 18 -51.79 17.04 33.00
N THR F 19 -50.89 17.92 33.44
CA THR F 19 -50.63 18.18 34.86
C THR F 19 -51.84 18.91 35.45
N GLN F 20 -52.42 19.85 34.72
CA GLN F 20 -53.61 20.57 35.18
C GLN F 20 -54.77 19.59 35.37
N GLU F 21 -54.94 18.65 34.43
CA GLU F 21 -56.01 17.67 34.46
C GLU F 21 -55.81 16.55 35.46
N LEU F 22 -54.62 15.91 35.45
CA LEU F 22 -54.36 14.79 36.34
C LEU F 22 -53.88 15.20 37.74
N GLY F 23 -53.36 16.41 37.87
CA GLY F 23 -52.87 16.92 39.14
C GLY F 23 -51.37 16.77 39.31
N THR F 24 -50.79 17.62 40.17
CA THR F 24 -49.37 17.55 40.47
C THR F 24 -49.04 16.29 41.24
N ALA F 25 -49.95 15.80 42.10
CA ALA F 25 -49.70 14.58 42.88
C ALA F 25 -49.52 13.38 41.97
N PHE F 26 -50.28 13.31 40.86
CA PHE F 26 -50.14 12.21 39.91
C PHE F 26 -48.71 12.19 39.31
N PHE F 27 -48.20 13.37 38.94
CA PHE F 27 -46.91 13.51 38.32
C PHE F 27 -45.71 13.44 39.30
N GLN F 28 -45.97 13.28 40.61
CA GLN F 28 -44.93 13.07 41.61
C GLN F 28 -44.71 11.57 41.84
N GLN F 29 -45.74 10.73 41.64
CA GLN F 29 -45.68 9.29 41.86
C GLN F 29 -44.97 8.57 40.72
N GLN F 30 -44.73 7.24 40.89
CA GLN F 30 -44.15 6.28 39.97
C GLN F 30 -42.92 6.79 39.21
N GLN F 31 -42.07 7.56 39.90
CA GLN F 31 -40.85 8.15 39.34
C GLN F 31 -41.08 8.93 38.06
N LEU F 32 -42.26 9.58 37.94
CA LEU F 32 -42.59 10.38 36.76
C LEU F 32 -41.66 11.59 36.57
N PRO F 33 -41.18 12.33 37.60
CA PRO F 33 -40.19 13.38 37.34
C PRO F 33 -38.93 12.80 36.70
N ALA F 34 -38.46 11.63 37.18
CA ALA F 34 -37.26 10.98 36.61
C ALA F 34 -37.53 10.46 35.19
N ALA F 35 -38.79 10.08 34.89
CA ALA F 35 -39.19 9.60 33.57
C ALA F 35 -39.16 10.72 32.52
N MET F 36 -39.42 11.96 32.92
CA MET F 36 -39.42 13.09 31.99
C MET F 36 -38.01 13.61 31.66
N ALA F 37 -36.97 13.15 32.37
CA ALA F 37 -35.62 13.65 32.18
C ALA F 37 -35.09 13.50 30.74
N ASP F 38 -34.27 14.46 30.32
CA ASP F 38 -33.74 14.48 28.98
C ASP F 38 -32.47 13.66 28.80
N THR F 39 -31.80 13.27 29.91
CA THR F 39 -30.61 12.41 29.86
C THR F 39 -30.74 11.33 30.94
N PHE F 40 -30.01 10.22 30.77
CA PHE F 40 -30.00 9.14 31.75
C PHE F 40 -29.43 9.65 33.08
N LEU F 41 -28.40 10.49 33.03
CA LEU F 41 -27.79 11.06 34.21
C LEU F 41 -28.82 11.89 35.00
N GLU F 42 -29.59 12.77 34.30
CA GLU F 42 -30.64 13.58 34.94
CA GLU F 42 -30.61 13.57 34.95
C GLU F 42 -31.73 12.68 35.51
N HIS F 43 -32.04 11.57 34.80
CA HIS F 43 -33.04 10.59 35.23
C HIS F 43 -32.61 10.00 36.58
N LEU F 44 -31.32 9.61 36.72
CA LEU F 44 -30.82 9.05 37.98
C LEU F 44 -30.92 10.09 39.09
N CYS F 45 -30.51 11.35 38.79
CA CYS F 45 -30.54 12.47 39.75
C CYS F 45 -31.95 12.77 40.24
N LEU F 46 -32.98 12.47 39.43
CA LEU F 46 -34.37 12.73 39.81
C LEU F 46 -35.08 11.58 40.48
N LEU F 47 -34.42 10.41 40.66
CA LEU F 47 -35.05 9.27 41.35
C LEU F 47 -35.35 9.69 42.80
N ASP F 48 -36.56 9.39 43.27
CA ASP F 48 -37.03 9.87 44.56
C ASP F 48 -37.59 8.75 45.42
N ILE F 49 -37.04 8.54 46.62
CA ILE F 49 -37.54 7.52 47.54
C ILE F 49 -39.00 7.81 48.02
N ASP F 50 -39.45 9.08 47.93
CA ASP F 50 -40.81 9.46 48.29
C ASP F 50 -41.80 9.33 47.12
N SER F 51 -41.33 9.00 45.93
CA SER F 51 -42.18 8.83 44.77
C SER F 51 -42.69 7.38 44.81
N GLU F 52 -43.95 7.17 45.22
CA GLU F 52 -44.48 5.83 45.40
C GLU F 52 -44.90 5.12 44.12
N PRO F 53 -44.58 3.81 44.00
CA PRO F 53 -45.03 3.07 42.82
C PRO F 53 -46.56 2.89 42.81
N VAL F 54 -47.17 3.08 41.64
CA VAL F 54 -48.62 2.97 41.53
C VAL F 54 -49.00 1.75 40.70
N ALA F 55 -48.25 1.50 39.61
CA ALA F 55 -48.56 0.39 38.71
C ALA F 55 -48.46 -0.97 39.38
N ALA F 56 -49.21 -1.95 38.85
CA ALA F 56 -49.13 -3.33 39.32
C ALA F 56 -47.73 -3.87 38.92
N ARG F 57 -47.18 -4.75 39.73
CA ARG F 57 -45.86 -5.33 39.49
C ARG F 57 -45.86 -6.14 38.22
N SER F 58 -45.01 -5.78 37.29
CA SER F 58 -44.94 -6.38 35.99
C SER F 58 -43.89 -7.50 35.79
N THR F 59 -42.82 -7.58 36.61
CA THR F 59 -41.82 -8.65 36.48
C THR F 59 -42.33 -9.86 37.22
N SER F 60 -42.49 -11.00 36.53
CA SER F 60 -42.99 -12.21 37.20
C SER F 60 -42.02 -12.83 38.15
N ILE F 61 -42.55 -13.44 39.18
CA ILE F 61 -41.75 -14.11 40.17
C ILE F 61 -41.90 -15.61 39.99
N ILE F 62 -40.76 -16.30 39.84
CA ILE F 62 -40.71 -17.74 39.75
C ILE F 62 -40.27 -18.23 41.12
N ALA F 63 -41.04 -19.13 41.75
CA ALA F 63 -40.66 -19.65 43.06
C ALA F 63 -40.43 -21.16 42.93
N THR F 64 -39.33 -21.66 43.48
CA THR F 64 -39.03 -23.08 43.41
C THR F 64 -39.81 -23.77 44.51
N ILE F 65 -40.52 -24.83 44.14
CA ILE F 65 -41.37 -25.53 45.11
C ILE F 65 -40.64 -26.73 45.71
N GLY F 66 -40.55 -26.77 47.03
CA GLY F 66 -39.91 -27.86 47.74
C GLY F 66 -40.49 -28.05 49.12
N PRO F 67 -39.71 -28.67 50.03
CA PRO F 67 -40.22 -28.91 51.39
C PRO F 67 -40.81 -27.73 52.13
N ALA F 68 -40.24 -26.53 51.95
CA ALA F 68 -40.73 -25.35 52.67
C ALA F 68 -41.96 -24.69 52.07
N SER F 69 -42.28 -25.01 50.82
CA SER F 69 -43.36 -24.35 50.09
C SER F 69 -44.29 -25.38 49.40
N ARG F 70 -44.44 -26.56 49.97
CA ARG F 70 -45.19 -27.64 49.36
C ARG F 70 -46.66 -27.74 49.72
N SER F 71 -47.03 -27.38 50.95
CA SER F 71 -48.40 -27.50 51.41
C SER F 71 -49.33 -26.56 50.69
N VAL F 72 -50.60 -26.96 50.54
CA VAL F 72 -51.64 -26.18 49.89
C VAL F 72 -51.84 -24.82 50.59
N GLU F 73 -51.81 -24.82 51.94
CA GLU F 73 -51.99 -23.59 52.69
C GLU F 73 -50.83 -22.62 52.46
N ARG F 74 -49.59 -23.14 52.39
CA ARG F 74 -48.40 -22.32 52.16
C ARG F 74 -48.43 -21.79 50.72
N LEU F 75 -48.79 -22.63 49.76
CA LEU F 75 -48.92 -22.25 48.36
C LEU F 75 -49.94 -21.15 48.13
N LYS F 76 -51.06 -21.16 48.89
CA LYS F 76 -52.08 -20.12 48.80
C LYS F 76 -51.50 -18.79 49.24
N GLU F 77 -50.66 -18.79 50.31
CA GLU F 77 -49.99 -17.59 50.80
CA GLU F 77 -50.03 -17.56 50.76
C GLU F 77 -48.99 -17.07 49.76
N MET F 78 -48.28 -18.00 49.08
CA MET F 78 -47.30 -17.62 48.06
CA MET F 78 -47.30 -17.61 48.07
C MET F 78 -47.95 -17.01 46.83
N ILE F 79 -49.15 -17.50 46.46
CA ILE F 79 -49.89 -16.95 45.32
C ILE F 79 -50.34 -15.53 45.68
N LYS F 80 -50.84 -15.32 46.90
CA LYS F 80 -51.25 -14.00 47.38
C LYS F 80 -50.07 -13.03 47.50
N ALA F 81 -48.89 -13.54 47.86
CA ALA F 81 -47.67 -12.72 47.95
C ALA F 81 -47.14 -12.31 46.56
N GLY F 82 -47.48 -13.05 45.50
CA GLY F 82 -47.07 -12.68 44.15
C GLY F 82 -46.44 -13.74 43.26
N MET F 83 -46.34 -15.00 43.70
CA MET F 83 -45.79 -16.06 42.84
C MET F 83 -46.59 -16.24 41.55
N ASN F 84 -45.94 -16.20 40.39
CA ASN F 84 -46.62 -16.34 39.11
C ASN F 84 -46.30 -17.67 38.42
N ILE F 85 -45.08 -18.21 38.69
CA ILE F 85 -44.60 -19.45 38.11
C ILE F 85 -44.04 -20.33 39.22
N ALA F 86 -44.47 -21.58 39.27
CA ALA F 86 -43.97 -22.56 40.24
C ALA F 86 -42.92 -23.40 39.50
N ARG F 87 -41.70 -23.46 40.05
CA ARG F 87 -40.62 -24.21 39.44
C ARG F 87 -40.40 -25.51 40.19
N LEU F 88 -40.26 -26.61 39.45
CA LEU F 88 -39.99 -27.92 40.06
C LEU F 88 -38.64 -28.38 39.58
N ASN F 89 -37.70 -28.47 40.48
CA ASN F 89 -36.33 -28.80 40.15
C ASN F 89 -36.13 -30.31 40.10
N PHE F 90 -36.06 -30.88 38.89
CA PHE F 90 -35.88 -32.31 38.72
C PHE F 90 -34.44 -32.80 39.00
N SER F 91 -33.57 -31.91 39.51
CA SER F 91 -32.26 -32.31 40.01
C SER F 91 -32.43 -33.01 41.38
N HIS F 92 -33.56 -32.74 42.10
CA HIS F 92 -33.87 -33.30 43.41
C HIS F 92 -35.27 -33.94 43.39
N GLY F 93 -35.64 -34.58 44.49
CA GLY F 93 -36.94 -35.23 44.62
C GLY F 93 -37.10 -36.41 43.68
N SER F 94 -38.34 -36.71 43.34
CA SER F 94 -38.68 -37.83 42.47
C SER F 94 -39.94 -37.48 41.67
N HIS F 95 -40.35 -38.35 40.72
CA HIS F 95 -41.58 -38.14 39.95
C HIS F 95 -42.79 -38.07 40.89
N GLU F 96 -42.83 -38.95 41.88
CA GLU F 96 -43.92 -39.01 42.84
C GLU F 96 -43.97 -37.74 43.70
N TYR F 97 -42.81 -37.31 44.18
CA TYR F 97 -42.69 -36.10 44.99
C TYR F 97 -43.13 -34.85 44.20
N HIS F 98 -42.61 -34.69 42.97
CA HIS F 98 -42.95 -33.53 42.14
C HIS F 98 -44.39 -33.56 41.69
N ALA F 99 -44.98 -34.75 41.41
CA ALA F 99 -46.39 -34.81 41.03
C ALA F 99 -47.27 -34.33 42.19
N GLU F 100 -46.91 -34.66 43.44
CA GLU F 100 -47.68 -34.21 44.58
C GLU F 100 -47.57 -32.68 44.76
N SER F 101 -46.37 -32.11 44.53
CA SER F 101 -46.16 -30.67 44.60
C SER F 101 -47.03 -29.98 43.54
N ILE F 102 -47.04 -30.52 42.30
CA ILE F 102 -47.85 -30.00 41.20
C ILE F 102 -49.34 -30.03 41.54
N ALA F 103 -49.83 -31.15 42.12
CA ALA F 103 -51.23 -31.28 42.51
C ALA F 103 -51.58 -30.24 43.59
N ASN F 104 -50.66 -30.00 44.54
CA ASN F 104 -50.86 -29.00 45.60
C ASN F 104 -50.91 -27.57 45.03
N VAL F 105 -50.06 -27.28 44.02
CA VAL F 105 -50.03 -25.97 43.35
C VAL F 105 -51.39 -25.77 42.67
N ARG F 106 -51.84 -26.76 41.88
CA ARG F 106 -53.13 -26.69 41.19
C ARG F 106 -54.31 -26.56 42.15
N GLU F 107 -54.27 -27.26 43.29
CA GLU F 107 -55.32 -27.13 44.29
C GLU F 107 -55.35 -25.71 44.87
N ALA F 108 -54.16 -25.14 45.20
CA ALA F 108 -54.09 -23.77 45.74
C ALA F 108 -54.56 -22.74 44.71
N VAL F 109 -54.18 -22.94 43.41
CA VAL F 109 -54.58 -22.09 42.30
C VAL F 109 -56.11 -22.10 42.11
N GLU F 110 -56.72 -23.30 42.13
CA GLU F 110 -58.16 -23.40 41.92
C GLU F 110 -58.98 -22.94 43.13
N SER F 111 -58.37 -22.81 44.32
CA SER F 111 -59.08 -22.26 45.47
C SER F 111 -59.54 -20.80 45.26
N PHE F 112 -58.99 -20.09 44.26
CA PHE F 112 -59.37 -18.71 43.95
C PHE F 112 -60.14 -18.61 42.61
N ALA F 113 -60.55 -19.75 42.00
CA ALA F 113 -61.25 -19.74 40.71
C ALA F 113 -62.71 -19.28 40.73
N GLY F 114 -63.26 -18.96 41.89
CA GLY F 114 -64.65 -18.51 41.97
C GLY F 114 -64.92 -17.16 41.33
N SER F 115 -63.88 -16.32 41.17
CA SER F 115 -64.08 -14.97 40.64
C SER F 115 -62.91 -14.51 39.77
N PRO F 116 -63.14 -13.61 38.76
CA PRO F 116 -62.00 -13.09 38.00
C PRO F 116 -61.16 -12.10 38.83
N LEU F 117 -61.71 -11.51 39.92
CA LEU F 117 -60.95 -10.60 40.78
C LEU F 117 -60.00 -11.37 41.72
N SER F 118 -60.25 -12.66 41.94
CA SER F 118 -59.42 -13.47 42.83
C SER F 118 -58.50 -14.45 42.07
N TYR F 119 -58.93 -14.96 40.91
CA TYR F 119 -58.15 -15.97 40.19
C TYR F 119 -56.79 -15.50 39.73
N ARG F 120 -55.76 -16.27 40.07
CA ARG F 120 -54.41 -15.97 39.60
C ARG F 120 -53.89 -17.20 38.86
N PRO F 121 -53.80 -17.14 37.51
CA PRO F 121 -53.19 -18.28 36.78
C PRO F 121 -51.72 -18.41 37.18
N VAL F 122 -51.30 -19.62 37.48
CA VAL F 122 -49.92 -19.83 37.91
C VAL F 122 -49.33 -20.89 36.98
N ALA F 123 -48.23 -20.56 36.29
CA ALA F 123 -47.60 -21.51 35.40
C ALA F 123 -46.82 -22.57 36.16
N ILE F 124 -46.66 -23.74 35.56
CA ILE F 124 -45.88 -24.82 36.15
C ILE F 124 -44.70 -25.10 35.26
N ALA F 125 -43.51 -24.94 35.81
CA ALA F 125 -42.28 -25.09 35.04
C ALA F 125 -41.45 -26.26 35.56
N LEU F 126 -40.92 -27.07 34.64
CA LEU F 126 -40.08 -28.20 35.00
C LEU F 126 -38.65 -27.84 34.68
N ASP F 127 -37.77 -27.89 35.69
CA ASP F 127 -36.36 -27.58 35.48
C ASP F 127 -35.60 -28.92 35.42
N THR F 128 -34.99 -29.23 34.28
CA THR F 128 -34.31 -30.51 34.10
C THR F 128 -33.00 -30.67 34.86
N LYS F 129 -32.61 -31.93 35.14
CA LYS F 129 -31.36 -32.25 35.82
C LYS F 129 -30.15 -31.85 34.95
N GLY F 130 -30.24 -32.10 33.66
CA GLY F 130 -29.19 -31.71 32.74
C GLY F 130 -28.39 -32.87 32.18
N PRO F 131 -27.46 -32.56 31.27
CA PRO F 131 -26.66 -33.61 30.64
C PRO F 131 -25.57 -34.19 31.53
N PRO F 135 -23.10 -34.61 27.45
CA PRO F 135 -22.88 -35.37 26.20
C PRO F 135 -24.15 -35.54 25.36
N GLY F 136 -25.05 -34.56 25.45
CA GLY F 136 -26.35 -34.61 24.80
C GLY F 136 -27.47 -34.86 25.79
N LEU F 137 -28.71 -35.07 25.29
CA LEU F 137 -29.86 -35.32 26.17
C LEU F 137 -29.74 -36.62 26.95
N SER F 138 -29.67 -36.53 28.29
CA SER F 138 -29.54 -37.69 29.15
C SER F 138 -30.84 -38.53 29.19
N GLU F 139 -30.73 -39.80 29.61
CA GLU F 139 -31.88 -40.69 29.70
C GLU F 139 -32.84 -40.24 30.78
N GLN F 140 -32.32 -39.66 31.89
CA GLN F 140 -33.19 -39.15 32.96
C GLN F 140 -33.99 -37.96 32.45
N ASP F 141 -33.36 -37.08 31.65
CA ASP F 141 -34.05 -35.93 31.07
C ASP F 141 -35.15 -36.38 30.14
N VAL F 142 -34.94 -37.44 29.35
CA VAL F 142 -35.99 -37.97 28.47
C VAL F 142 -37.21 -38.42 29.30
N ARG F 143 -36.98 -39.11 30.41
CA ARG F 143 -38.06 -39.56 31.29
C ARG F 143 -38.77 -38.40 32.01
N ASP F 144 -38.00 -37.41 32.46
CA ASP F 144 -38.54 -36.25 33.17
C ASP F 144 -39.34 -35.36 32.22
N LEU F 145 -38.87 -35.21 30.98
CA LEU F 145 -39.58 -34.43 29.97
C LEU F 145 -40.90 -35.12 29.60
N ARG F 146 -40.90 -36.47 29.53
CA ARG F 146 -42.12 -37.23 29.27
C ARG F 146 -43.10 -37.06 30.44
N PHE F 147 -42.58 -37.03 31.70
CA PHE F 147 -43.39 -36.78 32.89
C PHE F 147 -44.06 -35.40 32.78
N GLY F 148 -43.30 -34.38 32.33
CA GLY F 148 -43.80 -33.03 32.17
C GLY F 148 -44.97 -32.93 31.22
N VAL F 149 -44.85 -33.59 30.07
CA VAL F 149 -45.92 -33.63 29.08
C VAL F 149 -47.15 -34.32 29.67
N GLU F 150 -46.95 -35.46 30.34
CA GLU F 150 -48.05 -36.20 30.94
C GLU F 150 -48.75 -35.43 32.06
N HIS F 151 -47.99 -34.61 32.79
CA HIS F 151 -48.57 -33.81 33.86
C HIS F 151 -48.98 -32.38 33.42
N GLY F 152 -48.92 -32.09 32.13
CA GLY F 152 -49.35 -30.82 31.57
C GLY F 152 -48.57 -29.59 31.99
N VAL F 153 -47.22 -29.71 32.10
CA VAL F 153 -46.43 -28.54 32.47
C VAL F 153 -46.48 -27.50 31.36
N ASP F 154 -46.33 -26.24 31.72
CA ASP F 154 -46.40 -25.13 30.76
C ASP F 154 -45.05 -24.79 30.18
N ILE F 155 -43.99 -24.93 30.99
CA ILE F 155 -42.64 -24.51 30.62
C ILE F 155 -41.60 -25.54 31.01
N VAL F 156 -40.53 -25.61 30.25
CA VAL F 156 -39.36 -26.40 30.57
C VAL F 156 -38.17 -25.42 30.70
N PHE F 157 -37.46 -25.47 31.82
CA PHE F 157 -36.22 -24.72 31.99
C PHE F 157 -35.17 -25.80 31.70
N ALA F 158 -34.63 -25.79 30.47
CA ALA F 158 -33.66 -26.82 30.06
C ALA F 158 -32.24 -26.52 30.55
N SER F 159 -31.72 -27.36 31.45
CA SER F 159 -30.40 -27.17 32.03
C SER F 159 -29.25 -27.37 31.06
N PHE F 160 -28.17 -26.59 31.28
CA PHE F 160 -26.94 -26.63 30.52
C PHE F 160 -27.11 -26.67 28.99
N VAL F 161 -27.87 -25.72 28.42
CA VAL F 161 -28.02 -25.66 26.96
C VAL F 161 -26.73 -25.06 26.42
N ARG F 162 -26.05 -25.78 25.51
CA ARG F 162 -24.76 -25.34 24.96
C ARG F 162 -24.77 -25.01 23.47
N LYS F 163 -25.84 -25.42 22.76
CA LYS F 163 -25.94 -25.23 21.31
C LYS F 163 -27.41 -25.45 20.86
N ALA F 164 -27.74 -25.03 19.63
CA ALA F 164 -29.08 -25.18 19.08
C ALA F 164 -29.60 -26.64 19.08
N SER F 165 -28.70 -27.63 18.84
CA SER F 165 -29.14 -29.04 18.82
C SER F 165 -29.61 -29.54 20.18
N ASP F 166 -29.17 -28.90 21.28
CA ASP F 166 -29.64 -29.27 22.61
C ASP F 166 -31.13 -28.92 22.75
N VAL F 167 -31.54 -27.78 22.19
CA VAL F 167 -32.93 -27.33 22.23
C VAL F 167 -33.79 -28.26 21.37
N ALA F 168 -33.30 -28.62 20.18
CA ALA F 168 -34.00 -29.54 19.27
C ALA F 168 -34.22 -30.90 19.94
N ALA F 169 -33.23 -31.38 20.71
CA ALA F 169 -33.35 -32.64 21.44
C ALA F 169 -34.42 -32.54 22.53
N VAL F 170 -34.48 -31.42 23.27
CA VAL F 170 -35.51 -31.24 24.29
C VAL F 170 -36.90 -31.19 23.63
N ARG F 171 -37.01 -30.50 22.49
CA ARG F 171 -38.26 -30.38 21.74
CA ARG F 171 -38.26 -30.39 21.75
C ARG F 171 -38.74 -31.77 21.28
N ALA F 172 -37.80 -32.62 20.80
CA ALA F 172 -38.11 -33.97 20.33
C ALA F 172 -38.58 -34.83 21.49
N ALA F 173 -37.94 -34.75 22.67
CA ALA F 173 -38.34 -35.53 23.84
C ALA F 173 -39.73 -35.14 24.37
N LEU F 174 -40.20 -33.93 24.07
CA LEU F 174 -41.55 -33.52 24.48
C LEU F 174 -42.65 -34.16 23.57
N GLY F 175 -42.26 -34.66 22.40
CA GLY F 175 -43.13 -35.35 21.47
C GLY F 175 -44.18 -34.50 20.81
N PRO F 176 -45.16 -35.15 20.16
CA PRO F 176 -46.21 -34.38 19.50
C PRO F 176 -47.21 -33.73 20.46
N GLU F 177 -47.42 -34.31 21.65
CA GLU F 177 -48.36 -33.75 22.63
C GLU F 177 -47.83 -32.57 23.45
N GLY F 178 -46.52 -32.32 23.40
CA GLY F 178 -45.91 -31.22 24.12
C GLY F 178 -45.45 -30.07 23.24
N HIS F 179 -46.06 -29.93 22.06
CA HIS F 179 -45.71 -28.89 21.10
C HIS F 179 -45.92 -27.46 21.62
N GLY F 180 -46.90 -27.29 22.51
CA GLY F 180 -47.23 -26.00 23.08
C GLY F 180 -46.41 -25.58 24.29
N ILE F 181 -45.59 -26.48 24.84
CA ILE F 181 -44.76 -26.19 26.00
C ILE F 181 -43.63 -25.22 25.62
N LYS F 182 -43.42 -24.19 26.45
CA LYS F 182 -42.35 -23.22 26.19
C LYS F 182 -41.00 -23.76 26.66
N ILE F 183 -39.98 -23.65 25.82
CA ILE F 183 -38.64 -24.08 26.21
C ILE F 183 -37.77 -22.83 26.52
N ILE F 184 -37.38 -22.71 27.76
CA ILE F 184 -36.50 -21.63 28.23
C ILE F 184 -35.13 -22.27 28.43
N SER F 185 -34.16 -21.92 27.58
CA SER F 185 -32.82 -22.50 27.67
C SER F 185 -32.01 -21.86 28.80
N LYS F 186 -31.47 -22.68 29.70
CA LYS F 186 -30.62 -22.17 30.77
C LYS F 186 -29.18 -22.05 30.27
N ILE F 187 -28.58 -20.84 30.38
CA ILE F 187 -27.20 -20.61 29.97
C ILE F 187 -26.39 -20.70 31.22
N GLU F 188 -25.57 -21.76 31.33
CA GLU F 188 -24.83 -22.06 32.56
C GLU F 188 -23.33 -22.23 32.40
N ASN F 189 -22.80 -22.04 31.18
CA ASN F 189 -21.36 -22.22 30.96
C ASN F 189 -20.82 -21.35 29.83
N HIS F 190 -19.51 -21.40 29.58
CA HIS F 190 -18.87 -20.61 28.55
C HIS F 190 -19.41 -20.89 27.17
N GLU F 191 -19.62 -22.17 26.82
CA GLU F 191 -20.13 -22.51 25.50
C GLU F 191 -21.54 -21.94 25.26
N GLY F 192 -22.41 -22.00 26.27
CA GLY F 192 -23.75 -21.43 26.16
C GLY F 192 -23.71 -19.94 25.90
N VAL F 193 -22.79 -19.22 26.56
CA VAL F 193 -22.64 -17.79 26.35
C VAL F 193 -22.12 -17.50 24.94
N LYS F 194 -21.10 -18.23 24.51
CA LYS F 194 -20.51 -18.05 23.18
C LYS F 194 -21.44 -18.44 22.04
N ARG F 195 -22.27 -19.46 22.26
CA ARG F 195 -23.24 -19.89 21.26
C ARG F 195 -24.64 -19.31 21.52
N PHE F 196 -24.75 -18.23 22.31
CA PHE F 196 -26.01 -17.60 22.71
C PHE F 196 -26.96 -17.30 21.55
N ASP F 197 -26.49 -16.65 20.49
CA ASP F 197 -27.37 -16.27 19.39
C ASP F 197 -28.10 -17.44 18.75
N GLU F 198 -27.39 -18.55 18.51
CA GLU F 198 -28.01 -19.72 17.90
C GLU F 198 -28.98 -20.41 18.87
N ILE F 199 -28.71 -20.33 20.18
CA ILE F 199 -29.58 -20.91 21.19
C ILE F 199 -30.88 -20.10 21.29
N LEU F 200 -30.76 -18.76 21.36
CA LEU F 200 -31.92 -17.87 21.48
C LEU F 200 -32.83 -17.99 20.25
N GLU F 201 -32.24 -18.11 19.06
CA GLU F 201 -32.97 -18.26 17.81
C GLU F 201 -33.98 -19.41 17.84
N VAL F 202 -33.61 -20.55 18.44
CA VAL F 202 -34.51 -21.72 18.50
C VAL F 202 -35.25 -21.88 19.84
N SER F 203 -34.94 -21.06 20.84
CA SER F 203 -35.59 -21.17 22.14
C SER F 203 -36.77 -20.21 22.24
N ASP F 204 -37.69 -20.48 23.19
CA ASP F 204 -38.77 -19.53 23.47
C ASP F 204 -38.26 -18.37 24.38
N GLY F 205 -37.20 -18.63 25.13
CA GLY F 205 -36.60 -17.67 26.04
C GLY F 205 -35.35 -18.21 26.69
N ILE F 206 -34.78 -17.45 27.62
CA ILE F 206 -33.51 -17.79 28.24
C ILE F 206 -33.54 -17.59 29.74
N MET F 207 -32.78 -18.41 30.46
CA MET F 207 -32.60 -18.22 31.87
C MET F 207 -31.10 -17.97 32.10
N VAL F 208 -30.74 -16.87 32.78
CA VAL F 208 -29.36 -16.59 33.16
C VAL F 208 -29.18 -17.36 34.48
N ALA F 209 -28.67 -18.60 34.37
CA ALA F 209 -28.53 -19.51 35.50
C ALA F 209 -27.19 -19.22 36.16
N ARG F 210 -27.18 -18.22 37.06
CA ARG F 210 -25.95 -17.69 37.64
C ARG F 210 -25.16 -18.61 38.57
N GLY F 211 -25.81 -19.60 39.20
CA GLY F 211 -25.13 -20.55 40.07
C GLY F 211 -24.02 -21.30 39.35
N ASP F 212 -24.39 -22.08 38.33
CA ASP F 212 -23.40 -22.81 37.55
C ASP F 212 -22.55 -21.86 36.72
N LEU F 213 -23.15 -20.80 36.15
CA LEU F 213 -22.38 -19.83 35.36
C LEU F 213 -21.22 -19.22 36.16
N GLY F 214 -21.45 -18.90 37.42
CA GLY F 214 -20.46 -18.35 38.34
C GLY F 214 -19.35 -19.30 38.77
N ILE F 215 -19.50 -20.59 38.45
CA ILE F 215 -18.53 -21.66 38.69
C ILE F 215 -17.81 -21.97 37.35
N GLU F 216 -18.53 -21.95 36.24
CA GLU F 216 -18.01 -22.25 34.91
C GLU F 216 -17.15 -21.15 34.31
N ILE F 217 -17.48 -19.89 34.62
CA ILE F 217 -16.71 -18.72 34.17
C ILE F 217 -16.30 -17.94 35.43
N PRO F 218 -15.29 -17.04 35.37
CA PRO F 218 -14.92 -16.28 36.58
C PRO F 218 -16.14 -15.55 37.18
N ALA F 219 -16.29 -15.62 38.49
CA ALA F 219 -17.41 -15.01 39.20
C ALA F 219 -17.59 -13.52 38.87
N GLU F 220 -16.48 -12.80 38.69
CA GLU F 220 -16.48 -11.36 38.39
C GLU F 220 -16.92 -11.03 36.96
N LYS F 221 -17.19 -12.04 36.11
CA LYS F 221 -17.65 -11.86 34.73
C LYS F 221 -19.16 -12.17 34.56
N VAL F 222 -19.81 -12.78 35.56
CA VAL F 222 -21.23 -13.14 35.45
C VAL F 222 -22.13 -11.96 35.13
N PHE F 223 -21.89 -10.78 35.73
CA PHE F 223 -22.70 -9.62 35.44
C PHE F 223 -22.64 -9.21 33.96
N LEU F 224 -21.52 -9.44 33.29
CA LEU F 224 -21.38 -9.12 31.87
C LEU F 224 -22.25 -10.05 31.05
N ALA F 225 -22.23 -11.35 31.38
CA ALA F 225 -23.03 -12.36 30.68
C ALA F 225 -24.51 -12.08 30.91
N GLN F 226 -24.89 -11.75 32.14
CA GLN F 226 -26.29 -11.42 32.49
C GLN F 226 -26.81 -10.20 31.70
N LYS F 227 -26.05 -9.09 31.73
CA LYS F 227 -26.48 -7.87 31.04
C LYS F 227 -26.54 -8.04 29.53
N MET F 228 -25.59 -8.78 28.95
CA MET F 228 -25.55 -9.05 27.52
C MET F 228 -26.77 -9.92 27.12
N MET F 229 -27.04 -10.99 27.86
CA MET F 229 -28.15 -11.90 27.52
C MET F 229 -29.50 -11.24 27.70
N ILE F 230 -29.64 -10.40 28.75
CA ILE F 230 -30.89 -9.69 28.95
C ILE F 230 -31.10 -8.69 27.80
N GLY F 231 -30.05 -7.95 27.45
CA GLY F 231 -30.13 -7.00 26.34
C GLY F 231 -30.49 -7.68 25.02
N ARG F 232 -29.88 -8.85 24.71
CA ARG F 232 -30.19 -9.55 23.46
C ARG F 232 -31.58 -10.14 23.46
N CYS F 233 -32.08 -10.59 24.61
CA CYS F 233 -33.44 -11.10 24.70
C CYS F 233 -34.42 -9.98 24.54
N ASN F 234 -34.15 -8.82 25.13
CA ASN F 234 -35.01 -7.63 24.99
C ASN F 234 -35.09 -7.22 23.51
N LEU F 235 -33.94 -7.27 22.82
CA LEU F 235 -33.85 -6.93 21.40
C LEU F 235 -34.66 -7.93 20.55
N ALA F 236 -34.58 -9.23 20.89
CA ALA F 236 -35.31 -10.28 20.19
C ALA F 236 -36.81 -10.34 20.56
N GLY F 237 -37.22 -9.67 21.64
CA GLY F 237 -38.59 -9.72 22.11
C GLY F 237 -38.94 -11.07 22.71
N LYS F 238 -37.94 -11.76 23.32
CA LYS F 238 -38.15 -13.06 23.95
C LYS F 238 -37.91 -12.99 25.46
N PRO F 239 -38.70 -13.72 26.27
CA PRO F 239 -38.50 -13.65 27.72
C PRO F 239 -37.13 -14.08 28.24
N VAL F 240 -36.67 -13.38 29.29
CA VAL F 240 -35.40 -13.68 29.94
C VAL F 240 -35.61 -13.70 31.45
N VAL F 241 -35.10 -14.73 32.11
CA VAL F 241 -35.20 -14.92 33.55
C VAL F 241 -33.86 -14.66 34.20
N CYS F 242 -33.83 -13.90 35.30
CA CYS F 242 -32.60 -13.76 36.07
C CYS F 242 -32.75 -14.71 37.24
N ALA F 243 -31.77 -15.59 37.46
CA ALA F 243 -31.89 -16.58 38.51
C ALA F 243 -30.67 -16.72 39.41
N THR F 244 -30.89 -17.23 40.65
CA THR F 244 -29.98 -17.79 41.64
C THR F 244 -29.29 -16.81 42.57
N GLN F 245 -29.49 -17.05 43.88
CA GLN F 245 -28.92 -16.32 45.00
C GLN F 245 -29.33 -14.86 45.06
N MET F 246 -30.49 -14.51 44.46
CA MET F 246 -30.98 -13.14 44.46
C MET F 246 -31.25 -12.64 45.86
N LEU F 247 -31.82 -13.49 46.73
CA LEU F 247 -32.13 -13.13 48.12
C LEU F 247 -31.65 -14.26 49.03
N GLU F 248 -30.49 -14.87 48.72
CA GLU F 248 -29.91 -16.01 49.38
C GLU F 248 -29.98 -15.98 50.91
N SER F 249 -29.56 -14.88 51.55
CA SER F 249 -29.58 -14.79 53.01
C SER F 249 -30.98 -14.98 53.63
N MET F 250 -32.04 -14.74 52.85
CA MET F 250 -33.41 -14.95 53.32
C MET F 250 -33.77 -16.45 53.49
N ILE F 251 -32.85 -17.37 53.17
CA ILE F 251 -33.05 -18.79 53.46
C ILE F 251 -33.14 -18.95 55.00
N THR F 252 -32.37 -18.15 55.78
CA THR F 252 -32.40 -18.21 57.23
C THR F 252 -32.79 -16.91 57.91
N LYS F 253 -32.65 -15.76 57.22
CA LYS F 253 -32.97 -14.46 57.82
C LYS F 253 -34.25 -13.82 57.28
N PRO F 254 -35.01 -13.11 58.13
CA PRO F 254 -36.28 -12.53 57.65
C PRO F 254 -36.13 -11.30 56.72
N ARG F 255 -34.93 -10.71 56.68
CA ARG F 255 -34.61 -9.54 55.85
C ARG F 255 -33.35 -9.81 55.04
N PRO F 256 -33.29 -9.33 53.80
CA PRO F 256 -32.12 -9.60 52.95
C PRO F 256 -30.95 -8.63 53.20
N THR F 257 -29.80 -8.89 52.57
CA THR F 257 -28.67 -7.97 52.67
C THR F 257 -28.88 -6.80 51.66
N ARG F 258 -28.07 -5.73 51.79
CA ARG F 258 -28.13 -4.59 50.88
C ARG F 258 -27.74 -4.98 49.46
N ALA F 259 -26.85 -5.97 49.31
CA ALA F 259 -26.41 -6.46 48.00
C ALA F 259 -27.53 -7.23 47.30
N GLU F 260 -28.35 -7.98 48.08
CA GLU F 260 -29.46 -8.76 47.57
C GLU F 260 -30.61 -7.90 47.04
N THR F 261 -31.03 -6.86 47.78
CA THR F 261 -32.08 -5.96 47.26
C THR F 261 -31.60 -5.26 46.00
N SER F 262 -30.34 -4.82 46.00
CA SER F 262 -29.68 -4.20 44.87
C SER F 262 -29.68 -5.14 43.65
N ASP F 263 -29.32 -6.40 43.84
CA ASP F 263 -29.28 -7.41 42.78
C ASP F 263 -30.66 -7.58 42.12
N VAL F 264 -31.72 -7.66 42.93
CA VAL F 264 -33.09 -7.82 42.43
C VAL F 264 -33.47 -6.59 41.63
N ALA F 265 -33.22 -5.40 42.19
CA ALA F 265 -33.54 -4.15 41.49
C ALA F 265 -32.80 -4.03 40.16
N ASN F 266 -31.51 -4.36 40.15
CA ASN F 266 -30.68 -4.26 38.97
C ASN F 266 -31.06 -5.30 37.91
N ALA F 267 -31.55 -6.50 38.30
CA ALA F 267 -32.02 -7.47 37.29
C ALA F 267 -33.25 -6.89 36.56
N VAL F 268 -34.15 -6.22 37.28
CA VAL F 268 -35.33 -5.58 36.69
C VAL F 268 -34.89 -4.41 35.81
N LEU F 269 -33.97 -3.56 36.31
CA LEU F 269 -33.46 -2.43 35.51
C LEU F 269 -32.71 -2.91 34.28
N ASP F 270 -32.03 -4.07 34.35
CA ASP F 270 -31.33 -4.65 33.21
C ASP F 270 -32.32 -5.00 32.09
N GLY F 271 -33.57 -5.34 32.44
CA GLY F 271 -34.61 -5.71 31.49
C GLY F 271 -35.14 -7.14 31.63
N ALA F 272 -34.90 -7.79 32.78
CA ALA F 272 -35.39 -9.17 32.97
C ALA F 272 -36.92 -9.22 32.99
N ASP F 273 -37.49 -10.20 32.30
CA ASP F 273 -38.94 -10.39 32.31
C ASP F 273 -39.35 -11.07 33.62
N CYS F 274 -38.53 -12.02 34.11
CA CYS F 274 -38.78 -12.76 35.34
C CYS F 274 -37.60 -12.74 36.27
N ILE F 275 -37.88 -12.85 37.56
CA ILE F 275 -36.87 -13.03 38.59
C ILE F 275 -37.20 -14.33 39.33
N MET F 276 -36.19 -14.99 39.90
CA MET F 276 -36.39 -16.30 40.48
C MET F 276 -35.90 -16.44 41.90
N LEU F 277 -36.54 -17.34 42.63
CA LEU F 277 -36.19 -17.74 44.00
C LEU F 277 -35.97 -19.25 43.96
N SER F 278 -34.84 -19.71 44.51
CA SER F 278 -34.49 -21.14 44.50
C SER F 278 -34.58 -21.69 45.93
N GLY F 279 -33.46 -21.78 46.67
CA GLY F 279 -33.46 -22.24 48.05
C GLY F 279 -34.30 -21.37 48.96
N GLU F 280 -34.44 -20.06 48.61
CA GLU F 280 -35.25 -19.10 49.39
C GLU F 280 -36.71 -19.60 49.54
N THR F 281 -37.24 -20.33 48.52
CA THR F 281 -38.60 -20.86 48.62
C THR F 281 -38.63 -22.40 48.72
N ALA F 282 -37.65 -23.10 48.13
CA ALA F 282 -37.62 -24.55 48.18
C ALA F 282 -37.36 -25.11 49.57
N LYS F 283 -36.42 -24.53 50.31
CA LYS F 283 -36.05 -25.07 51.62
C LYS F 283 -35.92 -24.07 52.76
N GLY F 284 -35.99 -22.78 52.48
CA GLY F 284 -35.78 -21.76 53.50
C GLY F 284 -36.89 -21.56 54.52
N ASN F 285 -36.62 -20.75 55.55
CA ASN F 285 -37.55 -20.46 56.63
C ASN F 285 -38.53 -19.33 56.33
N PHE F 286 -38.29 -18.54 55.29
CA PHE F 286 -39.18 -17.43 54.97
C PHE F 286 -39.60 -17.43 53.49
N PRO F 287 -40.18 -18.53 52.95
CA PRO F 287 -40.56 -18.53 51.54
C PRO F 287 -41.52 -17.43 51.12
N VAL F 288 -42.56 -17.17 51.93
CA VAL F 288 -43.56 -16.16 51.63
C VAL F 288 -42.95 -14.75 51.69
N GLU F 289 -42.09 -14.50 52.69
CA GLU F 289 -41.42 -13.21 52.85
C GLU F 289 -40.45 -12.92 51.70
N ALA F 290 -39.81 -13.97 51.16
CA ALA F 290 -38.89 -13.84 50.04
C ALA F 290 -39.67 -13.42 48.78
N VAL F 291 -40.87 -14.01 48.57
CA VAL F 291 -41.74 -13.62 47.43
C VAL F 291 -42.20 -12.16 47.61
N LYS F 292 -42.60 -11.79 48.85
CA LYS F 292 -43.05 -10.44 49.14
C LYS F 292 -41.95 -9.42 48.90
N MET F 293 -40.71 -9.76 49.25
CA MET F 293 -39.56 -8.89 49.06
C MET F 293 -39.25 -8.69 47.58
N GLN F 294 -39.28 -9.77 46.78
CA GLN F 294 -39.06 -9.63 45.32
C GLN F 294 -40.16 -8.78 44.70
N HIS F 295 -41.40 -8.95 45.19
CA HIS F 295 -42.54 -8.16 44.70
C HIS F 295 -42.30 -6.66 45.00
N ALA F 296 -41.94 -6.33 46.24
CA ALA F 296 -41.73 -4.95 46.68
C ALA F 296 -40.58 -4.28 45.90
N ILE F 297 -39.45 -5.00 45.70
CA ILE F 297 -38.33 -4.43 44.97
C ILE F 297 -38.64 -4.24 43.49
N ALA F 298 -39.24 -5.27 42.84
CA ALA F 298 -39.57 -5.19 41.43
C ALA F 298 -40.48 -4.02 41.12
N ARG F 299 -41.47 -3.73 41.97
CA ARG F 299 -42.37 -2.61 41.75
C ARG F 299 -41.61 -1.29 41.79
N GLU F 300 -40.69 -1.13 42.75
CA GLU F 300 -39.86 0.07 42.84
C GLU F 300 -38.96 0.21 41.62
N ALA F 301 -38.32 -0.89 41.19
CA ALA F 301 -37.39 -0.87 40.06
C ALA F 301 -38.08 -0.64 38.73
N GLU F 302 -39.30 -1.18 38.54
CA GLU F 302 -40.04 -0.96 37.29
C GLU F 302 -40.37 0.51 37.09
N ALA F 303 -40.71 1.23 38.17
CA ALA F 303 -41.02 2.64 38.08
C ALA F 303 -39.77 3.45 37.73
N ALA F 304 -38.56 2.97 38.15
CA ALA F 304 -37.27 3.61 37.93
C ALA F 304 -36.69 3.33 36.53
N VAL F 305 -37.34 2.51 35.71
CA VAL F 305 -36.88 2.25 34.34
C VAL F 305 -36.95 3.58 33.52
N TYR F 306 -35.92 3.90 32.76
CA TYR F 306 -35.89 5.13 31.96
C TYR F 306 -36.56 4.84 30.62
N HIS F 307 -37.90 4.84 30.60
CA HIS F 307 -38.68 4.49 29.40
C HIS F 307 -38.39 5.32 28.18
N ARG F 308 -38.09 6.62 28.35
CA ARG F 308 -37.81 7.52 27.25
C ARG F 308 -36.65 7.00 26.37
N GLN F 309 -35.54 6.56 26.97
CA GLN F 309 -34.42 6.04 26.20
C GLN F 309 -34.73 4.60 25.77
N LEU F 310 -35.29 3.79 26.68
CA LEU F 310 -35.61 2.39 26.39
C LEU F 310 -36.53 2.22 25.17
N PHE F 311 -37.67 2.94 25.14
CA PHE F 311 -38.61 2.88 24.01
C PHE F 311 -37.97 3.36 22.72
N GLU F 312 -37.22 4.46 22.78
CA GLU F 312 -36.50 5.01 21.63
C GLU F 312 -35.51 3.97 21.06
N GLU F 313 -34.74 3.31 21.94
CA GLU F 313 -33.77 2.33 21.50
C GLU F 313 -34.41 1.04 20.99
N LEU F 314 -35.51 0.60 21.62
CA LEU F 314 -36.24 -0.60 21.17
C LEU F 314 -36.82 -0.33 19.78
N ARG F 315 -37.35 0.88 19.56
CA ARG F 315 -37.91 1.28 18.26
C ARG F 315 -36.83 1.38 17.17
N ARG F 316 -35.72 2.04 17.46
CA ARG F 316 -34.62 2.22 16.53
C ARG F 316 -34.01 0.87 16.13
N ALA F 317 -33.90 -0.07 17.08
CA ALA F 317 -33.28 -1.35 16.81
C ALA F 317 -34.22 -2.39 16.20
N ALA F 318 -35.54 -2.28 16.46
CA ALA F 318 -36.49 -3.24 15.92
C ALA F 318 -36.61 -3.00 14.42
N PRO F 319 -36.47 -4.07 13.63
CA PRO F 319 -36.56 -3.90 12.17
C PRO F 319 -37.96 -3.53 11.72
N LEU F 320 -38.07 -3.00 10.48
CA LEU F 320 -39.37 -2.71 9.88
C LEU F 320 -40.16 -4.01 9.75
N SER F 321 -41.48 -3.93 9.87
CA SER F 321 -42.29 -5.13 9.82
C SER F 321 -43.52 -4.92 9.01
N ARG F 322 -43.91 -5.94 8.26
CA ARG F 322 -45.17 -5.92 7.53
C ARG F 322 -46.23 -6.81 8.20
N ASP F 323 -45.96 -7.29 9.44
CA ASP F 323 -46.87 -8.12 10.20
C ASP F 323 -47.82 -7.18 10.93
N PRO F 324 -49.12 -7.28 10.68
CA PRO F 324 -50.07 -6.35 11.31
C PRO F 324 -50.10 -6.40 12.83
N THR F 325 -49.83 -7.56 13.44
CA THR F 325 -49.80 -7.66 14.91
C THR F 325 -48.65 -6.80 15.45
N GLU F 326 -47.48 -6.88 14.81
CA GLU F 326 -46.30 -6.13 15.20
C GLU F 326 -46.51 -4.61 14.98
N VAL F 327 -47.11 -4.25 13.84
CA VAL F 327 -47.41 -2.85 13.52
C VAL F 327 -48.44 -2.27 14.52
N THR F 328 -49.48 -3.04 14.86
CA THR F 328 -50.49 -2.61 15.82
C THR F 328 -49.88 -2.45 17.21
N ALA F 329 -49.02 -3.39 17.60
CA ALA F 329 -48.38 -3.35 18.91
C ALA F 329 -47.57 -2.07 19.15
N ILE F 330 -46.76 -1.66 18.18
CA ILE F 330 -45.96 -0.44 18.36
C ILE F 330 -46.85 0.81 18.36
N GLY F 331 -47.90 0.82 17.53
CA GLY F 331 -48.87 1.91 17.52
C GLY F 331 -49.60 2.03 18.84
N ALA F 332 -50.00 0.89 19.42
CA ALA F 332 -50.68 0.84 20.72
C ALA F 332 -49.80 1.31 21.88
N VAL F 333 -48.52 0.91 21.89
CA VAL F 333 -47.59 1.32 22.94
C VAL F 333 -47.31 2.83 22.81
N GLU F 334 -47.15 3.33 21.59
CA GLU F 334 -46.94 4.77 21.36
CA GLU F 334 -46.94 4.77 21.36
C GLU F 334 -48.13 5.56 21.86
N ALA F 335 -49.38 5.10 21.53
CA ALA F 335 -50.61 5.71 21.96
C ALA F 335 -50.73 5.69 23.48
N ALA F 336 -50.39 4.56 24.13
CA ALA F 336 -50.45 4.46 25.58
C ALA F 336 -49.53 5.49 26.27
N PHE F 337 -48.31 5.68 25.76
CA PHE F 337 -47.38 6.65 26.33
C PHE F 337 -47.91 8.08 26.17
N LYS F 338 -48.51 8.37 25.02
CA LYS F 338 -49.05 9.70 24.70
C LYS F 338 -50.11 10.19 25.70
N CYS F 339 -50.95 9.27 26.17
CA CYS F 339 -52.02 9.64 27.09
C CYS F 339 -51.84 9.15 28.52
N CYS F 340 -50.70 8.52 28.85
CA CYS F 340 -50.47 7.92 30.18
C CYS F 340 -51.55 6.87 30.46
N ALA F 341 -51.87 6.04 29.45
CA ALA F 341 -52.93 5.02 29.54
C ALA F 341 -52.69 4.10 30.72
N ALA F 342 -53.76 3.81 31.42
CA ALA F 342 -53.67 2.93 32.59
C ALA F 342 -53.42 1.49 32.17
N ALA F 343 -53.91 1.09 30.98
CA ALA F 343 -53.75 -0.27 30.50
C ALA F 343 -53.92 -0.38 28.97
N ILE F 344 -53.40 -1.47 28.42
CA ILE F 344 -53.58 -1.88 27.04
C ILE F 344 -54.31 -3.23 27.18
N ILE F 345 -55.56 -3.29 26.73
CA ILE F 345 -56.34 -4.53 26.81
C ILE F 345 -56.21 -5.23 25.48
N VAL F 346 -55.73 -6.47 25.47
CA VAL F 346 -55.50 -7.19 24.24
C VAL F 346 -56.18 -8.55 24.27
N LEU F 347 -56.75 -8.93 23.13
CA LEU F 347 -57.38 -10.23 22.96
C LEU F 347 -56.31 -11.11 22.37
N THR F 348 -56.07 -12.29 22.97
CA THR F 348 -55.05 -13.18 22.44
C THR F 348 -55.45 -14.64 22.61
N THR F 349 -55.05 -15.47 21.66
CA THR F 349 -55.33 -16.90 21.74
C THR F 349 -54.07 -17.63 22.25
N THR F 350 -52.92 -17.35 21.64
CA THR F 350 -51.65 -18.00 21.97
C THR F 350 -50.76 -17.19 22.92
N GLY F 351 -51.11 -15.92 23.14
CA GLY F 351 -50.32 -15.01 23.95
C GLY F 351 -49.45 -14.11 23.10
N ARG F 352 -49.29 -14.41 21.78
CA ARG F 352 -48.40 -13.66 20.90
C ARG F 352 -48.70 -12.14 20.81
N SER F 353 -49.96 -11.73 20.69
CA SER F 353 -50.29 -10.32 20.61
C SER F 353 -49.87 -9.57 21.90
N ALA F 354 -50.00 -10.24 23.05
CA ALA F 354 -49.59 -9.63 24.32
C ALA F 354 -48.04 -9.55 24.41
N GLN F 355 -47.33 -10.59 23.91
CA GLN F 355 -45.87 -10.62 23.87
C GLN F 355 -45.31 -9.50 23.00
N LEU F 356 -45.95 -9.23 21.86
CA LEU F 356 -45.50 -8.16 20.97
C LEU F 356 -45.72 -6.77 21.58
N LEU F 357 -46.71 -6.61 22.47
CA LEU F 357 -46.92 -5.35 23.17
C LEU F 357 -45.81 -5.22 24.27
N SER F 358 -45.59 -6.31 25.01
CA SER F 358 -44.60 -6.41 26.09
C SER F 358 -43.17 -6.10 25.63
N ARG F 359 -42.79 -6.47 24.39
CA ARG F 359 -41.44 -6.23 23.89
C ARG F 359 -41.10 -4.73 23.78
N TYR F 360 -42.12 -3.85 23.69
CA TYR F 360 -41.87 -2.40 23.65
C TYR F 360 -41.86 -1.74 25.02
N ARG F 361 -41.96 -2.55 26.08
CA ARG F 361 -41.92 -2.17 27.46
C ARG F 361 -42.82 -0.99 27.80
N PRO F 362 -44.15 -1.08 27.55
CA PRO F 362 -45.02 0.01 27.94
C PRO F 362 -45.07 0.16 29.45
N ARG F 363 -45.32 1.38 29.91
CA ARG F 363 -45.54 1.62 31.33
C ARG F 363 -46.97 1.08 31.69
N ALA F 364 -47.94 1.20 30.74
CA ALA F 364 -49.31 0.70 30.88
C ALA F 364 -49.31 -0.83 31.04
N ALA F 365 -50.14 -1.35 31.96
CA ALA F 365 -50.29 -2.81 32.14
C ALA F 365 -50.90 -3.42 30.88
N VAL F 366 -50.44 -4.61 30.47
CA VAL F 366 -50.99 -5.28 29.29
C VAL F 366 -51.95 -6.32 29.83
N ILE F 367 -53.26 -6.05 29.77
CA ILE F 367 -54.27 -6.98 30.26
C ILE F 367 -54.63 -7.91 29.12
N ALA F 368 -54.22 -9.17 29.21
CA ALA F 368 -54.43 -10.14 28.13
C ALA F 368 -55.65 -11.03 28.40
N VAL F 369 -56.73 -10.87 27.59
CA VAL F 369 -57.94 -11.65 27.74
C VAL F 369 -57.86 -12.85 26.82
N THR F 370 -57.90 -14.05 27.40
CA THR F 370 -57.74 -15.28 26.61
C THR F 370 -58.64 -16.39 27.10
N ARG F 371 -59.05 -17.27 26.19
CA ARG F 371 -59.83 -18.47 26.56
C ARG F 371 -58.87 -19.66 26.86
N SER F 372 -57.60 -19.58 26.41
CA SER F 372 -56.63 -20.64 26.63
C SER F 372 -56.05 -20.58 28.03
N ALA F 373 -56.34 -21.57 28.87
CA ALA F 373 -55.80 -21.63 30.23
C ALA F 373 -54.26 -21.73 30.19
N GLN F 374 -53.72 -22.47 29.22
CA GLN F 374 -52.28 -22.61 29.07
C GLN F 374 -51.62 -21.28 28.66
N ALA F 375 -52.20 -20.53 27.69
CA ALA F 375 -51.65 -19.25 27.28
C ALA F 375 -51.69 -18.27 28.45
N ALA F 376 -52.76 -18.30 29.26
CA ALA F 376 -52.88 -17.44 30.42
C ALA F 376 -51.73 -17.70 31.42
N ARG F 377 -51.33 -18.98 31.58
CA ARG F 377 -50.23 -19.34 32.48
C ARG F 377 -48.89 -18.95 31.84
N GLN F 378 -48.68 -19.25 30.56
CA GLN F 378 -47.43 -18.98 29.87
C GLN F 378 -47.11 -17.48 29.67
N VAL F 379 -48.12 -16.59 29.55
CA VAL F 379 -47.83 -15.17 29.34
C VAL F 379 -47.17 -14.50 30.54
N HIS F 380 -47.12 -15.18 31.70
CA HIS F 380 -46.38 -14.69 32.85
C HIS F 380 -44.87 -14.57 32.52
N LEU F 381 -44.39 -15.24 31.44
CA LEU F 381 -42.99 -15.12 31.05
C LEU F 381 -42.69 -13.72 30.48
N CYS F 382 -43.71 -12.96 30.05
CA CYS F 382 -43.54 -11.67 29.41
C CYS F 382 -43.83 -10.56 30.38
N ARG F 383 -42.85 -9.66 30.58
CA ARG F 383 -43.02 -8.56 31.51
C ARG F 383 -44.24 -7.71 31.23
N GLY F 384 -45.01 -7.43 32.27
CA GLY F 384 -46.15 -6.54 32.20
C GLY F 384 -47.41 -7.10 31.59
N VAL F 385 -47.48 -8.43 31.42
CA VAL F 385 -48.68 -9.06 30.90
C VAL F 385 -49.47 -9.68 32.06
N PHE F 386 -50.74 -9.23 32.24
CA PHE F 386 -51.63 -9.67 33.30
C PHE F 386 -52.74 -10.51 32.64
N PRO F 387 -52.64 -11.85 32.78
CA PRO F 387 -53.62 -12.71 32.11
C PRO F 387 -54.99 -12.80 32.78
N LEU F 388 -56.05 -12.72 31.98
CA LEU F 388 -57.42 -12.90 32.46
C LEU F 388 -58.01 -14.05 31.68
N LEU F 389 -58.38 -15.12 32.38
CA LEU F 389 -58.94 -16.30 31.74
C LEU F 389 -60.45 -16.14 31.55
N TYR F 390 -60.87 -16.05 30.30
CA TYR F 390 -62.28 -15.87 29.94
C TYR F 390 -62.91 -17.23 29.76
N ARG F 391 -63.99 -17.53 30.48
CA ARG F 391 -64.60 -18.85 30.40
C ARG F 391 -65.95 -18.91 29.69
N GLU F 392 -66.56 -17.77 29.32
CA GLU F 392 -67.88 -17.77 28.70
C GLU F 392 -67.91 -18.38 27.31
N PRO F 393 -69.00 -19.10 26.97
CA PRO F 393 -69.12 -19.68 25.62
C PRO F 393 -69.27 -18.57 24.58
N PRO F 394 -68.78 -18.80 23.35
CA PRO F 394 -68.85 -17.76 22.33
C PRO F 394 -70.26 -17.30 21.96
N GLU F 395 -70.42 -16.00 21.77
CA GLU F 395 -71.66 -15.37 21.32
C GLU F 395 -71.92 -15.79 19.87
N ALA F 396 -73.19 -15.72 19.44
CA ALA F 396 -73.58 -16.07 18.07
C ALA F 396 -72.94 -15.11 17.07
N ILE F 397 -72.92 -13.81 17.40
CA ILE F 397 -72.30 -12.79 16.57
C ILE F 397 -70.86 -12.58 17.08
N TRP F 398 -69.85 -12.88 16.24
CA TRP F 398 -68.44 -12.77 16.64
C TRP F 398 -68.08 -11.38 17.16
N ALA F 399 -68.55 -10.30 16.52
CA ALA F 399 -68.26 -8.94 16.99
C ALA F 399 -68.76 -8.72 18.42
N ASP F 400 -69.89 -9.34 18.80
CA ASP F 400 -70.42 -9.23 20.16
C ASP F 400 -69.53 -10.01 21.14
N ASP F 401 -69.00 -11.16 20.72
CA ASP F 401 -68.15 -11.97 21.58
C ASP F 401 -66.84 -11.20 21.92
N VAL F 402 -66.28 -10.50 20.92
CA VAL F 402 -65.11 -9.65 21.00
C VAL F 402 -65.42 -8.53 21.98
N ASP F 403 -66.57 -7.84 21.82
CA ASP F 403 -66.99 -6.77 22.73
C ASP F 403 -67.15 -7.23 24.16
N ARG F 404 -67.71 -8.43 24.37
CA ARG F 404 -67.89 -8.96 25.72
C ARG F 404 -66.55 -9.19 26.39
N ARG F 405 -65.57 -9.70 25.64
CA ARG F 405 -64.23 -9.95 26.16
C ARG F 405 -63.53 -8.63 26.50
N VAL F 406 -63.68 -7.59 25.66
CA VAL F 406 -63.10 -6.27 25.94
C VAL F 406 -63.72 -5.69 27.21
N GLN F 407 -65.07 -5.77 27.32
CA GLN F 407 -65.80 -5.28 28.49
C GLN F 407 -65.42 -6.03 29.74
N PHE F 408 -65.20 -7.35 29.63
CA PHE F 408 -64.78 -8.20 30.74
C PHE F 408 -63.42 -7.71 31.26
N GLY F 409 -62.51 -7.39 30.34
CA GLY F 409 -61.21 -6.83 30.66
C GLY F 409 -61.33 -5.51 31.42
N ILE F 410 -62.20 -4.58 30.93
CA ILE F 410 -62.42 -3.27 31.57
C ILE F 410 -63.00 -3.40 32.96
N GLU F 411 -64.06 -4.23 33.10
CA GLU F 411 -64.72 -4.44 34.38
C GLU F 411 -63.81 -5.14 35.38
N SER F 412 -63.05 -6.16 34.94
CA SER F 412 -62.08 -6.80 35.83
C SER F 412 -60.96 -5.80 36.23
N GLY F 413 -60.48 -4.99 35.29
CA GLY F 413 -59.48 -3.95 35.54
C GLY F 413 -59.93 -2.94 36.56
N LYS F 414 -61.21 -2.52 36.48
CA LYS F 414 -61.78 -1.58 37.44
C LYS F 414 -61.87 -2.21 38.83
N LEU F 415 -62.32 -3.46 38.88
CA LEU F 415 -62.46 -4.16 40.13
C LEU F 415 -61.14 -4.45 40.79
N ARG F 416 -60.08 -4.74 40.00
CA ARG F 416 -58.75 -5.00 40.55
C ARG F 416 -57.90 -3.73 40.84
N GLY F 417 -58.40 -2.55 40.49
CA GLY F 417 -57.66 -1.32 40.73
C GLY F 417 -56.74 -0.87 39.60
N PHE F 418 -56.68 -1.63 38.49
CA PHE F 418 -55.88 -1.23 37.32
C PHE F 418 -56.47 0.00 36.64
N LEU F 419 -57.80 0.09 36.61
CA LEU F 419 -58.50 1.15 35.89
C LEU F 419 -59.44 1.92 36.78
N ARG F 420 -59.54 3.19 36.52
CA ARG F 420 -60.36 4.12 37.25
C ARG F 420 -61.23 4.87 36.21
N VAL F 421 -62.41 5.39 36.60
CA VAL F 421 -63.24 6.16 35.69
C VAL F 421 -62.49 7.42 35.28
N GLY F 422 -62.48 7.72 33.99
CA GLY F 422 -61.72 8.84 33.48
C GLY F 422 -60.40 8.43 32.85
N ASP F 423 -59.92 7.20 33.14
CA ASP F 423 -58.68 6.69 32.56
C ASP F 423 -58.88 6.43 31.08
N LEU F 424 -57.77 6.46 30.34
CA LEU F 424 -57.80 6.09 28.93
C LEU F 424 -57.16 4.70 28.85
N VAL F 425 -57.73 3.85 28.01
CA VAL F 425 -57.21 2.51 27.79
C VAL F 425 -57.05 2.33 26.29
N ILE F 426 -56.08 1.53 25.90
CA ILE F 426 -55.85 1.21 24.51
C ILE F 426 -56.35 -0.21 24.35
N VAL F 427 -57.19 -0.49 23.34
CA VAL F 427 -57.75 -1.83 23.13
C VAL F 427 -57.23 -2.39 21.84
N VAL F 428 -56.64 -3.60 21.89
CA VAL F 428 -56.05 -4.24 20.74
C VAL F 428 -56.80 -5.53 20.39
N THR F 429 -57.34 -5.58 19.16
CA THR F 429 -58.13 -6.71 18.65
C THR F 429 -57.75 -6.98 17.15
N GLY F 430 -58.34 -8.00 16.55
CA GLY F 430 -58.15 -8.36 15.14
C GLY F 430 -59.45 -8.27 14.34
N TRP F 431 -59.36 -8.47 13.03
CA TRP F 431 -60.50 -8.32 12.11
C TRP F 431 -61.30 -9.59 11.85
N ARG F 432 -60.75 -10.75 12.23
CA ARG F 432 -61.42 -12.04 12.06
C ARG F 432 -60.99 -13.00 13.20
N PRO F 433 -61.76 -14.09 13.46
CA PRO F 433 -61.37 -15.02 14.54
C PRO F 433 -60.09 -15.80 14.27
N GLY F 434 -59.52 -16.39 15.31
CA GLY F 434 -58.29 -17.15 15.20
C GLY F 434 -57.01 -16.33 15.39
N SER F 435 -55.91 -17.01 15.70
CA SER F 435 -54.62 -16.36 15.90
C SER F 435 -54.05 -15.78 14.62
N GLY F 436 -53.25 -14.73 14.78
CA GLY F 436 -52.51 -14.13 13.69
C GLY F 436 -53.16 -12.98 12.97
N TYR F 437 -54.35 -12.54 13.40
CA TYR F 437 -55.05 -11.46 12.68
C TYR F 437 -55.22 -10.15 13.44
N THR F 438 -54.49 -9.93 14.58
CA THR F 438 -54.55 -8.66 15.33
C THR F 438 -54.16 -7.51 14.40
N ASN F 439 -55.00 -6.47 14.32
CA ASN F 439 -54.72 -5.35 13.43
C ASN F 439 -55.42 -4.06 13.82
N ILE F 440 -56.08 -4.03 14.98
CA ILE F 440 -56.84 -2.88 15.40
C ILE F 440 -56.44 -2.35 16.75
N MET F 441 -56.33 -1.02 16.84
CA MET F 441 -56.03 -0.35 18.10
CA MET F 441 -56.00 -0.30 18.06
C MET F 441 -57.09 0.74 18.27
N ARG F 442 -57.72 0.77 19.44
CA ARG F 442 -58.79 1.73 19.76
C ARG F 442 -58.46 2.47 21.05
N VAL F 443 -58.79 3.76 21.10
CA VAL F 443 -58.58 4.55 22.32
C VAL F 443 -59.95 4.69 23.00
N LEU F 444 -60.07 4.18 24.22
CA LEU F 444 -61.34 4.22 24.94
CA LEU F 444 -61.33 4.20 24.94
C LEU F 444 -61.25 4.93 26.27
N SER F 445 -62.26 5.72 26.61
CA SER F 445 -62.31 6.43 27.89
C SER F 445 -63.13 5.56 28.84
N ILE F 446 -62.62 5.33 30.05
CA ILE F 446 -63.31 4.47 31.00
CA ILE F 446 -63.29 4.47 31.01
C ILE F 446 -64.45 5.21 31.69
N SER F 447 -65.68 4.70 31.55
CA SER F 447 -66.86 5.36 32.13
C SER F 447 -67.37 4.67 33.39
N GLY G 23 -22.71 38.25 32.17
CA GLY G 23 -23.89 39.11 32.06
C GLY G 23 -24.99 38.50 31.22
N THR G 24 -26.25 38.92 31.50
CA THR G 24 -27.42 38.44 30.76
C THR G 24 -27.39 38.92 29.30
N ALA G 25 -26.88 40.15 29.07
CA ALA G 25 -26.78 40.72 27.74
C ALA G 25 -25.90 39.88 26.83
N PHE G 26 -24.79 39.33 27.38
CA PHE G 26 -23.88 38.48 26.62
C PHE G 26 -24.63 37.23 26.10
N PHE G 27 -25.43 36.62 26.97
CA PHE G 27 -26.17 35.40 26.64
C PHE G 27 -27.43 35.62 25.78
N GLN G 28 -27.75 36.89 25.43
CA GLN G 28 -28.86 37.19 24.53
C GLN G 28 -28.37 37.36 23.07
N GLN G 29 -27.10 37.78 22.90
CA GLN G 29 -26.47 37.99 21.60
C GLN G 29 -26.05 36.66 20.94
N GLN G 30 -25.59 36.73 19.66
CA GLN G 30 -25.08 35.66 18.80
C GLN G 30 -25.88 34.34 18.88
N GLN G 31 -27.23 34.46 18.96
CA GLN G 31 -28.17 33.35 19.02
C GLN G 31 -27.84 32.35 20.12
N LEU G 32 -27.30 32.83 21.26
CA LEU G 32 -26.92 31.94 22.37
C LEU G 32 -28.15 31.22 23.00
N PRO G 33 -29.35 31.84 23.14
CA PRO G 33 -30.51 31.04 23.61
C PRO G 33 -30.82 29.87 22.66
N ALA G 34 -30.74 30.09 21.32
CA ALA G 34 -30.97 29.03 20.34
C ALA G 34 -29.84 27.97 20.36
N ALA G 35 -28.62 28.39 20.74
CA ALA G 35 -27.47 27.49 20.84
C ALA G 35 -27.60 26.52 22.02
N MET G 36 -28.27 26.94 23.11
CA MET G 36 -28.45 26.09 24.30
C MET G 36 -29.57 25.06 24.14
N ALA G 37 -30.40 25.15 23.08
CA ALA G 37 -31.53 24.25 22.89
C ALA G 37 -31.16 22.78 22.87
N ASP G 38 -32.05 21.94 23.40
CA ASP G 38 -31.83 20.50 23.49
C ASP G 38 -32.20 19.73 22.22
N THR G 39 -32.95 20.34 21.31
CA THR G 39 -33.29 19.72 20.02
C THR G 39 -33.11 20.75 18.90
N PHE G 40 -32.96 20.27 17.67
CA PHE G 40 -32.84 21.13 16.51
C PHE G 40 -34.13 21.97 16.33
N LEU G 41 -35.29 21.35 16.55
CA LEU G 41 -36.58 22.00 16.45
C LEU G 41 -36.68 23.17 17.45
N GLU G 42 -36.28 22.94 18.72
CA GLU G 42 -36.26 24.00 19.74
CA GLU G 42 -36.28 24.00 19.71
C GLU G 42 -35.27 25.09 19.36
N HIS G 43 -34.13 24.72 18.75
CA HIS G 43 -33.09 25.63 18.30
C HIS G 43 -33.68 26.59 17.26
N LEU G 44 -34.44 26.06 16.29
CA LEU G 44 -35.09 26.89 15.25
C LEU G 44 -36.09 27.85 15.91
N CYS G 45 -36.91 27.32 16.83
CA CYS G 45 -37.94 28.09 17.54
C CYS G 45 -37.34 29.24 18.35
N LEU G 46 -36.08 29.11 18.78
CA LEU G 46 -35.43 30.13 19.59
C LEU G 46 -34.61 31.14 18.80
N LEU G 47 -34.54 31.02 17.45
CA LEU G 47 -33.81 31.98 16.64
C LEU G 47 -34.47 33.36 16.79
N ASP G 48 -33.66 34.38 17.04
CA ASP G 48 -34.16 35.72 17.33
C ASP G 48 -33.55 36.77 16.41
N ILE G 49 -34.38 37.49 15.64
CA ILE G 49 -33.90 38.57 14.76
C ILE G 49 -33.27 39.74 15.56
N ASP G 50 -33.57 39.86 16.86
CA ASP G 50 -32.98 40.91 17.71
C ASP G 50 -31.66 40.46 18.36
N SER G 51 -31.28 39.18 18.22
CA SER G 51 -30.04 38.68 18.77
C SER G 51 -28.95 39.01 17.78
N GLU G 52 -28.13 40.02 18.10
CA GLU G 52 -27.11 40.51 17.18
C GLU G 52 -25.85 39.66 17.13
N PRO G 53 -25.31 39.47 15.90
CA PRO G 53 -24.06 38.72 15.79
C PRO G 53 -22.89 39.51 16.38
N VAL G 54 -22.04 38.85 17.16
CA VAL G 54 -20.89 39.51 17.77
C VAL G 54 -19.60 39.01 17.14
N ALA G 55 -19.52 37.71 16.88
CA ALA G 55 -18.34 37.10 16.29
C ALA G 55 -18.01 37.66 14.91
N ALA G 56 -16.72 37.63 14.56
CA ALA G 56 -16.29 38.07 13.23
C ALA G 56 -16.80 37.03 12.22
N ARG G 57 -17.07 37.50 11.00
CA ARG G 57 -17.59 36.64 9.93
C ARG G 57 -16.55 35.58 9.55
N SER G 58 -16.92 34.32 9.70
CA SER G 58 -16.03 33.20 9.50
C SER G 58 -16.05 32.53 8.10
N THR G 59 -17.14 32.68 7.30
CA THR G 59 -17.21 32.09 5.96
C THR G 59 -16.52 33.03 4.98
N SER G 60 -15.45 32.58 4.31
CA SER G 60 -14.73 33.47 3.37
C SER G 60 -15.53 33.79 2.16
N ILE G 61 -15.26 34.97 1.61
CA ILE G 61 -15.95 35.42 0.42
C ILE G 61 -14.95 35.42 -0.71
N ILE G 62 -15.30 34.71 -1.79
CA ILE G 62 -14.49 34.70 -2.99
C ILE G 62 -15.19 35.66 -3.99
N ALA G 63 -14.47 36.66 -4.50
CA ALA G 63 -15.05 37.58 -5.48
C ALA G 63 -14.32 37.43 -6.79
N THR G 64 -15.07 37.28 -7.86
CA THR G 64 -14.47 37.17 -9.19
C THR G 64 -14.10 38.54 -9.66
N ILE G 65 -12.85 38.71 -10.04
CA ILE G 65 -12.31 39.99 -10.48
C ILE G 65 -12.32 40.11 -12.01
N GLY G 66 -13.02 41.14 -12.48
CA GLY G 66 -13.15 41.42 -13.90
C GLY G 66 -13.31 42.90 -14.15
N PRO G 67 -13.96 43.25 -15.29
CA PRO G 67 -14.11 44.69 -15.64
C PRO G 67 -14.71 45.58 -14.57
N ALA G 68 -15.72 45.08 -13.84
CA ALA G 68 -16.37 45.87 -12.80
C ALA G 68 -15.58 46.03 -11.50
N SER G 69 -14.50 45.28 -11.31
CA SER G 69 -13.81 45.24 -10.01
C SER G 69 -12.30 45.12 -10.08
N ARG G 70 -11.73 45.58 -11.15
CA ARG G 70 -10.33 45.48 -11.50
C ARG G 70 -9.47 46.64 -10.99
N SER G 71 -10.04 47.85 -10.86
CA SER G 71 -9.23 49.02 -10.45
C SER G 71 -8.75 48.89 -9.02
N VAL G 72 -7.57 49.48 -8.73
CA VAL G 72 -6.98 49.45 -7.40
C VAL G 72 -7.92 50.09 -6.38
N GLU G 73 -8.57 51.20 -6.75
CA GLU G 73 -9.50 51.87 -5.84
C GLU G 73 -10.72 51.03 -5.51
N ARG G 74 -11.27 50.36 -6.53
CA ARG G 74 -12.42 49.50 -6.36
C ARG G 74 -12.01 48.26 -5.51
N LEU G 75 -10.84 47.67 -5.78
CA LEU G 75 -10.33 46.52 -5.05
C LEU G 75 -10.10 46.85 -3.57
N LYS G 76 -9.68 48.08 -3.24
CA LYS G 76 -9.53 48.53 -1.84
C LYS G 76 -10.87 48.53 -1.15
N GLU G 77 -11.93 48.96 -1.83
CA GLU G 77 -13.27 48.94 -1.26
C GLU G 77 -13.78 47.51 -1.07
N MET G 78 -13.44 46.61 -2.01
CA MET G 78 -13.84 45.21 -1.91
CA MET G 78 -13.85 45.22 -1.90
C MET G 78 -13.14 44.50 -0.76
N ILE G 79 -11.87 44.84 -0.48
CA ILE G 79 -11.12 44.27 0.62
C ILE G 79 -11.76 44.73 1.94
N LYS G 80 -12.11 46.03 2.04
CA LYS G 80 -12.77 46.59 3.23
C LYS G 80 -14.16 46.00 3.43
N ALA G 81 -14.87 45.70 2.35
CA ALA G 81 -16.20 45.09 2.40
C ALA G 81 -16.15 43.62 2.84
N GLY G 82 -15.01 42.95 2.68
CA GLY G 82 -14.87 41.58 3.13
C GLY G 82 -14.34 40.54 2.18
N MET G 83 -13.92 40.92 0.97
CA MET G 83 -13.36 39.96 0.02
C MET G 83 -12.07 39.30 0.61
N ASN G 84 -12.04 37.96 0.62
CA ASN G 84 -10.86 37.26 1.16
C ASN G 84 -10.04 36.58 0.05
N ILE G 85 -10.72 36.17 -1.03
CA ILE G 85 -10.10 35.49 -2.14
C ILE G 85 -10.54 36.17 -3.44
N ALA G 86 -9.58 36.48 -4.29
CA ALA G 86 -9.84 37.07 -5.59
C ALA G 86 -9.79 35.93 -6.62
N ARG G 87 -10.87 35.72 -7.34
CA ARG G 87 -10.94 34.66 -8.35
C ARG G 87 -10.73 35.24 -9.75
N LEU G 88 -9.86 34.63 -10.53
CA LEU G 88 -9.61 35.05 -11.91
C LEU G 88 -10.07 33.95 -12.82
N ASN G 89 -11.14 34.20 -13.56
CA ASN G 89 -11.76 33.22 -14.43
C ASN G 89 -11.06 33.17 -15.78
N PHE G 90 -10.27 32.14 -16.00
CA PHE G 90 -9.53 31.98 -17.24
C PHE G 90 -10.39 31.49 -18.41
N SER G 91 -11.72 31.41 -18.23
CA SER G 91 -12.64 31.19 -19.33
C SER G 91 -12.76 32.48 -20.17
N HIS G 92 -12.41 33.66 -19.59
CA HIS G 92 -12.48 34.97 -20.21
C HIS G 92 -11.13 35.71 -20.05
N GLY G 93 -11.00 36.85 -20.73
CA GLY G 93 -9.81 37.67 -20.65
C GLY G 93 -8.61 37.03 -21.30
N SER G 94 -7.44 37.45 -20.90
CA SER G 94 -6.18 36.95 -21.44
C SER G 94 -5.12 36.92 -20.32
N HIS G 95 -3.94 36.35 -20.59
CA HIS G 95 -2.85 36.32 -19.62
C HIS G 95 -2.43 37.74 -19.23
N GLU G 96 -2.36 38.65 -20.21
CA GLU G 96 -1.98 40.04 -19.96
C GLU G 96 -3.04 40.71 -19.09
N TYR G 97 -4.32 40.50 -19.41
CA TYR G 97 -5.44 41.09 -18.68
C TYR G 97 -5.45 40.57 -17.24
N HIS G 98 -5.40 39.25 -17.04
CA HIS G 98 -5.41 38.67 -15.69
C HIS G 98 -4.17 39.03 -14.88
N ALA G 99 -2.98 39.13 -15.49
CA ALA G 99 -1.78 39.57 -14.79
C ALA G 99 -1.96 40.99 -14.24
N GLU G 100 -2.64 41.88 -15.03
CA GLU G 100 -2.90 43.25 -14.60
CA GLU G 100 -2.87 43.24 -14.56
C GLU G 100 -3.85 43.26 -13.40
N SER G 101 -4.90 42.43 -13.46
CA SER G 101 -5.86 42.31 -12.37
C SER G 101 -5.15 41.81 -11.08
N ILE G 102 -4.26 40.81 -11.23
CA ILE G 102 -3.47 40.26 -10.10
C ILE G 102 -2.57 41.35 -9.50
N ALA G 103 -1.89 42.16 -10.35
CA ALA G 103 -1.03 43.24 -9.89
C ALA G 103 -1.85 44.30 -9.13
N ASN G 104 -3.07 44.59 -9.62
CA ASN G 104 -3.95 45.55 -8.95
C ASN G 104 -4.44 45.02 -7.61
N VAL G 105 -4.77 43.70 -7.52
CA VAL G 105 -5.16 43.08 -6.25
C VAL G 105 -4.02 43.22 -5.25
N ARG G 106 -2.79 42.84 -5.65
CA ARG G 106 -1.64 42.94 -4.77
C ARG G 106 -1.35 44.37 -4.33
N GLU G 107 -1.53 45.34 -5.25
CA GLU G 107 -1.31 46.74 -4.90
C GLU G 107 -2.35 47.19 -3.87
N ALA G 108 -3.63 46.81 -4.06
CA ALA G 108 -4.69 47.17 -3.12
C ALA G 108 -4.46 46.51 -1.75
N VAL G 109 -4.07 45.22 -1.72
CA VAL G 109 -3.81 44.49 -0.47
C VAL G 109 -2.63 45.14 0.29
N GLU G 110 -1.54 45.42 -0.42
CA GLU G 110 -0.36 45.99 0.20
C GLU G 110 -0.51 47.44 0.65
N SER G 111 -1.56 48.14 0.18
CA SER G 111 -1.80 49.51 0.62
C SER G 111 -2.20 49.58 2.12
N PHE G 112 -2.59 48.44 2.74
CA PHE G 112 -2.94 48.37 4.15
C PHE G 112 -1.82 47.75 5.03
N ALA G 113 -0.67 47.36 4.43
CA ALA G 113 0.44 46.69 5.11
C ALA G 113 1.20 47.54 6.14
N GLY G 114 1.01 48.84 6.08
CA GLY G 114 1.63 49.77 7.03
C GLY G 114 1.07 49.66 8.44
N SER G 115 -0.04 48.93 8.61
CA SER G 115 -0.64 48.67 9.92
C SER G 115 -0.67 47.13 10.06
N PRO G 116 0.43 46.54 10.57
CA PRO G 116 0.50 45.06 10.67
C PRO G 116 -0.53 44.37 11.57
N LEU G 117 -1.01 45.05 12.62
CA LEU G 117 -2.01 44.44 13.52
C LEU G 117 -3.40 44.33 12.89
N SER G 118 -3.66 45.07 11.77
CA SER G 118 -4.97 45.04 11.11
C SER G 118 -4.90 44.59 9.62
N TYR G 119 -3.67 44.33 9.09
CA TYR G 119 -3.48 43.91 7.69
C TYR G 119 -4.24 42.61 7.37
N ARG G 120 -5.02 42.64 6.27
CA ARG G 120 -5.77 41.47 5.81
C ARG G 120 -5.17 40.82 4.56
N PRO G 121 -4.62 39.59 4.68
CA PRO G 121 -4.13 38.88 3.48
C PRO G 121 -5.30 38.54 2.53
N VAL G 122 -5.03 38.46 1.21
CA VAL G 122 -6.07 38.13 0.21
C VAL G 122 -5.49 37.09 -0.74
N ALA G 123 -6.12 35.92 -0.85
CA ALA G 123 -5.64 34.87 -1.71
C ALA G 123 -5.96 35.16 -3.18
N ILE G 124 -5.17 34.57 -4.08
CA ILE G 124 -5.39 34.70 -5.50
C ILE G 124 -5.65 33.32 -6.06
N ALA G 125 -6.83 33.14 -6.62
CA ALA G 125 -7.26 31.86 -7.14
C ALA G 125 -7.46 31.92 -8.66
N LEU G 126 -6.98 30.90 -9.36
CA LEU G 126 -7.12 30.81 -10.78
C LEU G 126 -8.19 29.76 -11.09
N ASP G 127 -9.24 30.14 -11.83
CA ASP G 127 -10.29 29.22 -12.20
C ASP G 127 -10.07 28.85 -13.68
N THR G 128 -9.81 27.56 -13.95
CA THR G 128 -9.50 27.12 -15.29
C THR G 128 -10.70 27.10 -16.27
N LYS G 129 -10.40 27.19 -17.58
CA LYS G 129 -11.43 27.14 -18.61
C LYS G 129 -12.09 25.76 -18.64
N GLY G 130 -11.30 24.72 -18.48
CA GLY G 130 -11.85 23.36 -18.44
C GLY G 130 -11.54 22.51 -19.65
N PRO G 131 -11.95 21.25 -19.62
CA PRO G 131 -11.62 20.33 -20.72
C PRO G 131 -12.46 20.53 -21.98
N PRO G 135 -12.06 15.48 -22.66
CA PRO G 135 -10.88 14.80 -23.23
C PRO G 135 -9.61 14.96 -22.39
N GLY G 136 -9.76 15.10 -21.07
CA GLY G 136 -8.61 15.27 -20.19
C GLY G 136 -8.14 16.72 -20.11
N LEU G 137 -6.94 16.96 -19.54
CA LEU G 137 -6.41 18.33 -19.43
C LEU G 137 -6.17 19.01 -20.81
N SER G 138 -6.87 20.10 -21.07
CA SER G 138 -6.74 20.82 -22.33
C SER G 138 -5.41 21.57 -22.44
N GLU G 139 -5.02 21.93 -23.67
CA GLU G 139 -3.76 22.65 -23.91
C GLU G 139 -3.80 24.05 -23.30
N GLN G 140 -4.96 24.70 -23.34
CA GLN G 140 -5.11 26.03 -22.76
C GLN G 140 -4.97 25.95 -21.24
N ASP G 141 -5.54 24.91 -20.60
CA ASP G 141 -5.40 24.71 -19.16
C ASP G 141 -3.96 24.51 -18.77
N VAL G 142 -3.17 23.77 -19.57
CA VAL G 142 -1.76 23.59 -19.27
C VAL G 142 -1.03 24.95 -19.25
N ARG G 143 -1.34 25.81 -20.24
CA ARG G 143 -0.71 27.13 -20.31
C ARG G 143 -1.18 28.06 -19.18
N ASP G 144 -2.46 28.01 -18.84
CA ASP G 144 -3.03 28.84 -17.79
C ASP G 144 -2.52 28.40 -16.41
N LEU G 145 -2.39 27.09 -16.18
CA LEU G 145 -1.85 26.57 -14.93
C LEU G 145 -0.38 26.98 -14.79
N ARG G 146 0.38 27.00 -15.90
CA ARG G 146 1.78 27.46 -15.89
C ARG G 146 1.83 28.97 -15.56
N PHE G 147 0.87 29.74 -16.09
CA PHE G 147 0.76 31.16 -15.80
C PHE G 147 0.54 31.35 -14.26
N GLY G 148 -0.34 30.55 -13.69
CA GLY G 148 -0.63 30.60 -12.26
C GLY G 148 0.59 30.37 -11.39
N VAL G 149 1.38 29.37 -11.73
CA VAL G 149 2.63 29.09 -11.01
C VAL G 149 3.61 30.24 -11.14
N GLU G 150 3.75 30.77 -12.37
CA GLU G 150 4.66 31.89 -12.61
C GLU G 150 4.24 33.16 -11.90
N HIS G 151 2.94 33.37 -11.74
CA HIS G 151 2.42 34.53 -11.06
C HIS G 151 2.15 34.32 -9.56
N GLY G 152 2.53 33.16 -9.02
CA GLY G 152 2.41 32.85 -7.60
C GLY G 152 0.99 32.78 -7.07
N VAL G 153 0.07 32.16 -7.83
CA VAL G 153 -1.30 32.02 -7.36
C VAL G 153 -1.31 31.03 -6.17
N ASP G 154 -2.29 31.18 -5.29
CA ASP G 154 -2.41 30.36 -4.10
C ASP G 154 -3.30 29.14 -4.32
N ILE G 155 -4.34 29.29 -5.16
CA ILE G 155 -5.34 28.26 -5.36
C ILE G 155 -5.69 28.09 -6.82
N VAL G 156 -6.08 26.86 -7.19
CA VAL G 156 -6.59 26.56 -8.52
C VAL G 156 -7.99 26.00 -8.32
N PHE G 157 -9.00 26.59 -8.96
CA PHE G 157 -10.36 26.04 -9.00
C PHE G 157 -10.38 25.28 -10.34
N ALA G 158 -10.24 23.96 -10.30
CA ALA G 158 -10.14 23.15 -11.51
C ALA G 158 -11.49 22.81 -12.08
N SER G 159 -11.79 23.34 -13.27
CA SER G 159 -13.12 23.12 -13.90
C SER G 159 -13.36 21.72 -14.37
N PHE G 160 -14.63 21.30 -14.30
CA PHE G 160 -15.11 20.00 -14.74
C PHE G 160 -14.25 18.81 -14.31
N VAL G 161 -13.98 18.67 -13.01
CA VAL G 161 -13.26 17.50 -12.52
C VAL G 161 -14.27 16.34 -12.49
N ARG G 162 -13.97 15.23 -13.17
CA ARG G 162 -14.91 14.10 -13.23
C ARG G 162 -14.40 12.83 -12.57
N LYS G 163 -13.09 12.75 -12.32
CA LYS G 163 -12.46 11.55 -11.76
C LYS G 163 -11.11 11.93 -11.15
N ALA G 164 -10.54 11.03 -10.33
CA ALA G 164 -9.25 11.25 -9.66
C ALA G 164 -8.13 11.58 -10.61
N SER G 165 -8.10 10.94 -11.83
CA SER G 165 -7.00 11.23 -12.77
C SER G 165 -7.02 12.65 -13.31
N ASP G 166 -8.16 13.33 -13.28
CA ASP G 166 -8.23 14.74 -13.70
C ASP G 166 -7.44 15.61 -12.69
N VAL G 167 -7.53 15.27 -11.38
CA VAL G 167 -6.80 16.01 -10.35
C VAL G 167 -5.31 15.74 -10.47
N ALA G 168 -4.93 14.47 -10.75
CA ALA G 168 -3.53 14.10 -10.94
C ALA G 168 -2.93 14.86 -12.11
N ALA G 169 -3.70 15.07 -13.19
CA ALA G 169 -3.27 15.83 -14.35
C ALA G 169 -3.03 17.29 -13.99
N VAL G 170 -3.95 17.89 -13.21
CA VAL G 170 -3.77 19.29 -12.74
C VAL G 170 -2.53 19.39 -11.85
N ARG G 171 -2.31 18.43 -10.91
CA ARG G 171 -1.12 18.41 -10.02
C ARG G 171 0.13 18.34 -10.79
N ALA G 172 0.18 17.44 -11.81
CA ALA G 172 1.36 17.28 -12.65
C ALA G 172 1.69 18.60 -13.38
N ALA G 173 0.65 19.32 -13.82
CA ALA G 173 0.77 20.60 -14.54
C ALA G 173 1.20 21.78 -13.67
N LEU G 174 1.13 21.64 -12.31
CA LEU G 174 1.62 22.72 -11.46
C LEU G 174 3.16 22.69 -11.31
N GLY G 175 3.83 22.05 -12.29
CA GLY G 175 5.28 22.04 -12.57
C GLY G 175 6.09 21.77 -11.37
N PRO G 176 7.41 22.03 -11.44
CA PRO G 176 8.23 21.78 -10.24
C PRO G 176 8.01 22.84 -9.13
N GLU G 177 7.61 24.07 -9.50
CA GLU G 177 7.48 25.10 -8.50
C GLU G 177 6.07 25.31 -7.87
N GLY G 178 5.02 24.62 -8.29
CA GLY G 178 3.68 24.87 -7.76
C GLY G 178 2.99 23.79 -6.96
N HIS G 179 3.75 22.89 -6.33
CA HIS G 179 3.16 21.83 -5.50
C HIS G 179 2.46 22.35 -4.21
N GLY G 180 2.77 23.56 -3.77
CA GLY G 180 2.12 24.15 -2.60
C GLY G 180 0.77 24.81 -2.90
N ILE G 181 0.41 24.90 -4.19
CA ILE G 181 -0.86 25.49 -4.60
C ILE G 181 -1.99 24.55 -4.25
N LYS G 182 -3.08 25.08 -3.68
CA LYS G 182 -4.22 24.26 -3.32
C LYS G 182 -5.09 23.96 -4.54
N ILE G 183 -5.48 22.71 -4.72
CA ILE G 183 -6.37 22.35 -5.82
C ILE G 183 -7.75 22.11 -5.29
N ILE G 184 -8.69 22.97 -5.69
CA ILE G 184 -10.08 22.84 -5.33
C ILE G 184 -10.79 22.33 -6.59
N SER G 185 -11.26 21.08 -6.56
CA SER G 185 -11.93 20.48 -7.72
C SER G 185 -13.35 20.98 -7.86
N LYS G 186 -13.70 21.51 -9.03
CA LYS G 186 -15.07 21.93 -9.29
C LYS G 186 -15.92 20.74 -9.74
N ILE G 187 -17.04 20.48 -9.06
CA ILE G 187 -17.92 19.37 -9.43
C ILE G 187 -19.07 20.00 -10.21
N GLU G 188 -19.11 19.71 -11.53
CA GLU G 188 -20.03 20.39 -12.43
C GLU G 188 -20.93 19.49 -13.26
N ASN G 189 -20.87 18.17 -13.07
CA ASN G 189 -21.67 17.24 -13.87
C ASN G 189 -21.98 15.95 -13.10
N HIS G 190 -22.79 15.07 -13.70
CA HIS G 190 -23.19 13.82 -13.08
C HIS G 190 -22.02 12.92 -12.73
N GLU G 191 -21.02 12.81 -13.63
CA GLU G 191 -19.86 11.96 -13.36
C GLU G 191 -19.06 12.46 -12.13
N GLY G 192 -18.87 13.78 -12.02
CA GLY G 192 -18.18 14.35 -10.87
C GLY G 192 -18.90 14.04 -9.57
N VAL G 193 -20.24 14.11 -9.56
CA VAL G 193 -21.03 13.78 -8.38
C VAL G 193 -20.91 12.29 -8.04
N LYS G 194 -21.03 11.43 -9.06
CA LYS G 194 -20.93 9.99 -8.84
C LYS G 194 -19.54 9.53 -8.40
N ARG G 195 -18.49 10.16 -8.92
CA ARG G 195 -17.12 9.83 -8.52
C ARG G 195 -16.58 10.78 -7.46
N PHE G 196 -17.47 11.46 -6.70
CA PHE G 196 -17.10 12.44 -5.68
C PHE G 196 -16.06 11.95 -4.68
N ASP G 197 -16.27 10.76 -4.10
CA ASP G 197 -15.33 10.26 -3.08
C ASP G 197 -13.90 10.15 -3.55
N GLU G 198 -13.70 9.62 -4.77
CA GLU G 198 -12.34 9.48 -5.30
C GLU G 198 -11.72 10.82 -5.65
N ILE G 199 -12.55 11.80 -6.04
CA ILE G 199 -12.07 13.14 -6.35
C ILE G 199 -11.66 13.86 -5.06
N LEU G 200 -12.49 13.81 -4.01
CA LEU G 200 -12.22 14.48 -2.74
C LEU G 200 -10.94 13.94 -2.10
N GLU G 201 -10.76 12.61 -2.18
CA GLU G 201 -9.58 11.95 -1.62
C GLU G 201 -8.28 12.52 -2.12
N VAL G 202 -8.20 12.88 -3.42
CA VAL G 202 -6.96 13.43 -3.97
C VAL G 202 -6.95 14.96 -4.10
N SER G 203 -8.07 15.65 -3.82
CA SER G 203 -8.12 17.11 -3.92
C SER G 203 -7.89 17.77 -2.57
N ASP G 204 -7.52 19.06 -2.58
CA ASP G 204 -7.43 19.82 -1.32
C ASP G 204 -8.82 20.28 -0.85
N GLY G 205 -9.77 20.38 -1.76
CA GLY G 205 -11.12 20.80 -1.45
C GLY G 205 -12.01 20.72 -2.67
N ILE G 206 -13.26 21.18 -2.53
CA ILE G 206 -14.25 21.07 -3.57
C ILE G 206 -15.02 22.36 -3.77
N MET G 207 -15.45 22.61 -5.02
CA MET G 207 -16.37 23.71 -5.30
C MET G 207 -17.62 23.11 -5.87
N VAL G 208 -18.79 23.44 -5.30
CA VAL G 208 -20.07 23.03 -5.84
C VAL G 208 -20.38 24.09 -6.89
N ALA G 209 -20.03 23.79 -8.16
CA ALA G 209 -20.15 24.72 -9.28
C ALA G 209 -21.54 24.56 -9.85
N ARG G 210 -22.51 25.25 -9.23
CA ARG G 210 -23.92 25.08 -9.51
C ARG G 210 -24.40 25.51 -10.91
N GLY G 211 -23.73 26.42 -11.59
CA GLY G 211 -24.10 26.85 -12.93
C GLY G 211 -24.14 25.70 -13.91
N ASP G 212 -22.98 25.07 -14.17
CA ASP G 212 -22.94 23.90 -15.03
C ASP G 212 -23.65 22.70 -14.43
N LEU G 213 -23.57 22.50 -13.10
CA LEU G 213 -24.26 21.37 -12.46
C LEU G 213 -25.79 21.43 -12.71
N GLY G 214 -26.36 22.62 -12.65
CA GLY G 214 -27.79 22.84 -12.89
C GLY G 214 -28.24 22.67 -14.34
N ILE G 215 -27.29 22.55 -15.27
CA ILE G 215 -27.52 22.29 -16.70
C ILE G 215 -27.25 20.80 -16.96
N GLU G 216 -26.23 20.22 -16.32
CA GLU G 216 -25.82 18.83 -16.49
C GLU G 216 -26.75 17.82 -15.83
N ILE G 217 -27.35 18.19 -14.71
CA ILE G 217 -28.31 17.35 -13.99
C ILE G 217 -29.62 18.16 -13.84
N PRO G 218 -30.77 17.53 -13.55
CA PRO G 218 -32.00 18.32 -13.35
C PRO G 218 -31.81 19.45 -12.33
N ALA G 219 -32.28 20.65 -12.63
CA ALA G 219 -32.13 21.81 -11.76
C ALA G 219 -32.66 21.57 -10.35
N GLU G 220 -33.74 20.79 -10.23
CA GLU G 220 -34.36 20.46 -8.96
C GLU G 220 -33.56 19.47 -8.11
N LYS G 221 -32.45 18.93 -8.63
CA LYS G 221 -31.59 18.00 -7.87
C LYS G 221 -30.28 18.67 -7.37
N VAL G 222 -29.97 19.90 -7.82
CA VAL G 222 -28.72 20.57 -7.43
C VAL G 222 -28.57 20.69 -5.93
N PHE G 223 -29.66 21.04 -5.22
CA PHE G 223 -29.57 21.18 -3.75
C PHE G 223 -29.14 19.87 -3.07
N LEU G 224 -29.52 18.70 -3.65
CA LEU G 224 -29.12 17.41 -3.07
C LEU G 224 -27.62 17.22 -3.25
N ALA G 225 -27.08 17.55 -4.45
CA ALA G 225 -25.66 17.41 -4.72
C ALA G 225 -24.86 18.39 -3.82
N GLN G 226 -25.36 19.63 -3.66
CA GLN G 226 -24.72 20.63 -2.82
C GLN G 226 -24.65 20.17 -1.34
N LYS G 227 -25.79 19.76 -0.78
CA LYS G 227 -25.85 19.34 0.62
C LYS G 227 -24.99 18.09 0.88
N MET G 228 -24.99 17.15 -0.06
CA MET G 228 -24.20 15.94 0.06
C MET G 228 -22.70 16.25 0.03
N MET G 229 -22.26 17.09 -0.94
CA MET G 229 -20.85 17.42 -1.07
C MET G 229 -20.34 18.23 0.09
N ILE G 230 -21.17 19.15 0.60
CA ILE G 230 -20.78 19.94 1.76
C ILE G 230 -20.65 19.03 2.99
N GLY G 231 -21.62 18.14 3.20
CA GLY G 231 -21.57 17.20 4.31
C GLY G 231 -20.33 16.32 4.25
N ARG G 232 -20.00 15.78 3.06
CA ARG G 232 -18.82 14.91 2.93
C ARG G 232 -17.52 15.67 3.12
N CYS G 233 -17.46 16.92 2.66
CA CYS G 233 -16.26 17.74 2.85
C CYS G 233 -16.09 18.07 4.32
N ASN G 234 -17.18 18.39 5.02
CA ASN G 234 -17.14 18.69 6.46
C ASN G 234 -16.63 17.45 7.22
N LEU G 235 -17.09 16.26 6.81
CA LEU G 235 -16.68 15.00 7.42
C LEU G 235 -15.20 14.75 7.16
N ALA G 236 -14.71 15.04 5.95
CA ALA G 236 -13.29 14.87 5.59
C ALA G 236 -12.39 15.96 6.13
N GLY G 237 -12.93 17.06 6.64
CA GLY G 237 -12.13 18.18 7.12
C GLY G 237 -11.44 18.92 5.99
N LYS G 238 -12.10 19.00 4.82
CA LYS G 238 -11.55 19.68 3.66
C LYS G 238 -12.46 20.82 3.22
N PRO G 239 -11.88 21.94 2.78
CA PRO G 239 -12.73 23.08 2.38
C PRO G 239 -13.72 22.83 1.24
N VAL G 240 -14.91 23.42 1.37
CA VAL G 240 -15.95 23.33 0.37
C VAL G 240 -16.50 24.73 0.07
N VAL G 241 -16.57 25.06 -1.23
CA VAL G 241 -17.07 26.35 -1.68
C VAL G 241 -18.46 26.18 -2.27
N CYS G 242 -19.42 27.07 -1.90
CA CYS G 242 -20.70 27.07 -2.59
C CYS G 242 -20.61 28.20 -3.62
N ALA G 243 -20.91 27.89 -4.89
CA ALA G 243 -20.74 28.90 -5.95
C ALA G 243 -21.92 29.02 -6.88
N THR G 244 -22.04 30.19 -7.53
CA THR G 244 -22.85 30.56 -8.70
C THR G 244 -24.29 30.93 -8.44
N GLN G 245 -24.65 32.15 -8.89
CA GLN G 245 -25.97 32.75 -8.84
C GLN G 245 -26.50 32.98 -7.42
N MET G 246 -25.59 33.05 -6.43
CA MET G 246 -26.01 33.27 -5.05
C MET G 246 -26.74 34.61 -4.87
N LEU G 247 -26.25 35.67 -5.53
CA LEU G 247 -26.87 37.00 -5.48
C LEU G 247 -27.03 37.54 -6.92
N GLU G 248 -27.36 36.65 -7.87
CA GLU G 248 -27.46 36.93 -9.31
C GLU G 248 -28.14 38.25 -9.69
N SER G 249 -29.32 38.54 -9.13
CA SER G 249 -30.04 39.77 -9.44
C SER G 249 -29.22 41.04 -9.15
N MET G 250 -28.21 40.95 -8.25
CA MET G 250 -27.34 42.08 -7.93
C MET G 250 -26.37 42.45 -9.05
N ILE G 251 -26.36 41.71 -10.17
CA ILE G 251 -25.58 42.10 -11.34
C ILE G 251 -26.16 43.45 -11.88
N THR G 252 -27.49 43.65 -11.79
CA THR G 252 -28.12 44.89 -12.22
C THR G 252 -28.86 45.64 -11.11
N LYS G 253 -29.26 44.95 -10.03
CA LYS G 253 -30.02 45.60 -8.95
C LYS G 253 -29.20 45.83 -7.68
N PRO G 254 -29.43 46.95 -6.96
CA PRO G 254 -28.64 47.24 -5.75
C PRO G 254 -28.99 46.37 -4.53
N ARG G 255 -30.12 45.66 -4.57
CA ARG G 255 -30.55 44.78 -3.48
C ARG G 255 -30.90 43.41 -4.04
N PRO G 256 -30.64 42.34 -3.29
CA PRO G 256 -30.94 40.99 -3.82
C PRO G 256 -32.40 40.55 -3.56
N THR G 257 -32.80 39.42 -4.15
CA THR G 257 -34.14 38.89 -3.91
C THR G 257 -34.19 38.11 -2.57
N ARG G 258 -35.39 37.75 -2.11
CA ARG G 258 -35.57 36.98 -0.90
C ARG G 258 -34.99 35.55 -1.04
N ALA G 259 -35.01 35.00 -2.25
CA ALA G 259 -34.44 33.68 -2.50
C ALA G 259 -32.91 33.70 -2.43
N GLU G 260 -32.29 34.80 -2.88
CA GLU G 260 -30.85 34.98 -2.87
C GLU G 260 -30.27 35.12 -1.47
N THR G 261 -30.90 35.92 -0.59
CA THR G 261 -30.39 36.03 0.79
C THR G 261 -30.56 34.68 1.51
N SER G 262 -31.66 34.00 1.26
CA SER G 262 -31.95 32.68 1.79
C SER G 262 -30.87 31.67 1.31
N ASP G 263 -30.51 31.70 0.03
CA ASP G 263 -29.52 30.81 -0.55
C ASP G 263 -28.16 30.99 0.14
N VAL G 264 -27.73 32.24 0.36
CA VAL G 264 -26.47 32.52 1.02
C VAL G 264 -26.51 31.99 2.46
N ALA G 265 -27.60 32.27 3.19
CA ALA G 265 -27.71 31.82 4.56
C ALA G 265 -27.71 30.29 4.65
N ASN G 266 -28.44 29.62 3.73
CA ASN G 266 -28.50 28.17 3.72
C ASN G 266 -27.21 27.51 3.30
N ALA G 267 -26.38 28.13 2.45
CA ALA G 267 -25.08 27.57 2.11
C ALA G 267 -24.19 27.55 3.39
N VAL G 268 -24.23 28.63 4.19
CA VAL G 268 -23.50 28.71 5.44
C VAL G 268 -24.04 27.67 6.44
N LEU G 269 -25.36 27.57 6.56
CA LEU G 269 -25.97 26.58 7.46
C LEU G 269 -25.70 25.14 7.01
N ASP G 270 -25.55 24.91 5.71
CA ASP G 270 -25.21 23.58 5.16
C ASP G 270 -23.79 23.16 5.63
N GLY G 271 -22.90 24.13 5.83
CA GLY G 271 -21.53 23.88 6.26
C GLY G 271 -20.46 24.36 5.30
N ALA G 272 -20.80 25.25 4.34
CA ALA G 272 -19.81 25.72 3.38
C ALA G 272 -18.71 26.52 4.06
N ASP G 273 -17.45 26.26 3.69
CA ASP G 273 -16.33 27.06 4.21
C ASP G 273 -16.28 28.42 3.51
N CYS G 274 -16.60 28.45 2.19
CA CYS G 274 -16.54 29.67 1.39
C CYS G 274 -17.83 29.85 0.61
N ILE G 275 -18.15 31.10 0.31
CA ILE G 275 -19.24 31.45 -0.59
C ILE G 275 -18.63 32.31 -1.70
N MET G 276 -19.24 32.28 -2.90
CA MET G 276 -18.65 32.95 -4.04
C MET G 276 -19.60 33.91 -4.75
N LEU G 277 -18.99 34.91 -5.39
CA LEU G 277 -19.63 35.89 -6.25
C LEU G 277 -18.95 35.77 -7.60
N SER G 278 -19.74 35.65 -8.67
CA SER G 278 -19.19 35.51 -10.00
CA SER G 278 -19.17 35.52 -10.00
C SER G 278 -19.49 36.76 -10.84
N GLY G 279 -20.59 36.77 -11.62
CA GLY G 279 -20.97 37.94 -12.42
C GLY G 279 -21.28 39.13 -11.54
N GLU G 280 -21.78 38.88 -10.29
CA GLU G 280 -22.08 39.94 -9.33
C GLU G 280 -20.87 40.88 -9.11
N THR G 281 -19.62 40.35 -9.17
CA THR G 281 -18.44 41.21 -9.02
C THR G 281 -17.62 41.33 -10.30
N ALA G 282 -17.68 40.35 -11.19
CA ALA G 282 -16.84 40.38 -12.41
C ALA G 282 -17.34 41.44 -13.41
N LYS G 283 -18.65 41.54 -13.56
CA LYS G 283 -19.23 42.45 -14.54
C LYS G 283 -20.44 43.25 -14.02
N GLY G 284 -20.84 43.04 -12.76
CA GLY G 284 -22.02 43.68 -12.19
C GLY G 284 -21.92 45.16 -11.91
N ASN G 285 -23.08 45.80 -11.67
CA ASN G 285 -23.19 47.23 -11.37
C ASN G 285 -22.93 47.55 -9.90
N PHE G 286 -23.03 46.53 -9.02
CA PHE G 286 -22.85 46.73 -7.59
C PHE G 286 -21.88 45.71 -6.99
N PRO G 287 -20.60 45.63 -7.45
CA PRO G 287 -19.68 44.61 -6.89
C PRO G 287 -19.41 44.73 -5.40
N VAL G 288 -19.19 45.97 -4.89
CA VAL G 288 -18.90 46.21 -3.48
C VAL G 288 -20.11 45.87 -2.60
N GLU G 289 -21.30 46.25 -3.07
CA GLU G 289 -22.54 45.99 -2.35
C GLU G 289 -22.84 44.47 -2.28
N ALA G 290 -22.47 43.71 -3.33
CA ALA G 290 -22.66 42.26 -3.36
C ALA G 290 -21.77 41.60 -2.29
N VAL G 291 -20.51 42.08 -2.13
CA VAL G 291 -19.59 41.57 -1.11
C VAL G 291 -20.14 41.90 0.28
N LYS G 292 -20.63 43.15 0.46
CA LYS G 292 -21.21 43.60 1.73
C LYS G 292 -22.42 42.76 2.12
N MET G 293 -23.24 42.40 1.14
CA MET G 293 -24.44 41.60 1.37
C MET G 293 -24.06 40.16 1.80
N GLN G 294 -23.09 39.54 1.13
CA GLN G 294 -22.63 38.20 1.53
C GLN G 294 -22.05 38.23 2.94
N HIS G 295 -21.29 39.29 3.26
CA HIS G 295 -20.72 39.48 4.59
C HIS G 295 -21.83 39.55 5.65
N ALA G 296 -22.84 40.40 5.43
CA ALA G 296 -23.95 40.60 6.37
C ALA G 296 -24.75 39.34 6.61
N ILE G 297 -25.06 38.59 5.53
CA ILE G 297 -25.82 37.35 5.66
C ILE G 297 -25.02 36.26 6.37
N ALA G 298 -23.74 36.05 5.95
CA ALA G 298 -22.91 35.00 6.54
C ALA G 298 -22.75 35.17 8.04
N ARG G 299 -22.58 36.41 8.52
CA ARG G 299 -22.45 36.68 9.96
C ARG G 299 -23.71 36.25 10.71
N GLU G 300 -24.89 36.55 10.16
CA GLU G 300 -26.15 36.14 10.76
C GLU G 300 -26.31 34.63 10.76
N ALA G 301 -25.96 33.98 9.64
CA ALA G 301 -26.13 32.53 9.51
C ALA G 301 -25.16 31.75 10.38
N GLU G 302 -23.93 32.25 10.56
CA GLU G 302 -22.95 31.57 11.41
C GLU G 302 -23.40 31.54 12.88
N ALA G 303 -24.05 32.61 13.34
CA ALA G 303 -24.58 32.65 14.71
C ALA G 303 -25.73 31.66 14.89
N ALA G 304 -26.48 31.39 13.82
CA ALA G 304 -27.63 30.47 13.80
C ALA G 304 -27.25 29.00 13.65
N VAL G 305 -25.97 28.67 13.48
CA VAL G 305 -25.52 27.28 13.36
C VAL G 305 -25.79 26.56 14.71
N TYR G 306 -26.34 25.35 14.68
CA TYR G 306 -26.65 24.58 15.87
C TYR G 306 -25.39 23.79 16.28
N HIS G 307 -24.42 24.47 16.90
CA HIS G 307 -23.14 23.87 17.27
C HIS G 307 -23.25 22.63 18.17
N ARG G 308 -24.24 22.56 19.05
CA ARG G 308 -24.40 21.43 19.95
C ARG G 308 -24.50 20.11 19.19
N GLN G 309 -25.33 20.07 18.13
CA GLN G 309 -25.47 18.86 17.33
C GLN G 309 -24.27 18.72 16.38
N LEU G 310 -23.87 19.82 15.73
CA LEU G 310 -22.76 19.81 14.79
C LEU G 310 -21.45 19.28 15.39
N PHE G 311 -21.02 19.81 16.55
CA PHE G 311 -19.80 19.36 17.21
C PHE G 311 -19.91 17.90 17.62
N GLU G 312 -21.06 17.51 18.19
CA GLU G 312 -21.31 16.12 18.60
C GLU G 312 -21.19 15.16 17.41
N GLU G 313 -21.78 15.53 16.26
CA GLU G 313 -21.72 14.69 15.07
C GLU G 313 -20.33 14.66 14.43
N LEU G 314 -19.62 15.80 14.42
CA LEU G 314 -18.28 15.85 13.84
C LEU G 314 -17.33 15.01 14.68
N ARG G 315 -17.44 15.10 16.01
CA ARG G 315 -16.66 14.32 16.98
C ARG G 315 -16.93 12.81 16.84
N ARG G 316 -18.22 12.40 16.78
CA ARG G 316 -18.63 11.00 16.67
C ARG G 316 -18.14 10.38 15.36
N ALA G 317 -18.15 11.17 14.26
CA ALA G 317 -17.77 10.65 12.96
C ALA G 317 -16.28 10.69 12.68
N ALA G 318 -15.54 11.62 13.30
CA ALA G 318 -14.11 11.71 13.08
C ALA G 318 -13.43 10.48 13.72
N PRO G 319 -12.60 9.78 12.96
CA PRO G 319 -11.95 8.58 13.53
C PRO G 319 -10.92 8.93 14.59
N LEU G 320 -10.53 7.92 15.38
CA LEU G 320 -9.49 8.07 16.37
C LEU G 320 -8.18 8.39 15.66
N SER G 321 -7.31 9.12 16.32
CA SER G 321 -6.08 9.55 15.70
C SER G 321 -4.96 9.52 16.67
N ARG G 322 -3.79 9.17 16.20
CA ARG G 322 -2.57 9.22 16.96
C ARG G 322 -1.70 10.43 16.53
N ASP G 323 -2.21 11.33 15.67
CA ASP G 323 -1.48 12.50 15.23
C ASP G 323 -1.66 13.57 16.31
N PRO G 324 -0.56 14.05 16.92
CA PRO G 324 -0.71 15.04 17.99
C PRO G 324 -1.41 16.34 17.59
N THR G 325 -1.28 16.76 16.33
CA THR G 325 -1.95 17.97 15.86
C THR G 325 -3.45 17.79 15.91
N GLU G 326 -3.94 16.64 15.41
CA GLU G 326 -5.36 16.32 15.39
CA GLU G 326 -5.36 16.33 15.40
C GLU G 326 -5.90 16.15 16.83
N VAL G 327 -5.13 15.49 17.71
CA VAL G 327 -5.52 15.29 19.11
C VAL G 327 -5.60 16.64 19.86
N THR G 328 -4.61 17.53 19.62
CA THR G 328 -4.59 18.84 20.26
C THR G 328 -5.75 19.69 19.76
N ALA G 329 -6.06 19.61 18.45
CA ALA G 329 -7.15 20.39 17.86
C ALA G 329 -8.50 20.09 18.50
N ILE G 330 -8.84 18.79 18.69
CA ILE G 330 -10.13 18.47 19.26
C ILE G 330 -10.19 18.88 20.74
N GLY G 331 -9.06 18.74 21.46
CA GLY G 331 -8.96 19.17 22.85
C GLY G 331 -9.16 20.66 22.98
N ALA G 332 -8.56 21.44 22.06
CA ALA G 332 -8.66 22.89 22.04
C ALA G 332 -10.09 23.38 21.73
N VAL G 333 -10.76 22.74 20.79
CA VAL G 333 -12.13 23.11 20.42
C VAL G 333 -13.08 22.76 21.58
N GLU G 334 -12.89 21.59 22.23
CA GLU G 334 -13.69 21.23 23.39
CA GLU G 334 -13.68 21.23 23.40
C GLU G 334 -13.49 22.26 24.52
N ALA G 335 -12.24 22.65 24.78
CA ALA G 335 -11.91 23.65 25.80
C ALA G 335 -12.53 25.01 25.46
N ALA G 336 -12.48 25.42 24.17
CA ALA G 336 -13.06 26.70 23.75
C ALA G 336 -14.58 26.74 24.01
N PHE G 337 -15.30 25.65 23.74
CA PHE G 337 -16.74 25.58 23.98
C PHE G 337 -17.05 25.63 25.50
N LYS G 338 -16.21 24.99 26.32
CA LYS G 338 -16.41 24.94 27.77
C LYS G 338 -16.38 26.33 28.41
N CYS G 339 -15.53 27.23 27.91
CA CYS G 339 -15.41 28.55 28.50
C CYS G 339 -15.96 29.69 27.64
N CYS G 340 -16.57 29.38 26.48
CA CYS G 340 -17.04 30.41 25.55
C CYS G 340 -15.89 31.30 25.13
N ALA G 341 -14.70 30.67 24.84
CA ALA G 341 -13.49 31.38 24.48
C ALA G 341 -13.73 32.30 23.32
N ALA G 342 -13.18 33.49 23.42
CA ALA G 342 -13.33 34.49 22.35
C ALA G 342 -12.53 34.06 21.09
N ALA G 343 -11.44 33.31 21.27
CA ALA G 343 -10.61 32.89 20.16
C ALA G 343 -9.72 31.69 20.54
N ILE G 344 -9.23 30.99 19.51
CA ILE G 344 -8.22 29.97 19.59
C ILE G 344 -7.08 30.55 18.77
N ILE G 345 -5.96 30.89 19.42
CA ILE G 345 -4.81 31.42 18.72
C ILE G 345 -3.86 30.29 18.40
N VAL G 346 -3.53 30.08 17.12
CA VAL G 346 -2.69 28.96 16.73
C VAL G 346 -1.51 29.45 15.90
N LEU G 347 -0.33 28.93 16.17
CA LEU G 347 0.86 29.20 15.38
C LEU G 347 0.91 28.11 14.31
N THR G 348 1.14 28.48 13.05
CA THR G 348 1.16 27.53 11.94
C THR G 348 2.10 28.01 10.83
N THR G 349 2.85 27.08 10.23
CA THR G 349 3.73 27.42 9.14
C THR G 349 3.06 27.11 7.83
N THR G 350 2.35 25.96 7.72
CA THR G 350 1.69 25.54 6.50
C THR G 350 0.17 25.80 6.49
N GLY G 351 -0.41 26.14 7.64
CA GLY G 351 -1.87 26.31 7.77
C GLY G 351 -2.56 25.07 8.33
N ARG G 352 -1.87 23.92 8.36
CA ARG G 352 -2.47 22.65 8.78
C ARG G 352 -3.05 22.64 10.21
N SER G 353 -2.32 23.21 11.18
CA SER G 353 -2.84 23.24 12.57
C SER G 353 -4.16 24.04 12.65
N ALA G 354 -4.27 25.12 11.85
CA ALA G 354 -5.50 25.92 11.82
C ALA G 354 -6.64 25.16 11.14
N GLN G 355 -6.33 24.43 10.07
CA GLN G 355 -7.33 23.64 9.34
C GLN G 355 -7.90 22.55 10.24
N LEU G 356 -7.05 21.88 11.03
CA LEU G 356 -7.53 20.83 11.94
C LEU G 356 -8.42 21.39 13.05
N LEU G 357 -8.24 22.66 13.44
CA LEU G 357 -9.11 23.29 14.43
C LEU G 357 -10.48 23.59 13.75
N SER G 358 -10.42 24.17 12.55
CA SER G 358 -11.54 24.57 11.73
C SER G 358 -12.50 23.40 11.42
N ARG G 359 -11.98 22.17 11.20
CA ARG G 359 -12.81 21.02 10.90
C ARG G 359 -13.80 20.67 12.03
N TYR G 360 -13.51 21.07 13.30
CA TYR G 360 -14.44 20.84 14.41
C TYR G 360 -15.43 21.96 14.61
N ARG G 361 -15.43 22.96 13.74
CA ARG G 361 -16.34 24.09 13.73
C ARG G 361 -16.50 24.76 15.08
N PRO G 362 -15.41 25.28 15.67
CA PRO G 362 -15.56 26.02 16.92
C PRO G 362 -16.32 27.31 16.68
N ARG G 363 -17.03 27.79 17.70
CA ARG G 363 -17.66 29.10 17.65
C ARG G 363 -16.55 30.17 17.80
N ALA G 364 -15.51 29.89 18.61
CA ALA G 364 -14.37 30.77 18.81
C ALA G 364 -13.62 30.97 17.50
N ALA G 365 -13.21 32.20 17.19
CA ALA G 365 -12.46 32.50 15.98
C ALA G 365 -11.10 31.79 16.06
N VAL G 366 -10.60 31.23 14.96
CA VAL G 366 -9.28 30.62 14.94
C VAL G 366 -8.31 31.65 14.38
N ILE G 367 -7.53 32.30 15.23
CA ILE G 367 -6.60 33.31 14.82
C ILE G 367 -5.29 32.60 14.49
N ALA G 368 -4.93 32.54 13.20
CA ALA G 368 -3.73 31.80 12.79
C ALA G 368 -2.57 32.74 12.55
N VAL G 369 -1.53 32.64 13.37
CA VAL G 369 -0.37 33.49 13.24
C VAL G 369 0.71 32.71 12.46
N THR G 370 1.16 33.31 11.36
CA THR G 370 2.13 32.66 10.50
C THR G 370 3.10 33.64 9.89
N ARG G 371 4.31 33.17 9.62
CA ARG G 371 5.34 33.93 8.90
C ARG G 371 5.25 33.66 7.35
N SER G 372 4.48 32.62 6.93
CA SER G 372 4.29 32.27 5.53
C SER G 372 3.17 33.10 4.92
N ALA G 373 3.52 34.02 4.02
CA ALA G 373 2.52 34.84 3.32
C ALA G 373 1.53 33.95 2.53
N GLN G 374 2.05 32.87 1.94
CA GLN G 374 1.17 31.95 1.20
C GLN G 374 0.18 31.21 2.11
N ALA G 375 0.63 30.70 3.27
CA ALA G 375 -0.26 30.02 4.18
C ALA G 375 -1.33 30.97 4.71
N ALA G 376 -0.96 32.23 4.99
CA ALA G 376 -1.90 33.26 5.43
C ALA G 376 -3.00 33.48 4.39
N ARG G 377 -2.65 33.43 3.11
CA ARG G 377 -3.65 33.60 2.06
C ARG G 377 -4.50 32.33 1.90
N GLN G 378 -3.87 31.15 1.91
CA GLN G 378 -4.58 29.89 1.69
C GLN G 378 -5.52 29.47 2.78
N VAL G 379 -5.21 29.86 4.01
CA VAL G 379 -6.02 29.44 5.15
C VAL G 379 -7.43 30.11 5.13
N HIS G 380 -7.67 31.11 4.24
CA HIS G 380 -9.03 31.68 3.99
C HIS G 380 -9.98 30.59 3.46
N LEU G 381 -9.46 29.47 2.92
CA LEU G 381 -10.34 28.38 2.45
C LEU G 381 -11.05 27.68 3.61
N CYS G 382 -10.53 27.79 4.86
CA CYS G 382 -11.08 27.09 6.02
C CYS G 382 -11.93 28.00 6.85
N ARG G 383 -13.20 27.60 7.08
CA ARG G 383 -14.12 28.43 7.85
C ARG G 383 -13.59 28.79 9.23
N GLY G 384 -13.70 30.07 9.56
CA GLY G 384 -13.35 30.55 10.87
C GLY G 384 -11.88 30.74 11.12
N VAL G 385 -11.03 30.69 10.08
CA VAL G 385 -9.62 30.96 10.25
C VAL G 385 -9.33 32.39 9.83
N PHE G 386 -8.77 33.19 10.74
CA PHE G 386 -8.41 34.60 10.55
C PHE G 386 -6.90 34.68 10.53
N PRO G 387 -6.33 34.81 9.33
CA PRO G 387 -4.86 34.79 9.24
C PRO G 387 -4.18 36.09 9.60
N LEU G 388 -3.07 36.00 10.34
CA LEU G 388 -2.28 37.17 10.70
C LEU G 388 -0.88 36.89 10.22
N LEU G 389 -0.37 37.76 9.34
CA LEU G 389 0.96 37.59 8.79
C LEU G 389 1.97 38.30 9.67
N TYR G 390 2.86 37.53 10.29
CA TYR G 390 3.86 38.03 11.20
C TYR G 390 5.14 38.35 10.44
N ARG G 391 5.57 39.61 10.49
CA ARG G 391 6.74 40.11 9.76
C ARG G 391 7.89 40.56 10.68
N GLU G 392 7.74 40.42 12.00
CA GLU G 392 8.77 40.92 12.91
C GLU G 392 10.06 40.11 12.86
N PRO G 393 11.21 40.74 13.18
CA PRO G 393 12.48 40.00 13.22
C PRO G 393 12.48 38.92 14.33
N PRO G 394 13.24 37.84 14.10
CA PRO G 394 13.20 36.71 15.05
C PRO G 394 13.85 36.99 16.41
N GLU G 395 13.31 36.37 17.47
CA GLU G 395 13.95 36.45 18.78
C GLU G 395 15.02 35.37 18.79
N ALA G 396 16.10 35.58 19.58
CA ALA G 396 17.19 34.60 19.68
C ALA G 396 16.70 33.31 20.36
N ILE G 397 15.84 33.44 21.36
CA ILE G 397 15.30 32.31 22.10
C ILE G 397 13.94 31.92 21.52
N TRP G 398 13.82 30.66 21.10
CA TRP G 398 12.60 30.12 20.48
C TRP G 398 11.32 30.37 21.33
N ALA G 399 11.29 29.98 22.62
CA ALA G 399 10.13 30.21 23.47
C ALA G 399 9.74 31.71 23.52
N ASP G 400 10.70 32.63 23.48
CA ASP G 400 10.39 34.07 23.44
C ASP G 400 9.75 34.47 22.12
N ASP G 401 10.23 33.88 21.03
CA ASP G 401 9.72 34.14 19.69
C ASP G 401 8.29 33.58 19.55
N VAL G 402 8.02 32.42 20.19
CA VAL G 402 6.67 31.86 20.21
C VAL G 402 5.75 32.83 21.02
N ASP G 403 6.19 33.29 22.21
CA ASP G 403 5.41 34.20 23.03
C ASP G 403 5.12 35.49 22.31
N ARG G 404 6.09 36.00 21.54
N ARG G 404 6.09 36.01 21.55
CA ARG G 404 5.89 37.23 20.78
CA ARG G 404 5.88 37.25 20.80
C ARG G 404 4.78 37.05 19.74
C ARG G 404 4.79 37.06 19.73
N ARG G 405 4.73 35.88 19.10
CA ARG G 405 3.72 35.59 18.09
C ARG G 405 2.37 35.41 18.69
N VAL G 406 2.29 34.77 19.87
CA VAL G 406 1.02 34.61 20.58
C VAL G 406 0.51 35.99 20.99
N GLN G 407 1.38 36.83 21.52
CA GLN G 407 1.01 38.17 21.92
C GLN G 407 0.59 39.04 20.72
N PHE G 408 1.20 38.84 19.57
CA PHE G 408 0.81 39.53 18.33
C PHE G 408 -0.62 39.14 17.94
N GLY G 409 -1.01 37.88 18.16
CA GLY G 409 -2.37 37.45 17.89
C GLY G 409 -3.36 38.07 18.87
N ILE G 410 -2.95 38.21 20.15
CA ILE G 410 -3.79 38.84 21.18
C ILE G 410 -3.98 40.33 20.87
N GLU G 411 -2.89 41.05 20.58
CA GLU G 411 -2.91 42.48 20.25
C GLU G 411 -3.72 42.75 19.00
N SER G 412 -3.57 41.93 17.95
CA SER G 412 -4.36 42.11 16.73
C SER G 412 -5.83 41.82 17.04
N GLY G 413 -6.12 40.77 17.82
CA GLY G 413 -7.47 40.42 18.23
C GLY G 413 -8.15 41.52 19.00
N LYS G 414 -7.42 42.19 19.91
CA LYS G 414 -7.95 43.31 20.68
C LYS G 414 -8.27 44.47 19.77
N LEU G 415 -7.34 44.79 18.84
CA LEU G 415 -7.51 45.91 17.92
C LEU G 415 -8.69 45.68 16.99
N ARG G 416 -8.88 44.43 16.51
CA ARG G 416 -9.96 44.11 15.58
C ARG G 416 -11.32 43.82 16.23
N GLY G 417 -11.40 43.83 17.56
CA GLY G 417 -12.64 43.57 18.26
C GLY G 417 -12.93 42.13 18.62
N PHE G 418 -12.05 41.19 18.26
CA PHE G 418 -12.23 39.77 18.60
C PHE G 418 -12.10 39.53 20.10
N LEU G 419 -11.21 40.28 20.77
CA LEU G 419 -10.86 40.06 22.17
C LEU G 419 -10.93 41.28 23.02
N ARG G 420 -11.12 41.08 24.33
CA ARG G 420 -11.12 42.12 25.34
C ARG G 420 -10.38 41.57 26.57
N VAL G 421 -9.91 42.46 27.45
CA VAL G 421 -9.30 42.09 28.72
C VAL G 421 -10.33 41.34 29.55
N GLY G 422 -9.94 40.22 30.14
CA GLY G 422 -10.90 39.38 30.87
C GLY G 422 -11.41 38.19 30.08
N ASP G 423 -11.27 38.22 28.74
CA ASP G 423 -11.68 37.08 27.91
C ASP G 423 -10.75 35.88 28.15
N LEU G 424 -11.24 34.67 27.82
CA LEU G 424 -10.40 33.50 27.84
C LEU G 424 -10.09 33.14 26.38
N VAL G 425 -8.84 32.76 26.12
CA VAL G 425 -8.45 32.29 24.80
C VAL G 425 -7.73 30.96 24.96
N ILE G 426 -7.79 30.14 23.93
CA ILE G 426 -7.09 28.88 23.88
C ILE G 426 -5.89 29.13 22.98
N VAL G 427 -4.68 28.71 23.35
CA VAL G 427 -3.51 28.93 22.54
C VAL G 427 -2.94 27.57 22.14
N VAL G 428 -2.73 27.36 20.84
CA VAL G 428 -2.26 26.10 20.29
C VAL G 428 -0.89 26.29 19.64
N THR G 429 0.09 25.57 20.13
CA THR G 429 1.49 25.63 19.69
C THR G 429 2.08 24.20 19.71
N GLY G 430 3.34 24.06 19.36
CA GLY G 430 4.04 22.78 19.41
C GLY G 430 5.23 22.83 20.33
N TRP G 431 5.90 21.70 20.50
CA TRP G 431 7.02 21.57 21.45
C TRP G 431 8.40 21.99 20.92
N ARG G 432 8.52 22.10 19.61
CA ARG G 432 9.77 22.46 18.97
C ARG G 432 9.49 23.24 17.68
N PRO G 433 10.48 23.97 17.12
CA PRO G 433 10.23 24.69 15.87
C PRO G 433 10.04 23.73 14.72
N GLY G 434 9.44 24.23 13.66
CA GLY G 434 9.13 23.47 12.48
C GLY G 434 7.68 23.05 12.43
N SER G 435 7.16 22.94 11.24
CA SER G 435 5.86 22.47 10.95
C SER G 435 5.74 20.98 11.36
N GLY G 436 4.55 20.55 11.73
CA GLY G 436 4.27 19.15 12.07
C GLY G 436 4.38 18.70 13.51
N TYR G 437 4.64 19.62 14.44
CA TYR G 437 4.81 19.26 15.86
C TYR G 437 3.84 19.87 16.84
N THR G 438 2.70 20.39 16.39
CA THR G 438 1.68 20.94 17.28
C THR G 438 1.22 19.87 18.24
N ASN G 439 1.23 20.16 19.52
CA ASN G 439 0.91 19.17 20.54
C ASN G 439 0.55 19.85 21.90
N ILE G 440 0.45 21.18 21.95
CA ILE G 440 0.17 21.90 23.19
C ILE G 440 -1.08 22.76 23.05
N MET G 441 -1.91 22.78 24.09
CA MET G 441 -3.09 23.61 24.19
C MET G 441 -3.01 24.29 25.57
N ARG G 442 -3.13 25.63 25.62
CA ARG G 442 -3.06 26.41 26.84
C ARG G 442 -4.30 27.29 27.01
N VAL G 443 -4.76 27.48 28.25
CA VAL G 443 -5.91 28.35 28.56
C VAL G 443 -5.33 29.65 29.10
N LEU G 444 -5.57 30.76 28.41
CA LEU G 444 -5.03 32.05 28.81
CA LEU G 444 -5.00 32.04 28.80
C LEU G 444 -6.10 33.08 29.09
N SER G 445 -5.94 33.83 30.17
CA SER G 445 -6.88 34.92 30.46
CA SER G 445 -6.87 34.92 30.47
C SER G 445 -6.24 36.18 29.87
N ILE G 446 -6.97 36.93 29.05
CA ILE G 446 -6.46 38.12 28.41
C ILE G 446 -6.22 39.26 29.41
N SER G 447 -4.98 39.73 29.50
CA SER G 447 -4.61 40.86 30.34
C SER G 447 -4.27 42.10 29.48
N GLY H 23 -3.74 -2.50 16.13
CA GLY H 23 -4.01 -3.92 15.97
C GLY H 23 -5.44 -4.31 16.30
N THR H 24 -5.94 -5.40 15.70
CA THR H 24 -7.28 -5.90 15.96
C THR H 24 -7.43 -6.41 17.40
N ALA H 25 -6.37 -7.01 17.94
CA ALA H 25 -6.38 -7.55 19.30
C ALA H 25 -6.62 -6.44 20.31
N PHE H 26 -6.04 -5.25 20.09
CA PHE H 26 -6.22 -4.10 20.98
C PHE H 26 -7.70 -3.72 21.05
N PHE H 27 -8.38 -3.69 19.89
CA PHE H 27 -9.78 -3.30 19.80
C PHE H 27 -10.78 -4.39 20.23
N GLN H 28 -10.29 -5.58 20.63
CA GLN H 28 -11.15 -6.64 21.16
C GLN H 28 -11.17 -6.60 22.71
N GLN H 29 -10.09 -6.12 23.33
CA GLN H 29 -9.95 -5.99 24.78
C GLN H 29 -10.76 -4.80 25.34
N GLN H 30 -10.83 -4.73 26.71
CA GLN H 30 -11.46 -3.69 27.53
C GLN H 30 -12.85 -3.24 27.03
N GLN H 31 -13.66 -4.20 26.56
CA GLN H 31 -15.01 -3.98 26.04
C GLN H 31 -15.09 -2.88 24.98
N LEU H 32 -14.03 -2.76 24.14
CA LEU H 32 -13.99 -1.73 23.10
C LEU H 32 -15.09 -1.91 22.04
N PRO H 33 -15.45 -3.14 21.59
CA PRO H 33 -16.61 -3.26 20.67
C PRO H 33 -17.90 -2.70 21.30
N ALA H 34 -18.14 -2.99 22.60
CA ALA H 34 -19.31 -2.47 23.31
C ALA H 34 -19.24 -0.93 23.50
N ALA H 35 -18.01 -0.39 23.60
CA ALA H 35 -17.77 1.05 23.77
C ALA H 35 -18.11 1.84 22.49
N MET H 36 -17.93 1.21 21.32
CA MET H 36 -18.22 1.89 20.05
C MET H 36 -19.72 1.90 19.68
N ALA H 37 -20.56 1.16 20.42
CA ALA H 37 -22.00 1.06 20.12
C ALA H 37 -22.72 2.40 20.07
N ASP H 38 -23.72 2.49 19.20
CA ASP H 38 -24.47 3.73 18.99
C ASP H 38 -25.64 3.90 19.96
N THR H 39 -26.06 2.83 20.64
CA THR H 39 -27.11 2.91 21.66
C THR H 39 -26.67 2.13 22.91
N PHE H 40 -27.28 2.44 24.07
CA PHE H 40 -27.00 1.73 25.31
C PHE H 40 -27.42 0.25 25.17
N LEU H 41 -28.54 -0.02 24.51
CA LEU H 41 -29.01 -1.38 24.29
C LEU H 41 -27.99 -2.18 23.47
N GLU H 42 -27.46 -1.61 22.38
CA GLU H 42 -26.46 -2.28 21.54
C GLU H 42 -25.16 -2.46 22.35
N HIS H 43 -24.82 -1.50 23.21
CA HIS H 43 -23.65 -1.56 24.10
C HIS H 43 -23.76 -2.79 25.00
N LEU H 44 -24.94 -3.02 25.61
CA LEU H 44 -25.16 -4.18 26.48
C LEU H 44 -25.04 -5.46 25.67
N CYS H 45 -25.65 -5.49 24.46
CA CYS H 45 -25.61 -6.67 23.57
C CYS H 45 -24.20 -7.05 23.15
N LEU H 46 -23.26 -6.08 23.14
CA LEU H 46 -21.89 -6.31 22.74
C LEU H 46 -20.92 -6.63 23.89
N LEU H 47 -21.40 -6.64 25.14
CA LEU H 47 -20.53 -6.97 26.28
C LEU H 47 -20.03 -8.41 26.12
N ASP H 48 -18.71 -8.61 26.28
CA ASP H 48 -18.08 -9.89 26.01
C ASP H 48 -17.27 -10.38 27.20
N ILE H 49 -17.60 -11.58 27.72
CA ILE H 49 -16.83 -12.18 28.82
C ILE H 49 -15.39 -12.52 28.43
N ASP H 50 -15.09 -12.64 27.12
CA ASP H 50 -13.73 -12.91 26.66
C ASP H 50 -12.93 -11.63 26.42
N SER H 51 -13.55 -10.45 26.55
CA SER H 51 -12.86 -9.19 26.36
C SER H 51 -12.22 -8.85 27.71
N GLU H 52 -10.91 -9.00 27.80
CA GLU H 52 -10.18 -8.81 29.03
C GLU H 52 -9.88 -7.35 29.39
N PRO H 53 -10.04 -7.00 30.67
CA PRO H 53 -9.72 -5.63 31.08
C PRO H 53 -8.21 -5.35 30.98
N VAL H 54 -7.83 -4.19 30.47
CA VAL H 54 -6.42 -3.83 30.31
C VAL H 54 -6.07 -2.69 31.25
N ALA H 55 -6.93 -1.71 31.37
CA ALA H 55 -6.74 -0.55 32.22
C ALA H 55 -6.54 -0.93 33.70
N ALA H 56 -5.82 -0.08 34.43
CA ALA H 56 -5.65 -0.29 35.86
C ALA H 56 -7.02 -0.01 36.53
N ARG H 57 -7.29 -0.69 37.65
CA ARG H 57 -8.55 -0.55 38.38
C ARG H 57 -8.65 0.83 38.96
N SER H 58 -9.69 1.55 38.59
CA SER H 58 -9.87 2.95 38.93
C SER H 58 -10.77 3.25 40.14
N THR H 59 -11.67 2.34 40.54
CA THR H 59 -12.54 2.55 41.71
C THR H 59 -11.78 2.19 42.95
N SER H 60 -11.59 3.14 43.87
CA SER H 60 -10.85 2.87 45.11
CA SER H 60 -10.84 2.88 45.10
C SER H 60 -11.55 1.91 46.04
N ILE H 61 -10.76 1.13 46.77
CA ILE H 61 -11.29 0.22 47.74
C ILE H 61 -11.00 0.75 49.14
N ILE H 62 -12.04 0.90 49.94
CA ILE H 62 -11.91 1.28 51.34
C ILE H 62 -12.06 0.00 52.19
N ALA H 63 -11.09 -0.33 53.02
CA ALA H 63 -11.15 -1.52 53.86
C ALA H 63 -11.20 -1.08 55.32
N THR H 64 -12.17 -1.59 56.09
CA THR H 64 -12.28 -1.26 57.51
C THR H 64 -11.30 -2.13 58.26
N ILE H 65 -10.51 -1.51 59.16
CA ILE H 65 -9.46 -2.12 59.95
C ILE H 65 -10.08 -2.62 61.24
N GLY H 66 -9.72 -3.82 61.60
CA GLY H 66 -10.16 -4.45 62.83
C GLY H 66 -9.24 -5.60 63.19
N PRO H 67 -9.72 -6.49 64.09
CA PRO H 67 -8.91 -7.67 64.46
C PRO H 67 -8.40 -8.53 63.32
N ALA H 68 -9.16 -8.65 62.22
CA ALA H 68 -8.71 -9.47 61.09
C ALA H 68 -7.70 -8.76 60.17
N SER H 69 -7.44 -7.46 60.38
CA SER H 69 -6.61 -6.71 59.47
C SER H 69 -5.67 -5.72 60.13
N ARG H 70 -5.34 -5.91 61.39
CA ARG H 70 -4.43 -4.98 62.08
C ARG H 70 -2.98 -5.38 61.99
N SER H 71 -2.71 -6.64 61.75
CA SER H 71 -1.34 -7.15 61.59
C SER H 71 -0.61 -6.35 60.52
N VAL H 72 0.62 -5.87 60.80
CA VAL H 72 1.43 -5.12 59.84
C VAL H 72 1.69 -6.00 58.60
N GLU H 73 1.95 -7.29 58.81
CA GLU H 73 2.19 -8.20 57.68
CA GLU H 73 2.19 -8.20 57.69
C GLU H 73 0.93 -8.44 56.86
N ARG H 74 -0.24 -8.46 57.51
CA ARG H 74 -1.49 -8.65 56.78
C ARG H 74 -1.85 -7.34 56.01
N LEU H 75 -1.59 -6.21 56.62
CA LEU H 75 -1.79 -4.91 56.00
C LEU H 75 -0.96 -4.75 54.74
N LYS H 76 0.24 -5.34 54.70
CA LYS H 76 1.10 -5.32 53.54
C LYS H 76 0.44 -6.11 52.43
N GLU H 77 -0.16 -7.28 52.75
CA GLU H 77 -0.87 -8.07 51.77
C GLU H 77 -2.13 -7.35 51.26
N MET H 78 -2.83 -6.61 52.14
CA MET H 78 -4.01 -5.86 51.75
CA MET H 78 -4.02 -5.87 51.74
C MET H 78 -3.67 -4.69 50.83
N ILE H 79 -2.52 -4.05 51.04
CA ILE H 79 -2.06 -2.95 50.18
C ILE H 79 -1.73 -3.52 48.79
N LYS H 80 -1.05 -4.67 48.74
CA LYS H 80 -0.73 -5.36 47.48
C LYS H 80 -1.99 -5.84 46.75
N ALA H 81 -3.02 -6.25 47.50
CA ALA H 81 -4.30 -6.73 46.93
C ALA H 81 -5.13 -5.57 46.33
N GLY H 82 -4.89 -4.34 46.80
CA GLY H 82 -5.59 -3.20 46.26
C GLY H 82 -6.24 -2.20 47.21
N MET H 83 -6.08 -2.36 48.55
CA MET H 83 -6.64 -1.41 49.50
C MET H 83 -6.04 -0.01 49.30
N ASN H 84 -6.91 1.00 49.15
CA ASN H 84 -6.44 2.38 48.96
C ASN H 84 -6.69 3.25 50.15
N ILE H 85 -7.75 2.96 50.90
CA ILE H 85 -8.15 3.74 52.08
C ILE H 85 -8.41 2.77 53.22
N ALA H 86 -7.82 3.05 54.39
CA ALA H 86 -8.03 2.26 55.59
C ALA H 86 -9.06 3.03 56.42
N ARG H 87 -10.20 2.39 56.71
CA ARG H 87 -11.25 3.04 57.48
C ARG H 87 -11.17 2.60 58.95
N LEU H 88 -11.18 3.58 59.85
CA LEU H 88 -11.19 3.36 61.31
C LEU H 88 -12.58 3.66 61.80
N ASN H 89 -13.31 2.65 62.27
CA ASN H 89 -14.66 2.86 62.75
C ASN H 89 -14.67 3.19 64.24
N PHE H 90 -14.87 4.46 64.58
CA PHE H 90 -14.89 4.92 65.96
C PHE H 90 -16.16 4.53 66.72
N SER H 91 -17.06 3.73 66.09
CA SER H 91 -18.21 3.15 66.81
C SER H 91 -17.73 2.00 67.71
N HIS H 92 -16.53 1.42 67.42
CA HIS H 92 -15.92 0.35 68.17
C HIS H 92 -14.51 0.75 68.60
N GLY H 93 -14.00 0.10 69.63
CA GLY H 93 -12.67 0.36 70.12
C GLY H 93 -12.45 1.70 70.80
N SER H 94 -11.27 1.88 71.35
CA SER H 94 -10.91 3.12 72.04
C SER H 94 -9.88 3.93 71.23
N HIS H 95 -9.51 5.13 71.72
CA HIS H 95 -8.47 5.96 71.10
C HIS H 95 -7.15 5.19 71.04
N GLU H 96 -6.84 4.40 72.06
CA GLU H 96 -5.62 3.63 72.11
C GLU H 96 -5.63 2.56 71.03
N TYR H 97 -6.78 1.89 70.84
CA TYR H 97 -6.91 0.86 69.83
C TYR H 97 -6.75 1.51 68.41
N HIS H 98 -7.44 2.62 68.13
CA HIS H 98 -7.32 3.28 66.81
C HIS H 98 -5.94 3.89 66.57
N ALA H 99 -5.25 4.35 67.62
CA ALA H 99 -3.86 4.86 67.47
C ALA H 99 -2.95 3.72 67.01
N GLU H 100 -3.17 2.51 67.54
CA GLU H 100 -2.36 1.33 67.16
C GLU H 100 -2.68 0.99 65.72
N SER H 101 -3.95 1.06 65.32
CA SER H 101 -4.37 0.79 63.94
C SER H 101 -3.67 1.75 62.97
N ILE H 102 -3.67 3.04 63.28
CA ILE H 102 -3.00 4.05 62.42
C ILE H 102 -1.49 3.75 62.33
N ALA H 103 -0.86 3.46 63.47
CA ALA H 103 0.57 3.15 63.48
C ALA H 103 0.91 1.91 62.64
N ASN H 104 0.09 0.86 62.73
CA ASN H 104 0.30 -0.37 61.97
C ASN H 104 0.09 -0.12 60.47
N VAL H 105 -0.95 0.64 60.10
CA VAL H 105 -1.20 0.97 58.69
C VAL H 105 0.00 1.77 58.13
N ARG H 106 0.43 2.80 58.85
CA ARG H 106 1.57 3.60 58.44
C ARG H 106 2.85 2.77 58.33
N GLU H 107 3.10 1.83 59.24
CA GLU H 107 4.25 0.97 59.15
C GLU H 107 4.17 0.09 57.89
N ALA H 108 3.00 -0.47 57.58
CA ALA H 108 2.87 -1.32 56.38
C ALA H 108 3.03 -0.49 55.10
N VAL H 109 2.42 0.69 55.06
CA VAL H 109 2.54 1.58 53.89
C VAL H 109 3.98 2.02 53.68
N GLU H 110 4.66 2.45 54.75
CA GLU H 110 6.02 2.93 54.64
C GLU H 110 7.04 1.85 54.38
N SER H 111 6.69 0.58 54.55
CA SER H 111 7.61 -0.50 54.25
C SER H 111 7.93 -0.60 52.76
N PHE H 112 7.12 0.02 51.90
CA PHE H 112 7.35 0.05 50.45
C PHE H 112 7.97 1.38 49.97
N ALA H 113 8.23 2.33 50.87
CA ALA H 113 8.77 3.66 50.52
C ALA H 113 10.17 3.66 49.95
N GLY H 114 10.96 2.60 50.20
CA GLY H 114 12.31 2.58 49.66
C GLY H 114 12.37 2.30 48.15
N SER H 115 11.21 2.02 47.51
CA SER H 115 11.07 1.91 46.06
C SER H 115 10.03 2.98 45.63
N PRO H 116 10.50 4.22 45.43
CA PRO H 116 9.58 5.33 45.10
C PRO H 116 8.73 5.16 43.86
N LEU H 117 9.22 4.44 42.84
CA LEU H 117 8.48 4.26 41.59
C LEU H 117 7.26 3.35 41.74
N SER H 118 7.21 2.53 42.82
CA SER H 118 6.08 1.62 43.03
C SER H 118 5.33 1.87 44.36
N TYR H 119 5.79 2.83 45.19
CA TYR H 119 5.18 3.17 46.48
C TYR H 119 3.70 3.58 46.28
N ARG H 120 2.81 2.93 47.06
CA ARG H 120 1.39 3.25 46.99
C ARG H 120 0.93 3.98 48.25
N PRO H 121 0.53 5.24 48.12
CA PRO H 121 -0.07 5.94 49.27
C PRO H 121 -1.40 5.26 49.68
N VAL H 122 -1.71 5.31 50.97
CA VAL H 122 -2.94 4.75 51.52
C VAL H 122 -3.53 5.77 52.47
N ALA H 123 -4.76 6.21 52.21
CA ALA H 123 -5.40 7.20 53.08
C ALA H 123 -5.88 6.56 54.38
N ILE H 124 -6.02 7.39 55.42
CA ILE H 124 -6.57 6.96 56.69
C ILE H 124 -7.84 7.78 56.92
N ALA H 125 -8.98 7.09 56.98
CA ALA H 125 -10.28 7.72 57.17
C ALA H 125 -10.89 7.40 58.55
N LEU H 126 -11.35 8.41 59.27
CA LEU H 126 -11.96 8.23 60.57
C LEU H 126 -13.48 8.26 60.39
N ASP H 127 -14.16 7.19 60.76
CA ASP H 127 -15.59 7.10 60.64
C ASP H 127 -16.17 7.33 62.07
N THR H 128 -16.92 8.41 62.25
CA THR H 128 -17.44 8.77 63.55
C THR H 128 -18.58 7.87 64.07
N LYS H 129 -18.73 7.85 65.40
CA LYS H 129 -19.79 7.09 66.06
C LYS H 129 -21.16 7.65 65.70
N GLY H 130 -21.28 8.97 65.64
CA GLY H 130 -22.53 9.60 65.26
C GLY H 130 -23.25 10.30 66.40
N PRO H 131 -24.37 11.01 66.11
CA PRO H 131 -25.06 11.79 67.12
C PRO H 131 -25.98 10.97 68.03
N GLY H 132 -26.35 9.78 67.59
CA GLY H 132 -27.26 8.92 68.36
C GLY H 132 -28.59 9.59 68.62
N SER H 133 -29.07 9.54 69.86
CA SER H 133 -30.36 10.14 70.25
C SER H 133 -30.26 11.66 70.27
N GLY H 134 -29.10 12.20 69.93
CA GLY H 134 -28.88 13.66 70.02
C GLY H 134 -29.22 14.39 68.74
N PRO H 135 -29.33 15.72 68.79
CA PRO H 135 -29.72 16.51 67.62
C PRO H 135 -28.55 16.79 66.67
N GLY H 136 -27.32 16.90 67.20
CA GLY H 136 -26.15 17.22 66.35
C GLY H 136 -24.87 16.60 66.87
N LEU H 137 -23.76 17.35 66.85
CA LEU H 137 -22.44 16.75 67.17
C LEU H 137 -22.34 16.32 68.63
N SER H 138 -22.05 15.04 68.84
CA SER H 138 -21.92 14.48 70.19
C SER H 138 -20.62 14.92 70.84
N GLU H 139 -20.54 14.80 72.17
CA GLU H 139 -19.28 15.07 72.86
C GLU H 139 -18.22 14.04 72.51
N GLN H 140 -18.61 12.78 72.28
CA GLN H 140 -17.66 11.75 71.89
C GLN H 140 -17.10 12.07 70.49
N ASP H 141 -17.97 12.53 69.56
CA ASP H 141 -17.54 12.91 68.21
C ASP H 141 -16.56 14.07 68.28
N VAL H 142 -16.78 15.05 69.16
CA VAL H 142 -15.84 16.16 69.32
C VAL H 142 -14.45 15.64 69.74
N ARG H 143 -14.41 14.69 70.68
CA ARG H 143 -13.14 14.12 71.13
C ARG H 143 -12.46 13.27 70.06
N ASP H 144 -13.24 12.48 69.33
CA ASP H 144 -12.75 11.61 68.26
C ASP H 144 -12.24 12.43 67.10
N LEU H 145 -12.92 13.51 66.74
CA LEU H 145 -12.48 14.41 65.69
C LEU H 145 -11.18 15.11 66.07
N ARG H 146 -11.01 15.52 67.35
CA ARG H 146 -9.75 16.12 67.77
CA ARG H 146 -9.76 16.12 67.82
C ARG H 146 -8.64 15.07 67.75
N PHE H 147 -8.94 13.81 68.08
CA PHE H 147 -7.98 12.71 68.00
C PHE H 147 -7.52 12.56 66.51
N GLY H 148 -8.46 12.63 65.56
CA GLY H 148 -8.18 12.53 64.13
C GLY H 148 -7.19 13.57 63.66
N VAL H 149 -7.41 14.82 64.05
CA VAL H 149 -6.52 15.92 63.71
C VAL H 149 -5.13 15.69 64.32
N GLU H 150 -5.08 15.30 65.61
CA GLU H 150 -3.82 15.06 66.28
C GLU H 150 -3.03 13.91 65.69
N HIS H 151 -3.73 12.90 65.16
CA HIS H 151 -3.08 11.75 64.53
C HIS H 151 -2.95 11.87 63.00
N GLY H 152 -3.29 13.03 62.44
CA GLY H 152 -3.15 13.33 61.01
C GLY H 152 -4.00 12.50 60.06
N VAL H 153 -5.27 12.22 60.41
CA VAL H 153 -6.14 11.48 59.50
C VAL H 153 -6.40 12.34 58.25
N ASP H 154 -6.66 11.68 57.13
CA ASP H 154 -6.88 12.38 55.85
C ASP H 154 -8.33 12.72 55.60
N ILE H 155 -9.22 11.85 56.07
CA ILE H 155 -10.63 11.94 55.76
C ILE H 155 -11.47 11.66 56.99
N VAL H 156 -12.65 12.28 57.04
CA VAL H 156 -13.63 11.98 58.07
C VAL H 156 -14.88 11.50 57.33
N PHE H 157 -15.40 10.31 57.70
CA PHE H 157 -16.67 9.81 57.21
C PHE H 157 -17.60 10.19 58.36
N ALA H 158 -18.34 11.30 58.21
CA ALA H 158 -19.23 11.79 59.28
C ALA H 158 -20.57 11.04 59.31
N SER H 159 -20.83 10.31 60.38
CA SER H 159 -22.05 9.53 60.52
C SER H 159 -23.31 10.36 60.70
N PHE H 160 -24.40 9.84 60.17
CA PHE H 160 -25.75 10.40 60.25
C PHE H 160 -25.83 11.90 59.97
N VAL H 161 -25.29 12.35 58.81
CA VAL H 161 -25.38 13.77 58.44
C VAL H 161 -26.81 14.00 57.95
N ARG H 162 -27.53 14.94 58.57
CA ARG H 162 -28.94 15.21 58.25
C ARG H 162 -29.21 16.58 57.61
N LYS H 163 -28.23 17.48 57.68
CA LYS H 163 -28.39 18.85 57.19
C LYS H 163 -27.02 19.51 57.09
N ALA H 164 -26.95 20.66 56.40
CA ALA H 164 -25.71 21.40 56.23
C ALA H 164 -25.03 21.79 57.54
N SER H 165 -25.81 22.13 58.59
CA SER H 165 -25.20 22.54 59.87
C SER H 165 -24.47 21.39 60.58
N ASP H 166 -24.80 20.13 60.26
CA ASP H 166 -24.07 18.99 60.83
C ASP H 166 -22.64 18.99 60.27
N VAL H 167 -22.47 19.33 58.98
CA VAL H 167 -21.17 19.39 58.33
C VAL H 167 -20.36 20.54 58.92
N ALA H 168 -21.00 21.71 59.11
CA ALA H 168 -20.33 22.87 59.71
C ALA H 168 -19.84 22.56 61.11
N ALA H 169 -20.63 21.81 61.89
CA ALA H 169 -20.23 21.40 63.24
C ALA H 169 -18.99 20.48 63.19
N VAL H 170 -18.95 19.51 62.22
CA VAL H 170 -17.79 18.61 62.07
C VAL H 170 -16.57 19.44 61.70
N ARG H 171 -16.73 20.38 60.77
N ARG H 171 -16.73 20.38 60.77
CA ARG H 171 -15.66 21.26 60.31
CA ARG H 171 -15.64 21.25 60.33
C ARG H 171 -15.09 22.06 61.50
C ARG H 171 -15.08 22.05 61.52
N ALA H 172 -15.97 22.62 62.34
CA ALA H 172 -15.58 23.40 63.53
C ALA H 172 -14.82 22.53 64.52
N ALA H 173 -15.27 21.28 64.76
CA ALA H 173 -14.58 20.39 65.69
C ALA H 173 -13.19 19.98 65.21
N LEU H 174 -12.93 20.01 63.91
CA LEU H 174 -11.59 19.72 63.38
C LEU H 174 -10.59 20.89 63.65
N GLY H 175 -11.12 22.09 63.94
CA GLY H 175 -10.33 23.25 64.31
C GLY H 175 -9.52 23.85 63.17
N PRO H 176 -8.65 24.80 63.50
CA PRO H 176 -7.81 25.40 62.45
C PRO H 176 -6.74 24.47 61.89
N GLU H 177 -6.28 23.49 62.68
CA GLU H 177 -5.25 22.56 62.21
C GLU H 177 -5.77 21.42 61.31
N GLY H 178 -7.09 21.22 61.25
CA GLY H 178 -7.68 20.18 60.42
C GLY H 178 -8.40 20.69 59.18
N HIS H 179 -8.04 21.91 58.72
CA HIS H 179 -8.67 22.53 57.54
CA HIS H 179 -8.66 22.54 57.54
C HIS H 179 -8.50 21.71 56.26
N GLY H 180 -7.41 20.96 56.15
CA GLY H 180 -7.14 20.15 54.96
C GLY H 180 -7.82 18.79 54.93
N ILE H 181 -8.44 18.36 56.03
CA ILE H 181 -9.11 17.06 56.12
C ILE H 181 -10.38 17.05 55.29
N LYS H 182 -10.61 16.00 54.49
CA LYS H 182 -11.81 15.89 53.67
C LYS H 182 -12.97 15.40 54.48
N ILE H 183 -14.13 16.05 54.35
CA ILE H 183 -15.32 15.60 55.05
C ILE H 183 -16.28 14.92 54.07
N ILE H 184 -16.49 13.61 54.24
CA ILE H 184 -17.40 12.82 53.44
C ILE H 184 -18.62 12.59 54.32
N SER H 185 -19.77 13.16 53.95
CA SER H 185 -20.97 13.02 54.75
C SER H 185 -21.66 11.70 54.50
N LYS H 186 -21.92 10.93 55.56
CA LYS H 186 -22.64 9.67 55.40
C LYS H 186 -24.15 9.96 55.42
N ILE H 187 -24.87 9.49 54.39
CA ILE H 187 -26.31 9.66 54.29
C ILE H 187 -26.90 8.35 54.74
N GLU H 188 -27.53 8.37 55.93
CA GLU H 188 -28.03 7.14 56.57
C GLU H 188 -29.50 7.13 56.92
N ASN H 189 -30.23 8.19 56.59
CA ASN H 189 -31.66 8.25 56.94
C ASN H 189 -32.44 9.09 55.96
N HIS H 190 -33.79 9.16 56.16
CA HIS H 190 -34.68 9.90 55.30
C HIS H 190 -34.32 11.37 55.20
N GLU H 191 -34.04 12.02 56.33
CA GLU H 191 -33.71 13.44 56.32
C GLU H 191 -32.45 13.75 55.51
N GLY H 192 -31.41 12.90 55.64
CA GLY H 192 -30.19 13.08 54.86
C GLY H 192 -30.46 12.99 53.36
N VAL H 193 -31.34 12.05 52.94
CA VAL H 193 -31.70 11.92 51.53
C VAL H 193 -32.48 13.15 51.06
N LYS H 194 -33.45 13.60 51.86
CA LYS H 194 -34.25 14.77 51.50
C LYS H 194 -33.50 16.07 51.52
N ARG H 195 -32.52 16.22 52.40
CA ARG H 195 -31.68 17.42 52.42
C ARG H 195 -30.34 17.20 51.73
N PHE H 196 -30.26 16.21 50.81
CA PHE H 196 -29.05 15.84 50.08
C PHE H 196 -28.35 17.01 49.42
N ASP H 197 -29.05 17.83 48.65
CA ASP H 197 -28.42 18.93 47.93
C ASP H 197 -27.67 19.91 48.82
N GLU H 198 -28.28 20.32 49.95
CA GLU H 198 -27.62 21.22 50.87
C GLU H 198 -26.42 20.56 51.57
N ILE H 199 -26.49 19.24 51.80
CA ILE H 199 -25.39 18.51 52.43
C ILE H 199 -24.22 18.39 51.44
N LEU H 200 -24.48 18.01 50.18
CA LEU H 200 -23.45 17.87 49.17
C LEU H 200 -22.74 19.19 48.92
N GLU H 201 -23.51 20.29 48.89
CA GLU H 201 -22.95 21.62 48.66
C GLU H 201 -21.83 21.98 49.61
N VAL H 202 -21.95 21.61 50.90
CA VAL H 202 -20.92 21.94 51.89
C VAL H 202 -19.96 20.80 52.20
N SER H 203 -20.20 19.59 51.65
CA SER H 203 -19.32 18.46 51.93
C SER H 203 -18.28 18.30 50.82
N ASP H 204 -17.21 17.58 51.12
CA ASP H 204 -16.23 17.22 50.10
C ASP H 204 -16.74 16.03 49.26
N GLY H 205 -17.65 15.24 49.81
CA GLY H 205 -18.18 14.06 49.16
C GLY H 205 -19.23 13.39 50.02
N ILE H 206 -19.71 12.22 49.55
CA ILE H 206 -20.80 11.52 50.20
C ILE H 206 -20.53 10.04 50.33
N MET H 207 -21.05 9.42 51.40
CA MET H 207 -21.04 7.98 51.50
C MET H 207 -22.50 7.51 51.55
N VAL H 208 -22.88 6.58 50.68
CA VAL H 208 -24.20 5.95 50.70
C VAL H 208 -24.07 4.83 51.76
N ALA H 209 -24.42 5.13 53.01
CA ALA H 209 -24.27 4.22 54.15
C ALA H 209 -25.52 3.34 54.19
N ARG H 210 -25.51 2.26 53.41
CA ARG H 210 -26.68 1.41 53.20
C ARG H 210 -27.16 0.60 54.40
N GLY H 211 -26.30 0.33 55.37
CA GLY H 211 -26.68 -0.41 56.58
C GLY H 211 -27.81 0.28 57.33
N ASP H 212 -27.54 1.49 57.84
CA ASP H 212 -28.55 2.30 58.52
C ASP H 212 -29.63 2.79 57.57
N LEU H 213 -29.28 3.16 56.33
CA LEU H 213 -30.27 3.61 55.36
C LEU H 213 -31.35 2.53 55.11
N GLY H 214 -30.95 1.26 55.04
CA GLY H 214 -31.85 0.13 54.84
C GLY H 214 -32.73 -0.23 56.02
N ILE H 215 -32.51 0.39 57.18
CA ILE H 215 -33.39 0.21 58.33
C ILE H 215 -34.14 1.52 58.64
N GLU H 216 -33.64 2.70 58.18
CA GLU H 216 -34.30 4.00 58.34
C GLU H 216 -35.37 4.22 57.26
N ILE H 217 -35.18 3.68 56.06
CA ILE H 217 -36.14 3.76 54.97
C ILE H 217 -36.44 2.32 54.54
N PRO H 218 -37.54 2.06 53.79
CA PRO H 218 -37.81 0.69 53.34
C PRO H 218 -36.62 0.11 52.57
N ALA H 219 -36.25 -1.15 52.86
CA ALA H 219 -35.11 -1.81 52.26
C ALA H 219 -35.16 -1.80 50.72
N GLU H 220 -36.36 -1.90 50.16
CA GLU H 220 -36.60 -1.92 48.72
C GLU H 220 -36.43 -0.55 48.05
N LYS H 221 -36.18 0.51 48.82
CA LYS H 221 -35.98 1.87 48.27
C LYS H 221 -34.50 2.29 48.28
N VAL H 222 -33.62 1.54 48.96
CA VAL H 222 -32.21 1.91 49.07
C VAL H 222 -31.54 2.08 47.71
N PHE H 223 -31.82 1.20 46.75
CA PHE H 223 -31.23 1.33 45.41
C PHE H 223 -31.57 2.67 44.73
N LEU H 224 -32.78 3.23 44.99
CA LEU H 224 -33.15 4.52 44.42
C LEU H 224 -32.32 5.63 45.04
N ALA H 225 -32.12 5.59 46.38
CA ALA H 225 -31.34 6.61 47.08
C ALA H 225 -29.86 6.49 46.62
N GLN H 226 -29.34 5.27 46.47
CA GLN H 226 -27.98 5.05 46.01
C GLN H 226 -27.76 5.61 44.61
N LYS H 227 -28.60 5.24 43.65
CA LYS H 227 -28.46 5.69 42.26
C LYS H 227 -28.63 7.19 42.12
N MET H 228 -29.54 7.78 42.90
CA MET H 228 -29.76 9.23 42.89
C MET H 228 -28.50 9.96 43.43
N MET H 229 -28.00 9.52 44.60
CA MET H 229 -26.86 10.19 45.23
C MET H 229 -25.61 10.04 44.40
N ILE H 230 -25.39 8.85 43.79
CA ILE H 230 -24.23 8.67 42.93
C ILE H 230 -24.33 9.58 41.70
N GLY H 231 -25.51 9.61 41.06
CA GLY H 231 -25.75 10.48 39.91
C GLY H 231 -25.52 11.95 40.22
N ARG H 232 -26.02 12.44 41.37
CA ARG H 232 -25.85 13.83 41.76
C ARG H 232 -24.40 14.16 42.13
N CYS H 233 -23.68 13.21 42.74
CA CYS H 233 -22.28 13.41 43.05
C CYS H 233 -21.47 13.46 41.78
N ASN H 234 -21.78 12.60 40.80
CA ASN H 234 -21.10 12.58 39.50
C ASN H 234 -21.33 13.93 38.79
N LEU H 235 -22.56 14.45 38.88
CA LEU H 235 -22.91 15.75 38.29
C LEU H 235 -22.12 16.90 38.96
N ALA H 236 -22.01 16.85 40.30
CA ALA H 236 -21.27 17.86 41.07
C ALA H 236 -19.75 17.69 40.99
N GLY H 237 -19.25 16.56 40.47
CA GLY H 237 -17.81 16.32 40.42
C GLY H 237 -17.22 16.09 41.80
N LYS H 238 -18.02 15.49 42.72
CA LYS H 238 -17.56 15.21 44.09
C LYS H 238 -17.59 13.72 44.36
N PRO H 239 -16.60 13.20 45.12
CA PRO H 239 -16.55 11.75 45.35
C PRO H 239 -17.75 11.15 46.06
N VAL H 240 -18.12 9.94 45.65
CA VAL H 240 -19.19 9.21 46.28
C VAL H 240 -18.74 7.77 46.58
N VAL H 241 -19.00 7.32 47.81
CA VAL H 241 -18.67 5.96 48.24
C VAL H 241 -19.90 5.09 48.33
N CYS H 242 -19.86 3.86 47.81
CA CYS H 242 -20.96 2.92 48.02
C CYS H 242 -20.49 2.01 49.15
N ALA H 243 -21.30 1.87 50.20
CA ALA H 243 -20.90 1.11 51.37
C ALA H 243 -21.91 0.09 51.88
N THR H 244 -21.40 -0.95 52.59
CA THR H 244 -22.08 -1.90 53.47
C THR H 244 -22.73 -3.11 52.79
N GLN H 245 -22.29 -4.31 53.24
CA GLN H 245 -22.76 -5.65 52.86
C GLN H 245 -22.54 -5.97 51.40
N MET H 246 -21.57 -5.31 50.74
CA MET H 246 -21.26 -5.55 49.34
C MET H 246 -20.80 -6.98 49.10
N LEU H 247 -19.99 -7.53 50.00
CA LEU H 247 -19.49 -8.91 49.90
C LEU H 247 -19.68 -9.61 51.26
N GLU H 248 -20.79 -9.33 51.94
CA GLU H 248 -21.11 -9.81 53.29
C GLU H 248 -20.81 -11.29 53.57
N SER H 249 -21.19 -12.19 52.67
CA SER H 249 -20.98 -13.62 52.86
C SER H 249 -19.48 -13.97 52.96
N MET H 250 -18.56 -13.11 52.42
CA MET H 250 -17.11 -13.38 52.54
C MET H 250 -16.55 -13.14 53.95
N ILE H 251 -17.40 -12.76 54.91
CA ILE H 251 -16.97 -12.71 56.31
C ILE H 251 -16.64 -14.19 56.77
N THR H 252 -17.45 -15.17 56.29
CA THR H 252 -17.35 -16.58 56.67
C THR H 252 -17.04 -17.53 55.54
N LYS H 253 -17.27 -17.13 54.30
CA LYS H 253 -17.06 -18.01 53.16
C LYS H 253 -15.98 -17.49 52.20
N PRO H 254 -15.26 -18.40 51.53
CA PRO H 254 -14.17 -17.98 50.62
C PRO H 254 -14.61 -17.24 49.33
N ARG H 255 -15.85 -17.52 48.85
CA ARG H 255 -16.34 -16.91 47.61
C ARG H 255 -17.66 -16.19 47.89
N PRO H 256 -17.93 -15.07 47.19
CA PRO H 256 -19.19 -14.36 47.44
C PRO H 256 -20.39 -14.93 46.68
N THR H 257 -21.60 -14.44 46.96
CA THR H 257 -22.80 -14.90 46.27
C THR H 257 -22.93 -14.16 44.92
N ARG H 258 -23.83 -14.62 44.04
CA ARG H 258 -24.08 -14.00 42.76
C ARG H 258 -24.65 -12.59 42.93
N ALA H 259 -25.44 -12.35 44.00
CA ALA H 259 -25.99 -11.02 44.28
C ALA H 259 -24.90 -10.04 44.71
N GLU H 260 -23.89 -10.52 45.46
CA GLU H 260 -22.78 -9.70 45.94
C GLU H 260 -21.85 -9.22 44.81
N THR H 261 -21.46 -10.11 43.88
CA THR H 261 -20.62 -9.67 42.76
C THR H 261 -21.38 -8.69 41.87
N SER H 262 -22.68 -8.94 41.68
CA SER H 262 -23.56 -8.09 40.95
C SER H 262 -23.64 -6.71 41.60
N ASP H 263 -23.80 -6.65 42.93
CA ASP H 263 -23.90 -5.40 43.66
C ASP H 263 -22.61 -4.57 43.48
N VAL H 264 -21.43 -5.20 43.58
CA VAL H 264 -20.17 -4.48 43.40
C VAL H 264 -20.08 -3.94 41.98
N ALA H 265 -20.40 -4.78 40.98
CA ALA H 265 -20.35 -4.36 39.57
C ALA H 265 -21.31 -3.21 39.28
N ASN H 266 -22.54 -3.31 39.82
CA ASN H 266 -23.54 -2.27 39.64
C ASN H 266 -23.22 -0.98 40.37
N ALA H 267 -22.53 -1.01 41.51
CA ALA H 267 -22.10 0.23 42.19
C ALA H 267 -21.09 0.97 41.29
N VAL H 268 -20.17 0.24 40.65
CA VAL H 268 -19.20 0.83 39.74
C VAL H 268 -19.91 1.37 38.49
N LEU H 269 -20.84 0.57 37.91
CA LEU H 269 -21.60 1.03 36.75
C LEU H 269 -22.49 2.23 37.09
N ASP H 270 -22.98 2.34 38.34
CA ASP H 270 -23.78 3.49 38.78
C ASP H 270 -22.93 4.77 38.75
N GLY H 271 -21.62 4.66 38.99
CA GLY H 271 -20.69 5.79 38.99
C GLY H 271 -19.99 6.05 40.31
N ALA H 272 -19.96 5.04 41.23
CA ALA H 272 -19.32 5.24 42.52
C ALA H 272 -17.81 5.44 42.34
N ASP H 273 -17.24 6.43 43.05
CA ASP H 273 -15.80 6.62 43.02
C ASP H 273 -15.12 5.57 43.85
N CYS H 274 -15.74 5.17 45.00
CA CYS H 274 -15.15 4.20 45.93
C CYS H 274 -16.18 3.13 46.27
N ILE H 275 -15.68 1.96 46.61
CA ILE H 275 -16.48 0.87 47.14
C ILE H 275 -15.85 0.49 48.50
N MET H 276 -16.68 -0.04 49.40
CA MET H 276 -16.21 -0.29 50.75
C MET H 276 -16.44 -1.72 51.25
N LEU H 277 -15.59 -2.14 52.16
CA LEU H 277 -15.65 -3.41 52.86
C LEU H 277 -15.68 -3.03 54.36
N SER H 278 -16.58 -3.65 55.14
CA SER H 278 -16.70 -3.38 56.58
C SER H 278 -16.31 -4.64 57.32
N GLY H 279 -17.27 -5.49 57.73
CA GLY H 279 -16.94 -6.74 58.41
C GLY H 279 -16.06 -7.66 57.59
N GLU H 280 -16.20 -7.59 56.24
CA GLU H 280 -15.39 -8.42 55.34
C GLU H 280 -13.89 -8.26 55.59
N THR H 281 -13.42 -7.04 55.96
CA THR H 281 -12.02 -6.84 56.27
C THR H 281 -11.77 -6.61 57.75
N ALA H 282 -12.75 -6.09 58.51
CA ALA H 282 -12.54 -5.78 59.91
C ALA H 282 -12.51 -7.00 60.79
N LYS H 283 -13.37 -8.00 60.52
CA LYS H 283 -13.46 -9.14 61.43
C LYS H 283 -13.54 -10.52 60.79
N GLY H 284 -13.77 -10.57 59.49
CA GLY H 284 -13.96 -11.84 58.79
C GLY H 284 -12.72 -12.70 58.63
N ASN H 285 -12.92 -13.87 58.07
CA ASN H 285 -11.83 -14.82 57.84
C ASN H 285 -11.15 -14.63 56.48
N PHE H 286 -11.69 -13.76 55.59
CA PHE H 286 -11.13 -13.57 54.24
C PHE H 286 -10.85 -12.08 53.89
N PRO H 287 -10.15 -11.31 54.74
CA PRO H 287 -9.96 -9.89 54.41
C PRO H 287 -9.22 -9.62 53.11
N VAL H 288 -8.10 -10.33 52.86
CA VAL H 288 -7.30 -10.13 51.66
C VAL H 288 -8.08 -10.57 50.43
N GLU H 289 -8.78 -11.71 50.52
CA GLU H 289 -9.56 -12.22 49.40
C GLU H 289 -10.75 -11.29 49.07
N ALA H 290 -11.32 -10.62 50.10
CA ALA H 290 -12.44 -9.71 49.87
C ALA H 290 -11.94 -8.47 49.08
N VAL H 291 -10.73 -8.00 49.38
CA VAL H 291 -10.12 -6.85 48.67
C VAL H 291 -9.83 -7.28 47.22
N LYS H 292 -9.26 -8.50 47.04
CA LYS H 292 -8.97 -9.04 45.72
C LYS H 292 -10.24 -9.19 44.88
N MET H 293 -11.35 -9.62 45.50
CA MET H 293 -12.63 -9.78 44.81
C MET H 293 -13.19 -8.43 44.36
N GLN H 294 -13.17 -7.40 45.23
CA GLN H 294 -13.62 -6.07 44.82
C GLN H 294 -12.77 -5.53 43.69
N HIS H 295 -11.44 -5.78 43.75
CA HIS H 295 -10.52 -5.35 42.72
C HIS H 295 -10.88 -6.01 41.39
N ALA H 296 -11.06 -7.34 41.37
CA ALA H 296 -11.39 -8.10 40.17
C ALA H 296 -12.70 -7.67 39.56
N ILE H 297 -13.74 -7.46 40.38
CA ILE H 297 -15.05 -7.03 39.86
C ILE H 297 -15.01 -5.58 39.31
N ALA H 298 -14.43 -4.66 40.08
CA ALA H 298 -14.34 -3.26 39.67
C ALA H 298 -13.64 -3.09 38.31
N ARG H 299 -12.54 -3.82 38.08
CA ARG H 299 -11.84 -3.75 36.80
C ARG H 299 -12.74 -4.18 35.65
N GLU H 300 -13.52 -5.25 35.85
CA GLU H 300 -14.44 -5.73 34.82
C GLU H 300 -15.55 -4.71 34.56
N ALA H 301 -16.12 -4.15 35.62
CA ALA H 301 -17.22 -3.20 35.51
C ALA H 301 -16.79 -1.86 34.91
N GLU H 302 -15.54 -1.41 35.19
CA GLU H 302 -15.06 -0.14 34.64
C GLU H 302 -14.92 -0.23 33.11
N ALA H 303 -14.47 -1.39 32.60
CA ALA H 303 -14.38 -1.59 31.15
C ALA H 303 -15.79 -1.62 30.50
N ALA H 304 -16.82 -2.04 31.24
CA ALA H 304 -18.19 -2.12 30.75
C ALA H 304 -18.95 -0.78 30.82
N VAL H 305 -18.35 0.28 31.36
CA VAL H 305 -18.98 1.60 31.43
C VAL H 305 -19.19 2.12 29.97
N TYR H 306 -20.38 2.64 29.66
CA TYR H 306 -20.69 3.14 28.33
C TYR H 306 -20.21 4.59 28.25
N HIS H 307 -18.90 4.79 28.06
CA HIS H 307 -18.27 6.12 28.04
C HIS H 307 -18.85 7.08 27.04
N ARG H 308 -19.29 6.59 25.87
CA ARG H 308 -19.87 7.44 24.83
C ARG H 308 -21.04 8.28 25.35
N GLN H 309 -21.99 7.63 26.04
CA GLN H 309 -23.13 8.35 26.61
C GLN H 309 -22.72 9.11 27.87
N LEU H 310 -21.93 8.45 28.76
CA LEU H 310 -21.49 9.08 30.01
C LEU H 310 -20.73 10.41 29.79
N PHE H 311 -19.73 10.43 28.92
CA PHE H 311 -18.96 11.65 28.65
C PHE H 311 -19.85 12.74 28.04
N GLU H 312 -20.68 12.36 27.08
CA GLU H 312 -21.65 13.27 26.42
C GLU H 312 -22.59 13.89 27.45
N GLU H 313 -23.13 13.07 28.36
CA GLU H 313 -24.03 13.58 29.40
C GLU H 313 -23.35 14.41 30.46
N LEU H 314 -22.11 14.05 30.84
CA LEU H 314 -21.35 14.82 31.81
C LEU H 314 -21.04 16.19 31.24
N ARG H 315 -20.68 16.28 29.93
CA ARG H 315 -20.34 17.60 29.39
C ARG H 315 -21.60 18.41 29.09
N ARG H 316 -22.70 17.79 28.66
CA ARG H 316 -23.96 18.51 28.44
C ARG H 316 -24.50 19.09 29.75
N ALA H 317 -24.35 18.35 30.87
CA ALA H 317 -24.86 18.81 32.16
C ALA H 317 -23.93 19.76 32.91
N ALA H 318 -22.61 19.63 32.71
CA ALA H 318 -21.66 20.49 33.40
C ALA H 318 -21.79 21.90 32.85
N PRO H 319 -21.96 22.88 33.74
CA PRO H 319 -22.11 24.27 33.27
C PRO H 319 -20.84 24.81 32.62
N LEU H 320 -20.97 25.92 31.87
CA LEU H 320 -19.82 26.61 31.31
C LEU H 320 -18.90 27.05 32.45
N SER H 321 -17.59 27.08 32.19
CA SER H 321 -16.66 27.47 33.23
C SER H 321 -15.64 28.41 32.74
N ARG H 322 -15.27 29.36 33.56
CA ARG H 322 -14.20 30.28 33.27
C ARG H 322 -12.93 29.93 34.10
N ASP H 323 -12.92 28.78 34.79
CA ASP H 323 -11.77 28.39 35.58
C ASP H 323 -10.82 27.64 34.64
N PRO H 324 -9.58 28.12 34.47
CA PRO H 324 -8.64 27.44 33.55
C PRO H 324 -8.32 25.99 33.87
N THR H 325 -8.39 25.59 35.14
CA THR H 325 -8.10 24.21 35.52
C THR H 325 -9.20 23.32 34.97
N GLU H 326 -10.46 23.75 35.14
CA GLU H 326 -11.64 23.04 34.66
C GLU H 326 -11.65 23.00 33.11
N VAL H 327 -11.30 24.12 32.44
CA VAL H 327 -11.25 24.18 30.99
C VAL H 327 -10.15 23.26 30.43
N THR H 328 -8.97 23.25 31.07
CA THR H 328 -7.86 22.38 30.66
C THR H 328 -8.26 20.90 30.87
N ALA H 329 -8.93 20.60 31.99
CA ALA H 329 -9.33 19.22 32.29
C ALA H 329 -10.27 18.62 31.24
N ILE H 330 -11.31 19.37 30.79
CA ILE H 330 -12.20 18.83 29.78
C ILE H 330 -11.46 18.68 28.42
N GLY H 331 -10.56 19.61 28.10
CA GLY H 331 -9.77 19.51 26.88
C GLY H 331 -8.86 18.29 26.91
N ALA H 332 -8.23 18.02 28.08
CA ALA H 332 -7.35 16.88 28.25
C ALA H 332 -8.10 15.54 28.15
N VAL H 333 -9.31 15.45 28.71
CA VAL H 333 -10.12 14.24 28.66
C VAL H 333 -10.59 14.01 27.22
N GLU H 334 -10.99 15.08 26.51
CA GLU H 334 -11.38 14.96 25.10
CA GLU H 334 -11.39 14.97 25.10
C GLU H 334 -10.21 14.47 24.27
N ALA H 335 -9.01 15.04 24.49
CA ALA H 335 -7.80 14.63 23.80
C ALA H 335 -7.43 13.17 24.11
N ALA H 336 -7.54 12.74 25.37
CA ALA H 336 -7.23 11.37 25.77
C ALA H 336 -8.15 10.35 25.04
N PHE H 337 -9.46 10.67 24.91
CA PHE H 337 -10.40 9.80 24.21
C PHE H 337 -10.06 9.72 22.71
N LYS H 338 -9.64 10.84 22.12
CA LYS H 338 -9.32 10.93 20.70
C LYS H 338 -8.20 9.98 20.28
N CYS H 339 -7.17 9.86 21.12
CA CYS H 339 -6.00 9.05 20.79
C CYS H 339 -5.91 7.77 21.56
N CYS H 340 -6.91 7.42 22.41
CA CYS H 340 -6.83 6.21 23.26
C CYS H 340 -5.60 6.28 24.14
N ALA H 341 -5.36 7.46 24.74
CA ALA H 341 -4.19 7.70 25.57
C ALA H 341 -4.13 6.67 26.72
N ALA H 342 -2.94 6.16 27.00
CA ALA H 342 -2.73 5.20 28.09
C ALA H 342 -2.93 5.91 29.45
N ALA H 343 -2.65 7.21 29.53
CA ALA H 343 -2.74 7.95 30.78
C ALA H 343 -2.82 9.47 30.53
N ILE H 344 -3.29 10.20 31.56
CA ILE H 344 -3.23 11.63 31.68
C ILE H 344 -2.33 11.85 32.90
N ILE H 345 -1.13 12.43 32.73
CA ILE H 345 -0.23 12.68 33.83
C ILE H 345 -0.47 14.12 34.26
N VAL H 346 -0.79 14.34 35.55
CA VAL H 346 -1.10 15.69 36.02
C VAL H 346 -0.28 16.02 37.23
N LEU H 347 0.23 17.25 37.29
CA LEU H 347 0.94 17.72 38.46
C LEU H 347 -0.11 18.39 39.35
N THR H 348 -0.09 18.09 40.65
CA THR H 348 -1.09 18.65 41.56
C THR H 348 -0.51 18.85 42.98
N THR H 349 -0.84 19.97 43.63
CA THR H 349 -0.40 20.26 44.97
C THR H 349 -1.48 19.83 45.95
N THR H 350 -2.74 20.19 45.71
CA THR H 350 -3.88 19.88 46.60
C THR H 350 -4.69 18.66 46.12
N GLY H 351 -4.48 18.21 44.89
CA GLY H 351 -5.29 17.14 44.30
C GLY H 351 -6.39 17.65 43.38
N ARG H 352 -6.67 18.96 43.43
CA ARG H 352 -7.77 19.55 42.66
C ARG H 352 -7.70 19.34 41.14
N SER H 353 -6.51 19.51 40.53
CA SER H 353 -6.38 19.32 39.07
C SER H 353 -6.71 17.86 38.68
N ALA H 354 -6.36 16.90 39.52
CA ALA H 354 -6.65 15.49 39.25
C ALA H 354 -8.17 15.22 39.41
N GLN H 355 -8.79 15.83 40.42
CA GLN H 355 -10.23 15.72 40.65
C GLN H 355 -11.04 16.23 39.47
N LEU H 356 -10.62 17.38 38.89
CA LEU H 356 -11.33 17.94 37.76
C LEU H 356 -11.18 17.07 36.50
N LEU H 357 -10.10 16.33 36.36
CA LEU H 357 -9.95 15.37 35.26
C LEU H 357 -10.87 14.16 35.49
N SER H 358 -10.88 13.66 36.73
CA SER H 358 -11.66 12.50 37.18
C SER H 358 -13.17 12.70 36.98
N ARG H 359 -13.68 13.93 37.17
CA ARG H 359 -15.11 14.20 37.04
C ARG H 359 -15.65 13.95 35.62
N TYR H 360 -14.77 13.96 34.61
CA TYR H 360 -15.18 13.66 33.22
C TYR H 360 -15.06 12.21 32.85
N ARG H 361 -14.68 11.35 33.83
CA ARG H 361 -14.57 9.93 33.68
C ARG H 361 -13.79 9.46 32.44
N PRO H 362 -12.52 9.88 32.32
CA PRO H 362 -11.73 9.37 31.20
C PRO H 362 -11.48 7.87 31.34
N ARG H 363 -11.28 7.20 30.21
CA ARG H 363 -10.88 5.81 30.21
C ARG H 363 -9.37 5.75 30.58
N ALA H 364 -8.57 6.75 30.17
CA ALA H 364 -7.15 6.85 30.49
C ALA H 364 -6.98 7.04 32.00
N ALA H 365 -5.99 6.37 32.59
CA ALA H 365 -5.67 6.51 34.00
C ALA H 365 -5.19 7.96 34.28
N VAL H 366 -5.56 8.56 35.40
CA VAL H 366 -5.08 9.91 35.75
C VAL H 366 -3.93 9.72 36.74
N ILE H 367 -2.71 9.83 36.29
CA ILE H 367 -1.53 9.65 37.13
C ILE H 367 -1.21 10.99 37.77
N ALA H 368 -1.46 11.13 39.07
CA ALA H 368 -1.28 12.41 39.75
C ALA H 368 0.05 12.47 40.49
N VAL H 369 0.96 13.34 40.06
CA VAL H 369 2.25 13.46 40.69
C VAL H 369 2.20 14.64 41.64
N THR H 370 2.47 14.39 42.92
CA THR H 370 2.40 15.41 43.95
C THR H 370 3.49 15.26 44.98
N ARG H 371 3.93 16.38 45.59
CA ARG H 371 4.86 16.32 46.71
C ARG H 371 4.10 16.24 48.06
N SER H 372 2.80 16.57 48.07
CA SER H 372 2.01 16.52 49.28
C SER H 372 1.60 15.06 49.59
N ALA H 373 2.13 14.50 50.66
CA ALA H 373 1.80 13.14 51.09
C ALA H 373 0.29 13.05 51.39
N GLN H 374 -0.29 14.10 52.01
CA GLN H 374 -1.71 14.11 52.29
C GLN H 374 -2.57 14.14 51.02
N ALA H 375 -2.23 15.01 50.05
CA ALA H 375 -2.99 15.05 48.79
C ALA H 375 -2.92 13.70 48.07
N ALA H 376 -1.76 13.05 48.08
CA ALA H 376 -1.56 11.75 47.45
C ALA H 376 -2.52 10.71 48.08
N ARG H 377 -2.73 10.77 49.40
CA ARG H 377 -3.64 9.88 50.08
C ARG H 377 -5.11 10.24 49.76
N GLN H 378 -5.46 11.53 49.82
CA GLN H 378 -6.82 11.97 49.59
C GLN H 378 -7.34 11.80 48.15
N VAL H 379 -6.49 11.88 47.10
CA VAL H 379 -7.00 11.72 45.73
C VAL H 379 -7.53 10.32 45.42
N HIS H 380 -7.32 9.34 46.33
CA HIS H 380 -7.93 8.01 46.19
C HIS H 380 -9.46 8.13 46.25
N LEU H 381 -10.03 9.23 46.80
CA LEU H 381 -11.47 9.43 46.79
C LEU H 381 -12.03 9.63 45.37
N CYS H 382 -11.19 9.99 44.39
CA CYS H 382 -11.64 10.28 43.02
C CYS H 382 -11.33 9.18 42.09
N ARG H 383 -12.37 8.65 41.42
CA ARG H 383 -12.18 7.52 40.51
C ARG H 383 -11.13 7.76 39.45
N GLY H 384 -10.26 6.78 39.27
CA GLY H 384 -9.28 6.82 38.19
C GLY H 384 -8.06 7.66 38.46
N VAL H 385 -7.89 8.12 39.71
CA VAL H 385 -6.69 8.87 40.07
C VAL H 385 -5.70 7.94 40.76
N PHE H 386 -4.50 7.81 40.20
CA PHE H 386 -3.41 7.00 40.70
C PHE H 386 -2.32 7.94 41.23
N PRO H 387 -2.26 8.13 42.55
CA PRO H 387 -1.30 9.10 43.12
C PRO H 387 0.12 8.61 43.21
N LEU H 388 1.07 9.48 42.85
CA LEU H 388 2.48 9.19 42.95
C LEU H 388 3.08 10.25 43.84
N LEU H 389 3.74 9.83 44.93
CA LEU H 389 4.37 10.78 45.82
C LEU H 389 5.81 11.07 45.38
N TYR H 390 6.08 12.32 44.98
CA TYR H 390 7.38 12.75 44.53
C TYR H 390 8.19 13.25 45.74
N ARG H 391 9.41 12.73 45.91
CA ARG H 391 10.20 13.05 47.10
C ARG H 391 11.43 13.93 46.87
N GLU H 392 11.82 14.17 45.61
CA GLU H 392 13.01 14.97 45.34
C GLU H 392 12.83 16.44 45.68
N PRO H 393 13.89 17.09 46.21
CA PRO H 393 13.79 18.53 46.45
C PRO H 393 13.69 19.31 45.11
N PRO H 394 13.06 20.49 45.13
CA PRO H 394 12.87 21.23 43.87
C PRO H 394 14.16 21.58 43.14
N GLU H 395 14.15 21.48 41.83
CA GLU H 395 15.22 21.93 40.95
C GLU H 395 15.25 23.47 40.98
N ALA H 396 16.42 24.05 40.68
CA ALA H 396 16.59 25.50 40.65
C ALA H 396 15.78 26.13 39.53
N ILE H 397 15.68 25.45 38.38
CA ILE H 397 14.89 25.93 37.27
C ILE H 397 13.51 25.26 37.36
N TRP H 398 12.45 26.06 37.53
CA TRP H 398 11.12 25.52 37.74
C TRP H 398 10.65 24.63 36.59
N ALA H 399 10.91 25.01 35.33
CA ALA H 399 10.56 24.17 34.20
C ALA H 399 11.23 22.77 34.26
N ASP H 400 12.46 22.67 34.80
CA ASP H 400 13.13 21.39 34.97
C ASP H 400 12.47 20.59 36.06
N ASP H 401 12.07 21.23 37.18
CA ASP H 401 11.39 20.55 38.28
C ASP H 401 10.04 19.98 37.79
N VAL H 402 9.34 20.73 36.91
CA VAL H 402 8.11 20.27 36.30
C VAL H 402 8.40 19.01 35.47
N ASP H 403 9.43 19.07 34.57
CA ASP H 403 9.84 17.96 33.71
C ASP H 403 10.27 16.71 34.48
N ARG H 404 11.03 16.89 35.58
CA ARG H 404 11.44 15.76 36.40
C ARG H 404 10.24 15.04 36.99
N ARG H 405 9.20 15.79 37.40
CA ARG H 405 7.97 15.19 37.92
C ARG H 405 7.18 14.46 36.87
N VAL H 406 7.15 14.99 35.63
CA VAL H 406 6.48 14.33 34.51
C VAL H 406 7.22 13.03 34.20
N GLN H 407 8.58 13.06 34.19
CA GLN H 407 9.40 11.86 33.97
C GLN H 407 9.19 10.84 35.08
N PHE H 408 9.03 11.29 36.32
CA PHE H 408 8.75 10.40 37.45
C PHE H 408 7.42 9.66 37.23
N GLY H 409 6.41 10.39 36.74
CA GLY H 409 5.13 9.80 36.38
C GLY H 409 5.27 8.75 35.29
N ILE H 410 6.03 9.05 34.23
CA ILE H 410 6.27 8.13 33.14
C ILE H 410 7.01 6.86 33.61
N GLU H 411 8.10 7.03 34.37
CA GLU H 411 8.88 5.90 34.85
C GLU H 411 8.07 5.01 35.81
N SER H 412 7.25 5.61 36.70
CA SER H 412 6.38 4.87 37.59
C SER H 412 5.33 4.12 36.75
N GLY H 413 4.78 4.78 35.73
CA GLY H 413 3.77 4.20 34.86
C GLY H 413 4.30 3.03 34.07
N LYS H 414 5.55 3.11 33.59
CA LYS H 414 6.19 2.02 32.87
C LYS H 414 6.42 0.83 33.80
N LEU H 415 6.92 1.08 35.00
CA LEU H 415 7.20 0.04 35.98
C LEU H 415 5.92 -0.67 36.41
N ARG H 416 4.84 0.10 36.61
CA ARG H 416 3.59 -0.47 37.07
C ARG H 416 2.70 -1.07 35.98
N GLY H 417 3.10 -0.96 34.72
CA GLY H 417 2.34 -1.55 33.61
C GLY H 417 1.32 -0.62 32.97
N PHE H 418 1.20 0.63 33.45
CA PHE H 418 0.28 1.59 32.85
C PHE H 418 0.73 2.01 31.44
N LEU H 419 2.04 2.11 31.23
CA LEU H 419 2.60 2.66 30.01
C LEU H 419 3.66 1.79 29.40
N ARG H 420 3.83 1.93 28.09
CA ARG H 420 4.87 1.25 27.32
C ARG H 420 5.33 2.23 26.24
N VAL H 421 6.56 2.05 25.74
CA VAL H 421 7.12 2.84 24.64
C VAL H 421 6.17 2.83 23.43
N GLY H 422 5.91 4.00 22.87
CA GLY H 422 4.99 4.12 21.77
C GLY H 422 3.60 4.59 22.17
N ASP H 423 3.25 4.49 23.47
CA ASP H 423 1.96 4.97 23.95
C ASP H 423 1.90 6.51 23.84
N LEU H 424 0.68 7.05 23.80
CA LEU H 424 0.47 8.48 23.83
C LEU H 424 -0.07 8.79 25.23
N VAL H 425 0.42 9.86 25.83
CA VAL H 425 -0.07 10.34 27.11
C VAL H 425 -0.44 11.82 26.97
N ILE H 426 -1.37 12.28 27.81
CA ILE H 426 -1.74 13.69 27.87
C ILE H 426 -1.08 14.20 29.17
N VAL H 427 -0.34 15.31 29.12
CA VAL H 427 0.34 15.84 30.31
C VAL H 427 -0.31 17.17 30.67
N VAL H 428 -0.75 17.31 31.93
CA VAL H 428 -1.45 18.48 32.41
C VAL H 428 -0.60 19.19 33.46
N THR H 429 -0.25 20.44 33.18
CA THR H 429 0.61 21.22 34.05
C THR H 429 0.07 22.67 34.11
N GLY H 430 0.78 23.59 34.79
CA GLY H 430 0.36 24.97 34.89
C GLY H 430 1.45 25.94 34.47
N TRP H 431 1.15 27.24 34.50
CA TRP H 431 2.10 28.26 34.01
C TRP H 431 3.04 28.85 35.07
N ARG H 432 2.78 28.59 36.35
CA ARG H 432 3.61 29.10 37.43
C ARG H 432 3.51 28.13 38.65
N PRO H 433 4.49 28.19 39.59
CA PRO H 433 4.42 27.34 40.79
C PRO H 433 3.24 27.72 41.69
N GLY H 434 2.88 26.81 42.56
CA GLY H 434 1.75 27.00 43.45
C GLY H 434 0.47 26.46 42.86
N SER H 435 -0.45 26.12 43.76
CA SER H 435 -1.78 25.60 43.49
CA SER H 435 -1.78 25.59 43.45
C SER H 435 -2.66 26.59 42.74
N GLY H 436 -3.57 26.09 41.91
CA GLY H 436 -4.58 26.90 41.20
C GLY H 436 -4.22 27.47 39.86
N TYR H 437 -3.07 27.12 39.31
CA TYR H 437 -2.64 27.67 38.03
C TYR H 437 -2.51 26.66 36.89
N THR H 438 -3.12 25.45 36.99
CA THR H 438 -3.14 24.52 35.87
C THR H 438 -3.81 25.17 34.64
N ASN H 439 -3.17 25.08 33.46
CA ASN H 439 -3.75 25.68 32.27
C ASN H 439 -3.17 25.11 30.97
N ILE H 440 -2.38 24.04 31.03
CA ILE H 440 -1.73 23.51 29.85
C ILE H 440 -1.96 22.03 29.75
N MET H 441 -2.20 21.57 28.52
CA MET H 441 -2.27 20.16 28.19
C MET H 441 -1.35 19.90 26.97
N ARG H 442 -0.53 18.84 27.04
CA ARG H 442 0.40 18.45 25.98
CA ARG H 442 0.33 18.48 25.93
C ARG H 442 0.19 17.01 25.58
N VAL H 443 0.34 16.70 24.29
CA VAL H 443 0.24 15.32 23.79
C VAL H 443 1.69 14.82 23.64
N LEU H 444 2.04 13.77 24.38
CA LEU H 444 3.40 13.27 24.43
C LEU H 444 3.48 11.79 24.04
N SER H 445 4.49 11.44 23.26
CA SER H 445 4.73 10.07 22.85
C SER H 445 5.74 9.47 23.83
N ILE H 446 5.44 8.31 24.41
CA ILE H 446 6.34 7.67 25.37
C ILE H 446 7.57 7.07 24.68
N SER H 447 8.76 7.47 25.08
CA SER H 447 10.02 6.96 24.55
C SER H 447 10.80 6.15 25.62
#